data_2M83
#
_entry.id   2M83
#
_entity_poly.entity_id   1
_entity_poly.type   'polypeptide(L)'
_entity_poly.pdbx_seq_one_letter_code
;GHMQTEEYVLSPLFDLPASKEDLMQQLQVQKAMLESTEYVPGSTSMKGIIRVLNISFEKLVYVRMSLDDWQTHYDILAEY
VPNSCDGETDQFSFKISLVPPYQKDGSKVEFCIRYETSVGTFWSNNNGTNYTLVCQKKE
;
_entity_poly.pdbx_strand_id   A
#
# COMPACT_ATOMS: atom_id res chain seq x y z
N GLY A 1 -4.31 -3.88 9.99
CA GLY A 1 -3.12 -3.05 9.86
C GLY A 1 -2.00 -3.61 10.68
N HIS A 2 -0.78 -3.53 10.14
CA HIS A 2 0.43 -4.05 10.80
C HIS A 2 0.42 -5.59 10.87
N MET A 3 0.84 -6.20 9.81
CA MET A 3 1.00 -7.64 9.77
C MET A 3 2.43 -7.95 10.16
N GLN A 4 2.62 -8.46 11.33
CA GLN A 4 3.93 -8.81 11.78
C GLN A 4 4.05 -10.30 11.74
N THR A 5 4.93 -10.81 10.94
CA THR A 5 5.12 -12.21 10.83
C THR A 5 6.61 -12.51 10.65
N GLU A 6 7.09 -13.51 11.33
CA GLU A 6 8.44 -13.94 11.19
C GLU A 6 8.59 -14.82 9.98
N GLU A 7 8.82 -14.19 8.86
CA GLU A 7 9.00 -14.82 7.59
C GLU A 7 9.44 -13.71 6.64
N TYR A 8 9.62 -14.05 5.39
CA TYR A 8 10.01 -13.11 4.36
C TYR A 8 9.08 -11.87 4.25
N VAL A 9 9.56 -10.75 4.72
CA VAL A 9 8.83 -9.50 4.69
C VAL A 9 9.77 -8.42 4.22
N LEU A 10 9.21 -7.43 3.55
CA LEU A 10 9.99 -6.34 3.00
C LEU A 10 10.33 -5.36 4.08
N SER A 11 11.47 -4.76 3.94
CA SER A 11 11.93 -3.79 4.84
C SER A 11 11.34 -2.41 4.50
N PRO A 12 10.37 -1.92 5.32
CA PRO A 12 9.74 -0.64 5.12
C PRO A 12 10.34 0.44 6.02
N LEU A 13 10.27 1.66 5.57
CA LEU A 13 10.74 2.78 6.38
C LEU A 13 9.72 3.90 6.34
N PHE A 14 8.49 3.51 6.37
CA PHE A 14 7.37 4.44 6.34
C PHE A 14 6.36 4.16 7.46
N ASP A 15 5.29 4.94 7.48
CA ASP A 15 4.25 4.83 8.50
C ASP A 15 3.22 3.80 8.12
N LEU A 16 2.89 2.95 9.07
CA LEU A 16 1.84 1.97 8.92
C LEU A 16 1.02 1.90 10.17
N PRO A 17 -0.31 1.69 10.05
CA PRO A 17 -1.24 1.63 11.18
C PRO A 17 -0.80 0.60 12.22
N ALA A 18 -0.26 1.09 13.30
CA ALA A 18 0.29 0.24 14.34
C ALA A 18 -0.77 -0.21 15.33
N SER A 19 -1.81 0.56 15.43
CA SER A 19 -2.90 0.31 16.33
C SER A 19 -4.14 0.93 15.73
N LYS A 20 -5.32 0.49 16.16
CA LYS A 20 -6.57 1.02 15.59
C LYS A 20 -6.69 2.52 15.81
N GLU A 21 -6.13 2.99 16.92
CA GLU A 21 -6.14 4.39 17.27
C GLU A 21 -5.31 5.15 16.24
N ASP A 22 -4.07 4.70 16.08
CA ASP A 22 -3.11 5.25 15.13
C ASP A 22 -3.63 5.18 13.70
N LEU A 23 -4.35 4.12 13.41
CA LEU A 23 -5.00 3.93 12.14
C LEU A 23 -6.05 5.00 11.93
N MET A 24 -6.98 5.12 12.87
CA MET A 24 -8.06 6.07 12.77
C MET A 24 -7.55 7.50 12.66
N GLN A 25 -6.54 7.83 13.49
CA GLN A 25 -6.01 9.19 13.54
C GLN A 25 -5.41 9.64 12.20
N GLN A 26 -4.83 8.70 11.47
CA GLN A 26 -4.23 9.08 10.21
C GLN A 26 -5.28 8.98 9.11
N LEU A 27 -6.23 8.08 9.31
CA LEU A 27 -7.23 7.78 8.31
C LEU A 27 -8.26 8.89 8.19
N GLN A 28 -8.18 9.89 9.03
CA GLN A 28 -9.08 11.04 8.95
C GLN A 28 -8.52 12.06 7.98
N VAL A 29 -7.26 11.89 7.67
CA VAL A 29 -6.56 12.81 6.80
C VAL A 29 -6.33 12.18 5.44
N GLN A 30 -5.61 11.11 5.44
CA GLN A 30 -5.15 10.45 4.22
C GLN A 30 -5.88 9.14 3.98
N LYS A 31 -7.19 9.24 4.04
CA LYS A 31 -8.24 8.16 3.96
C LYS A 31 -7.83 6.78 3.35
N ALA A 32 -7.01 6.79 2.35
CA ALA A 32 -6.56 5.59 1.72
C ALA A 32 -5.11 5.30 2.12
N MET A 33 -4.88 4.25 2.86
CA MET A 33 -3.52 3.89 3.22
C MET A 33 -3.28 2.40 3.24
N LEU A 34 -2.05 2.03 3.16
CA LEU A 34 -1.64 0.65 3.13
C LEU A 34 -1.74 0.04 4.52
N GLU A 35 -2.04 -1.24 4.59
CA GLU A 35 -2.08 -1.92 5.86
C GLU A 35 -0.76 -2.61 6.12
N SER A 36 -0.30 -3.38 5.12
CA SER A 36 0.99 -4.09 5.15
C SER A 36 1.31 -4.64 3.76
N THR A 37 2.52 -5.15 3.61
CA THR A 37 3.02 -5.74 2.39
C THR A 37 3.35 -7.21 2.62
N GLU A 38 2.97 -8.08 1.72
CA GLU A 38 3.30 -9.49 1.84
C GLU A 38 3.87 -10.02 0.52
N TYR A 39 4.89 -10.84 0.60
CA TYR A 39 5.49 -11.43 -0.60
C TYR A 39 4.55 -12.49 -1.12
N VAL A 40 4.68 -12.83 -2.36
CA VAL A 40 3.86 -13.87 -2.91
C VAL A 40 4.72 -15.12 -3.09
N PRO A 41 4.41 -16.20 -2.35
CA PRO A 41 5.17 -17.45 -2.43
C PRO A 41 5.10 -18.08 -3.82
N GLY A 42 6.18 -17.98 -4.55
CA GLY A 42 6.25 -18.59 -5.85
C GLY A 42 5.95 -17.63 -6.97
N SER A 43 5.74 -16.37 -6.65
CA SER A 43 5.47 -15.40 -7.67
C SER A 43 6.41 -14.22 -7.52
N THR A 44 6.87 -13.70 -8.63
CA THR A 44 7.86 -12.65 -8.66
C THR A 44 7.17 -11.28 -8.43
N SER A 45 6.46 -11.16 -7.31
CA SER A 45 5.71 -9.96 -6.96
C SER A 45 5.42 -9.95 -5.44
N MET A 46 4.89 -8.84 -4.99
CA MET A 46 4.50 -8.62 -3.61
C MET A 46 3.08 -8.05 -3.67
N LYS A 47 2.27 -8.38 -2.71
CA LYS A 47 0.89 -7.91 -2.69
C LYS A 47 0.67 -7.04 -1.48
N GLY A 48 -0.01 -5.94 -1.66
CA GLY A 48 -0.31 -5.08 -0.55
C GLY A 48 -1.80 -4.87 -0.42
N ILE A 49 -2.24 -4.71 0.80
CA ILE A 49 -3.63 -4.43 1.12
C ILE A 49 -3.75 -2.98 1.57
N ILE A 50 -4.58 -2.24 0.89
CA ILE A 50 -4.83 -0.86 1.20
C ILE A 50 -6.22 -0.71 1.78
N ARG A 51 -6.32 0.01 2.85
CA ARG A 51 -7.54 0.25 3.55
C ARG A 51 -7.95 1.66 3.26
N VAL A 52 -9.14 1.83 2.78
CA VAL A 52 -9.63 3.16 2.46
C VAL A 52 -10.88 3.42 3.25
N LEU A 53 -11.14 4.65 3.51
CA LEU A 53 -12.31 5.02 4.24
C LEU A 53 -13.43 5.36 3.27
N ASN A 54 -14.48 4.56 3.35
CA ASN A 54 -15.67 4.65 2.51
C ASN A 54 -16.37 5.98 2.72
N ILE A 55 -16.17 6.86 1.80
CA ILE A 55 -16.74 8.19 1.85
C ILE A 55 -17.49 8.48 0.56
N SER A 56 -17.44 7.55 -0.32
CA SER A 56 -17.92 7.68 -1.65
C SER A 56 -18.00 6.31 -2.26
N PHE A 57 -19.15 5.93 -2.81
CA PHE A 57 -19.30 4.65 -3.49
C PHE A 57 -18.40 4.62 -4.70
N GLU A 58 -18.40 5.72 -5.42
CA GLU A 58 -17.56 5.88 -6.55
C GLU A 58 -16.21 6.30 -6.03
N LYS A 59 -15.39 5.32 -5.87
CA LYS A 59 -14.12 5.45 -5.31
C LYS A 59 -13.11 4.78 -6.24
N LEU A 60 -11.94 5.32 -6.30
CA LEU A 60 -10.88 4.79 -7.10
C LEU A 60 -9.63 4.69 -6.29
N VAL A 61 -9.02 3.55 -6.33
CA VAL A 61 -7.78 3.32 -5.64
C VAL A 61 -6.70 3.00 -6.64
N TYR A 62 -5.93 3.99 -6.99
CA TYR A 62 -4.86 3.81 -7.90
C TYR A 62 -3.54 3.72 -7.19
N VAL A 63 -2.79 2.72 -7.49
CA VAL A 63 -1.48 2.56 -6.93
C VAL A 63 -0.46 3.00 -7.96
N ARG A 64 0.30 3.98 -7.63
CA ARG A 64 1.32 4.46 -8.50
C ARG A 64 2.64 4.25 -7.85
N MET A 65 3.62 3.76 -8.58
CA MET A 65 4.94 3.57 -8.03
C MET A 65 5.95 4.21 -8.89
N SER A 66 7.09 4.47 -8.32
CA SER A 66 8.19 4.96 -9.04
C SER A 66 9.47 4.55 -8.29
N LEU A 67 10.46 4.09 -9.04
CA LEU A 67 11.80 3.83 -8.52
C LEU A 67 12.64 5.04 -8.90
N ASP A 68 11.94 6.00 -9.38
CA ASP A 68 12.45 7.20 -9.95
C ASP A 68 11.98 8.38 -9.09
N ASP A 69 12.29 9.60 -9.50
CA ASP A 69 11.92 10.83 -8.79
C ASP A 69 10.45 11.17 -8.99
N TRP A 70 9.76 10.30 -9.72
CA TRP A 70 8.34 10.40 -10.05
C TRP A 70 8.10 11.15 -11.34
N GLN A 71 8.77 10.67 -12.36
CA GLN A 71 8.62 11.13 -13.73
C GLN A 71 7.86 10.05 -14.48
N THR A 72 7.53 9.02 -13.75
CA THR A 72 6.90 7.85 -14.27
C THR A 72 6.10 7.17 -13.16
N HIS A 73 5.02 6.48 -13.54
CA HIS A 73 4.07 5.84 -12.61
C HIS A 73 3.22 4.82 -13.37
N TYR A 74 3.23 3.56 -12.92
CA TYR A 74 2.56 2.46 -13.65
C TYR A 74 1.03 2.45 -13.59
N ASP A 75 0.51 3.23 -12.68
CA ASP A 75 -0.93 3.29 -12.34
C ASP A 75 -1.64 1.97 -12.33
N ILE A 76 -1.63 1.35 -11.22
CA ILE A 76 -2.32 0.11 -11.05
C ILE A 76 -3.62 0.38 -10.37
N LEU A 77 -4.68 0.00 -11.00
CA LEU A 77 -5.94 0.14 -10.40
C LEU A 77 -6.15 -1.06 -9.51
N ALA A 78 -6.16 -0.79 -8.23
CA ALA A 78 -6.23 -1.82 -7.22
C ALA A 78 -7.55 -2.57 -7.28
N GLU A 79 -7.50 -3.81 -6.87
CA GLU A 79 -8.66 -4.67 -6.87
C GLU A 79 -9.31 -4.69 -5.51
N TYR A 80 -10.56 -4.32 -5.49
CA TYR A 80 -11.35 -4.29 -4.28
C TYR A 80 -11.60 -5.70 -3.80
N VAL A 81 -11.36 -5.92 -2.53
CA VAL A 81 -11.64 -7.19 -1.93
C VAL A 81 -13.15 -7.26 -1.71
N PRO A 82 -13.82 -8.22 -2.33
CA PRO A 82 -15.28 -8.35 -2.27
C PRO A 82 -15.82 -8.38 -0.85
N ASN A 83 -16.78 -7.50 -0.58
CA ASN A 83 -17.50 -7.42 0.70
C ASN A 83 -16.60 -7.04 1.87
N SER A 84 -15.46 -6.43 1.59
CA SER A 84 -14.54 -6.07 2.66
C SER A 84 -15.04 -4.86 3.43
N CYS A 85 -15.73 -3.99 2.73
CA CYS A 85 -16.27 -2.80 3.32
C CYS A 85 -17.43 -3.15 4.20
N ASP A 86 -17.36 -2.80 5.44
CA ASP A 86 -18.44 -3.12 6.36
C ASP A 86 -19.13 -1.82 6.74
N GLY A 87 -19.24 -0.96 5.75
CA GLY A 87 -19.92 0.31 5.90
C GLY A 87 -18.98 1.48 6.05
N GLU A 88 -17.86 1.27 6.70
CA GLU A 88 -16.95 2.36 6.99
C GLU A 88 -15.69 2.30 6.16
N THR A 89 -14.99 1.22 6.17
CA THR A 89 -13.73 1.17 5.45
C THR A 89 -13.70 -0.02 4.49
N ASP A 90 -13.03 0.16 3.37
CA ASP A 90 -12.92 -0.85 2.31
C ASP A 90 -11.50 -1.36 2.28
N GLN A 91 -11.29 -2.53 1.71
CA GLN A 91 -9.96 -3.08 1.56
C GLN A 91 -9.70 -3.41 0.09
N PHE A 92 -8.59 -2.97 -0.41
CA PHE A 92 -8.17 -3.23 -1.78
C PHE A 92 -6.81 -3.85 -1.75
N SER A 93 -6.48 -4.60 -2.77
CA SER A 93 -5.18 -5.20 -2.84
C SER A 93 -4.60 -4.94 -4.23
N PHE A 94 -3.31 -5.11 -4.37
CA PHE A 94 -2.66 -4.95 -5.66
C PHE A 94 -1.41 -5.79 -5.66
N LYS A 95 -0.92 -6.13 -6.82
CA LYS A 95 0.33 -6.81 -6.91
C LYS A 95 1.38 -5.82 -7.41
N ILE A 96 2.57 -5.97 -6.97
CA ILE A 96 3.62 -5.09 -7.36
C ILE A 96 4.58 -5.86 -8.26
N SER A 97 5.63 -5.22 -8.70
CA SER A 97 6.65 -5.86 -9.51
C SER A 97 7.52 -6.83 -8.66
N LEU A 98 8.59 -7.35 -9.25
CA LEU A 98 9.52 -8.27 -8.57
C LEU A 98 10.10 -7.69 -7.26
N VAL A 99 10.51 -8.59 -6.38
CA VAL A 99 10.99 -8.25 -5.04
C VAL A 99 12.21 -9.10 -4.62
N PRO A 100 12.83 -8.75 -3.45
CA PRO A 100 14.02 -9.37 -2.85
C PRO A 100 14.32 -10.84 -3.09
N PRO A 101 13.37 -11.82 -2.91
CA PRO A 101 13.73 -13.21 -3.07
C PRO A 101 14.20 -13.53 -4.52
N TYR A 102 13.93 -12.60 -5.41
CA TYR A 102 14.30 -12.72 -6.78
C TYR A 102 15.38 -11.67 -7.14
N GLN A 103 15.33 -10.50 -6.50
CA GLN A 103 16.31 -9.43 -6.73
C GLN A 103 16.30 -8.53 -5.47
N LYS A 104 17.39 -8.57 -4.73
CA LYS A 104 17.48 -8.07 -3.34
C LYS A 104 18.59 -7.04 -3.14
N ASP A 105 18.91 -6.31 -4.16
CA ASP A 105 20.03 -5.35 -4.08
C ASP A 105 19.58 -3.96 -3.62
N GLY A 106 18.31 -3.80 -3.33
CA GLY A 106 17.78 -2.49 -2.99
C GLY A 106 17.30 -1.81 -4.23
N SER A 107 16.43 -2.50 -4.91
CA SER A 107 15.87 -2.12 -6.18
C SER A 107 15.10 -0.83 -6.07
N LYS A 108 14.39 -0.72 -4.96
CA LYS A 108 13.56 0.40 -4.59
C LYS A 108 12.22 0.36 -5.23
N VAL A 109 11.28 0.99 -4.58
CA VAL A 109 9.96 1.15 -5.03
C VAL A 109 9.21 2.05 -4.04
N GLU A 110 8.87 3.20 -4.49
CA GLU A 110 8.05 4.07 -3.72
C GLU A 110 6.71 4.13 -4.37
N PHE A 111 5.69 3.70 -3.69
CA PHE A 111 4.37 3.79 -4.23
C PHE A 111 3.50 4.70 -3.41
N CYS A 112 2.44 5.16 -4.00
CA CYS A 112 1.47 6.01 -3.37
C CYS A 112 0.10 5.65 -3.90
N ILE A 113 -0.91 5.93 -3.12
CA ILE A 113 -2.25 5.62 -3.51
C ILE A 113 -3.04 6.88 -3.86
N ARG A 114 -3.64 6.85 -5.01
CA ARG A 114 -4.50 7.90 -5.48
C ARG A 114 -5.95 7.47 -5.29
N TYR A 115 -6.58 8.02 -4.27
CA TYR A 115 -7.95 7.67 -3.94
C TYR A 115 -8.90 8.75 -4.44
N GLU A 116 -9.39 8.56 -5.62
CA GLU A 116 -10.27 9.54 -6.24
C GLU A 116 -11.70 9.23 -5.89
N THR A 117 -12.30 10.10 -5.14
CA THR A 117 -13.67 9.90 -4.76
C THR A 117 -14.51 11.07 -5.22
N SER A 118 -15.79 11.01 -4.94
CA SER A 118 -16.70 12.06 -5.29
C SER A 118 -16.42 13.31 -4.46
N VAL A 119 -15.77 13.12 -3.33
CA VAL A 119 -15.48 14.20 -2.42
C VAL A 119 -13.97 14.48 -2.33
N GLY A 120 -13.30 14.38 -3.45
CA GLY A 120 -11.92 14.72 -3.50
C GLY A 120 -11.03 13.55 -3.79
N THR A 121 -9.88 13.86 -4.25
CA THR A 121 -8.85 12.89 -4.50
C THR A 121 -7.90 12.88 -3.31
N PHE A 122 -7.86 11.77 -2.62
CA PHE A 122 -7.01 11.62 -1.47
C PHE A 122 -5.76 10.88 -1.86
N TRP A 123 -4.69 11.59 -1.81
CA TRP A 123 -3.41 11.04 -2.11
C TRP A 123 -2.76 10.53 -0.86
N SER A 124 -2.38 9.31 -0.88
CA SER A 124 -1.63 8.76 0.17
C SER A 124 -0.18 9.00 -0.15
N ASN A 125 0.33 10.08 0.38
CA ASN A 125 1.67 10.54 0.11
C ASN A 125 2.23 11.02 1.42
N ASN A 126 3.49 10.82 1.65
CA ASN A 126 4.06 11.09 2.95
C ASN A 126 5.30 12.00 2.80
N ASN A 127 6.14 12.01 3.81
CA ASN A 127 7.38 12.85 3.92
C ASN A 127 8.47 12.49 2.87
N GLY A 128 8.16 11.57 2.00
CA GLY A 128 9.12 11.05 1.04
C GLY A 128 9.21 9.59 1.28
N THR A 129 9.12 9.28 2.54
CA THR A 129 9.00 7.98 3.04
C THR A 129 7.51 7.58 2.93
N ASN A 130 7.08 7.45 1.68
CA ASN A 130 5.68 7.22 1.34
C ASN A 130 5.34 5.78 1.60
N TYR A 131 5.74 4.94 0.69
CA TYR A 131 5.62 3.52 0.83
C TYR A 131 6.90 2.95 0.30
N THR A 132 7.95 3.64 0.68
CA THR A 132 9.30 3.36 0.33
C THR A 132 9.71 1.98 0.85
N LEU A 133 9.96 1.08 -0.03
CA LEU A 133 10.39 -0.22 0.34
C LEU A 133 11.76 -0.46 -0.21
N VAL A 134 12.62 -0.94 0.62
CA VAL A 134 13.92 -1.32 0.16
C VAL A 134 13.89 -2.79 -0.09
N CYS A 135 14.00 -3.14 -1.34
CA CYS A 135 13.98 -4.51 -1.80
C CYS A 135 15.06 -5.39 -1.16
N GLN A 136 14.71 -5.91 0.01
CA GLN A 136 15.48 -6.82 0.80
C GLN A 136 14.53 -7.51 1.76
N LYS A 137 14.82 -8.76 2.03
CA LYS A 137 14.01 -9.60 2.89
C LYS A 137 14.37 -9.28 4.35
N LYS A 138 13.56 -9.73 5.29
CA LYS A 138 13.83 -9.52 6.71
C LYS A 138 15.15 -10.23 7.09
N GLU A 139 15.11 -11.54 7.06
CA GLU A 139 16.25 -12.36 7.41
C GLU A 139 16.34 -13.52 6.43
N GLY A 1 -2.08 -10.04 8.30
CA GLY A 1 -1.77 -8.62 8.23
C GLY A 1 -1.11 -8.18 9.51
N HIS A 2 -0.49 -7.00 9.50
CA HIS A 2 0.16 -6.40 10.69
C HIS A 2 1.41 -7.22 11.12
N MET A 3 1.90 -8.06 10.20
CA MET A 3 3.07 -8.92 10.39
C MET A 3 2.93 -9.89 11.57
N GLN A 4 2.37 -11.03 11.31
CA GLN A 4 2.24 -12.06 12.31
C GLN A 4 3.21 -13.17 11.98
N THR A 5 3.98 -13.61 12.98
CA THR A 5 5.02 -14.63 12.85
C THR A 5 6.04 -14.21 11.79
N GLU A 6 6.83 -15.13 11.31
CA GLU A 6 7.74 -14.83 10.20
C GLU A 6 6.94 -14.64 8.90
N GLU A 7 6.24 -13.54 8.85
CA GLU A 7 5.45 -13.16 7.73
C GLU A 7 6.34 -12.57 6.68
N TYR A 8 6.13 -12.95 5.45
CA TYR A 8 6.90 -12.42 4.36
C TYR A 8 6.45 -11.00 4.02
N VAL A 9 7.11 -10.05 4.62
CA VAL A 9 6.77 -8.67 4.51
C VAL A 9 7.95 -7.93 3.98
N LEU A 10 7.70 -6.82 3.37
CA LEU A 10 8.73 -6.01 2.84
C LEU A 10 8.98 -4.92 3.85
N SER A 11 10.21 -4.66 4.11
CA SER A 11 10.60 -3.72 5.07
C SER A 11 10.48 -2.30 4.53
N PRO A 12 9.60 -1.51 5.12
CA PRO A 12 9.39 -0.16 4.71
C PRO A 12 10.19 0.83 5.55
N LEU A 13 10.30 2.03 5.06
CA LEU A 13 10.89 3.10 5.82
C LEU A 13 9.91 4.25 5.86
N PHE A 14 8.67 3.85 5.98
CA PHE A 14 7.55 4.75 6.14
C PHE A 14 6.69 4.22 7.28
N ASP A 15 5.58 4.85 7.50
CA ASP A 15 4.73 4.49 8.62
C ASP A 15 3.61 3.59 8.21
N LEU A 16 3.56 2.44 8.81
CA LEU A 16 2.51 1.49 8.61
C LEU A 16 1.69 1.41 9.88
N PRO A 17 0.38 1.09 9.75
CA PRO A 17 -0.53 0.94 10.88
C PRO A 17 0.04 0.06 11.98
N ALA A 18 0.19 0.64 13.13
CA ALA A 18 0.68 -0.07 14.30
C ALA A 18 -0.49 -0.70 15.07
N SER A 19 -1.65 -0.18 14.82
CA SER A 19 -2.86 -0.61 15.47
C SER A 19 -3.99 -0.07 14.64
N LYS A 20 -5.20 -0.61 14.82
CA LYS A 20 -6.37 -0.09 14.11
C LYS A 20 -6.61 1.36 14.52
N GLU A 21 -6.24 1.67 15.77
CA GLU A 21 -6.38 3.00 16.30
C GLU A 21 -5.44 3.93 15.57
N ASP A 22 -4.17 3.55 15.53
CA ASP A 22 -3.14 4.29 14.81
C ASP A 22 -3.54 4.49 13.36
N LEU A 23 -4.08 3.43 12.77
CA LEU A 23 -4.57 3.43 11.41
C LEU A 23 -5.67 4.46 11.26
N MET A 24 -6.71 4.35 12.07
CA MET A 24 -7.88 5.20 11.94
C MET A 24 -7.54 6.67 12.12
N GLN A 25 -6.66 6.98 13.07
CA GLN A 25 -6.26 8.37 13.35
C GLN A 25 -5.66 9.05 12.13
N GLN A 26 -4.83 8.33 11.41
CA GLN A 26 -4.20 8.89 10.24
C GLN A 26 -5.10 8.72 9.04
N LEU A 27 -6.04 7.79 9.17
CA LEU A 27 -7.00 7.51 8.13
C LEU A 27 -8.06 8.60 8.07
N GLN A 28 -7.97 9.56 8.99
CA GLN A 28 -8.88 10.69 9.02
C GLN A 28 -8.35 11.76 8.08
N VAL A 29 -7.12 11.57 7.68
CA VAL A 29 -6.43 12.49 6.81
C VAL A 29 -6.22 11.86 5.44
N GLN A 30 -5.36 10.89 5.41
CA GLN A 30 -4.90 10.25 4.18
C GLN A 30 -5.64 8.96 3.90
N LYS A 31 -6.95 9.08 3.95
CA LYS A 31 -8.01 8.01 3.85
C LYS A 31 -7.61 6.66 3.21
N ALA A 32 -6.83 6.67 2.17
CA ALA A 32 -6.39 5.47 1.53
C ALA A 32 -4.94 5.26 1.84
N MET A 33 -4.61 4.24 2.60
CA MET A 33 -3.21 4.03 2.92
C MET A 33 -2.83 2.57 2.87
N LEU A 34 -1.55 2.32 2.78
CA LEU A 34 -1.02 0.97 2.76
C LEU A 34 -1.12 0.42 4.19
N GLU A 35 -1.60 -0.79 4.34
CA GLU A 35 -1.76 -1.38 5.65
C GLU A 35 -0.64 -2.37 5.94
N SER A 36 -0.42 -3.31 5.04
CA SER A 36 0.63 -4.29 5.19
C SER A 36 1.11 -4.73 3.81
N THR A 37 2.37 -5.01 3.70
CA THR A 37 2.95 -5.52 2.51
C THR A 37 3.14 -7.02 2.69
N GLU A 38 2.67 -7.79 1.75
CA GLU A 38 2.77 -9.25 1.81
C GLU A 38 3.36 -9.72 0.51
N TYR A 39 4.08 -10.79 0.52
CA TYR A 39 4.61 -11.30 -0.74
C TYR A 39 3.64 -12.26 -1.33
N VAL A 40 3.64 -12.36 -2.63
CA VAL A 40 2.78 -13.31 -3.28
C VAL A 40 3.55 -14.62 -3.38
N PRO A 41 3.08 -15.69 -2.72
CA PRO A 41 3.78 -16.99 -2.69
C PRO A 41 3.95 -17.62 -4.09
N GLY A 42 5.14 -17.48 -4.64
CA GLY A 42 5.44 -18.06 -5.92
C GLY A 42 5.45 -17.06 -7.06
N SER A 43 5.07 -15.84 -6.77
CA SER A 43 5.04 -14.83 -7.79
C SER A 43 6.10 -13.79 -7.45
N THR A 44 6.65 -13.18 -8.47
CA THR A 44 7.74 -12.25 -8.31
C THR A 44 7.18 -10.83 -8.10
N SER A 45 6.32 -10.67 -7.10
CA SER A 45 5.68 -9.41 -6.81
C SER A 45 5.23 -9.39 -5.34
N MET A 46 4.77 -8.25 -4.90
CA MET A 46 4.31 -8.05 -3.54
C MET A 46 2.87 -7.57 -3.57
N LYS A 47 2.10 -8.10 -2.65
CA LYS A 47 0.71 -7.84 -2.46
C LYS A 47 0.54 -6.80 -1.38
N GLY A 48 0.21 -5.61 -1.75
CA GLY A 48 0.00 -4.61 -0.74
C GLY A 48 -1.46 -4.40 -0.51
N ILE A 49 -1.84 -4.39 0.74
CA ILE A 49 -3.20 -4.14 1.12
C ILE A 49 -3.35 -2.69 1.48
N ILE A 50 -4.29 -2.04 0.88
CA ILE A 50 -4.57 -0.69 1.13
C ILE A 50 -5.92 -0.58 1.80
N ARG A 51 -5.93 0.11 2.89
CA ARG A 51 -7.10 0.29 3.66
C ARG A 51 -7.59 1.68 3.40
N VAL A 52 -8.74 1.76 2.82
CA VAL A 52 -9.32 3.03 2.47
C VAL A 52 -10.51 3.27 3.35
N LEU A 53 -10.79 4.49 3.64
CA LEU A 53 -11.92 4.77 4.43
C LEU A 53 -13.07 5.06 3.49
N ASN A 54 -14.13 4.33 3.69
CA ASN A 54 -15.33 4.40 2.88
C ASN A 54 -16.02 5.71 3.15
N ILE A 55 -15.80 6.63 2.30
CA ILE A 55 -16.38 7.95 2.44
C ILE A 55 -17.27 8.25 1.25
N SER A 56 -17.18 7.43 0.27
CA SER A 56 -17.79 7.66 -0.99
C SER A 56 -18.15 6.35 -1.61
N PHE A 57 -19.29 6.30 -2.24
CA PHE A 57 -19.69 5.13 -2.97
C PHE A 57 -18.90 5.10 -4.26
N GLU A 58 -18.75 6.26 -4.85
CA GLU A 58 -17.95 6.42 -6.03
C GLU A 58 -16.51 6.60 -5.59
N LYS A 59 -15.81 5.51 -5.52
CA LYS A 59 -14.46 5.49 -5.09
C LYS A 59 -13.64 4.76 -6.15
N LEU A 60 -12.38 5.08 -6.25
CA LEU A 60 -11.49 4.40 -7.17
C LEU A 60 -10.10 4.45 -6.56
N VAL A 61 -9.38 3.34 -6.62
CA VAL A 61 -8.06 3.25 -5.99
C VAL A 61 -6.99 2.92 -7.05
N TYR A 62 -6.07 3.83 -7.23
CA TYR A 62 -4.96 3.63 -8.13
C TYR A 62 -3.66 3.62 -7.39
N VAL A 63 -2.73 2.88 -7.89
CA VAL A 63 -1.40 2.80 -7.35
C VAL A 63 -0.43 3.27 -8.42
N ARG A 64 0.30 4.29 -8.13
CA ARG A 64 1.33 4.76 -9.02
C ARG A 64 2.65 4.66 -8.35
N MET A 65 3.61 4.08 -9.02
CA MET A 65 4.94 3.99 -8.47
C MET A 65 5.87 4.65 -9.41
N SER A 66 6.95 5.10 -8.90
CA SER A 66 7.99 5.60 -9.68
C SER A 66 9.29 5.39 -8.95
N LEU A 67 9.98 4.36 -9.32
CA LEU A 67 11.30 4.12 -8.81
C LEU A 67 12.30 5.01 -9.56
N ASP A 68 12.11 6.30 -9.37
CA ASP A 68 12.85 7.34 -10.05
C ASP A 68 12.45 8.66 -9.36
N ASP A 69 12.54 9.76 -10.07
CA ASP A 69 12.23 11.10 -9.57
C ASP A 69 10.76 11.43 -9.84
N TRP A 70 10.08 10.45 -10.43
CA TRP A 70 8.67 10.51 -10.85
C TRP A 70 8.48 10.99 -12.27
N GLN A 71 9.18 10.34 -13.18
CA GLN A 71 8.98 10.60 -14.60
C GLN A 71 8.07 9.54 -15.21
N THR A 72 8.01 8.41 -14.54
CA THR A 72 7.26 7.28 -15.00
C THR A 72 6.25 6.89 -13.92
N HIS A 73 5.22 6.16 -14.30
CA HIS A 73 4.16 5.71 -13.40
C HIS A 73 3.34 4.61 -14.07
N TYR A 74 3.39 3.41 -13.49
CA TYR A 74 2.74 2.22 -14.10
C TYR A 74 1.22 2.24 -14.10
N ASP A 75 0.67 3.05 -13.24
CA ASP A 75 -0.76 3.18 -12.99
C ASP A 75 -1.50 1.85 -12.84
N ILE A 76 -1.52 1.35 -11.66
CA ILE A 76 -2.20 0.11 -11.37
C ILE A 76 -3.47 0.38 -10.63
N LEU A 77 -4.56 -0.11 -11.14
CA LEU A 77 -5.82 0.04 -10.47
C LEU A 77 -5.84 -1.08 -9.42
N ALA A 78 -6.08 -0.73 -8.20
CA ALA A 78 -6.06 -1.71 -7.12
C ALA A 78 -7.34 -2.51 -7.09
N GLU A 79 -7.22 -3.79 -6.85
CA GLU A 79 -8.35 -4.69 -6.83
C GLU A 79 -9.00 -4.65 -5.46
N TYR A 80 -10.30 -4.43 -5.43
CA TYR A 80 -11.06 -4.45 -4.20
C TYR A 80 -11.07 -5.86 -3.65
N VAL A 81 -10.79 -5.99 -2.37
CA VAL A 81 -10.82 -7.28 -1.73
C VAL A 81 -12.26 -7.57 -1.32
N PRO A 82 -12.86 -8.60 -1.93
CA PRO A 82 -14.26 -8.96 -1.73
C PRO A 82 -14.67 -9.08 -0.27
N ASN A 83 -15.66 -8.26 0.11
CA ASN A 83 -16.28 -8.28 1.44
C ASN A 83 -15.31 -7.92 2.55
N SER A 84 -14.29 -7.17 2.20
CA SER A 84 -13.31 -6.77 3.17
C SER A 84 -13.62 -5.41 3.73
N CYS A 85 -14.71 -4.88 3.26
CA CYS A 85 -15.26 -3.66 3.75
C CYS A 85 -16.12 -3.98 4.95
N ASP A 86 -16.34 -3.00 5.79
CA ASP A 86 -17.14 -3.19 6.99
C ASP A 86 -17.88 -1.89 7.32
N GLY A 87 -18.44 -1.29 6.28
CA GLY A 87 -19.22 -0.07 6.41
C GLY A 87 -18.40 1.19 6.44
N GLU A 88 -17.40 1.20 7.26
CA GLU A 88 -16.56 2.38 7.44
C GLU A 88 -15.32 2.35 6.58
N THR A 89 -14.71 1.21 6.42
CA THR A 89 -13.48 1.16 5.65
C THR A 89 -13.50 -0.04 4.72
N ASP A 90 -12.70 0.02 3.67
CA ASP A 90 -12.63 -1.05 2.67
C ASP A 90 -11.19 -1.46 2.56
N GLN A 91 -10.93 -2.54 1.85
CA GLN A 91 -9.58 -3.00 1.66
C GLN A 91 -9.36 -3.35 0.21
N PHE A 92 -8.27 -2.90 -0.33
CA PHE A 92 -7.90 -3.15 -1.71
C PHE A 92 -6.49 -3.71 -1.72
N SER A 93 -6.11 -4.35 -2.79
CA SER A 93 -4.78 -4.89 -2.88
C SER A 93 -4.22 -4.69 -4.28
N PHE A 94 -2.93 -4.61 -4.41
CA PHE A 94 -2.31 -4.42 -5.70
C PHE A 94 -1.11 -5.33 -5.85
N LYS A 95 -0.53 -5.31 -7.03
CA LYS A 95 0.65 -6.05 -7.37
C LYS A 95 1.76 -5.06 -7.64
N ILE A 96 2.96 -5.39 -7.29
CA ILE A 96 4.09 -4.48 -7.45
C ILE A 96 5.21 -5.23 -8.18
N SER A 97 6.33 -4.60 -8.34
CA SER A 97 7.50 -5.21 -8.95
C SER A 97 8.10 -6.34 -8.05
N LEU A 98 9.16 -6.98 -8.57
CA LEU A 98 9.85 -8.07 -7.88
C LEU A 98 10.37 -7.67 -6.50
N VAL A 99 10.51 -8.65 -5.64
CA VAL A 99 10.90 -8.44 -4.26
C VAL A 99 11.99 -9.40 -3.78
N PRO A 100 12.59 -9.09 -2.59
CA PRO A 100 13.63 -9.82 -1.88
C PRO A 100 13.77 -11.33 -2.09
N PRO A 101 12.69 -12.17 -1.99
CA PRO A 101 12.86 -13.61 -2.11
C PRO A 101 13.47 -14.03 -3.46
N TYR A 102 13.43 -13.12 -4.43
CA TYR A 102 14.01 -13.33 -5.73
C TYR A 102 15.19 -12.39 -5.94
N GLN A 103 15.18 -11.26 -5.26
CA GLN A 103 16.25 -10.29 -5.34
C GLN A 103 16.22 -9.32 -4.16
N LYS A 104 17.02 -9.56 -3.16
CA LYS A 104 17.12 -8.65 -2.03
C LYS A 104 18.35 -7.77 -2.18
N ASP A 105 18.16 -6.67 -2.84
CA ASP A 105 19.24 -5.73 -3.06
C ASP A 105 18.90 -4.39 -2.46
N GLY A 106 17.90 -3.74 -3.02
CA GLY A 106 17.49 -2.46 -2.52
C GLY A 106 17.11 -1.56 -3.65
N SER A 107 15.92 -1.70 -4.14
CA SER A 107 15.47 -0.95 -5.27
C SER A 107 14.97 0.44 -4.86
N LYS A 108 14.29 0.52 -3.71
CA LYS A 108 13.71 1.78 -3.23
C LYS A 108 12.66 2.31 -4.18
N VAL A 109 11.54 1.67 -4.15
CA VAL A 109 10.43 2.06 -4.96
C VAL A 109 9.55 3.02 -4.14
N GLU A 110 9.03 4.03 -4.80
CA GLU A 110 8.12 4.99 -4.24
C GLU A 110 6.78 4.83 -4.91
N PHE A 111 5.74 4.61 -4.15
CA PHE A 111 4.41 4.50 -4.72
C PHE A 111 3.41 5.22 -3.86
N CYS A 112 2.35 5.68 -4.46
CA CYS A 112 1.26 6.29 -3.75
C CYS A 112 -0.05 5.94 -4.40
N ILE A 113 -1.08 5.92 -3.60
CA ILE A 113 -2.39 5.57 -4.00
C ILE A 113 -3.21 6.80 -4.35
N ARG A 114 -3.90 6.72 -5.44
CA ARG A 114 -4.82 7.71 -5.90
C ARG A 114 -6.22 7.24 -5.58
N TYR A 115 -6.77 7.76 -4.53
CA TYR A 115 -8.10 7.43 -4.13
C TYR A 115 -9.05 8.53 -4.57
N GLU A 116 -9.59 8.37 -5.76
CA GLU A 116 -10.51 9.34 -6.31
C GLU A 116 -11.91 9.06 -5.83
N THR A 117 -12.44 9.93 -5.05
CA THR A 117 -13.78 9.77 -4.60
C THR A 117 -14.61 10.94 -5.05
N SER A 118 -15.87 10.91 -4.72
CA SER A 118 -16.77 11.97 -5.02
C SER A 118 -16.49 13.17 -4.10
N VAL A 119 -15.72 12.95 -3.04
CA VAL A 119 -15.41 14.00 -2.10
C VAL A 119 -13.89 14.21 -1.98
N GLY A 120 -13.18 14.09 -3.07
CA GLY A 120 -11.76 14.36 -3.04
C GLY A 120 -10.90 13.22 -3.54
N THR A 121 -9.80 13.57 -4.11
CA THR A 121 -8.81 12.62 -4.52
C THR A 121 -7.70 12.59 -3.49
N PHE A 122 -7.61 11.51 -2.79
CA PHE A 122 -6.64 11.37 -1.75
C PHE A 122 -5.47 10.55 -2.21
N TRP A 123 -4.33 11.19 -2.27
CA TRP A 123 -3.08 10.51 -2.57
C TRP A 123 -2.41 10.14 -1.26
N SER A 124 -2.00 8.91 -1.14
CA SER A 124 -1.40 8.43 0.07
C SER A 124 0.10 8.72 0.15
N ASN A 125 0.46 9.79 0.78
CA ASN A 125 1.86 10.08 1.02
C ASN A 125 2.08 10.09 2.50
N ASN A 126 3.20 9.61 2.93
CA ASN A 126 3.51 9.54 4.34
C ASN A 126 4.29 10.80 4.77
N ASN A 127 3.65 11.94 4.60
CA ASN A 127 4.26 13.25 4.93
C ASN A 127 5.50 13.52 4.09
N GLY A 128 5.29 13.91 2.86
CA GLY A 128 6.38 14.27 1.98
C GLY A 128 6.83 13.11 1.13
N THR A 129 7.20 12.05 1.81
CA THR A 129 7.65 10.85 1.17
C THR A 129 6.41 10.06 0.77
N ASN A 130 6.48 9.30 -0.28
CA ASN A 130 5.30 8.59 -0.72
C ASN A 130 5.17 7.31 0.09
N TYR A 131 6.01 6.35 -0.23
CA TYR A 131 6.09 5.03 0.38
C TYR A 131 7.34 4.37 -0.18
N THR A 132 8.46 4.53 0.49
CA THR A 132 9.70 3.94 0.04
C THR A 132 9.93 2.60 0.74
N LEU A 133 10.44 1.60 0.02
CA LEU A 133 10.68 0.29 0.64
C LEU A 133 12.09 -0.23 0.36
N VAL A 134 12.68 -0.83 1.38
CA VAL A 134 13.98 -1.47 1.29
C VAL A 134 13.78 -2.97 1.10
N CYS A 135 13.99 -3.41 -0.13
CA CYS A 135 13.90 -4.79 -0.58
C CYS A 135 14.60 -5.79 0.34
N GLN A 136 13.88 -6.26 1.33
CA GLN A 136 14.32 -7.30 2.24
C GLN A 136 13.09 -7.95 2.86
N LYS A 137 13.20 -9.21 3.17
CA LYS A 137 12.13 -10.03 3.69
C LYS A 137 12.28 -10.08 5.19
N LYS A 138 11.26 -10.63 5.85
CA LYS A 138 11.19 -10.83 7.31
C LYS A 138 12.54 -11.24 7.88
N GLU A 139 12.98 -12.39 7.48
CA GLU A 139 14.23 -12.93 7.92
C GLU A 139 15.10 -13.13 6.69
N GLY A 1 0.88 -10.97 15.58
CA GLY A 1 -0.57 -10.93 15.78
C GLY A 1 -1.26 -11.04 14.45
N HIS A 2 -2.46 -10.52 14.33
CA HIS A 2 -3.22 -10.59 13.07
C HIS A 2 -2.76 -9.47 12.13
N MET A 3 -1.49 -9.51 11.78
CA MET A 3 -0.86 -8.54 10.92
C MET A 3 0.60 -8.93 10.77
N GLN A 4 0.94 -9.44 9.60
CA GLN A 4 2.30 -9.84 9.24
C GLN A 4 2.77 -11.11 9.97
N THR A 5 2.71 -12.22 9.29
CA THR A 5 3.30 -13.44 9.77
C THR A 5 4.80 -13.34 9.37
N GLU A 6 5.68 -13.99 10.10
CA GLU A 6 7.07 -13.85 9.77
C GLU A 6 7.52 -14.82 8.67
N GLU A 7 7.09 -14.51 7.50
CA GLU A 7 7.47 -15.20 6.32
C GLU A 7 8.20 -14.15 5.51
N TYR A 8 8.37 -14.38 4.26
CA TYR A 8 9.01 -13.41 3.39
C TYR A 8 8.22 -12.08 3.40
N VAL A 9 8.79 -11.08 4.08
CA VAL A 9 8.14 -9.78 4.24
C VAL A 9 9.14 -8.68 3.96
N LEU A 10 8.67 -7.46 3.89
CA LEU A 10 9.45 -6.32 3.51
C LEU A 10 9.72 -5.42 4.72
N SER A 11 10.80 -4.66 4.64
CA SER A 11 11.17 -3.71 5.63
C SER A 11 10.51 -2.35 5.32
N PRO A 12 9.50 -1.94 6.09
CA PRO A 12 8.82 -0.67 5.88
C PRO A 12 9.40 0.45 6.76
N LEU A 13 9.83 1.52 6.12
CA LEU A 13 10.39 2.66 6.82
C LEU A 13 9.55 3.90 6.52
N PHE A 14 8.27 3.66 6.44
CA PHE A 14 7.25 4.67 6.25
C PHE A 14 6.12 4.45 7.25
N ASP A 15 5.11 5.31 7.22
CA ASP A 15 3.96 5.19 8.13
C ASP A 15 3.10 3.99 7.79
N LEU A 16 2.76 3.24 8.80
CA LEU A 16 1.87 2.10 8.71
C LEU A 16 0.99 2.09 9.93
N PRO A 17 -0.24 1.58 9.81
CA PRO A 17 -1.16 1.52 10.93
C PRO A 17 -0.72 0.49 11.96
N ALA A 18 -0.10 0.96 13.01
CA ALA A 18 0.42 0.09 14.06
C ALA A 18 -0.72 -0.57 14.81
N SER A 19 -1.84 0.11 14.86
CA SER A 19 -3.05 -0.34 15.50
C SER A 19 -4.20 0.39 14.85
N LYS A 20 -5.43 0.01 15.17
CA LYS A 20 -6.59 0.61 14.56
C LYS A 20 -6.81 2.02 15.05
N GLU A 21 -6.28 2.31 16.21
CA GLU A 21 -6.30 3.67 16.73
C GLU A 21 -5.43 4.52 15.82
N ASP A 22 -4.18 4.08 15.68
CA ASP A 22 -3.16 4.71 14.83
C ASP A 22 -3.69 4.86 13.41
N LEU A 23 -4.30 3.81 12.93
CA LEU A 23 -4.92 3.76 11.62
C LEU A 23 -5.99 4.82 11.48
N MET A 24 -7.02 4.74 12.33
CA MET A 24 -8.16 5.65 12.25
C MET A 24 -7.78 7.10 12.35
N GLN A 25 -6.80 7.41 13.21
CA GLN A 25 -6.34 8.79 13.38
C GLN A 25 -5.92 9.43 12.08
N GLN A 26 -5.08 8.74 11.34
CA GLN A 26 -4.57 9.29 10.12
C GLN A 26 -5.58 9.11 9.01
N LEU A 27 -6.41 8.09 9.16
CA LEU A 27 -7.36 7.70 8.16
C LEU A 27 -8.52 8.67 8.08
N GLN A 28 -8.62 9.62 9.00
CA GLN A 28 -9.68 10.62 8.94
C GLN A 28 -9.24 11.75 8.04
N VAL A 29 -7.95 11.79 7.78
CA VAL A 29 -7.35 12.80 6.96
C VAL A 29 -7.10 12.25 5.56
N GLN A 30 -6.21 11.31 5.51
CA GLN A 30 -5.70 10.76 4.26
C GLN A 30 -6.26 9.39 3.99
N LYS A 31 -7.58 9.36 4.00
CA LYS A 31 -8.51 8.19 3.87
C LYS A 31 -7.97 6.87 3.26
N ALA A 32 -7.11 6.94 2.29
CA ALA A 32 -6.53 5.76 1.71
C ALA A 32 -5.07 5.68 2.08
N MET A 33 -4.69 4.71 2.88
CA MET A 33 -3.30 4.55 3.23
C MET A 33 -2.91 3.09 3.37
N LEU A 34 -1.67 2.82 3.12
CA LEU A 34 -1.12 1.48 3.09
C LEU A 34 -1.18 0.81 4.45
N GLU A 35 -1.57 -0.43 4.47
CA GLU A 35 -1.78 -1.16 5.70
C GLU A 35 -0.64 -2.15 5.93
N SER A 36 -0.30 -2.91 4.91
CA SER A 36 0.77 -3.90 5.02
C SER A 36 1.31 -4.26 3.64
N THR A 37 2.59 -4.50 3.58
CA THR A 37 3.23 -4.98 2.38
C THR A 37 3.67 -6.41 2.61
N GLU A 38 3.26 -7.29 1.76
CA GLU A 38 3.53 -8.67 1.91
C GLU A 38 3.82 -9.32 0.58
N TYR A 39 4.77 -10.21 0.57
CA TYR A 39 5.14 -10.88 -0.67
C TYR A 39 4.06 -11.88 -1.00
N VAL A 40 3.79 -12.05 -2.26
CA VAL A 40 2.75 -12.96 -2.67
C VAL A 40 3.30 -14.39 -2.65
N PRO A 41 2.69 -15.27 -1.82
CA PRO A 41 3.17 -16.64 -1.63
C PRO A 41 3.20 -17.46 -2.91
N GLY A 42 4.39 -17.70 -3.41
CA GLY A 42 4.55 -18.52 -4.59
C GLY A 42 4.59 -17.70 -5.87
N SER A 43 4.41 -16.42 -5.74
CA SER A 43 4.41 -15.55 -6.88
C SER A 43 5.62 -14.65 -6.83
N THR A 44 6.00 -14.11 -7.94
CA THR A 44 7.14 -13.27 -8.05
C THR A 44 6.65 -11.81 -8.04
N SER A 45 5.88 -11.49 -7.03
CA SER A 45 5.30 -10.19 -6.89
C SER A 45 5.11 -9.82 -5.42
N MET A 46 4.96 -8.55 -5.17
CA MET A 46 4.75 -8.05 -3.82
C MET A 46 3.37 -7.41 -3.80
N LYS A 47 2.59 -7.70 -2.79
CA LYS A 47 1.26 -7.17 -2.68
C LYS A 47 1.12 -6.27 -1.47
N GLY A 48 0.51 -5.15 -1.67
CA GLY A 48 0.26 -4.28 -0.59
C GLY A 48 -1.21 -4.05 -0.42
N ILE A 49 -1.66 -4.15 0.79
CA ILE A 49 -3.05 -3.91 1.16
C ILE A 49 -3.16 -2.49 1.64
N ILE A 50 -4.10 -1.77 1.10
CA ILE A 50 -4.35 -0.40 1.47
C ILE A 50 -5.71 -0.29 2.09
N ARG A 51 -5.78 0.40 3.19
CA ARG A 51 -7.00 0.61 3.90
C ARG A 51 -7.57 1.93 3.44
N VAL A 52 -8.77 1.90 2.91
CA VAL A 52 -9.40 3.10 2.46
C VAL A 52 -10.67 3.32 3.24
N LEU A 53 -10.97 4.53 3.56
CA LEU A 53 -12.17 4.82 4.29
C LEU A 53 -13.34 4.85 3.29
N ASN A 54 -14.34 4.05 3.55
CA ASN A 54 -15.52 3.94 2.73
C ASN A 54 -16.34 5.20 2.85
N ILE A 55 -16.18 6.06 1.90
CA ILE A 55 -16.86 7.35 1.93
C ILE A 55 -17.69 7.56 0.68
N SER A 56 -17.36 6.86 -0.36
CA SER A 56 -17.92 7.05 -1.65
C SER A 56 -18.17 5.72 -2.32
N PHE A 57 -19.22 5.69 -3.13
CA PHE A 57 -19.60 4.51 -3.88
C PHE A 57 -18.55 4.24 -4.94
N GLU A 58 -18.42 5.15 -5.87
CA GLU A 58 -17.45 5.05 -6.89
C GLU A 58 -16.09 5.52 -6.40
N LYS A 59 -15.43 4.65 -5.70
CA LYS A 59 -14.16 4.93 -5.15
C LYS A 59 -13.06 4.30 -6.00
N LEU A 60 -12.15 5.10 -6.48
CA LEU A 60 -11.06 4.65 -7.30
C LEU A 60 -9.77 4.67 -6.55
N VAL A 61 -9.22 3.52 -6.33
CA VAL A 61 -7.96 3.40 -5.66
C VAL A 61 -6.87 3.12 -6.69
N TYR A 62 -6.10 4.13 -6.99
CA TYR A 62 -4.99 3.99 -7.90
C TYR A 62 -3.68 3.98 -7.17
N VAL A 63 -2.73 3.30 -7.71
CA VAL A 63 -1.40 3.23 -7.15
C VAL A 63 -0.40 3.71 -8.19
N ARG A 64 0.40 4.67 -7.84
CA ARG A 64 1.45 5.14 -8.73
C ARG A 64 2.76 4.96 -8.05
N MET A 65 3.73 4.40 -8.73
CA MET A 65 5.05 4.24 -8.14
C MET A 65 6.05 4.93 -8.98
N SER A 66 7.20 5.18 -8.40
CA SER A 66 8.32 5.65 -9.09
C SER A 66 9.56 5.31 -8.27
N LEU A 67 10.58 4.82 -8.93
CA LEU A 67 11.87 4.56 -8.27
C LEU A 67 12.77 5.75 -8.58
N ASP A 68 12.15 6.79 -9.06
CA ASP A 68 12.82 7.93 -9.61
C ASP A 68 12.08 9.20 -9.14
N ASP A 69 12.34 10.32 -9.79
CA ASP A 69 11.82 11.68 -9.46
C ASP A 69 10.31 11.82 -9.74
N TRP A 70 9.69 10.70 -10.15
CA TRP A 70 8.26 10.60 -10.49
C TRP A 70 8.01 10.96 -11.92
N GLN A 71 9.05 10.81 -12.71
CA GLN A 71 8.98 11.05 -14.14
C GLN A 71 8.32 9.88 -14.83
N THR A 72 8.17 8.85 -14.09
CA THR A 72 7.63 7.61 -14.52
C THR A 72 6.67 7.12 -13.44
N HIS A 73 5.51 6.65 -13.85
CA HIS A 73 4.47 6.17 -12.95
C HIS A 73 3.55 5.20 -13.67
N TYR A 74 3.51 3.96 -13.18
CA TYR A 74 2.79 2.86 -13.86
C TYR A 74 1.26 2.91 -13.82
N ASP A 75 0.75 3.74 -12.97
CA ASP A 75 -0.69 3.88 -12.65
C ASP A 75 -1.47 2.58 -12.63
N ILE A 76 -1.47 1.95 -11.50
CA ILE A 76 -2.17 0.70 -11.31
C ILE A 76 -3.49 0.94 -10.64
N LEU A 77 -4.52 0.37 -11.17
CA LEU A 77 -5.80 0.43 -10.52
C LEU A 77 -5.79 -0.74 -9.54
N ALA A 78 -6.00 -0.46 -8.28
CA ALA A 78 -5.95 -1.49 -7.26
C ALA A 78 -7.09 -2.50 -7.35
N GLU A 79 -6.88 -3.66 -6.76
CA GLU A 79 -7.84 -4.73 -6.72
C GLU A 79 -8.60 -4.63 -5.42
N TYR A 80 -9.90 -4.60 -5.49
CA TYR A 80 -10.70 -4.59 -4.29
C TYR A 80 -10.75 -5.99 -3.70
N VAL A 81 -10.58 -6.07 -2.41
CA VAL A 81 -10.69 -7.32 -1.73
C VAL A 81 -12.17 -7.49 -1.34
N PRO A 82 -12.85 -8.47 -1.93
CA PRO A 82 -14.28 -8.65 -1.77
C PRO A 82 -14.71 -8.86 -0.32
N ASN A 83 -15.72 -8.11 0.08
CA ASN A 83 -16.34 -8.15 1.41
C ASN A 83 -15.39 -7.73 2.52
N SER A 84 -14.35 -6.97 2.17
CA SER A 84 -13.47 -6.48 3.18
C SER A 84 -14.06 -5.27 3.88
N CYS A 85 -14.88 -4.53 3.15
CA CYS A 85 -15.51 -3.36 3.69
C CYS A 85 -16.54 -3.71 4.72
N ASP A 86 -16.32 -3.25 5.91
CA ASP A 86 -17.24 -3.47 7.00
C ASP A 86 -17.86 -2.13 7.37
N GLY A 87 -18.55 -1.55 6.38
CA GLY A 87 -19.30 -0.31 6.55
C GLY A 87 -18.43 0.93 6.54
N GLU A 88 -17.39 0.91 7.32
CA GLU A 88 -16.54 2.05 7.53
C GLU A 88 -15.37 2.07 6.57
N THR A 89 -14.65 0.99 6.47
CA THR A 89 -13.46 0.99 5.66
C THR A 89 -13.43 -0.17 4.68
N ASP A 90 -12.81 0.04 3.54
CA ASP A 90 -12.60 -0.97 2.51
C ASP A 90 -11.13 -1.32 2.50
N GLN A 91 -10.79 -2.45 1.93
CA GLN A 91 -9.41 -2.85 1.81
C GLN A 91 -9.14 -3.21 0.37
N PHE A 92 -8.10 -2.66 -0.17
CA PHE A 92 -7.70 -2.90 -1.55
C PHE A 92 -6.29 -3.40 -1.57
N SER A 93 -5.88 -3.94 -2.67
CA SER A 93 -4.56 -4.44 -2.78
C SER A 93 -4.00 -4.17 -4.17
N PHE A 94 -2.71 -4.07 -4.28
CA PHE A 94 -2.09 -3.87 -5.56
C PHE A 94 -0.91 -4.81 -5.68
N LYS A 95 -0.24 -4.80 -6.79
CA LYS A 95 0.81 -5.73 -7.06
C LYS A 95 2.03 -5.02 -7.62
N ILE A 96 3.16 -5.43 -7.16
CA ILE A 96 4.44 -4.94 -7.58
C ILE A 96 5.22 -6.10 -8.16
N SER A 97 6.18 -5.81 -9.00
CA SER A 97 7.02 -6.78 -9.62
C SER A 97 7.89 -7.59 -8.59
N LEU A 98 8.77 -8.41 -9.14
CA LEU A 98 9.67 -9.31 -8.40
C LEU A 98 10.40 -8.65 -7.23
N VAL A 99 10.56 -9.44 -6.20
CA VAL A 99 11.17 -9.03 -4.94
C VAL A 99 12.33 -9.96 -4.57
N PRO A 100 13.12 -9.56 -3.53
CA PRO A 100 14.26 -10.28 -2.98
C PRO A 100 14.31 -11.79 -3.06
N PRO A 101 13.25 -12.58 -2.65
CA PRO A 101 13.35 -14.04 -2.65
C PRO A 101 13.71 -14.63 -4.03
N TYR A 102 13.55 -13.83 -5.06
CA TYR A 102 13.86 -14.22 -6.40
C TYR A 102 15.13 -13.52 -6.88
N GLN A 103 15.30 -12.28 -6.46
CA GLN A 103 16.48 -11.50 -6.81
C GLN A 103 16.74 -10.49 -5.69
N LYS A 104 17.88 -10.62 -5.04
CA LYS A 104 18.16 -9.85 -3.84
C LYS A 104 19.01 -8.61 -4.13
N ASP A 105 18.41 -7.59 -4.66
CA ASP A 105 19.12 -6.32 -4.88
C ASP A 105 18.49 -5.18 -4.10
N GLY A 106 17.36 -4.72 -4.57
CA GLY A 106 16.64 -3.65 -3.93
C GLY A 106 15.62 -3.08 -4.85
N SER A 107 14.75 -2.27 -4.35
CA SER A 107 13.75 -1.63 -5.19
C SER A 107 13.89 -0.13 -5.06
N LYS A 108 13.69 0.37 -3.81
CA LYS A 108 13.79 1.81 -3.48
C LYS A 108 12.66 2.57 -4.13
N VAL A 109 11.56 1.90 -4.23
CA VAL A 109 10.40 2.43 -4.88
C VAL A 109 9.59 3.31 -3.93
N GLU A 110 9.06 4.37 -4.49
CA GLU A 110 8.14 5.26 -3.84
C GLU A 110 6.79 5.09 -4.50
N PHE A 111 5.79 4.70 -3.77
CA PHE A 111 4.47 4.59 -4.35
C PHE A 111 3.47 5.34 -3.52
N CYS A 112 2.39 5.71 -4.13
CA CYS A 112 1.34 6.40 -3.44
C CYS A 112 0.03 6.01 -4.04
N ILE A 113 -0.97 6.12 -3.26
CA ILE A 113 -2.29 5.80 -3.63
C ILE A 113 -3.06 7.06 -3.96
N ARG A 114 -3.73 7.02 -5.06
CA ARG A 114 -4.59 8.05 -5.52
C ARG A 114 -6.01 7.57 -5.34
N TYR A 115 -6.63 8.02 -4.29
CA TYR A 115 -7.96 7.61 -3.95
C TYR A 115 -8.95 8.64 -4.49
N GLU A 116 -9.44 8.39 -5.64
CA GLU A 116 -10.34 9.27 -6.32
C GLU A 116 -11.75 8.93 -5.95
N THR A 117 -12.35 9.76 -5.17
CA THR A 117 -13.71 9.55 -4.79
C THR A 117 -14.55 10.71 -5.24
N SER A 118 -15.84 10.62 -5.05
CA SER A 118 -16.74 11.68 -5.42
C SER A 118 -16.54 12.89 -4.50
N VAL A 119 -15.91 12.64 -3.36
CA VAL A 119 -15.66 13.66 -2.39
C VAL A 119 -14.16 13.95 -2.26
N GLY A 120 -13.45 13.93 -3.37
CA GLY A 120 -12.08 14.32 -3.37
C GLY A 120 -11.12 13.21 -3.71
N THR A 121 -10.00 13.60 -4.24
CA THR A 121 -8.92 12.70 -4.49
C THR A 121 -7.99 12.74 -3.28
N PHE A 122 -7.81 11.64 -2.65
CA PHE A 122 -6.94 11.55 -1.50
C PHE A 122 -5.68 10.81 -1.87
N TRP A 123 -4.58 11.47 -1.74
CA TRP A 123 -3.29 10.84 -2.00
C TRP A 123 -2.68 10.39 -0.68
N SER A 124 -2.11 9.21 -0.68
CA SER A 124 -1.45 8.72 0.50
C SER A 124 0.00 9.22 0.52
N ASN A 125 0.19 10.36 1.09
CA ASN A 125 1.51 10.95 1.18
C ASN A 125 1.82 11.22 2.62
N ASN A 126 2.89 10.65 3.11
CA ASN A 126 3.29 10.85 4.48
C ASN A 126 3.82 12.27 4.66
N ASN A 127 4.82 12.62 3.86
CA ASN A 127 5.39 13.98 3.82
C ASN A 127 6.47 14.06 2.75
N GLY A 128 7.56 13.42 3.01
CA GLY A 128 8.68 13.43 2.09
C GLY A 128 8.71 12.12 1.40
N THR A 129 8.63 11.10 2.20
CA THR A 129 8.48 9.79 1.71
C THR A 129 7.00 9.56 1.49
N ASN A 130 6.69 8.92 0.41
CA ASN A 130 5.34 8.54 0.17
C ASN A 130 5.17 7.21 0.82
N TYR A 131 5.98 6.28 0.36
CA TYR A 131 6.12 4.92 0.84
C TYR A 131 7.40 4.38 0.25
N THR A 132 8.53 4.65 0.89
CA THR A 132 9.81 4.16 0.43
C THR A 132 10.13 2.83 1.13
N LEU A 133 10.40 1.80 0.38
CA LEU A 133 10.68 0.51 0.95
C LEU A 133 11.96 -0.07 0.43
N VAL A 134 12.71 -0.65 1.32
CA VAL A 134 13.87 -1.39 0.95
C VAL A 134 13.50 -2.84 0.84
N CYS A 135 13.34 -3.27 -0.38
CA CYS A 135 12.91 -4.61 -0.64
C CYS A 135 13.99 -5.60 -0.34
N GLN A 136 13.87 -6.18 0.82
CA GLN A 136 14.76 -7.20 1.27
C GLN A 136 13.94 -8.18 2.08
N LYS A 137 14.34 -9.42 2.01
CA LYS A 137 13.69 -10.53 2.67
C LYS A 137 13.79 -10.38 4.18
N LYS A 138 12.84 -10.99 4.87
CA LYS A 138 12.73 -10.92 6.33
C LYS A 138 14.03 -11.38 6.93
N GLU A 139 14.35 -12.57 6.64
CA GLU A 139 15.62 -13.15 6.91
C GLU A 139 16.11 -13.71 5.63
N GLY A 1 -6.37 -9.36 6.14
CA GLY A 1 -5.69 -8.94 7.37
C GLY A 1 -4.45 -9.76 7.60
N HIS A 2 -3.36 -9.43 6.92
CA HIS A 2 -2.10 -10.15 7.13
C HIS A 2 -1.02 -9.19 7.53
N MET A 3 -0.89 -8.95 8.80
CA MET A 3 0.20 -8.14 9.28
C MET A 3 1.09 -9.01 10.14
N GLN A 4 0.47 -9.78 11.00
CA GLN A 4 1.22 -10.69 11.82
C GLN A 4 1.47 -11.96 11.02
N THR A 5 2.60 -12.01 10.43
CA THR A 5 3.01 -13.12 9.64
C THR A 5 4.49 -13.30 9.83
N GLU A 6 4.93 -14.52 9.91
CA GLU A 6 6.34 -14.82 10.10
C GLU A 6 6.91 -15.36 8.82
N GLU A 7 6.35 -14.87 7.80
CA GLU A 7 6.72 -15.18 6.46
C GLU A 7 7.55 -14.11 5.92
N TYR A 8 7.77 -14.18 4.63
CA TYR A 8 8.54 -13.19 3.92
C TYR A 8 7.91 -11.81 4.14
N VAL A 9 8.59 -10.97 4.84
CA VAL A 9 8.11 -9.64 5.14
C VAL A 9 9.12 -8.64 4.69
N LEU A 10 8.71 -7.43 4.58
CA LEU A 10 9.54 -6.38 4.11
C LEU A 10 9.82 -5.42 5.26
N SER A 11 10.87 -4.66 5.10
CA SER A 11 11.23 -3.62 5.97
C SER A 11 10.81 -2.27 5.35
N PRO A 12 9.63 -1.75 5.72
CA PRO A 12 9.13 -0.49 5.24
C PRO A 12 9.49 0.65 6.17
N LEU A 13 10.02 1.73 5.63
CA LEU A 13 10.40 2.82 6.47
C LEU A 13 9.49 4.03 6.29
N PHE A 14 8.23 3.73 6.09
CA PHE A 14 7.17 4.70 6.04
C PHE A 14 6.22 4.39 7.17
N ASP A 15 5.18 5.16 7.33
CA ASP A 15 4.29 4.96 8.46
C ASP A 15 3.27 3.89 8.16
N LEU A 16 2.91 3.16 9.17
CA LEU A 16 1.96 2.06 9.10
C LEU A 16 1.15 2.03 10.37
N PRO A 17 -0.09 1.54 10.30
CA PRO A 17 -0.97 1.49 11.45
C PRO A 17 -0.43 0.60 12.58
N ALA A 18 0.03 1.24 13.65
CA ALA A 18 0.55 0.53 14.81
C ALA A 18 -0.57 -0.12 15.60
N SER A 19 -1.75 0.37 15.39
CA SER A 19 -2.92 -0.15 16.00
C SER A 19 -4.07 0.34 15.17
N LYS A 20 -5.27 -0.15 15.40
CA LYS A 20 -6.44 0.37 14.71
C LYS A 20 -6.69 1.82 15.11
N GLU A 21 -6.25 2.19 16.32
CA GLU A 21 -6.39 3.55 16.79
C GLU A 21 -5.45 4.46 15.99
N ASP A 22 -4.17 4.06 15.93
CA ASP A 22 -3.14 4.79 15.13
C ASP A 22 -3.59 4.91 13.70
N LEU A 23 -4.19 3.84 13.22
CA LEU A 23 -4.75 3.77 11.88
C LEU A 23 -5.80 4.83 11.69
N MET A 24 -6.87 4.73 12.46
CA MET A 24 -8.03 5.60 12.32
C MET A 24 -7.69 7.06 12.47
N GLN A 25 -6.83 7.38 13.43
CA GLN A 25 -6.46 8.77 13.68
C GLN A 25 -5.86 9.45 12.45
N GLN A 26 -5.00 8.77 11.73
CA GLN A 26 -4.41 9.37 10.56
C GLN A 26 -5.30 9.14 9.36
N LEU A 27 -6.14 8.12 9.47
CA LEU A 27 -7.06 7.76 8.42
C LEU A 27 -8.20 8.76 8.32
N GLN A 28 -8.22 9.75 9.21
CA GLN A 28 -9.20 10.82 9.19
C GLN A 28 -8.66 11.95 8.31
N VAL A 29 -7.40 11.80 7.93
CA VAL A 29 -6.71 12.74 7.09
C VAL A 29 -6.45 12.13 5.71
N GLN A 30 -5.60 11.14 5.70
CA GLN A 30 -5.12 10.50 4.48
C GLN A 30 -5.80 9.16 4.26
N LYS A 31 -7.10 9.25 4.25
CA LYS A 31 -8.13 8.16 4.14
C LYS A 31 -7.68 6.83 3.48
N ALA A 32 -6.85 6.90 2.47
CA ALA A 32 -6.33 5.75 1.81
C ALA A 32 -4.89 5.60 2.16
N MET A 33 -4.55 4.56 2.86
CA MET A 33 -3.17 4.33 3.20
C MET A 33 -2.86 2.87 3.13
N LEU A 34 -1.62 2.59 2.86
CA LEU A 34 -1.14 1.24 2.86
C LEU A 34 -1.22 0.68 4.26
N GLU A 35 -1.62 -0.54 4.37
CA GLU A 35 -1.83 -1.13 5.66
C GLU A 35 -0.82 -2.23 5.93
N SER A 36 -0.58 -3.05 4.94
CA SER A 36 0.33 -4.16 5.07
C SER A 36 0.87 -4.57 3.72
N THR A 37 2.11 -4.99 3.69
CA THR A 37 2.74 -5.50 2.51
C THR A 37 3.09 -6.97 2.74
N GLU A 38 2.75 -7.80 1.81
CA GLU A 38 3.03 -9.21 1.95
C GLU A 38 3.51 -9.78 0.64
N TYR A 39 4.45 -10.67 0.72
CA TYR A 39 5.02 -11.28 -0.45
C TYR A 39 4.10 -12.37 -0.93
N VAL A 40 4.13 -12.65 -2.22
CA VAL A 40 3.29 -13.66 -2.77
C VAL A 40 4.10 -14.92 -3.03
N PRO A 41 3.78 -16.03 -2.37
CA PRO A 41 4.48 -17.29 -2.58
C PRO A 41 4.22 -17.88 -3.98
N GLY A 42 5.14 -17.66 -4.88
CA GLY A 42 5.04 -18.22 -6.20
C GLY A 42 5.12 -17.18 -7.28
N SER A 43 4.59 -16.03 -7.00
CA SER A 43 4.53 -14.95 -7.95
C SER A 43 5.65 -13.95 -7.66
N THR A 44 6.28 -13.43 -8.69
CA THR A 44 7.41 -12.56 -8.53
C THR A 44 6.92 -11.10 -8.35
N SER A 45 6.12 -10.89 -7.32
CA SER A 45 5.54 -9.59 -7.01
C SER A 45 5.17 -9.62 -5.54
N MET A 46 5.19 -8.48 -4.93
CA MET A 46 4.66 -8.35 -3.60
C MET A 46 3.26 -7.82 -3.76
N LYS A 47 2.40 -8.09 -2.84
CA LYS A 47 1.09 -7.58 -2.89
C LYS A 47 0.86 -6.76 -1.66
N GLY A 48 0.29 -5.60 -1.81
CA GLY A 48 0.04 -4.81 -0.66
C GLY A 48 -1.39 -4.44 -0.54
N ILE A 49 -1.83 -4.34 0.68
CA ILE A 49 -3.18 -4.02 1.03
C ILE A 49 -3.26 -2.57 1.48
N ILE A 50 -4.08 -1.82 0.81
CA ILE A 50 -4.32 -0.46 1.15
C ILE A 50 -5.71 -0.37 1.70
N ARG A 51 -5.85 0.24 2.82
CA ARG A 51 -7.12 0.37 3.41
C ARG A 51 -7.56 1.78 3.17
N VAL A 52 -8.82 1.94 3.02
CA VAL A 52 -9.37 3.24 2.71
C VAL A 52 -10.62 3.44 3.54
N LEU A 53 -10.90 4.65 3.86
CA LEU A 53 -12.08 4.97 4.61
C LEU A 53 -13.21 5.31 3.67
N ASN A 54 -14.27 4.54 3.77
CA ASN A 54 -15.42 4.62 2.90
C ASN A 54 -16.21 5.88 3.17
N ILE A 55 -16.04 6.81 2.29
CA ILE A 55 -16.72 8.09 2.34
C ILE A 55 -17.52 8.27 1.06
N SER A 56 -17.38 7.32 0.21
CA SER A 56 -17.89 7.33 -1.10
C SER A 56 -17.89 5.91 -1.60
N PHE A 57 -19.05 5.40 -1.96
CA PHE A 57 -19.13 4.05 -2.47
C PHE A 57 -18.35 3.95 -3.76
N GLU A 58 -18.57 4.92 -4.63
CA GLU A 58 -17.88 5.00 -5.89
C GLU A 58 -16.50 5.58 -5.66
N LYS A 59 -15.64 4.72 -5.25
CA LYS A 59 -14.30 5.05 -4.93
C LYS A 59 -13.39 4.29 -5.88
N LEU A 60 -12.19 4.76 -6.04
CA LEU A 60 -11.25 4.08 -6.87
C LEU A 60 -9.87 4.25 -6.29
N VAL A 61 -9.07 3.23 -6.39
CA VAL A 61 -7.73 3.23 -5.84
C VAL A 61 -6.70 2.95 -6.91
N TYR A 62 -5.89 3.94 -7.22
CA TYR A 62 -4.81 3.78 -8.16
C TYR A 62 -3.47 3.78 -7.43
N VAL A 63 -2.60 2.89 -7.83
CA VAL A 63 -1.27 2.82 -7.28
C VAL A 63 -0.27 3.23 -8.34
N ARG A 64 0.49 4.22 -8.05
CA ARG A 64 1.49 4.73 -8.98
C ARG A 64 2.83 4.71 -8.30
N MET A 65 3.84 4.14 -8.94
CA MET A 65 5.17 4.08 -8.33
C MET A 65 6.18 4.68 -9.25
N SER A 66 7.26 5.12 -8.67
CA SER A 66 8.39 5.61 -9.37
C SER A 66 9.64 5.40 -8.52
N LEU A 67 10.72 4.99 -9.15
CA LEU A 67 12.04 4.91 -8.51
C LEU A 67 12.80 6.10 -9.08
N ASP A 68 12.06 7.14 -9.30
CA ASP A 68 12.48 8.24 -10.11
C ASP A 68 11.85 9.53 -9.58
N ASP A 69 12.06 10.61 -10.32
CA ASP A 69 11.48 11.95 -10.08
C ASP A 69 9.98 11.94 -10.38
N TRP A 70 9.48 10.76 -10.77
CA TRP A 70 8.08 10.46 -11.03
C TRP A 70 7.68 10.62 -12.49
N GLN A 71 8.63 10.37 -13.40
CA GLN A 71 8.31 10.42 -14.83
C GLN A 71 7.93 9.03 -15.33
N THR A 72 8.28 8.04 -14.57
CA THR A 72 7.99 6.67 -14.89
C THR A 72 7.08 6.07 -13.81
N HIS A 73 5.83 5.91 -14.14
CA HIS A 73 4.83 5.46 -13.20
C HIS A 73 3.86 4.49 -13.87
N TYR A 74 3.79 3.28 -13.33
CA TYR A 74 3.02 2.18 -13.95
C TYR A 74 1.50 2.33 -13.97
N ASP A 75 1.00 3.16 -13.11
CA ASP A 75 -0.43 3.37 -12.85
C ASP A 75 -1.22 2.08 -12.79
N ILE A 76 -1.23 1.47 -11.66
CA ILE A 76 -1.95 0.24 -11.46
C ILE A 76 -3.26 0.53 -10.82
N LEU A 77 -4.30 0.03 -11.41
CA LEU A 77 -5.57 0.11 -10.80
C LEU A 77 -5.66 -1.02 -9.79
N ALA A 78 -5.82 -0.66 -8.54
CA ALA A 78 -5.81 -1.64 -7.47
C ALA A 78 -7.09 -2.48 -7.49
N GLU A 79 -6.97 -3.69 -7.03
CA GLU A 79 -8.09 -4.60 -6.98
C GLU A 79 -8.77 -4.48 -5.64
N TYR A 80 -10.07 -4.42 -5.65
CA TYR A 80 -10.83 -4.37 -4.43
C TYR A 80 -10.88 -5.73 -3.80
N VAL A 81 -10.65 -5.79 -2.52
CA VAL A 81 -10.75 -7.02 -1.79
C VAL A 81 -12.23 -7.28 -1.55
N PRO A 82 -12.75 -8.40 -2.07
CA PRO A 82 -14.18 -8.74 -2.03
C PRO A 82 -14.80 -8.62 -0.64
N ASN A 83 -15.76 -7.69 -0.52
CA ASN A 83 -16.53 -7.45 0.70
C ASN A 83 -15.64 -7.23 1.91
N SER A 84 -14.53 -6.57 1.69
CA SER A 84 -13.62 -6.25 2.78
C SER A 84 -14.21 -5.13 3.66
N CYS A 85 -15.08 -4.37 3.06
CA CYS A 85 -15.75 -3.29 3.72
C CYS A 85 -16.94 -3.78 4.50
N ASP A 86 -17.32 -3.03 5.50
CA ASP A 86 -18.54 -3.29 6.23
C ASP A 86 -19.17 -1.96 6.60
N GLY A 87 -19.09 -1.03 5.67
CA GLY A 87 -19.71 0.26 5.81
C GLY A 87 -18.75 1.34 6.22
N GLU A 88 -17.65 0.97 6.84
CA GLU A 88 -16.72 1.95 7.32
C GLU A 88 -15.51 2.05 6.45
N THR A 89 -14.77 0.99 6.33
CA THR A 89 -13.53 1.06 5.59
C THR A 89 -13.45 -0.08 4.58
N ASP A 90 -12.79 0.19 3.48
CA ASP A 90 -12.66 -0.76 2.36
C ASP A 90 -11.20 -1.13 2.24
N GLN A 91 -10.90 -2.26 1.63
CA GLN A 91 -9.52 -2.64 1.46
C GLN A 91 -9.26 -3.04 0.03
N PHE A 92 -8.15 -2.60 -0.49
CA PHE A 92 -7.75 -2.87 -1.85
C PHE A 92 -6.35 -3.43 -1.83
N SER A 93 -5.94 -4.05 -2.90
CA SER A 93 -4.62 -4.58 -2.97
C SER A 93 -4.04 -4.39 -4.36
N PHE A 94 -2.74 -4.41 -4.47
CA PHE A 94 -2.09 -4.23 -5.75
C PHE A 94 -0.86 -5.12 -5.79
N LYS A 95 -0.39 -5.43 -6.96
CA LYS A 95 0.83 -6.16 -7.11
C LYS A 95 1.92 -5.17 -7.44
N ILE A 96 3.12 -5.52 -7.17
CA ILE A 96 4.22 -4.63 -7.36
C ILE A 96 5.33 -5.40 -8.08
N SER A 97 6.49 -4.84 -8.13
CA SER A 97 7.64 -5.45 -8.69
C SER A 97 8.12 -6.70 -7.88
N LEU A 98 9.09 -7.40 -8.43
CA LEU A 98 9.71 -8.55 -7.81
C LEU A 98 10.36 -8.19 -6.46
N VAL A 99 10.55 -9.20 -5.63
CA VAL A 99 11.09 -9.04 -4.28
C VAL A 99 12.23 -10.01 -4.01
N PRO A 100 13.03 -9.74 -2.92
CA PRO A 100 14.19 -10.51 -2.47
C PRO A 100 14.19 -12.03 -2.68
N PRO A 101 13.12 -12.81 -2.32
CA PRO A 101 13.19 -14.26 -2.47
C PRO A 101 13.41 -14.69 -3.95
N TYR A 102 13.30 -13.75 -4.86
CA TYR A 102 13.55 -13.98 -6.24
C TYR A 102 14.79 -13.19 -6.70
N GLN A 103 14.96 -11.97 -6.19
CA GLN A 103 16.11 -11.15 -6.55
C GLN A 103 16.35 -10.12 -5.44
N LYS A 104 17.58 -10.05 -5.00
CA LYS A 104 17.95 -9.28 -3.81
C LYS A 104 18.84 -8.10 -4.13
N ASP A 105 18.24 -7.02 -4.49
CA ASP A 105 18.96 -5.77 -4.65
C ASP A 105 18.35 -4.72 -3.76
N GLY A 106 17.16 -4.35 -4.10
CA GLY A 106 16.43 -3.37 -3.41
C GLY A 106 15.44 -2.80 -4.38
N SER A 107 14.58 -1.96 -3.92
CA SER A 107 13.63 -1.34 -4.79
C SER A 107 13.83 0.14 -4.70
N LYS A 108 13.65 0.66 -3.45
CA LYS A 108 13.85 2.08 -3.12
C LYS A 108 12.81 2.90 -3.87
N VAL A 109 11.70 2.25 -4.09
CA VAL A 109 10.63 2.78 -4.85
C VAL A 109 9.74 3.66 -3.98
N GLU A 110 9.10 4.59 -4.61
CA GLU A 110 8.13 5.45 -4.02
C GLU A 110 6.83 5.23 -4.74
N PHE A 111 5.83 4.79 -4.04
CA PHE A 111 4.52 4.64 -4.63
C PHE A 111 3.52 5.45 -3.85
N CYS A 112 2.47 5.85 -4.49
CA CYS A 112 1.42 6.60 -3.85
C CYS A 112 0.09 6.08 -4.29
N ILE A 113 -0.88 6.27 -3.46
CA ILE A 113 -2.22 5.85 -3.74
C ILE A 113 -3.07 7.05 -4.09
N ARG A 114 -3.70 6.94 -5.21
CA ARG A 114 -4.64 7.91 -5.69
C ARG A 114 -6.04 7.38 -5.40
N TYR A 115 -6.60 7.87 -4.35
CA TYR A 115 -7.92 7.45 -3.90
C TYR A 115 -8.96 8.45 -4.38
N GLU A 116 -9.57 8.15 -5.47
CA GLU A 116 -10.57 9.04 -6.02
C GLU A 116 -11.90 8.70 -5.47
N THR A 117 -12.55 9.65 -4.90
CA THR A 117 -13.88 9.45 -4.45
C THR A 117 -14.75 10.53 -5.06
N SER A 118 -16.04 10.49 -4.77
CA SER A 118 -16.96 11.46 -5.29
C SER A 118 -16.81 12.78 -4.51
N VAL A 119 -16.06 12.74 -3.43
CA VAL A 119 -15.84 13.91 -2.61
C VAL A 119 -14.33 14.23 -2.49
N GLY A 120 -13.61 14.03 -3.57
CA GLY A 120 -12.22 14.37 -3.58
C GLY A 120 -11.31 13.22 -3.87
N THR A 121 -10.18 13.53 -4.38
CA THR A 121 -9.15 12.57 -4.63
C THR A 121 -8.11 12.66 -3.53
N PHE A 122 -8.01 11.63 -2.76
CA PHE A 122 -7.10 11.59 -1.66
C PHE A 122 -5.85 10.85 -2.04
N TRP A 123 -4.80 11.56 -2.12
CA TRP A 123 -3.52 11.00 -2.40
C TRP A 123 -2.80 10.78 -1.09
N SER A 124 -2.24 9.64 -0.91
CA SER A 124 -1.51 9.36 0.30
C SER A 124 -0.04 9.67 0.05
N ASN A 125 0.45 10.72 0.67
CA ASN A 125 1.81 11.15 0.52
C ASN A 125 2.30 11.64 1.85
N ASN A 126 3.53 11.34 2.19
CA ASN A 126 4.13 11.91 3.39
C ASN A 126 5.06 13.04 2.93
N ASN A 127 6.08 13.37 3.68
CA ASN A 127 6.92 14.47 3.27
C ASN A 127 8.38 14.04 3.28
N GLY A 128 8.83 13.57 2.15
CA GLY A 128 10.20 13.10 2.00
C GLY A 128 10.22 11.62 1.74
N THR A 129 9.06 11.06 1.88
CA THR A 129 8.82 9.69 1.70
C THR A 129 7.35 9.58 1.37
N ASN A 130 7.00 8.65 0.58
CA ASN A 130 5.62 8.40 0.32
C ASN A 130 5.36 7.03 0.83
N TYR A 131 6.03 6.09 0.22
CA TYR A 131 6.03 4.71 0.61
C TYR A 131 7.35 4.14 0.16
N THR A 132 8.38 4.41 0.92
CA THR A 132 9.71 3.97 0.57
C THR A 132 10.02 2.66 1.30
N LEU A 133 10.45 1.65 0.57
CA LEU A 133 10.74 0.35 1.14
C LEU A 133 12.07 -0.19 0.70
N VAL A 134 12.75 -0.83 1.62
CA VAL A 134 13.98 -1.51 1.31
C VAL A 134 13.73 -2.99 1.21
N CYS A 135 13.57 -3.45 -0.01
CA CYS A 135 13.26 -4.82 -0.28
C CYS A 135 14.34 -5.79 0.19
N GLN A 136 14.12 -6.27 1.38
CA GLN A 136 14.93 -7.24 2.02
C GLN A 136 13.98 -8.19 2.70
N LYS A 137 14.34 -9.43 2.77
CA LYS A 137 13.47 -10.44 3.31
C LYS A 137 13.74 -10.52 4.82
N LYS A 138 12.87 -11.18 5.54
CA LYS A 138 13.07 -11.44 6.96
C LYS A 138 14.31 -12.31 7.22
N GLU A 139 14.45 -13.36 6.47
CA GLU A 139 15.58 -14.25 6.58
C GLU A 139 16.28 -14.33 5.24
N GLY A 1 0.65 -15.83 10.65
CA GLY A 1 2.00 -15.73 11.21
C GLY A 1 2.15 -16.59 12.43
N HIS A 2 3.08 -16.22 13.33
CA HIS A 2 3.34 -16.92 14.63
C HIS A 2 4.00 -18.29 14.46
N MET A 3 4.48 -18.55 13.27
CA MET A 3 5.20 -19.78 12.96
C MET A 3 6.57 -19.40 12.46
N GLN A 4 7.57 -20.20 12.75
CA GLN A 4 8.89 -19.89 12.27
C GLN A 4 9.02 -20.27 10.82
N THR A 5 9.21 -19.29 10.02
CA THR A 5 9.41 -19.40 8.64
C THR A 5 10.22 -18.17 8.30
N GLU A 6 10.90 -18.12 7.19
CA GLU A 6 11.55 -16.90 6.80
C GLU A 6 10.46 -15.95 6.35
N GLU A 7 9.89 -15.21 7.31
CA GLU A 7 8.77 -14.31 7.04
C GLU A 7 9.08 -13.38 5.98
N TYR A 8 8.22 -13.36 5.06
CA TYR A 8 8.46 -12.58 3.97
C TYR A 8 7.68 -11.29 3.99
N VAL A 9 8.25 -10.37 4.69
CA VAL A 9 7.73 -9.05 4.87
C VAL A 9 8.71 -8.12 4.25
N LEU A 10 8.28 -6.99 3.87
CA LEU A 10 9.15 -6.05 3.24
C LEU A 10 9.54 -4.98 4.25
N SER A 11 10.76 -4.51 4.18
CA SER A 11 11.26 -3.53 5.10
C SER A 11 10.76 -2.13 4.68
N PRO A 12 9.88 -1.53 5.50
CA PRO A 12 9.34 -0.23 5.26
C PRO A 12 10.07 0.88 6.02
N LEU A 13 10.05 2.06 5.48
CA LEU A 13 10.61 3.23 6.16
C LEU A 13 9.68 4.39 5.93
N PHE A 14 8.42 4.06 5.97
CA PHE A 14 7.32 4.99 5.82
C PHE A 14 6.32 4.70 6.92
N ASP A 15 5.20 5.33 6.87
CA ASP A 15 4.23 5.18 7.94
C ASP A 15 3.20 4.13 7.66
N LEU A 16 3.03 3.26 8.62
CA LEU A 16 2.08 2.21 8.60
C LEU A 16 1.34 2.23 9.92
N PRO A 17 0.11 1.73 9.95
CA PRO A 17 -0.68 1.64 11.18
C PRO A 17 0.08 0.97 12.30
N ALA A 18 0.26 1.69 13.39
CA ALA A 18 0.89 1.14 14.57
C ALA A 18 -0.14 0.35 15.38
N SER A 19 -1.39 0.50 14.99
CA SER A 19 -2.52 -0.12 15.59
C SER A 19 -3.69 0.23 14.73
N LYS A 20 -4.79 -0.48 14.85
CA LYS A 20 -5.99 -0.10 14.14
C LYS A 20 -6.49 1.24 14.67
N GLU A 21 -6.15 1.55 15.92
CA GLU A 21 -6.40 2.85 16.53
C GLU A 21 -5.70 3.92 15.71
N ASP A 22 -4.37 3.79 15.64
CA ASP A 22 -3.49 4.71 14.88
C ASP A 22 -3.97 4.83 13.45
N LEU A 23 -4.38 3.70 12.89
CA LEU A 23 -4.95 3.62 11.57
C LEU A 23 -6.15 4.53 11.44
N MET A 24 -7.18 4.26 12.24
CA MET A 24 -8.44 5.00 12.19
C MET A 24 -8.23 6.50 12.42
N GLN A 25 -7.28 6.85 13.27
CA GLN A 25 -6.98 8.24 13.59
C GLN A 25 -6.40 8.99 12.38
N GLN A 26 -5.43 8.40 11.71
CA GLN A 26 -4.75 9.07 10.60
C GLN A 26 -5.56 8.91 9.33
N LEU A 27 -6.45 7.94 9.36
CA LEU A 27 -7.29 7.63 8.24
C LEU A 27 -8.36 8.71 8.03
N GLN A 28 -8.40 9.68 8.93
CA GLN A 28 -9.30 10.80 8.79
C GLN A 28 -8.59 11.91 8.01
N VAL A 29 -7.34 11.70 7.70
CA VAL A 29 -6.54 12.66 6.96
C VAL A 29 -6.20 12.10 5.58
N GLN A 30 -5.53 10.99 5.59
CA GLN A 30 -5.00 10.35 4.39
C GLN A 30 -5.73 9.06 4.10
N LYS A 31 -7.04 9.20 4.06
CA LYS A 31 -8.11 8.16 3.88
C LYS A 31 -7.70 6.80 3.25
N ALA A 32 -6.80 6.81 2.32
CA ALA A 32 -6.34 5.62 1.66
C ALA A 32 -4.89 5.37 2.02
N MET A 33 -4.64 4.43 2.88
CA MET A 33 -3.26 4.18 3.29
C MET A 33 -2.99 2.69 3.32
N LEU A 34 -1.74 2.34 3.25
CA LEU A 34 -1.34 0.95 3.27
C LEU A 34 -1.43 0.45 4.69
N GLU A 35 -1.82 -0.78 4.86
CA GLU A 35 -2.01 -1.33 6.18
C GLU A 35 -0.89 -2.31 6.52
N SER A 36 -0.44 -3.03 5.51
CA SER A 36 0.64 -3.99 5.66
C SER A 36 1.08 -4.43 4.25
N THR A 37 2.08 -5.28 4.19
CA THR A 37 2.66 -5.78 2.96
C THR A 37 2.96 -7.28 3.14
N GLU A 38 2.71 -8.07 2.12
CA GLU A 38 3.01 -9.49 2.14
C GLU A 38 3.42 -9.91 0.74
N TYR A 39 4.37 -10.79 0.64
CA TYR A 39 4.82 -11.22 -0.69
C TYR A 39 3.87 -12.27 -1.23
N VAL A 40 3.84 -12.43 -2.51
CA VAL A 40 2.98 -13.42 -3.09
C VAL A 40 3.80 -14.68 -3.40
N PRO A 41 3.46 -15.80 -2.76
CA PRO A 41 4.13 -17.06 -3.02
C PRO A 41 3.87 -17.58 -4.44
N GLY A 42 4.86 -17.49 -5.28
CA GLY A 42 4.75 -18.00 -6.62
C GLY A 42 4.72 -16.90 -7.67
N SER A 43 4.20 -15.77 -7.30
CA SER A 43 4.14 -14.65 -8.21
C SER A 43 5.25 -13.66 -7.85
N THR A 44 5.76 -12.94 -8.81
CA THR A 44 6.87 -12.05 -8.58
C THR A 44 6.34 -10.66 -8.24
N SER A 45 5.65 -10.57 -7.11
CA SER A 45 5.03 -9.36 -6.68
C SER A 45 4.76 -9.45 -5.17
N MET A 46 4.31 -8.36 -4.63
CA MET A 46 3.93 -8.24 -3.24
C MET A 46 2.51 -7.74 -3.24
N LYS A 47 1.68 -8.26 -2.39
CA LYS A 47 0.30 -7.91 -2.36
C LYS A 47 0.06 -7.05 -1.14
N GLY A 48 -0.12 -5.78 -1.34
CA GLY A 48 -0.30 -4.90 -0.21
C GLY A 48 -1.73 -4.52 -0.04
N ILE A 49 -2.14 -4.40 1.19
CA ILE A 49 -3.50 -4.05 1.55
C ILE A 49 -3.56 -2.59 1.92
N ILE A 50 -4.42 -1.88 1.24
CA ILE A 50 -4.65 -0.48 1.51
C ILE A 50 -6.03 -0.35 2.10
N ARG A 51 -6.08 0.31 3.22
CA ARG A 51 -7.30 0.57 3.89
C ARG A 51 -7.77 1.92 3.44
N VAL A 52 -8.92 1.98 2.88
CA VAL A 52 -9.47 3.22 2.41
C VAL A 52 -10.73 3.51 3.20
N LEU A 53 -10.99 4.75 3.46
CA LEU A 53 -12.18 5.11 4.19
C LEU A 53 -13.36 5.10 3.21
N ASN A 54 -14.41 4.43 3.59
CA ASN A 54 -15.60 4.32 2.78
C ASN A 54 -16.35 5.64 2.80
N ILE A 55 -16.15 6.41 1.79
CA ILE A 55 -16.72 7.74 1.68
C ILE A 55 -17.44 7.92 0.35
N SER A 56 -17.33 6.94 -0.48
CA SER A 56 -17.81 6.99 -1.82
C SER A 56 -18.03 5.55 -2.25
N PHE A 57 -18.98 5.30 -3.12
CA PHE A 57 -19.22 3.95 -3.59
C PHE A 57 -18.17 3.58 -4.60
N GLU A 58 -18.17 4.30 -5.70
CA GLU A 58 -17.19 4.09 -6.72
C GLU A 58 -15.95 4.86 -6.38
N LYS A 59 -15.03 4.13 -5.89
CA LYS A 59 -13.79 4.66 -5.43
C LYS A 59 -12.64 4.06 -6.21
N LEU A 60 -11.75 4.90 -6.66
CA LEU A 60 -10.60 4.48 -7.41
C LEU A 60 -9.38 4.47 -6.56
N VAL A 61 -8.98 3.30 -6.16
CA VAL A 61 -7.76 3.15 -5.42
C VAL A 61 -6.68 2.84 -6.41
N TYR A 62 -5.97 3.84 -6.80
CA TYR A 62 -4.99 3.73 -7.82
C TYR A 62 -3.60 3.80 -7.22
N VAL A 63 -2.69 3.07 -7.77
CA VAL A 63 -1.32 3.04 -7.28
C VAL A 63 -0.37 3.45 -8.40
N ARG A 64 0.59 4.26 -8.07
CA ARG A 64 1.67 4.60 -8.97
C ARG A 64 2.96 4.41 -8.22
N MET A 65 4.02 3.94 -8.87
CA MET A 65 5.30 3.77 -8.17
C MET A 65 6.41 4.36 -8.99
N SER A 66 7.45 4.75 -8.31
CA SER A 66 8.65 5.20 -8.90
C SER A 66 9.80 4.81 -7.98
N LEU A 67 10.85 4.26 -8.56
CA LEU A 67 12.10 4.04 -7.81
C LEU A 67 12.96 5.27 -8.10
N ASP A 68 12.43 6.01 -9.02
CA ASP A 68 12.95 7.19 -9.60
C ASP A 68 12.42 8.38 -8.78
N ASP A 69 12.77 9.58 -9.17
CA ASP A 69 12.32 10.80 -8.48
C ASP A 69 10.89 11.19 -8.91
N TRP A 70 10.30 10.33 -9.76
CA TRP A 70 8.90 10.36 -10.25
C TRP A 70 8.77 10.94 -11.64
N GLN A 71 9.71 10.62 -12.52
CA GLN A 71 9.57 11.02 -13.92
C GLN A 71 8.91 9.88 -14.72
N THR A 72 8.88 8.72 -14.11
CA THR A 72 8.33 7.54 -14.70
C THR A 72 7.51 6.79 -13.62
N HIS A 73 6.41 6.17 -14.01
CA HIS A 73 5.49 5.49 -13.07
C HIS A 73 4.58 4.59 -13.82
N TYR A 74 4.21 3.51 -13.22
CA TYR A 74 3.16 2.71 -13.76
C TYR A 74 1.84 3.23 -13.19
N ASP A 75 0.75 2.67 -13.56
CA ASP A 75 -0.49 3.00 -12.93
C ASP A 75 -1.25 1.72 -12.70
N ILE A 76 -1.58 1.48 -11.47
CA ILE A 76 -2.20 0.24 -11.09
C ILE A 76 -3.50 0.48 -10.38
N LEU A 77 -4.52 -0.19 -10.82
CA LEU A 77 -5.77 -0.19 -10.14
C LEU A 77 -5.72 -1.27 -9.07
N ALA A 78 -5.93 -0.88 -7.83
CA ALA A 78 -5.94 -1.81 -6.75
C ALA A 78 -7.19 -2.66 -6.82
N GLU A 79 -7.10 -3.82 -6.30
CA GLU A 79 -8.15 -4.76 -6.37
C GLU A 79 -8.87 -4.84 -5.04
N TYR A 80 -10.15 -4.60 -5.10
CA TYR A 80 -11.02 -4.64 -3.94
C TYR A 80 -11.06 -6.04 -3.38
N VAL A 81 -10.88 -6.14 -2.08
CA VAL A 81 -10.98 -7.39 -1.42
C VAL A 81 -12.46 -7.63 -1.13
N PRO A 82 -13.04 -8.67 -1.73
CA PRO A 82 -14.46 -8.97 -1.65
C PRO A 82 -15.00 -9.04 -0.22
N ASN A 83 -15.99 -8.17 0.06
CA ASN A 83 -16.73 -8.15 1.33
C ASN A 83 -15.85 -7.69 2.47
N SER A 84 -14.80 -6.95 2.18
CA SER A 84 -13.91 -6.54 3.22
C SER A 84 -14.22 -5.16 3.73
N CYS A 85 -15.16 -4.54 3.07
CA CYS A 85 -15.63 -3.27 3.47
C CYS A 85 -16.64 -3.48 4.57
N ASP A 86 -16.57 -2.69 5.58
CA ASP A 86 -17.50 -2.89 6.67
C ASP A 86 -18.02 -1.57 7.17
N GLY A 87 -18.69 -0.87 6.29
CA GLY A 87 -19.38 0.37 6.63
C GLY A 87 -18.47 1.57 6.66
N GLU A 88 -17.45 1.48 7.45
CA GLU A 88 -16.54 2.55 7.69
C GLU A 88 -15.40 2.56 6.69
N THR A 89 -14.80 1.42 6.43
CA THR A 89 -13.66 1.40 5.55
C THR A 89 -13.79 0.27 4.53
N ASP A 90 -13.05 0.38 3.45
CA ASP A 90 -12.93 -0.68 2.45
C ASP A 90 -11.50 -1.13 2.48
N GLN A 91 -11.23 -2.31 1.99
CA GLN A 91 -9.89 -2.80 1.98
C GLN A 91 -9.56 -3.25 0.57
N PHE A 92 -8.51 -2.72 0.02
CA PHE A 92 -8.08 -3.07 -1.31
C PHE A 92 -6.69 -3.63 -1.24
N SER A 93 -6.28 -4.30 -2.27
CA SER A 93 -4.98 -4.86 -2.33
C SER A 93 -4.41 -4.67 -3.72
N PHE A 94 -3.14 -4.42 -3.83
CA PHE A 94 -2.55 -4.15 -5.12
C PHE A 94 -1.33 -5.03 -5.34
N LYS A 95 -0.91 -5.17 -6.56
CA LYS A 95 0.32 -5.85 -6.86
C LYS A 95 1.40 -4.81 -7.07
N ILE A 96 2.62 -5.21 -7.03
CA ILE A 96 3.71 -4.31 -7.15
C ILE A 96 4.74 -5.03 -8.01
N SER A 97 5.91 -4.51 -8.09
CA SER A 97 6.96 -5.13 -8.85
C SER A 97 7.59 -6.34 -8.08
N LEU A 98 8.66 -6.86 -8.64
CA LEU A 98 9.35 -8.03 -8.12
C LEU A 98 9.98 -7.72 -6.75
N VAL A 99 9.95 -8.70 -5.89
CA VAL A 99 10.43 -8.56 -4.53
C VAL A 99 11.65 -9.45 -4.23
N PRO A 100 12.37 -9.16 -3.11
CA PRO A 100 13.62 -9.83 -2.67
C PRO A 100 13.77 -11.32 -2.94
N PRO A 101 12.79 -12.22 -2.61
CA PRO A 101 13.00 -13.64 -2.78
C PRO A 101 13.21 -14.03 -4.27
N TYR A 102 12.95 -13.08 -5.15
CA TYR A 102 13.11 -13.27 -6.55
C TYR A 102 14.21 -12.35 -7.10
N GLN A 103 14.25 -11.11 -6.60
CA GLN A 103 15.20 -10.11 -7.07
C GLN A 103 15.72 -9.34 -5.85
N LYS A 104 17.02 -9.39 -5.62
CA LYS A 104 17.61 -8.91 -4.37
C LYS A 104 18.49 -7.66 -4.56
N ASP A 105 18.25 -6.92 -5.61
CA ASP A 105 19.08 -5.72 -5.91
C ASP A 105 18.86 -4.61 -4.90
N GLY A 106 17.78 -3.90 -5.07
CA GLY A 106 17.44 -2.78 -4.24
C GLY A 106 16.44 -1.95 -4.98
N SER A 107 15.31 -1.76 -4.41
CA SER A 107 14.25 -1.06 -5.08
C SER A 107 14.20 0.40 -4.68
N LYS A 108 13.76 0.61 -3.43
CA LYS A 108 13.53 1.94 -2.89
C LYS A 108 12.36 2.50 -3.62
N VAL A 109 11.34 1.69 -3.60
CA VAL A 109 10.15 1.95 -4.30
C VAL A 109 9.34 2.94 -3.55
N GLU A 110 8.98 3.96 -4.23
CA GLU A 110 8.10 4.95 -3.73
C GLU A 110 6.81 4.84 -4.47
N PHE A 111 5.79 4.39 -3.82
CA PHE A 111 4.51 4.35 -4.45
C PHE A 111 3.57 5.26 -3.72
N CYS A 112 2.46 5.57 -4.33
CA CYS A 112 1.45 6.38 -3.71
C CYS A 112 0.12 5.90 -4.17
N ILE A 113 -0.86 6.11 -3.35
CA ILE A 113 -2.18 5.75 -3.68
C ILE A 113 -2.96 6.99 -4.06
N ARG A 114 -3.37 7.01 -5.29
CA ARG A 114 -4.19 8.04 -5.82
C ARG A 114 -5.62 7.60 -5.66
N TYR A 115 -6.19 7.99 -4.58
CA TYR A 115 -7.53 7.58 -4.22
C TYR A 115 -8.55 8.57 -4.76
N GLU A 116 -9.00 8.33 -5.94
CA GLU A 116 -9.94 9.20 -6.59
C GLU A 116 -11.33 8.78 -6.22
N THR A 117 -12.03 9.62 -5.53
CA THR A 117 -13.38 9.32 -5.19
C THR A 117 -14.27 10.40 -5.72
N SER A 118 -15.53 10.31 -5.42
CA SER A 118 -16.48 11.27 -5.87
C SER A 118 -16.43 12.51 -4.96
N VAL A 119 -15.74 12.38 -3.84
CA VAL A 119 -15.63 13.45 -2.88
C VAL A 119 -14.15 13.84 -2.66
N GLY A 120 -13.38 13.82 -3.73
CA GLY A 120 -12.01 14.23 -3.63
C GLY A 120 -11.04 13.14 -3.99
N THR A 121 -9.93 13.54 -4.49
CA THR A 121 -8.84 12.64 -4.76
C THR A 121 -7.85 12.73 -3.61
N PHE A 122 -7.66 11.64 -2.95
CA PHE A 122 -6.78 11.58 -1.82
C PHE A 122 -5.49 10.91 -2.20
N TRP A 123 -4.47 11.68 -2.37
CA TRP A 123 -3.16 11.16 -2.60
C TRP A 123 -2.48 10.91 -1.29
N SER A 124 -2.26 9.68 -1.00
CA SER A 124 -1.56 9.35 0.19
C SER A 124 -0.08 9.54 -0.05
N ASN A 125 0.53 10.32 0.79
CA ASN A 125 1.92 10.65 0.67
C ASN A 125 2.46 10.88 2.06
N ASN A 126 3.67 11.32 2.18
CA ASN A 126 4.29 11.51 3.47
C ASN A 126 5.37 12.59 3.28
N ASN A 127 6.32 12.67 4.16
CA ASN A 127 7.35 13.67 4.11
C ASN A 127 8.68 13.01 4.30
N GLY A 128 9.39 12.90 3.24
CA GLY A 128 10.73 12.32 3.22
C GLY A 128 10.67 10.89 2.78
N THR A 129 9.51 10.56 2.31
CA THR A 129 9.14 9.27 1.88
C THR A 129 7.70 9.40 1.48
N ASN A 130 7.22 8.50 0.71
CA ASN A 130 5.82 8.42 0.46
C ASN A 130 5.41 7.07 0.97
N TYR A 131 6.03 6.09 0.38
CA TYR A 131 5.86 4.69 0.68
C TYR A 131 7.12 4.00 0.24
N THR A 132 8.23 4.27 0.90
CA THR A 132 9.51 3.69 0.48
C THR A 132 9.69 2.29 1.07
N LEU A 133 9.99 1.35 0.22
CA LEU A 133 10.30 0.02 0.64
C LEU A 133 11.60 -0.38 0.05
N VAL A 134 12.39 -1.04 0.83
CA VAL A 134 13.65 -1.50 0.37
C VAL A 134 13.59 -3.01 0.22
N CYS A 135 13.69 -3.50 -1.01
CA CYS A 135 13.65 -4.93 -1.32
C CYS A 135 14.60 -5.80 -0.50
N GLN A 136 14.09 -6.27 0.63
CA GLN A 136 14.78 -7.20 1.48
C GLN A 136 13.74 -7.98 2.29
N LYS A 137 13.97 -9.26 2.40
CA LYS A 137 13.11 -10.18 3.17
C LYS A 137 13.47 -9.98 4.65
N LYS A 138 12.69 -10.55 5.57
CA LYS A 138 13.05 -10.44 6.99
C LYS A 138 14.41 -11.11 7.26
N GLU A 139 14.55 -12.32 6.75
CA GLU A 139 15.78 -13.08 6.87
C GLU A 139 16.71 -12.81 5.68
N GLY A 1 7.25 -4.27 15.30
CA GLY A 1 6.22 -3.25 15.23
C GLY A 1 4.89 -3.90 15.12
N HIS A 2 3.93 -3.20 14.57
CA HIS A 2 2.59 -3.74 14.41
C HIS A 2 2.57 -4.71 13.23
N MET A 3 2.61 -5.98 13.53
CA MET A 3 2.56 -6.98 12.51
C MET A 3 1.12 -7.24 12.10
N GLN A 4 0.92 -7.39 10.82
CA GLN A 4 -0.40 -7.63 10.26
C GLN A 4 -0.26 -8.90 9.44
N THR A 5 0.54 -8.79 8.40
CA THR A 5 0.79 -9.88 7.54
C THR A 5 1.98 -10.70 8.01
N GLU A 6 1.71 -11.82 8.63
CA GLU A 6 2.76 -12.74 9.01
C GLU A 6 3.16 -13.53 7.80
N GLU A 7 4.18 -13.07 7.17
CA GLU A 7 4.67 -13.62 5.95
C GLU A 7 6.00 -12.97 5.73
N TYR A 8 6.76 -13.49 4.80
CA TYR A 8 7.90 -12.78 4.31
C TYR A 8 7.40 -11.48 3.68
N VAL A 9 7.71 -10.40 4.35
CA VAL A 9 7.22 -9.10 4.01
C VAL A 9 8.40 -8.21 3.73
N LEU A 10 8.15 -7.12 3.04
CA LEU A 10 9.21 -6.22 2.64
C LEU A 10 9.51 -5.22 3.72
N SER A 11 10.77 -4.89 3.85
CA SER A 11 11.22 -3.98 4.85
C SER A 11 10.97 -2.54 4.42
N PRO A 12 10.10 -1.83 5.12
CA PRO A 12 9.79 -0.46 4.85
C PRO A 12 10.64 0.51 5.70
N LEU A 13 10.82 1.70 5.21
CA LEU A 13 11.49 2.73 5.98
C LEU A 13 10.56 3.92 6.11
N PHE A 14 9.31 3.56 6.26
CA PHE A 14 8.22 4.47 6.50
C PHE A 14 7.42 3.90 7.65
N ASP A 15 6.33 4.51 7.97
CA ASP A 15 5.53 4.06 9.11
C ASP A 15 4.21 3.48 8.64
N LEU A 16 3.64 2.63 9.45
CA LEU A 16 2.40 1.94 9.16
C LEU A 16 1.51 1.94 10.40
N PRO A 17 0.16 1.75 10.23
CA PRO A 17 -0.82 1.69 11.32
C PRO A 17 -0.32 0.96 12.55
N ALA A 18 -0.04 1.72 13.60
CA ALA A 18 0.50 1.17 14.84
C ALA A 18 -0.55 0.32 15.56
N SER A 19 -1.80 0.55 15.21
CA SER A 19 -2.91 -0.12 15.79
C SER A 19 -4.12 0.32 14.99
N LYS A 20 -5.27 -0.30 15.23
CA LYS A 20 -6.53 0.09 14.60
C LYS A 20 -6.87 1.51 15.00
N GLU A 21 -6.40 1.87 16.19
CA GLU A 21 -6.57 3.19 16.75
C GLU A 21 -5.82 4.22 15.89
N ASP A 22 -4.51 4.01 15.79
CA ASP A 22 -3.64 4.87 14.96
C ASP A 22 -4.13 4.93 13.53
N LEU A 23 -4.61 3.80 13.05
CA LEU A 23 -5.16 3.71 11.73
C LEU A 23 -6.37 4.64 11.57
N MET A 24 -7.39 4.43 12.38
CA MET A 24 -8.63 5.20 12.26
C MET A 24 -8.41 6.68 12.52
N GLN A 25 -7.53 7.01 13.47
CA GLN A 25 -7.28 8.40 13.86
C GLN A 25 -6.67 9.22 12.70
N GLN A 26 -5.85 8.60 11.87
CA GLN A 26 -5.23 9.31 10.75
C GLN A 26 -6.04 9.12 9.50
N LEU A 27 -6.86 8.08 9.49
CA LEU A 27 -7.67 7.74 8.33
C LEU A 27 -8.83 8.70 8.17
N GLN A 28 -8.92 9.65 9.07
CA GLN A 28 -9.91 10.70 9.01
C GLN A 28 -9.33 11.86 8.20
N VAL A 29 -8.05 11.77 7.91
CA VAL A 29 -7.34 12.75 7.15
C VAL A 29 -6.98 12.18 5.77
N GLN A 30 -6.09 11.24 5.78
CA GLN A 30 -5.52 10.66 4.55
C GLN A 30 -6.15 9.33 4.21
N LYS A 31 -7.45 9.38 4.12
CA LYS A 31 -8.41 8.27 3.88
C LYS A 31 -7.86 7.01 3.18
N ALA A 32 -7.03 7.15 2.20
CA ALA A 32 -6.43 6.02 1.54
C ALA A 32 -4.98 5.94 1.92
N MET A 33 -4.59 4.91 2.63
CA MET A 33 -3.21 4.75 3.04
C MET A 33 -2.80 3.30 2.96
N LEU A 34 -1.52 3.06 2.78
CA LEU A 34 -1.01 1.71 2.75
C LEU A 34 -1.15 1.09 4.15
N GLU A 35 -1.47 -0.18 4.21
CA GLU A 35 -1.69 -0.81 5.49
C GLU A 35 -0.55 -1.75 5.82
N SER A 36 -0.26 -2.66 4.91
CA SER A 36 0.81 -3.63 5.08
C SER A 36 1.20 -4.20 3.71
N THR A 37 2.34 -4.86 3.66
CA THR A 37 2.83 -5.47 2.47
C THR A 37 3.04 -6.97 2.74
N GLU A 38 3.05 -7.78 1.69
CA GLU A 38 3.33 -9.22 1.78
C GLU A 38 3.84 -9.65 0.42
N TYR A 39 4.47 -10.78 0.30
CA TYR A 39 4.91 -11.22 -1.02
C TYR A 39 3.93 -12.25 -1.51
N VAL A 40 3.93 -12.48 -2.80
CA VAL A 40 3.07 -13.49 -3.34
C VAL A 40 3.85 -14.81 -3.38
N PRO A 41 3.45 -15.81 -2.59
CA PRO A 41 4.16 -17.09 -2.48
C PRO A 41 4.25 -17.85 -3.81
N GLY A 42 5.41 -17.79 -4.43
CA GLY A 42 5.63 -18.51 -5.65
C GLY A 42 5.60 -17.60 -6.85
N SER A 43 5.39 -16.34 -6.61
CA SER A 43 5.33 -15.36 -7.63
C SER A 43 6.29 -14.25 -7.30
N THR A 44 7.05 -13.84 -8.26
CA THR A 44 8.05 -12.85 -8.04
C THR A 44 7.43 -11.43 -8.09
N SER A 45 6.57 -11.15 -7.14
CA SER A 45 5.90 -9.88 -7.02
C SER A 45 5.50 -9.63 -5.58
N MET A 46 5.26 -8.38 -5.22
CA MET A 46 4.86 -8.03 -3.86
C MET A 46 3.40 -7.62 -3.88
N LYS A 47 2.69 -7.93 -2.85
CA LYS A 47 1.31 -7.55 -2.70
C LYS A 47 1.19 -6.51 -1.58
N GLY A 48 0.48 -5.44 -1.83
CA GLY A 48 0.26 -4.46 -0.79
C GLY A 48 -1.19 -4.22 -0.60
N ILE A 49 -1.59 -4.04 0.61
CA ILE A 49 -2.95 -3.77 0.97
C ILE A 49 -3.07 -2.33 1.41
N ILE A 50 -3.97 -1.61 0.80
CA ILE A 50 -4.23 -0.24 1.13
C ILE A 50 -5.57 -0.13 1.81
N ARG A 51 -5.59 0.59 2.88
CA ARG A 51 -6.75 0.77 3.66
C ARG A 51 -7.35 2.10 3.26
N VAL A 52 -8.57 2.07 2.82
CA VAL A 52 -9.23 3.29 2.42
C VAL A 52 -10.46 3.47 3.28
N LEU A 53 -10.83 4.68 3.53
CA LEU A 53 -12.00 4.94 4.31
C LEU A 53 -13.19 4.95 3.36
N ASN A 54 -14.19 4.17 3.67
CA ASN A 54 -15.41 4.08 2.89
C ASN A 54 -16.20 5.36 3.09
N ILE A 55 -16.03 6.25 2.18
CA ILE A 55 -16.68 7.55 2.26
C ILE A 55 -17.59 7.80 1.07
N SER A 56 -17.48 6.93 0.12
CA SER A 56 -18.12 7.07 -1.13
C SER A 56 -18.36 5.71 -1.69
N PHE A 57 -19.19 5.57 -2.69
CA PHE A 57 -19.36 4.31 -3.36
C PHE A 57 -18.50 4.26 -4.58
N GLU A 58 -18.51 5.36 -5.31
CA GLU A 58 -17.65 5.54 -6.44
C GLU A 58 -16.28 5.89 -5.93
N LYS A 59 -15.47 4.90 -5.82
CA LYS A 59 -14.18 5.04 -5.29
C LYS A 59 -13.13 4.39 -6.22
N LEU A 60 -12.14 5.14 -6.59
CA LEU A 60 -11.05 4.65 -7.40
C LEU A 60 -9.77 4.71 -6.67
N VAL A 61 -9.15 3.57 -6.52
CA VAL A 61 -7.88 3.49 -5.86
C VAL A 61 -6.80 3.26 -6.91
N TYR A 62 -6.05 4.27 -7.22
CA TYR A 62 -4.96 4.15 -8.15
C TYR A 62 -3.63 4.19 -7.44
N VAL A 63 -2.77 3.33 -7.81
CA VAL A 63 -1.45 3.27 -7.25
C VAL A 63 -0.44 3.67 -8.30
N ARG A 64 0.33 4.67 -8.02
CA ARG A 64 1.39 5.07 -8.90
C ARG A 64 2.69 4.92 -8.17
N MET A 65 3.69 4.34 -8.81
CA MET A 65 4.99 4.19 -8.18
C MET A 65 6.00 4.88 -9.04
N SER A 66 7.13 5.14 -8.46
CA SER A 66 8.25 5.59 -9.16
C SER A 66 9.46 5.28 -8.32
N LEU A 67 10.53 4.91 -8.94
CA LEU A 67 11.76 4.65 -8.23
C LEU A 67 12.64 5.88 -8.32
N ASP A 68 12.14 6.89 -8.99
CA ASP A 68 12.92 8.05 -9.30
C ASP A 68 12.06 9.30 -8.99
N ASP A 69 12.30 10.39 -9.68
CA ASP A 69 11.66 11.71 -9.50
C ASP A 69 10.14 11.73 -9.86
N TRP A 70 9.63 10.56 -10.24
CA TRP A 70 8.22 10.33 -10.68
C TRP A 70 8.02 10.58 -12.15
N GLN A 71 9.12 10.44 -12.87
CA GLN A 71 9.13 10.51 -14.33
C GLN A 71 8.42 9.27 -14.91
N THR A 72 8.39 8.21 -14.12
CA THR A 72 7.75 6.99 -14.48
C THR A 72 6.69 6.67 -13.43
N HIS A 73 5.59 6.09 -13.87
CA HIS A 73 4.48 5.70 -13.02
C HIS A 73 3.62 4.64 -13.72
N TYR A 74 3.62 3.44 -13.17
CA TYR A 74 2.94 2.28 -13.77
C TYR A 74 1.41 2.34 -13.83
N ASP A 75 0.87 3.23 -13.06
CA ASP A 75 -0.59 3.41 -12.86
C ASP A 75 -1.34 2.11 -12.69
N ILE A 76 -1.42 1.66 -11.50
CA ILE A 76 -2.14 0.45 -11.21
C ILE A 76 -3.45 0.78 -10.59
N LEU A 77 -4.49 0.27 -11.15
CA LEU A 77 -5.77 0.40 -10.56
C LEU A 77 -5.84 -0.72 -9.52
N ALA A 78 -5.95 -0.35 -8.28
CA ALA A 78 -5.95 -1.33 -7.21
C ALA A 78 -7.26 -2.07 -7.17
N GLU A 79 -7.19 -3.34 -7.01
CA GLU A 79 -8.37 -4.18 -7.04
C GLU A 79 -8.93 -4.33 -5.65
N TYR A 80 -10.24 -4.24 -5.55
CA TYR A 80 -10.95 -4.35 -4.29
C TYR A 80 -10.92 -5.77 -3.78
N VAL A 81 -10.56 -5.91 -2.53
CA VAL A 81 -10.57 -7.18 -1.89
C VAL A 81 -12.00 -7.48 -1.44
N PRO A 82 -12.61 -8.53 -1.99
CA PRO A 82 -14.02 -8.88 -1.76
C PRO A 82 -14.44 -8.90 -0.29
N ASN A 83 -15.43 -8.07 0.02
CA ASN A 83 -16.09 -8.00 1.35
C ASN A 83 -15.14 -7.58 2.46
N SER A 84 -14.11 -6.82 2.12
CA SER A 84 -13.19 -6.34 3.13
C SER A 84 -13.80 -5.17 3.90
N CYS A 85 -14.65 -4.44 3.24
CA CYS A 85 -15.30 -3.30 3.85
C CYS A 85 -16.33 -3.75 4.85
N ASP A 86 -16.27 -3.19 6.03
CA ASP A 86 -17.22 -3.51 7.09
C ASP A 86 -17.94 -2.23 7.52
N GLY A 87 -18.24 -1.41 6.53
CA GLY A 87 -18.99 -0.22 6.78
C GLY A 87 -18.16 1.03 6.74
N GLU A 88 -17.04 1.04 7.41
CA GLU A 88 -16.25 2.24 7.52
C GLU A 88 -15.04 2.25 6.62
N THR A 89 -14.40 1.15 6.44
CA THR A 89 -13.19 1.16 5.68
C THR A 89 -13.15 0.00 4.70
N ASP A 90 -12.47 0.16 3.59
CA ASP A 90 -12.32 -0.88 2.59
C ASP A 90 -10.85 -1.26 2.53
N GLN A 91 -10.54 -2.34 1.84
CA GLN A 91 -9.17 -2.77 1.63
C GLN A 91 -8.99 -3.12 0.17
N PHE A 92 -7.94 -2.60 -0.41
CA PHE A 92 -7.62 -2.83 -1.80
C PHE A 92 -6.21 -3.34 -1.89
N SER A 93 -5.87 -3.99 -2.97
CA SER A 93 -4.56 -4.52 -3.10
C SER A 93 -4.02 -4.32 -4.51
N PHE A 94 -2.72 -4.34 -4.63
CA PHE A 94 -2.02 -4.18 -5.88
C PHE A 94 -0.73 -4.97 -5.78
N LYS A 95 0.02 -5.10 -6.84
CA LYS A 95 1.27 -5.77 -6.76
C LYS A 95 2.43 -4.92 -7.28
N ILE A 96 3.62 -5.30 -6.90
CA ILE A 96 4.87 -4.65 -7.25
C ILE A 96 5.85 -5.69 -7.85
N SER A 97 6.98 -5.21 -8.39
CA SER A 97 8.08 -5.99 -8.97
C SER A 97 8.61 -7.14 -8.05
N LEU A 98 9.74 -7.73 -8.46
CA LEU A 98 10.34 -8.89 -7.79
C LEU A 98 10.77 -8.55 -6.36
N VAL A 99 10.81 -9.57 -5.54
CA VAL A 99 11.12 -9.43 -4.14
C VAL A 99 12.27 -10.33 -3.68
N PRO A 100 12.92 -9.93 -2.56
CA PRO A 100 14.10 -10.56 -1.94
C PRO A 100 14.27 -12.07 -2.04
N PRO A 101 13.29 -12.94 -1.60
CA PRO A 101 13.52 -14.38 -1.51
C PRO A 101 13.92 -15.00 -2.85
N TYR A 102 13.56 -14.33 -3.93
CA TYR A 102 13.82 -14.82 -5.25
C TYR A 102 15.05 -14.13 -5.83
N GLN A 103 15.08 -12.83 -5.69
CA GLN A 103 16.12 -12.03 -6.25
C GLN A 103 16.37 -10.84 -5.32
N LYS A 104 17.55 -10.79 -4.74
CA LYS A 104 17.89 -9.74 -3.80
C LYS A 104 18.52 -8.56 -4.52
N ASP A 105 17.71 -7.82 -5.23
CA ASP A 105 18.20 -6.65 -5.94
C ASP A 105 17.91 -5.40 -5.14
N GLY A 106 16.81 -4.77 -5.47
CA GLY A 106 16.41 -3.58 -4.82
C GLY A 106 15.04 -3.22 -5.27
N SER A 107 14.31 -2.57 -4.42
CA SER A 107 13.00 -2.11 -4.75
C SER A 107 13.11 -0.60 -4.90
N LYS A 108 13.35 0.08 -3.75
CA LYS A 108 13.65 1.53 -3.68
C LYS A 108 12.54 2.34 -4.31
N VAL A 109 11.37 1.78 -4.24
CA VAL A 109 10.22 2.31 -4.87
C VAL A 109 9.45 3.25 -3.94
N GLU A 110 8.91 4.29 -4.53
CA GLU A 110 8.04 5.23 -3.89
C GLU A 110 6.70 5.15 -4.56
N PHE A 111 5.67 4.83 -3.84
CA PHE A 111 4.36 4.76 -4.44
C PHE A 111 3.37 5.54 -3.62
N CYS A 112 2.30 5.96 -4.25
CA CYS A 112 1.24 6.66 -3.58
C CYS A 112 -0.09 6.27 -4.16
N ILE A 113 -1.12 6.48 -3.40
CA ILE A 113 -2.44 6.09 -3.76
C ILE A 113 -3.30 7.30 -4.05
N ARG A 114 -3.90 7.24 -5.20
CA ARG A 114 -4.84 8.21 -5.69
C ARG A 114 -6.24 7.66 -5.47
N TYR A 115 -6.88 8.12 -4.43
CA TYR A 115 -8.20 7.66 -4.08
C TYR A 115 -9.24 8.67 -4.54
N GLU A 116 -9.79 8.43 -5.70
CA GLU A 116 -10.77 9.32 -6.27
C GLU A 116 -12.16 8.92 -5.84
N THR A 117 -12.81 9.78 -5.13
CA THR A 117 -14.16 9.51 -4.73
C THR A 117 -15.04 10.65 -5.15
N SER A 118 -16.32 10.50 -4.94
CA SER A 118 -17.28 11.54 -5.28
C SER A 118 -17.06 12.77 -4.38
N VAL A 119 -16.40 12.58 -3.25
CA VAL A 119 -16.17 13.65 -2.32
C VAL A 119 -14.68 14.03 -2.27
N GLY A 120 -14.03 13.99 -3.43
CA GLY A 120 -12.67 14.42 -3.51
C GLY A 120 -11.72 13.30 -3.81
N THR A 121 -10.61 13.66 -4.37
CA THR A 121 -9.53 12.75 -4.61
C THR A 121 -8.54 12.85 -3.47
N PHE A 122 -8.29 11.76 -2.81
CA PHE A 122 -7.40 11.73 -1.68
C PHE A 122 -6.13 10.98 -2.01
N TRP A 123 -5.06 11.70 -2.07
CA TRP A 123 -3.76 11.09 -2.23
C TRP A 123 -3.20 10.75 -0.86
N SER A 124 -2.65 9.56 -0.75
CA SER A 124 -2.06 9.09 0.48
C SER A 124 -0.87 9.96 0.89
N ASN A 125 0.16 9.98 0.03
CA ASN A 125 1.42 10.69 0.24
C ASN A 125 2.05 10.19 1.58
N ASN A 126 2.90 10.98 2.19
CA ASN A 126 3.47 10.66 3.49
C ASN A 126 4.08 11.94 4.03
N ASN A 127 5.19 12.38 3.43
CA ASN A 127 5.85 13.65 3.78
C ASN A 127 7.01 13.95 2.84
N GLY A 128 8.12 13.31 3.11
CA GLY A 128 9.28 13.44 2.25
C GLY A 128 9.47 12.16 1.55
N THR A 129 9.39 11.11 2.32
CA THR A 129 9.32 9.78 1.84
C THR A 129 7.84 9.53 1.58
N ASN A 130 7.51 8.55 0.80
CA ASN A 130 6.13 8.21 0.58
C ASN A 130 5.85 6.82 1.10
N TYR A 131 6.37 5.84 0.42
CA TYR A 131 6.28 4.45 0.83
C TYR A 131 7.47 3.75 0.23
N THR A 132 8.63 4.00 0.78
CA THR A 132 9.85 3.44 0.27
C THR A 132 10.13 2.07 0.89
N LEU A 133 10.48 1.09 0.07
CA LEU A 133 10.81 -0.22 0.59
C LEU A 133 12.11 -0.70 0.04
N VAL A 134 12.79 -1.47 0.81
CA VAL A 134 14.03 -2.04 0.44
C VAL A 134 13.94 -3.56 0.42
N CYS A 135 14.21 -4.12 -0.75
CA CYS A 135 14.34 -5.54 -1.01
C CYS A 135 15.10 -6.30 0.10
N GLN A 136 14.36 -6.71 1.11
CA GLN A 136 14.83 -7.58 2.16
C GLN A 136 13.61 -8.09 2.92
N LYS A 137 13.66 -9.37 3.23
CA LYS A 137 12.61 -10.07 3.93
C LYS A 137 12.66 -9.77 5.42
N LYS A 138 11.51 -9.95 6.08
CA LYS A 138 11.30 -9.62 7.50
C LYS A 138 12.36 -10.18 8.45
N GLU A 139 12.56 -11.48 8.41
CA GLU A 139 13.53 -12.08 9.27
C GLU A 139 14.89 -11.96 8.62
N GLY A 1 -0.30 -7.30 19.27
CA GLY A 1 0.06 -8.71 19.18
C GLY A 1 1.37 -8.88 18.49
N HIS A 2 2.41 -9.11 19.23
CA HIS A 2 3.71 -9.33 18.65
C HIS A 2 3.99 -10.82 18.57
N MET A 3 4.02 -11.33 17.37
CA MET A 3 4.32 -12.74 17.14
C MET A 3 5.63 -12.85 16.41
N GLN A 4 6.23 -14.00 16.48
CA GLN A 4 7.42 -14.31 15.72
C GLN A 4 7.09 -15.37 14.70
N THR A 5 6.76 -14.91 13.54
CA THR A 5 6.34 -15.75 12.47
C THR A 5 7.27 -15.49 11.29
N GLU A 6 7.65 -16.54 10.59
CA GLU A 6 8.35 -16.35 9.35
C GLU A 6 7.37 -15.78 8.36
N GLU A 7 7.61 -14.57 8.00
CA GLU A 7 6.69 -13.80 7.22
C GLU A 7 7.45 -12.99 6.20
N TYR A 8 6.87 -12.82 5.04
CA TYR A 8 7.50 -12.05 4.01
C TYR A 8 6.86 -10.68 3.95
N VAL A 9 7.54 -9.69 4.45
CA VAL A 9 7.07 -8.33 4.37
C VAL A 9 8.20 -7.49 3.92
N LEU A 10 7.89 -6.40 3.27
CA LEU A 10 8.85 -5.51 2.76
C LEU A 10 9.06 -4.40 3.77
N SER A 11 10.30 -4.03 3.98
CA SER A 11 10.67 -3.03 4.95
C SER A 11 10.43 -1.62 4.38
N PRO A 12 9.53 -0.86 5.00
CA PRO A 12 9.17 0.48 4.57
C PRO A 12 10.01 1.58 5.23
N LEU A 13 10.13 2.70 4.54
CA LEU A 13 10.80 3.89 5.08
C LEU A 13 9.74 4.94 5.24
N PHE A 14 8.64 4.47 5.64
CA PHE A 14 7.47 5.26 5.90
C PHE A 14 6.73 4.62 7.04
N ASP A 15 5.61 5.16 7.36
CA ASP A 15 4.87 4.66 8.50
C ASP A 15 3.61 3.96 8.12
N LEU A 16 3.43 2.83 8.75
CA LEU A 16 2.30 1.97 8.53
C LEU A 16 1.45 1.88 9.79
N PRO A 17 0.19 1.42 9.68
CA PRO A 17 -0.69 1.27 10.83
C PRO A 17 -0.16 0.24 11.82
N ALA A 18 0.27 0.72 12.97
CA ALA A 18 0.81 -0.14 14.02
C ALA A 18 -0.31 -0.98 14.64
N SER A 19 -1.49 -0.43 14.65
CA SER A 19 -2.67 -1.05 15.16
C SER A 19 -3.82 -0.43 14.39
N LYS A 20 -5.00 -1.00 14.47
CA LYS A 20 -6.17 -0.45 13.78
C LYS A 20 -6.59 0.86 14.38
N GLU A 21 -6.31 1.04 15.66
CA GLU A 21 -6.59 2.28 16.35
C GLU A 21 -5.75 3.41 15.74
N ASP A 22 -4.44 3.17 15.66
CA ASP A 22 -3.49 4.14 15.11
C ASP A 22 -3.75 4.31 13.63
N LEU A 23 -4.30 3.28 13.03
CA LEU A 23 -4.71 3.31 11.64
C LEU A 23 -5.84 4.29 11.44
N MET A 24 -6.94 4.05 12.14
CA MET A 24 -8.15 4.83 11.97
C MET A 24 -7.93 6.31 12.29
N GLN A 25 -7.12 6.59 13.31
CA GLN A 25 -6.87 7.98 13.72
C GLN A 25 -6.16 8.80 12.62
N GLN A 26 -5.27 8.18 11.88
CA GLN A 26 -4.56 8.88 10.80
C GLN A 26 -5.37 8.73 9.52
N LEU A 27 -6.26 7.76 9.54
CA LEU A 27 -7.13 7.46 8.44
C LEU A 27 -8.27 8.48 8.41
N GLN A 28 -8.24 9.39 9.35
CA GLN A 28 -9.18 10.49 9.41
C GLN A 28 -8.65 11.64 8.56
N VAL A 29 -7.41 11.50 8.15
CA VAL A 29 -6.74 12.49 7.35
C VAL A 29 -6.47 11.95 5.95
N GLN A 30 -5.60 10.97 5.90
CA GLN A 30 -5.11 10.40 4.65
C GLN A 30 -5.79 9.10 4.33
N LYS A 31 -7.10 9.18 4.34
CA LYS A 31 -8.14 8.10 4.19
C LYS A 31 -7.72 6.80 3.47
N ALA A 32 -6.89 6.88 2.49
CA ALA A 32 -6.41 5.73 1.78
C ALA A 32 -4.94 5.58 2.03
N MET A 33 -4.57 4.58 2.78
CA MET A 33 -3.17 4.36 3.06
C MET A 33 -2.83 2.90 2.98
N LEU A 34 -1.58 2.61 2.76
CA LEU A 34 -1.10 1.25 2.73
C LEU A 34 -1.29 0.68 4.14
N GLU A 35 -1.80 -0.53 4.24
CA GLU A 35 -2.08 -1.11 5.53
C GLU A 35 -0.96 -2.07 5.91
N SER A 36 -0.70 -3.03 5.06
CA SER A 36 0.35 -4.00 5.30
C SER A 36 0.94 -4.49 3.98
N THR A 37 2.24 -4.72 3.98
CA THR A 37 2.95 -5.22 2.82
C THR A 37 3.19 -6.71 3.01
N GLU A 38 3.07 -7.50 1.96
CA GLU A 38 3.39 -8.90 2.02
C GLU A 38 3.83 -9.35 0.66
N TYR A 39 4.50 -10.48 0.57
CA TYR A 39 4.90 -10.98 -0.73
C TYR A 39 3.94 -12.04 -1.17
N VAL A 40 3.90 -12.29 -2.44
CA VAL A 40 3.01 -13.29 -2.97
C VAL A 40 3.71 -14.64 -2.91
N PRO A 41 3.16 -15.60 -2.15
CA PRO A 41 3.77 -16.91 -1.96
C PRO A 41 3.97 -17.66 -3.28
N GLY A 42 5.21 -17.75 -3.69
CA GLY A 42 5.54 -18.47 -4.89
C GLY A 42 5.36 -17.65 -6.15
N SER A 43 5.27 -16.34 -6.03
CA SER A 43 5.17 -15.48 -7.18
C SER A 43 6.18 -14.35 -7.06
N THR A 44 6.70 -13.90 -8.16
CA THR A 44 7.75 -12.92 -8.18
C THR A 44 7.16 -11.48 -8.12
N SER A 45 6.42 -11.18 -7.05
CA SER A 45 5.77 -9.89 -6.89
C SER A 45 5.45 -9.62 -5.41
N MET A 46 5.26 -8.36 -5.07
CA MET A 46 4.81 -7.98 -3.73
C MET A 46 3.29 -7.77 -3.82
N LYS A 47 2.63 -7.87 -2.70
CA LYS A 47 1.20 -7.64 -2.63
C LYS A 47 0.96 -6.65 -1.50
N GLY A 48 0.20 -5.63 -1.75
CA GLY A 48 -0.07 -4.66 -0.70
C GLY A 48 -1.53 -4.42 -0.54
N ILE A 49 -1.94 -4.29 0.69
CA ILE A 49 -3.31 -4.01 1.05
C ILE A 49 -3.39 -2.56 1.46
N ILE A 50 -4.35 -1.85 0.93
CA ILE A 50 -4.59 -0.48 1.26
C ILE A 50 -5.93 -0.37 1.95
N ARG A 51 -5.92 0.29 3.07
CA ARG A 51 -7.13 0.52 3.81
C ARG A 51 -7.63 1.88 3.43
N VAL A 52 -8.82 1.93 2.92
CA VAL A 52 -9.40 3.18 2.53
C VAL A 52 -10.66 3.40 3.34
N LEU A 53 -10.95 4.61 3.66
CA LEU A 53 -12.13 4.92 4.40
C LEU A 53 -13.29 5.04 3.42
N ASN A 54 -14.33 4.30 3.68
CA ASN A 54 -15.52 4.31 2.86
C ASN A 54 -16.26 5.61 3.10
N ILE A 55 -16.12 6.49 2.17
CA ILE A 55 -16.70 7.81 2.27
C ILE A 55 -17.46 8.14 1.01
N SER A 56 -17.43 7.22 0.09
CA SER A 56 -17.92 7.45 -1.24
C SER A 56 -18.19 6.14 -1.93
N PHE A 57 -19.25 6.12 -2.73
CA PHE A 57 -19.60 4.96 -3.51
C PHE A 57 -18.61 4.74 -4.64
N GLU A 58 -18.41 5.75 -5.45
CA GLU A 58 -17.41 5.71 -6.47
C GLU A 58 -16.09 6.05 -5.85
N LYS A 59 -15.35 5.03 -5.55
CA LYS A 59 -14.07 5.19 -4.98
C LYS A 59 -13.02 4.48 -5.84
N LEU A 60 -12.05 5.23 -6.28
CA LEU A 60 -10.97 4.73 -7.07
C LEU A 60 -9.69 4.74 -6.32
N VAL A 61 -9.15 3.57 -6.13
CA VAL A 61 -7.87 3.43 -5.47
C VAL A 61 -6.84 3.12 -6.53
N TYR A 62 -6.08 4.10 -6.89
CA TYR A 62 -5.05 3.94 -7.86
C TYR A 62 -3.68 3.96 -7.21
N VAL A 63 -2.84 3.08 -7.62
CA VAL A 63 -1.49 3.01 -7.10
C VAL A 63 -0.50 3.41 -8.18
N ARG A 64 0.30 4.40 -7.91
CA ARG A 64 1.32 4.82 -8.84
C ARG A 64 2.68 4.63 -8.21
N MET A 65 3.59 3.98 -8.90
CA MET A 65 4.93 3.81 -8.38
C MET A 65 5.92 4.41 -9.31
N SER A 66 7.08 4.66 -8.80
CA SER A 66 8.20 5.08 -9.58
C SER A 66 9.47 4.79 -8.79
N LEU A 67 10.49 4.31 -9.48
CA LEU A 67 11.81 4.07 -8.87
C LEU A 67 12.70 5.23 -9.25
N ASP A 68 12.07 6.29 -9.63
CA ASP A 68 12.71 7.43 -10.19
C ASP A 68 12.11 8.68 -9.53
N ASP A 69 12.60 9.83 -9.92
CA ASP A 69 12.13 11.17 -9.55
C ASP A 69 10.63 11.38 -9.90
N TRP A 70 10.08 10.38 -10.62
CA TRP A 70 8.67 10.21 -10.99
C TRP A 70 8.35 10.61 -12.41
N GLN A 71 9.22 10.21 -13.34
CA GLN A 71 8.97 10.49 -14.77
C GLN A 71 7.92 9.52 -15.28
N THR A 72 7.85 8.37 -14.65
CA THR A 72 7.00 7.31 -15.10
C THR A 72 6.21 6.73 -13.92
N HIS A 73 5.07 6.10 -14.22
CA HIS A 73 4.18 5.49 -13.24
C HIS A 73 3.37 4.39 -13.90
N TYR A 74 3.27 3.25 -13.27
CA TYR A 74 2.53 2.10 -13.83
C TYR A 74 1.04 2.11 -13.44
N ASP A 75 0.55 3.31 -13.07
CA ASP A 75 -0.74 3.55 -12.35
C ASP A 75 -1.74 2.40 -12.40
N ILE A 76 -1.69 1.64 -11.35
CA ILE A 76 -2.47 0.43 -11.20
C ILE A 76 -3.77 0.75 -10.51
N LEU A 77 -4.85 0.27 -11.03
CA LEU A 77 -6.10 0.39 -10.35
C LEU A 77 -6.14 -0.80 -9.39
N ALA A 78 -6.20 -0.53 -8.12
CA ALA A 78 -6.16 -1.58 -7.12
C ALA A 78 -7.44 -2.42 -7.13
N GLU A 79 -7.29 -3.69 -6.85
CA GLU A 79 -8.40 -4.61 -6.82
C GLU A 79 -9.06 -4.56 -5.47
N TYR A 80 -10.35 -4.39 -5.45
CA TYR A 80 -11.11 -4.37 -4.24
C TYR A 80 -11.18 -5.77 -3.65
N VAL A 81 -10.86 -5.90 -2.39
CA VAL A 81 -10.96 -7.16 -1.71
C VAL A 81 -12.44 -7.44 -1.44
N PRO A 82 -12.98 -8.52 -2.00
CA PRO A 82 -14.40 -8.86 -1.93
C PRO A 82 -14.98 -8.82 -0.53
N ASN A 83 -15.92 -7.89 -0.33
CA ASN A 83 -16.68 -7.75 0.90
C ASN A 83 -15.84 -7.33 2.09
N SER A 84 -14.73 -6.67 1.81
CA SER A 84 -13.85 -6.21 2.88
C SER A 84 -14.43 -5.00 3.61
N CYS A 85 -15.29 -4.28 2.93
CA CYS A 85 -15.89 -3.10 3.48
C CYS A 85 -17.11 -3.46 4.29
N ASP A 86 -17.21 -2.89 5.46
CA ASP A 86 -18.39 -3.02 6.25
C ASP A 86 -18.82 -1.66 6.72
N GLY A 87 -19.19 -0.84 5.77
CA GLY A 87 -19.74 0.46 6.04
C GLY A 87 -18.70 1.54 6.24
N GLU A 88 -17.65 1.24 6.97
CA GLU A 88 -16.70 2.25 7.34
C GLU A 88 -15.42 2.22 6.52
N THR A 89 -14.80 1.09 6.34
CA THR A 89 -13.54 1.07 5.62
C THR A 89 -13.54 -0.05 4.58
N ASP A 90 -12.87 0.18 3.47
CA ASP A 90 -12.72 -0.81 2.40
C ASP A 90 -11.26 -1.21 2.35
N GLN A 91 -10.97 -2.35 1.77
CA GLN A 91 -9.59 -2.77 1.60
C GLN A 91 -9.35 -3.15 0.15
N PHE A 92 -8.27 -2.69 -0.38
CA PHE A 92 -7.89 -2.96 -1.74
C PHE A 92 -6.50 -3.54 -1.77
N SER A 93 -6.15 -4.20 -2.82
CA SER A 93 -4.83 -4.75 -2.93
C SER A 93 -4.27 -4.55 -4.34
N PHE A 94 -2.98 -4.48 -4.44
CA PHE A 94 -2.31 -4.29 -5.71
C PHE A 94 -1.02 -5.09 -5.67
N LYS A 95 -0.30 -5.11 -6.77
CA LYS A 95 0.95 -5.82 -6.81
C LYS A 95 2.09 -4.89 -7.23
N ILE A 96 3.28 -5.31 -6.91
CA ILE A 96 4.51 -4.65 -7.28
C ILE A 96 5.38 -5.71 -7.92
N SER A 97 6.42 -5.30 -8.61
CA SER A 97 7.40 -6.15 -9.23
C SER A 97 8.08 -7.12 -8.21
N LEU A 98 9.10 -7.82 -8.68
CA LEU A 98 9.85 -8.80 -7.89
C LEU A 98 10.41 -8.23 -6.58
N VAL A 99 10.69 -9.11 -5.66
CA VAL A 99 11.16 -8.77 -4.34
C VAL A 99 12.25 -9.72 -3.88
N PRO A 100 12.95 -9.37 -2.75
CA PRO A 100 14.05 -10.10 -2.11
C PRO A 100 14.11 -11.62 -2.27
N PRO A 101 13.02 -12.42 -2.02
CA PRO A 101 13.12 -13.87 -2.11
C PRO A 101 13.72 -14.36 -3.46
N TYR A 102 13.62 -13.52 -4.50
CA TYR A 102 14.16 -13.83 -5.80
C TYR A 102 15.33 -12.89 -6.16
N GLN A 103 15.49 -11.80 -5.42
CA GLN A 103 16.55 -10.81 -5.68
C GLN A 103 16.69 -9.88 -4.47
N LYS A 104 17.80 -9.98 -3.79
CA LYS A 104 18.03 -9.25 -2.54
C LYS A 104 18.95 -8.05 -2.77
N ASP A 105 19.06 -7.64 -4.02
CA ASP A 105 19.97 -6.56 -4.43
C ASP A 105 19.58 -5.20 -3.83
N GLY A 106 18.32 -4.86 -3.93
CA GLY A 106 17.86 -3.58 -3.42
C GLY A 106 17.19 -2.79 -4.51
N SER A 107 16.10 -2.13 -4.21
CA SER A 107 15.38 -1.44 -5.25
C SER A 107 15.21 0.07 -4.99
N LYS A 108 14.34 0.40 -4.03
CA LYS A 108 13.90 1.77 -3.76
C LYS A 108 12.90 2.24 -4.76
N VAL A 109 11.71 1.83 -4.53
CA VAL A 109 10.61 2.20 -5.30
C VAL A 109 9.68 2.99 -4.40
N GLU A 110 9.09 4.02 -4.93
CA GLU A 110 8.09 4.73 -4.20
C GLU A 110 6.78 4.50 -4.84
N PHE A 111 5.75 4.40 -4.07
CA PHE A 111 4.43 4.35 -4.63
C PHE A 111 3.52 5.24 -3.83
N CYS A 112 2.42 5.59 -4.39
CA CYS A 112 1.42 6.37 -3.69
C CYS A 112 0.06 6.01 -4.17
N ILE A 113 -0.90 6.25 -3.33
CA ILE A 113 -2.27 5.94 -3.65
C ILE A 113 -3.05 7.20 -3.99
N ARG A 114 -3.68 7.14 -5.12
CA ARG A 114 -4.58 8.14 -5.61
C ARG A 114 -5.97 7.64 -5.34
N TYR A 115 -6.57 8.17 -4.33
CA TYR A 115 -7.89 7.77 -3.93
C TYR A 115 -8.90 8.79 -4.40
N GLU A 116 -9.41 8.59 -5.58
CA GLU A 116 -10.39 9.48 -6.15
C GLU A 116 -11.75 9.07 -5.68
N THR A 117 -12.37 9.91 -4.92
CA THR A 117 -13.70 9.62 -4.47
C THR A 117 -14.64 10.70 -4.91
N SER A 118 -15.89 10.58 -4.51
CA SER A 118 -16.92 11.50 -4.85
C SER A 118 -16.83 12.73 -3.92
N VAL A 119 -15.97 12.66 -2.92
CA VAL A 119 -15.81 13.76 -2.00
C VAL A 119 -14.33 14.18 -1.91
N GLY A 120 -13.64 14.15 -3.03
CA GLY A 120 -12.27 14.55 -3.04
C GLY A 120 -11.36 13.44 -3.47
N THR A 121 -10.20 13.81 -3.87
CA THR A 121 -9.16 12.89 -4.23
C THR A 121 -8.07 12.92 -3.16
N PHE A 122 -7.87 11.81 -2.53
CA PHE A 122 -6.93 11.71 -1.47
C PHE A 122 -5.67 11.01 -1.94
N TRP A 123 -4.62 11.73 -2.00
CA TRP A 123 -3.32 11.18 -2.31
C TRP A 123 -2.60 10.92 -1.02
N SER A 124 -2.17 9.72 -0.81
CA SER A 124 -1.44 9.40 0.39
C SER A 124 0.03 9.71 0.19
N ASN A 125 0.47 10.78 0.80
CA ASN A 125 1.85 11.23 0.68
C ASN A 125 2.38 11.52 2.06
N ASN A 126 3.49 10.94 2.39
CA ASN A 126 4.13 11.19 3.67
C ASN A 126 5.09 12.39 3.51
N ASN A 127 5.62 12.90 4.59
CA ASN A 127 6.45 14.10 4.58
C ASN A 127 7.83 13.87 3.99
N GLY A 128 7.87 14.02 2.72
CA GLY A 128 9.14 14.00 1.99
C GLY A 128 9.36 12.71 1.27
N THR A 129 8.49 11.79 1.51
CA THR A 129 8.56 10.51 0.91
C THR A 129 7.15 10.07 0.63
N ASN A 130 6.90 9.47 -0.48
CA ASN A 130 5.56 9.00 -0.74
C ASN A 130 5.38 7.71 0.00
N TYR A 131 6.11 6.71 -0.43
CA TYR A 131 6.23 5.43 0.23
C TYR A 131 7.50 4.79 -0.33
N THR A 132 8.64 5.02 0.29
CA THR A 132 9.89 4.41 -0.19
C THR A 132 10.10 3.06 0.51
N LEU A 133 10.48 2.05 -0.24
CA LEU A 133 10.72 0.74 0.33
C LEU A 133 12.10 0.20 -0.02
N VAL A 134 12.74 -0.39 0.96
CA VAL A 134 13.97 -1.10 0.76
C VAL A 134 13.64 -2.56 0.59
N CYS A 135 13.70 -3.03 -0.63
CA CYS A 135 13.36 -4.39 -0.97
C CYS A 135 14.27 -5.41 -0.29
N GLN A 136 13.84 -5.80 0.88
CA GLN A 136 14.48 -6.77 1.71
C GLN A 136 13.38 -7.47 2.47
N LYS A 137 13.56 -8.71 2.78
CA LYS A 137 12.51 -9.51 3.35
C LYS A 137 12.58 -9.41 4.87
N LYS A 138 11.51 -9.78 5.54
CA LYS A 138 11.50 -9.79 6.97
C LYS A 138 12.40 -10.90 7.53
N GLU A 139 12.05 -12.16 7.29
CA GLU A 139 12.84 -13.25 7.79
C GLU A 139 13.65 -13.88 6.67
N GLY A 1 5.76 -29.23 17.19
CA GLY A 1 5.91 -29.08 15.74
C GLY A 1 7.03 -28.14 15.40
N HIS A 2 7.39 -28.10 14.14
CA HIS A 2 8.48 -27.26 13.66
C HIS A 2 7.89 -26.18 12.80
N MET A 3 8.43 -25.00 12.87
CA MET A 3 7.90 -23.90 12.12
C MET A 3 8.95 -23.35 11.19
N GLN A 4 8.52 -22.90 10.04
CA GLN A 4 9.42 -22.25 9.13
C GLN A 4 9.44 -20.79 9.45
N THR A 5 10.60 -20.27 9.74
CA THR A 5 10.70 -18.90 10.14
C THR A 5 11.18 -18.04 8.98
N GLU A 6 11.10 -18.61 7.82
CA GLU A 6 11.52 -17.95 6.59
C GLU A 6 10.36 -17.12 6.01
N GLU A 7 9.70 -16.53 6.95
CA GLU A 7 8.57 -15.66 6.80
C GLU A 7 8.99 -14.45 5.98
N TYR A 8 8.37 -14.28 4.86
CA TYR A 8 8.73 -13.24 3.96
C TYR A 8 7.95 -11.95 4.16
N VAL A 9 8.59 -11.03 4.83
CA VAL A 9 8.04 -9.72 5.12
C VAL A 9 8.98 -8.70 4.54
N LEU A 10 8.46 -7.58 4.12
CA LEU A 10 9.28 -6.54 3.56
C LEU A 10 9.63 -5.50 4.60
N SER A 11 10.73 -4.83 4.38
CA SER A 11 11.22 -3.84 5.29
C SER A 11 10.79 -2.45 4.79
N PRO A 12 9.84 -1.81 5.48
CA PRO A 12 9.32 -0.53 5.09
C PRO A 12 10.01 0.65 5.78
N LEU A 13 10.09 1.76 5.07
CA LEU A 13 10.71 2.98 5.59
C LEU A 13 9.62 4.01 5.73
N PHE A 14 8.49 3.54 6.13
CA PHE A 14 7.32 4.37 6.31
C PHE A 14 6.53 3.92 7.52
N ASP A 15 5.38 4.52 7.70
CA ASP A 15 4.55 4.28 8.84
C ASP A 15 3.38 3.41 8.46
N LEU A 16 3.11 2.43 9.28
CA LEU A 16 1.97 1.57 9.12
C LEU A 16 0.99 1.83 10.25
N PRO A 17 -0.28 1.40 10.12
CA PRO A 17 -1.26 1.58 11.18
C PRO A 17 -0.93 0.67 12.37
N ALA A 18 -0.31 1.25 13.38
CA ALA A 18 0.11 0.52 14.57
C ALA A 18 -1.08 0.03 15.39
N SER A 19 -2.19 0.70 15.25
CA SER A 19 -3.37 0.35 15.96
C SER A 19 -4.52 0.89 15.15
N LYS A 20 -5.73 0.55 15.55
CA LYS A 20 -6.91 1.07 14.90
C LYS A 20 -7.04 2.55 15.18
N GLU A 21 -6.55 2.99 16.35
CA GLU A 21 -6.58 4.39 16.66
C GLU A 21 -5.60 5.15 15.77
N ASP A 22 -4.36 4.64 15.67
CA ASP A 22 -3.34 5.25 14.79
C ASP A 22 -3.85 5.29 13.37
N LEU A 23 -4.46 4.20 12.95
CA LEU A 23 -5.05 4.05 11.63
C LEU A 23 -6.10 5.12 11.40
N MET A 24 -7.10 5.15 12.25
CA MET A 24 -8.22 6.06 12.07
C MET A 24 -7.80 7.52 12.10
N GLN A 25 -6.88 7.87 13.01
CA GLN A 25 -6.39 9.26 13.13
C GLN A 25 -5.78 9.77 11.82
N GLN A 26 -5.01 8.93 11.15
CA GLN A 26 -4.40 9.33 9.91
C GLN A 26 -5.40 9.20 8.80
N LEU A 27 -6.32 8.28 8.98
CA LEU A 27 -7.31 7.96 7.99
C LEU A 27 -8.39 9.04 7.93
N GLN A 28 -8.31 10.03 8.81
CA GLN A 28 -9.24 11.16 8.78
C GLN A 28 -8.74 12.22 7.82
N VAL A 29 -7.51 12.05 7.41
CA VAL A 29 -6.87 12.96 6.49
C VAL A 29 -6.62 12.26 5.16
N GLN A 30 -5.74 11.31 5.19
CA GLN A 30 -5.24 10.62 4.00
C GLN A 30 -5.93 9.29 3.81
N LYS A 31 -7.25 9.35 3.85
CA LYS A 31 -8.28 8.23 3.82
C LYS A 31 -7.86 6.85 3.27
N ALA A 32 -6.99 6.82 2.33
CA ALA A 32 -6.49 5.60 1.79
C ALA A 32 -5.08 5.41 2.28
N MET A 33 -4.79 4.36 3.01
CA MET A 33 -3.41 4.11 3.40
C MET A 33 -3.09 2.63 3.52
N LEU A 34 -1.86 2.29 3.25
CA LEU A 34 -1.37 0.92 3.22
C LEU A 34 -1.34 0.31 4.60
N GLU A 35 -1.80 -0.91 4.69
CA GLU A 35 -1.94 -1.54 5.98
C GLU A 35 -0.97 -2.70 6.13
N SER A 36 -0.77 -3.47 5.09
CA SER A 36 0.14 -4.60 5.15
C SER A 36 0.70 -4.93 3.78
N THR A 37 1.93 -5.39 3.76
CA THR A 37 2.59 -5.86 2.57
C THR A 37 2.86 -7.35 2.74
N GLU A 38 2.55 -8.12 1.74
CA GLU A 38 2.72 -9.56 1.76
C GLU A 38 3.30 -9.99 0.43
N TYR A 39 4.25 -10.86 0.43
CA TYR A 39 4.84 -11.28 -0.85
C TYR A 39 3.89 -12.24 -1.52
N VAL A 40 3.89 -12.24 -2.82
CA VAL A 40 3.05 -13.15 -3.55
C VAL A 40 3.84 -14.45 -3.72
N PRO A 41 3.33 -15.55 -3.16
CA PRO A 41 4.05 -16.84 -3.13
C PRO A 41 4.43 -17.34 -4.52
N GLY A 42 5.71 -17.24 -4.83
CA GLY A 42 6.25 -17.74 -6.07
C GLY A 42 6.17 -16.74 -7.21
N SER A 43 5.56 -15.61 -6.99
CA SER A 43 5.40 -14.65 -8.05
C SER A 43 6.40 -13.52 -7.86
N THR A 44 6.67 -12.81 -8.92
CA THR A 44 7.63 -11.75 -8.94
C THR A 44 6.94 -10.43 -8.54
N SER A 45 6.16 -10.49 -7.49
CA SER A 45 5.39 -9.36 -7.04
C SER A 45 5.09 -9.46 -5.56
N MET A 46 4.71 -8.37 -4.99
CA MET A 46 4.25 -8.28 -3.64
C MET A 46 2.82 -7.79 -3.68
N LYS A 47 2.05 -8.16 -2.71
CA LYS A 47 0.69 -7.77 -2.62
C LYS A 47 0.58 -6.79 -1.45
N GLY A 48 -0.18 -5.75 -1.62
CA GLY A 48 -0.36 -4.83 -0.53
C GLY A 48 -1.81 -4.54 -0.31
N ILE A 49 -2.21 -4.54 0.94
CA ILE A 49 -3.56 -4.23 1.35
C ILE A 49 -3.62 -2.80 1.82
N ILE A 50 -4.51 -2.04 1.23
CA ILE A 50 -4.71 -0.64 1.56
C ILE A 50 -6.10 -0.46 2.17
N ARG A 51 -6.14 0.21 3.30
CA ARG A 51 -7.37 0.55 3.96
C ARG A 51 -7.80 1.88 3.47
N VAL A 52 -8.93 1.92 2.89
CA VAL A 52 -9.49 3.14 2.45
C VAL A 52 -10.72 3.38 3.25
N LEU A 53 -11.04 4.61 3.48
CA LEU A 53 -12.21 4.89 4.23
C LEU A 53 -13.35 5.11 3.26
N ASN A 54 -14.35 4.30 3.42
CA ASN A 54 -15.54 4.26 2.58
C ASN A 54 -16.32 5.55 2.66
N ILE A 55 -16.13 6.39 1.68
CA ILE A 55 -16.81 7.68 1.64
C ILE A 55 -17.47 7.92 0.28
N SER A 56 -17.19 7.09 -0.66
CA SER A 56 -17.61 7.35 -2.01
C SER A 56 -18.01 6.08 -2.76
N PHE A 57 -19.00 6.24 -3.64
CA PHE A 57 -19.48 5.16 -4.49
C PHE A 57 -18.42 4.65 -5.44
N GLU A 58 -17.89 5.54 -6.24
CA GLU A 58 -16.81 5.17 -7.10
C GLU A 58 -15.51 5.53 -6.43
N LYS A 59 -14.96 4.56 -5.81
CA LYS A 59 -13.78 4.74 -5.06
C LYS A 59 -12.60 4.13 -5.82
N LEU A 60 -11.80 4.98 -6.38
CA LEU A 60 -10.67 4.58 -7.17
C LEU A 60 -9.45 4.50 -6.33
N VAL A 61 -9.09 3.33 -5.94
CA VAL A 61 -7.88 3.13 -5.22
C VAL A 61 -6.81 2.87 -6.25
N TYR A 62 -6.12 3.90 -6.58
CA TYR A 62 -5.16 3.83 -7.62
C TYR A 62 -3.77 3.84 -7.01
N VAL A 63 -2.94 3.01 -7.49
CA VAL A 63 -1.59 2.89 -6.99
C VAL A 63 -0.62 3.35 -8.04
N ARG A 64 0.24 4.25 -7.70
CA ARG A 64 1.24 4.73 -8.62
C ARG A 64 2.58 4.59 -7.98
N MET A 65 3.53 3.99 -8.68
CA MET A 65 4.87 3.83 -8.13
C MET A 65 5.85 4.54 -9.02
N SER A 66 6.96 4.84 -8.48
CA SER A 66 8.06 5.32 -9.21
C SER A 66 9.27 4.86 -8.45
N LEU A 67 10.30 4.53 -9.13
CA LEU A 67 11.46 4.01 -8.48
C LEU A 67 12.51 5.10 -8.35
N ASP A 68 12.13 6.30 -8.66
CA ASP A 68 13.04 7.41 -8.65
C ASP A 68 12.24 8.68 -8.29
N ASP A 69 12.66 9.84 -8.77
CA ASP A 69 12.08 11.18 -8.47
C ASP A 69 10.64 11.36 -8.97
N TRP A 70 10.10 10.31 -9.56
CA TRP A 70 8.77 10.26 -10.19
C TRP A 70 8.83 10.63 -11.64
N GLN A 71 9.71 9.92 -12.32
CA GLN A 71 9.95 10.08 -13.73
C GLN A 71 9.03 9.11 -14.50
N THR A 72 8.43 8.18 -13.77
CA THR A 72 7.66 7.10 -14.33
C THR A 72 6.56 6.70 -13.35
N HIS A 73 5.55 5.98 -13.84
CA HIS A 73 4.44 5.44 -13.05
C HIS A 73 3.81 4.25 -13.75
N TYR A 74 3.50 3.20 -13.02
CA TYR A 74 2.86 2.03 -13.62
C TYR A 74 1.35 2.11 -13.58
N ASP A 75 0.88 3.06 -12.79
CA ASP A 75 -0.54 3.32 -12.48
C ASP A 75 -1.48 2.10 -12.48
N ILE A 76 -1.82 1.67 -11.31
CA ILE A 76 -2.54 0.45 -11.11
C ILE A 76 -3.83 0.69 -10.38
N LEU A 77 -4.87 0.03 -10.80
CA LEU A 77 -6.11 0.07 -10.09
C LEU A 77 -6.12 -1.09 -9.11
N ALA A 78 -6.26 -0.77 -7.85
CA ALA A 78 -6.27 -1.79 -6.82
C ALA A 78 -7.60 -2.52 -6.81
N GLU A 79 -7.56 -3.77 -6.50
CA GLU A 79 -8.72 -4.61 -6.50
C GLU A 79 -9.39 -4.61 -5.13
N TYR A 80 -10.69 -4.49 -5.15
CA TYR A 80 -11.48 -4.50 -3.94
C TYR A 80 -11.63 -5.92 -3.43
N VAL A 81 -11.15 -6.15 -2.23
CA VAL A 81 -11.22 -7.45 -1.62
C VAL A 81 -12.65 -7.70 -1.15
N PRO A 82 -13.28 -8.79 -1.65
CA PRO A 82 -14.68 -9.15 -1.36
C PRO A 82 -15.02 -9.14 0.12
N ASN A 83 -15.99 -8.29 0.47
CA ASN A 83 -16.54 -8.18 1.83
C ASN A 83 -15.50 -7.85 2.87
N SER A 84 -14.40 -7.22 2.47
CA SER A 84 -13.37 -6.88 3.40
C SER A 84 -13.58 -5.47 3.94
N CYS A 85 -14.68 -4.93 3.54
CA CYS A 85 -15.18 -3.69 4.01
C CYS A 85 -16.11 -3.96 5.16
N ASP A 86 -16.39 -2.97 5.93
CA ASP A 86 -17.38 -3.12 6.98
C ASP A 86 -17.98 -1.79 7.32
N GLY A 87 -18.60 -1.21 6.33
CA GLY A 87 -19.34 0.02 6.50
C GLY A 87 -18.48 1.26 6.45
N GLU A 88 -17.43 1.28 7.22
CA GLU A 88 -16.62 2.45 7.34
C GLU A 88 -15.37 2.37 6.50
N THR A 89 -14.68 1.27 6.52
CA THR A 89 -13.47 1.19 5.76
C THR A 89 -13.45 -0.02 4.86
N ASP A 90 -12.52 -0.06 3.94
CA ASP A 90 -12.47 -1.12 2.93
C ASP A 90 -11.05 -1.55 2.84
N GLN A 91 -10.83 -2.67 2.21
CA GLN A 91 -9.51 -3.15 1.99
C GLN A 91 -9.35 -3.50 0.53
N PHE A 92 -8.40 -2.87 -0.08
CA PHE A 92 -8.07 -3.12 -1.46
C PHE A 92 -6.70 -3.68 -1.51
N SER A 93 -6.36 -4.35 -2.57
CA SER A 93 -5.06 -4.91 -2.68
C SER A 93 -4.51 -4.69 -4.08
N PHE A 94 -3.23 -4.56 -4.20
CA PHE A 94 -2.60 -4.36 -5.48
C PHE A 94 -1.37 -5.22 -5.56
N LYS A 95 -0.85 -5.41 -6.74
CA LYS A 95 0.40 -6.10 -6.90
C LYS A 95 1.45 -5.09 -7.28
N ILE A 96 2.66 -5.36 -6.96
CA ILE A 96 3.72 -4.43 -7.20
C ILE A 96 4.77 -5.14 -8.08
N SER A 97 5.86 -4.47 -8.35
CA SER A 97 6.95 -5.04 -9.13
C SER A 97 7.73 -6.12 -8.30
N LEU A 98 8.84 -6.60 -8.84
CA LEU A 98 9.63 -7.65 -8.22
C LEU A 98 10.24 -7.20 -6.88
N VAL A 99 10.26 -8.11 -5.95
CA VAL A 99 10.72 -7.90 -4.59
C VAL A 99 11.85 -8.92 -4.24
N PRO A 100 12.36 -8.99 -2.95
CA PRO A 100 13.61 -9.71 -2.63
C PRO A 100 13.85 -11.08 -3.18
N PRO A 101 12.88 -12.04 -3.19
CA PRO A 101 13.18 -13.39 -3.64
C PRO A 101 13.75 -13.45 -5.09
N TYR A 102 13.54 -12.37 -5.87
CA TYR A 102 14.03 -12.28 -7.22
C TYR A 102 14.95 -11.07 -7.40
N GLN A 103 15.09 -10.28 -6.35
CA GLN A 103 15.89 -9.07 -6.40
C GLN A 103 16.33 -8.69 -5.00
N LYS A 104 17.54 -9.03 -4.68
CA LYS A 104 18.05 -8.85 -3.34
C LYS A 104 18.91 -7.61 -3.25
N ASP A 105 19.14 -6.97 -4.39
CA ASP A 105 19.91 -5.72 -4.44
C ASP A 105 19.09 -4.64 -3.81
N GLY A 106 17.98 -4.37 -4.44
CA GLY A 106 17.08 -3.37 -3.99
C GLY A 106 16.33 -2.79 -5.13
N SER A 107 15.04 -2.99 -5.14
CA SER A 107 14.22 -2.46 -6.21
C SER A 107 14.10 -0.96 -6.03
N LYS A 108 13.86 -0.57 -4.78
CA LYS A 108 13.73 0.81 -4.36
C LYS A 108 12.59 1.48 -5.07
N VAL A 109 11.45 1.45 -4.47
CA VAL A 109 10.28 1.96 -5.08
C VAL A 109 9.46 2.75 -4.07
N GLU A 110 9.00 3.90 -4.50
CA GLU A 110 8.09 4.69 -3.75
C GLU A 110 6.76 4.63 -4.43
N PHE A 111 5.79 4.10 -3.76
CA PHE A 111 4.47 4.09 -4.31
C PHE A 111 3.55 4.87 -3.43
N CYS A 112 2.55 5.42 -4.01
CA CYS A 112 1.54 6.13 -3.28
C CYS A 112 0.21 5.88 -3.93
N ILE A 113 -0.80 5.96 -3.13
CA ILE A 113 -2.12 5.66 -3.56
C ILE A 113 -2.91 6.93 -3.84
N ARG A 114 -3.50 6.97 -4.99
CA ARG A 114 -4.35 8.05 -5.38
C ARG A 114 -5.77 7.59 -5.24
N TYR A 115 -6.40 7.95 -4.15
CA TYR A 115 -7.75 7.54 -3.88
C TYR A 115 -8.69 8.56 -4.47
N GLU A 116 -9.09 8.29 -5.67
CA GLU A 116 -9.98 9.14 -6.39
C GLU A 116 -11.39 8.83 -6.01
N THR A 117 -12.02 9.74 -5.37
CA THR A 117 -13.36 9.53 -4.97
C THR A 117 -14.26 10.57 -5.57
N SER A 118 -15.51 10.47 -5.26
CA SER A 118 -16.50 11.40 -5.73
C SER A 118 -16.37 12.71 -4.95
N VAL A 119 -15.63 12.66 -3.85
CA VAL A 119 -15.45 13.82 -2.99
C VAL A 119 -13.98 14.21 -2.85
N GLY A 120 -13.22 14.11 -3.94
CA GLY A 120 -11.85 14.55 -3.91
C GLY A 120 -10.86 13.42 -4.00
N THR A 121 -9.72 13.74 -4.49
CA THR A 121 -8.61 12.83 -4.54
C THR A 121 -7.89 12.82 -3.19
N PHE A 122 -7.78 11.67 -2.59
CA PHE A 122 -7.04 11.54 -1.36
C PHE A 122 -5.79 10.74 -1.61
N TRP A 123 -4.67 11.39 -1.50
CA TRP A 123 -3.41 10.73 -1.73
C TRP A 123 -2.88 10.09 -0.48
N SER A 124 -2.40 8.91 -0.63
CA SER A 124 -1.79 8.18 0.42
C SER A 124 -0.32 8.50 0.36
N ASN A 125 0.02 9.60 0.94
CA ASN A 125 1.36 10.09 0.93
C ASN A 125 1.83 10.25 2.33
N ASN A 126 3.10 10.35 2.46
CA ASN A 126 3.73 10.58 3.74
C ASN A 126 4.60 11.80 3.51
N ASN A 127 5.35 12.21 4.47
CA ASN A 127 6.17 13.38 4.32
C ASN A 127 7.49 12.97 3.65
N GLY A 128 7.40 12.75 2.37
CA GLY A 128 8.53 12.41 1.54
C GLY A 128 8.61 10.92 1.28
N THR A 129 8.72 10.18 2.34
CA THR A 129 8.84 8.75 2.27
C THR A 129 7.45 8.11 2.31
N ASN A 130 6.79 8.14 1.15
CA ASN A 130 5.42 7.61 0.97
C ASN A 130 5.34 6.16 1.38
N TYR A 131 5.70 5.30 0.46
CA TYR A 131 5.79 3.90 0.71
C TYR A 131 7.01 3.39 0.03
N THR A 132 8.12 3.59 0.68
CA THR A 132 9.41 3.18 0.23
C THR A 132 9.72 1.81 0.82
N LEU A 133 10.18 0.90 -0.01
CA LEU A 133 10.50 -0.43 0.45
C LEU A 133 11.88 -0.83 0.04
N VAL A 134 12.59 -1.42 0.96
CA VAL A 134 13.86 -2.00 0.67
C VAL A 134 13.68 -3.50 0.58
N CYS A 135 13.98 -4.02 -0.57
CA CYS A 135 13.84 -5.40 -0.87
C CYS A 135 14.79 -6.27 -0.09
N GLN A 136 14.33 -6.72 1.04
CA GLN A 136 15.03 -7.66 1.85
C GLN A 136 14.05 -8.56 2.53
N LYS A 137 14.32 -9.82 2.46
CA LYS A 137 13.51 -10.84 3.07
C LYS A 137 13.91 -10.90 4.53
N LYS A 138 13.05 -11.43 5.37
CA LYS A 138 13.35 -11.47 6.79
C LYS A 138 14.41 -12.51 7.02
N GLU A 139 14.05 -13.72 6.73
CA GLU A 139 14.89 -14.84 6.83
C GLU A 139 14.60 -15.63 5.60
N GLY A 1 -6.90 -8.04 15.16
CA GLY A 1 -7.93 -7.74 14.18
C GLY A 1 -7.65 -8.49 12.90
N HIS A 2 -7.87 -7.86 11.76
CA HIS A 2 -7.53 -8.48 10.49
C HIS A 2 -6.52 -7.63 9.74
N MET A 3 -5.28 -7.96 9.94
CA MET A 3 -4.18 -7.26 9.31
C MET A 3 -3.06 -8.24 9.10
N GLN A 4 -2.41 -8.13 8.00
CA GLN A 4 -1.34 -9.04 7.63
C GLN A 4 -0.10 -8.70 8.45
N THR A 5 0.42 -9.68 9.14
CA THR A 5 1.54 -9.48 10.03
C THR A 5 2.49 -10.71 9.98
N GLU A 6 3.81 -10.46 10.07
CA GLU A 6 4.85 -11.48 10.07
C GLU A 6 5.03 -12.23 8.74
N GLU A 7 6.09 -13.04 8.71
CA GLU A 7 6.53 -13.77 7.54
C GLU A 7 6.94 -12.89 6.41
N TYR A 8 7.14 -13.49 5.26
CA TYR A 8 7.53 -12.83 4.04
C TYR A 8 6.81 -11.50 3.76
N VAL A 9 7.47 -10.42 4.12
CA VAL A 9 6.98 -9.07 3.98
C VAL A 9 8.13 -8.21 3.52
N LEU A 10 7.84 -7.06 2.97
CA LEU A 10 8.87 -6.14 2.57
C LEU A 10 9.19 -5.23 3.73
N SER A 11 10.27 -4.50 3.64
CA SER A 11 10.68 -3.64 4.72
C SER A 11 10.25 -2.20 4.46
N PRO A 12 9.27 -1.72 5.21
CA PRO A 12 8.77 -0.39 5.06
C PRO A 12 9.47 0.64 5.94
N LEU A 13 9.86 1.73 5.34
CA LEU A 13 10.44 2.84 6.06
C LEU A 13 9.54 4.04 5.88
N PHE A 14 8.28 3.72 5.90
CA PHE A 14 7.19 4.67 5.84
C PHE A 14 6.18 4.35 6.94
N ASP A 15 5.11 5.08 6.98
CA ASP A 15 4.09 4.91 8.01
C ASP A 15 3.10 3.82 7.70
N LEU A 16 2.94 2.91 8.64
CA LEU A 16 1.97 1.84 8.55
C LEU A 16 1.21 1.75 9.85
N PRO A 17 -0.10 1.43 9.79
CA PRO A 17 -0.98 1.31 10.97
C PRO A 17 -0.35 0.47 12.08
N ALA A 18 0.08 1.14 13.13
CA ALA A 18 0.73 0.49 14.26
C ALA A 18 -0.29 -0.09 15.23
N SER A 19 -1.43 0.53 15.25
CA SER A 19 -2.52 0.15 16.09
C SER A 19 -3.77 0.65 15.42
N LYS A 20 -4.94 0.21 15.89
CA LYS A 20 -6.19 0.65 15.32
C LYS A 20 -6.40 2.13 15.57
N GLU A 21 -5.87 2.61 16.69
CA GLU A 21 -5.97 4.01 17.04
C GLU A 21 -5.11 4.81 16.07
N ASP A 22 -3.86 4.37 15.94
CA ASP A 22 -2.89 4.96 15.03
C ASP A 22 -3.44 5.03 13.61
N LEU A 23 -4.05 3.93 13.21
CA LEU A 23 -4.68 3.82 11.91
C LEU A 23 -5.77 4.86 11.79
N MET A 24 -6.71 4.84 12.71
CA MET A 24 -7.87 5.70 12.62
C MET A 24 -7.51 7.17 12.64
N GLN A 25 -6.55 7.55 13.48
CA GLN A 25 -6.12 8.96 13.58
C GLN A 25 -5.64 9.52 12.23
N GLN A 26 -4.89 8.74 11.49
CA GLN A 26 -4.35 9.22 10.26
C GLN A 26 -5.31 8.96 9.11
N LEU A 27 -6.21 8.00 9.31
CA LEU A 27 -7.13 7.60 8.27
C LEU A 27 -8.23 8.61 8.04
N GLN A 28 -8.25 9.67 8.82
CA GLN A 28 -9.23 10.73 8.64
C GLN A 28 -8.63 11.83 7.82
N VAL A 29 -7.34 11.73 7.63
CA VAL A 29 -6.60 12.72 6.85
C VAL A 29 -6.34 12.20 5.44
N GLN A 30 -5.72 11.07 5.38
CA GLN A 30 -5.24 10.48 4.13
C GLN A 30 -5.91 9.15 3.86
N LYS A 31 -7.24 9.19 3.93
CA LYS A 31 -8.22 8.06 3.87
C LYS A 31 -7.75 6.72 3.26
N ALA A 32 -7.00 6.75 2.21
CA ALA A 32 -6.50 5.57 1.57
C ALA A 32 -5.03 5.41 1.86
N MET A 33 -4.67 4.42 2.64
CA MET A 33 -3.27 4.23 2.95
C MET A 33 -2.90 2.77 2.87
N LEU A 34 -1.63 2.52 2.66
CA LEU A 34 -1.12 1.16 2.62
C LEU A 34 -1.27 0.57 4.02
N GLU A 35 -1.66 -0.67 4.08
CA GLU A 35 -1.90 -1.32 5.35
C GLU A 35 -0.76 -2.28 5.65
N SER A 36 -0.54 -3.21 4.75
CA SER A 36 0.43 -4.24 4.93
C SER A 36 1.01 -4.68 3.59
N THR A 37 2.25 -5.13 3.60
CA THR A 37 2.92 -5.64 2.42
C THR A 37 3.35 -7.07 2.67
N GLU A 38 3.00 -7.95 1.78
CA GLU A 38 3.38 -9.34 1.88
C GLU A 38 4.01 -9.75 0.59
N TYR A 39 4.53 -10.93 0.54
CA TYR A 39 4.98 -11.47 -0.70
C TYR A 39 3.94 -12.48 -1.15
N VAL A 40 3.83 -12.69 -2.41
CA VAL A 40 2.90 -13.67 -2.93
C VAL A 40 3.58 -15.04 -2.94
N PRO A 41 2.97 -16.05 -2.30
CA PRO A 41 3.54 -17.40 -2.25
C PRO A 41 3.62 -18.04 -3.65
N GLY A 42 4.82 -18.12 -4.17
CA GLY A 42 5.05 -18.74 -5.44
C GLY A 42 5.26 -17.70 -6.53
N SER A 43 4.22 -16.96 -6.81
CA SER A 43 4.28 -15.91 -7.80
C SER A 43 5.17 -14.80 -7.26
N THR A 44 6.24 -14.49 -7.95
CA THR A 44 7.15 -13.55 -7.43
C THR A 44 6.65 -12.14 -7.64
N SER A 45 5.95 -11.67 -6.65
CA SER A 45 5.40 -10.38 -6.63
C SER A 45 5.10 -10.00 -5.20
N MET A 46 5.00 -8.73 -4.93
CA MET A 46 4.72 -8.26 -3.59
C MET A 46 3.27 -7.86 -3.55
N LYS A 47 2.58 -8.25 -2.52
CA LYS A 47 1.16 -8.04 -2.39
C LYS A 47 0.91 -6.98 -1.33
N GLY A 48 0.40 -5.85 -1.74
CA GLY A 48 0.13 -4.80 -0.80
C GLY A 48 -1.35 -4.59 -0.65
N ILE A 49 -1.77 -4.44 0.56
CA ILE A 49 -3.15 -4.20 0.89
C ILE A 49 -3.27 -2.77 1.34
N ILE A 50 -4.22 -2.08 0.77
CA ILE A 50 -4.47 -0.71 1.09
C ILE A 50 -5.80 -0.62 1.82
N ARG A 51 -5.79 0.04 2.93
CA ARG A 51 -6.96 0.23 3.71
C ARG A 51 -7.48 1.62 3.40
N VAL A 52 -8.66 1.70 2.87
CA VAL A 52 -9.24 2.97 2.54
C VAL A 52 -10.45 3.18 3.41
N LEU A 53 -10.79 4.40 3.66
CA LEU A 53 -11.97 4.69 4.42
C LEU A 53 -13.13 4.67 3.43
N ASN A 54 -14.16 3.94 3.76
CA ASN A 54 -15.36 3.86 2.94
C ASN A 54 -16.09 5.18 3.04
N ILE A 55 -15.94 5.99 2.02
CA ILE A 55 -16.54 7.32 2.01
C ILE A 55 -17.37 7.58 0.75
N SER A 56 -16.97 7.00 -0.34
CA SER A 56 -17.56 7.29 -1.61
C SER A 56 -18.03 6.04 -2.31
N PHE A 57 -19.25 6.11 -2.86
CA PHE A 57 -19.84 5.04 -3.67
C PHE A 57 -18.89 4.59 -4.78
N GLU A 58 -18.42 5.52 -5.58
CA GLU A 58 -17.41 5.25 -6.54
C GLU A 58 -16.11 5.68 -5.98
N LYS A 59 -15.33 4.72 -5.68
CA LYS A 59 -14.05 4.91 -5.12
C LYS A 59 -12.98 4.24 -6.04
N LEU A 60 -12.00 5.01 -6.43
CA LEU A 60 -10.92 4.57 -7.30
C LEU A 60 -9.61 4.61 -6.57
N VAL A 61 -8.99 3.49 -6.44
CA VAL A 61 -7.73 3.40 -5.74
C VAL A 61 -6.60 3.12 -6.73
N TYR A 62 -5.89 4.14 -7.09
CA TYR A 62 -4.77 3.99 -7.98
C TYR A 62 -3.46 3.97 -7.24
N VAL A 63 -2.67 2.97 -7.48
CA VAL A 63 -1.36 2.90 -6.89
C VAL A 63 -0.37 3.34 -7.93
N ARG A 64 0.35 4.37 -7.61
CA ARG A 64 1.32 4.91 -8.51
C ARG A 64 2.66 4.89 -7.86
N MET A 65 3.68 4.50 -8.60
CA MET A 65 5.02 4.50 -8.06
C MET A 65 5.92 5.35 -8.89
N SER A 66 7.04 5.66 -8.33
CA SER A 66 8.08 6.35 -8.99
C SER A 66 9.38 6.09 -8.25
N LEU A 67 10.43 5.79 -8.99
CA LEU A 67 11.76 5.63 -8.41
C LEU A 67 12.53 6.92 -8.65
N ASP A 68 11.79 7.98 -8.84
CA ASP A 68 12.37 9.25 -9.20
C ASP A 68 11.41 10.37 -8.73
N ASP A 69 11.58 11.57 -9.26
CA ASP A 69 10.82 12.80 -8.90
C ASP A 69 9.33 12.74 -9.30
N TRP A 70 8.93 11.59 -9.86
CA TRP A 70 7.54 11.28 -10.28
C TRP A 70 7.26 11.60 -11.72
N GLN A 71 8.31 11.54 -12.51
CA GLN A 71 8.18 11.72 -13.96
C GLN A 71 7.79 10.40 -14.62
N THR A 72 7.68 9.40 -13.80
CA THR A 72 7.32 8.08 -14.23
C THR A 72 6.24 7.57 -13.27
N HIS A 73 5.52 6.54 -13.68
CA HIS A 73 4.44 5.92 -12.90
C HIS A 73 3.95 4.68 -13.62
N TYR A 74 3.38 3.74 -12.89
CA TYR A 74 2.87 2.50 -13.52
C TYR A 74 1.35 2.38 -13.47
N ASP A 75 0.74 3.29 -12.76
CA ASP A 75 -0.72 3.33 -12.46
C ASP A 75 -1.40 2.01 -12.36
N ILE A 76 -1.24 1.39 -11.24
CA ILE A 76 -1.86 0.14 -10.99
C ILE A 76 -3.14 0.39 -10.30
N LEU A 77 -4.17 -0.10 -10.85
CA LEU A 77 -5.43 0.03 -10.23
C LEU A 77 -5.55 -1.03 -9.17
N ALA A 78 -5.79 -0.61 -7.96
CA ALA A 78 -5.87 -1.53 -6.87
C ALA A 78 -7.15 -2.33 -6.93
N GLU A 79 -7.01 -3.60 -6.76
CA GLU A 79 -8.08 -4.53 -6.89
C GLU A 79 -8.81 -4.64 -5.57
N TYR A 80 -10.05 -4.21 -5.58
CA TYR A 80 -10.91 -4.27 -4.42
C TYR A 80 -11.12 -5.69 -3.96
N VAL A 81 -10.92 -5.92 -2.69
CA VAL A 81 -11.18 -7.19 -2.09
C VAL A 81 -12.68 -7.25 -1.82
N PRO A 82 -13.38 -8.20 -2.42
CA PRO A 82 -14.83 -8.29 -2.31
C PRO A 82 -15.31 -8.48 -0.86
N ASN A 83 -16.21 -7.60 -0.43
CA ASN A 83 -16.82 -7.63 0.91
C ASN A 83 -15.81 -7.34 2.01
N SER A 84 -14.81 -6.52 1.71
CA SER A 84 -13.82 -6.17 2.70
C SER A 84 -14.29 -4.92 3.42
N CYS A 85 -15.24 -4.28 2.81
CA CYS A 85 -15.82 -3.09 3.36
C CYS A 85 -16.84 -3.46 4.42
N ASP A 86 -16.53 -3.18 5.64
CA ASP A 86 -17.46 -3.45 6.71
C ASP A 86 -18.04 -2.13 7.20
N GLY A 87 -18.54 -1.36 6.25
CA GLY A 87 -19.14 -0.07 6.54
C GLY A 87 -18.13 1.04 6.77
N GLU A 88 -17.12 0.74 7.51
CA GLU A 88 -16.15 1.72 7.90
C GLU A 88 -15.06 1.87 6.85
N THR A 89 -14.30 0.83 6.64
CA THR A 89 -13.19 0.91 5.71
C THR A 89 -13.30 -0.21 4.67
N ASP A 90 -12.51 -0.11 3.61
CA ASP A 90 -12.43 -1.14 2.54
C ASP A 90 -10.99 -1.58 2.45
N GLN A 91 -10.73 -2.68 1.77
CA GLN A 91 -9.38 -3.12 1.53
C GLN A 91 -9.18 -3.41 0.05
N PHE A 92 -8.10 -2.92 -0.49
CA PHE A 92 -7.75 -3.12 -1.89
C PHE A 92 -6.36 -3.68 -1.94
N SER A 93 -6.01 -4.35 -3.00
CA SER A 93 -4.68 -4.91 -3.10
C SER A 93 -4.08 -4.64 -4.46
N PHE A 94 -2.77 -4.68 -4.54
CA PHE A 94 -2.06 -4.50 -5.78
C PHE A 94 -0.80 -5.32 -5.68
N LYS A 95 -0.02 -5.36 -6.73
CA LYS A 95 1.21 -6.11 -6.68
C LYS A 95 2.36 -5.32 -7.24
N ILE A 96 3.51 -5.67 -6.78
CA ILE A 96 4.76 -5.14 -7.26
C ILE A 96 5.56 -6.32 -7.83
N SER A 97 6.57 -6.03 -8.64
CA SER A 97 7.43 -7.02 -9.30
C SER A 97 8.24 -7.92 -8.29
N LEU A 98 9.30 -8.61 -8.78
CA LEU A 98 10.06 -9.57 -7.96
C LEU A 98 10.71 -8.92 -6.73
N VAL A 99 10.93 -9.74 -5.72
CA VAL A 99 11.42 -9.33 -4.40
C VAL A 99 12.51 -10.31 -3.90
N PRO A 100 13.09 -10.09 -2.66
CA PRO A 100 14.32 -10.75 -2.20
C PRO A 100 14.50 -12.25 -2.35
N PRO A 101 13.45 -13.13 -2.15
CA PRO A 101 13.67 -14.57 -2.20
C PRO A 101 14.33 -15.06 -3.52
N TYR A 102 14.30 -14.22 -4.54
CA TYR A 102 14.90 -14.54 -5.82
C TYR A 102 16.09 -13.64 -6.10
N GLN A 103 15.96 -12.36 -5.78
CA GLN A 103 17.01 -11.41 -6.07
C GLN A 103 16.92 -10.24 -5.10
N LYS A 104 18.01 -9.93 -4.42
CA LYS A 104 18.05 -8.76 -3.59
C LYS A 104 18.53 -7.59 -4.42
N ASP A 105 17.70 -7.16 -5.32
CA ASP A 105 18.05 -6.08 -6.21
C ASP A 105 17.82 -4.76 -5.54
N GLY A 106 16.57 -4.44 -5.33
CA GLY A 106 16.22 -3.22 -4.67
C GLY A 106 14.92 -2.68 -5.15
N SER A 107 14.04 -2.37 -4.22
CA SER A 107 12.79 -1.77 -4.56
C SER A 107 13.05 -0.29 -4.80
N LYS A 108 13.37 0.41 -3.70
CA LYS A 108 13.83 1.81 -3.70
C LYS A 108 12.89 2.66 -4.53
N VAL A 109 11.66 2.57 -4.20
CA VAL A 109 10.65 3.22 -4.95
C VAL A 109 9.68 3.88 -4.01
N GLU A 110 9.17 5.01 -4.40
CA GLU A 110 8.14 5.67 -3.67
C GLU A 110 6.84 5.41 -4.36
N PHE A 111 5.95 4.73 -3.71
CA PHE A 111 4.63 4.58 -4.27
C PHE A 111 3.64 5.24 -3.36
N CYS A 112 2.48 5.52 -3.85
CA CYS A 112 1.42 6.07 -3.07
C CYS A 112 0.11 5.86 -3.75
N ILE A 113 -0.95 6.05 -3.02
CA ILE A 113 -2.26 5.82 -3.50
C ILE A 113 -2.98 7.10 -3.88
N ARG A 114 -3.54 7.08 -5.04
CA ARG A 114 -4.39 8.13 -5.54
C ARG A 114 -5.81 7.67 -5.40
N TYR A 115 -6.44 8.07 -4.33
CA TYR A 115 -7.80 7.65 -4.05
C TYR A 115 -8.78 8.65 -4.63
N GLU A 116 -9.16 8.42 -5.85
CA GLU A 116 -10.12 9.22 -6.57
C GLU A 116 -11.50 8.84 -6.06
N THR A 117 -12.20 9.77 -5.55
CA THR A 117 -13.49 9.48 -5.01
C THR A 117 -14.50 10.39 -5.66
N SER A 118 -15.64 10.55 -5.04
CA SER A 118 -16.58 11.50 -5.51
C SER A 118 -16.47 12.76 -4.61
N VAL A 119 -15.56 12.70 -3.63
CA VAL A 119 -15.38 13.77 -2.67
C VAL A 119 -13.91 14.22 -2.61
N GLY A 120 -13.26 14.24 -3.76
CA GLY A 120 -11.89 14.70 -3.83
C GLY A 120 -10.89 13.57 -3.76
N THR A 121 -9.87 13.66 -4.55
CA THR A 121 -8.81 12.71 -4.55
C THR A 121 -8.03 12.75 -3.24
N PHE A 122 -7.90 11.63 -2.61
CA PHE A 122 -7.10 11.52 -1.44
C PHE A 122 -5.80 10.81 -1.77
N TRP A 123 -4.79 11.59 -1.96
CA TRP A 123 -3.47 11.10 -2.18
C TRP A 123 -2.83 10.80 -0.85
N SER A 124 -2.30 9.63 -0.69
CA SER A 124 -1.60 9.32 0.50
C SER A 124 -0.14 9.72 0.32
N ASN A 125 0.09 11.00 0.41
CA ASN A 125 1.41 11.56 0.24
C ASN A 125 1.86 12.13 1.54
N ASN A 126 3.10 11.89 1.88
CA ASN A 126 3.67 12.49 3.08
C ASN A 126 4.27 13.80 2.70
N ASN A 127 5.03 13.75 1.59
CA ASN A 127 5.66 14.90 0.92
C ASN A 127 6.63 14.37 -0.10
N GLY A 128 7.76 13.88 0.36
CA GLY A 128 8.74 13.31 -0.52
C GLY A 128 8.77 11.83 -0.37
N THR A 129 8.94 11.39 0.84
CA THR A 129 8.93 9.99 1.13
C THR A 129 7.49 9.53 1.39
N ASN A 130 6.88 8.99 0.38
CA ASN A 130 5.52 8.53 0.52
C ASN A 130 5.56 7.12 1.06
N TYR A 131 5.66 6.15 0.19
CA TYR A 131 5.88 4.81 0.63
C TYR A 131 7.16 4.33 0.01
N THR A 132 8.24 4.59 0.70
CA THR A 132 9.55 4.20 0.26
C THR A 132 9.91 2.87 0.93
N LEU A 133 10.43 1.91 0.18
CA LEU A 133 10.73 0.62 0.75
C LEU A 133 11.90 -0.04 0.11
N VAL A 134 12.50 -0.92 0.86
CA VAL A 134 13.64 -1.64 0.43
C VAL A 134 13.34 -3.13 0.30
N CYS A 135 13.98 -3.73 -0.67
CA CYS A 135 13.89 -5.12 -0.96
C CYS A 135 14.68 -5.96 0.05
N GLN A 136 14.03 -6.35 1.11
CA GLN A 136 14.60 -7.27 2.07
C GLN A 136 13.45 -8.06 2.67
N LYS A 137 13.70 -9.31 2.95
CA LYS A 137 12.67 -10.23 3.40
C LYS A 137 12.64 -10.29 4.94
N LYS A 138 11.63 -10.99 5.48
CA LYS A 138 11.46 -11.21 6.92
C LYS A 138 12.77 -11.66 7.52
N GLU A 139 13.17 -12.83 7.12
CA GLU A 139 14.42 -13.38 7.47
C GLU A 139 14.93 -14.10 6.25
N GLY A 1 -1.57 -6.02 11.99
CA GLY A 1 -2.04 -7.35 11.60
C GLY A 1 -2.71 -7.30 10.26
N HIS A 2 -2.86 -8.45 9.62
CA HIS A 2 -3.53 -8.51 8.31
C HIS A 2 -4.07 -9.92 8.01
N MET A 3 -3.36 -10.94 8.49
CA MET A 3 -3.70 -12.35 8.25
C MET A 3 -2.64 -13.19 8.90
N GLN A 4 -1.42 -12.80 8.68
CA GLN A 4 -0.26 -13.43 9.24
C GLN A 4 0.64 -12.30 9.72
N THR A 5 1.59 -12.57 10.57
CA THR A 5 2.45 -11.53 11.03
C THR A 5 3.90 -12.02 11.12
N GLU A 6 4.84 -11.11 10.85
CA GLU A 6 6.29 -11.32 10.93
C GLU A 6 6.81 -12.61 10.29
N GLU A 7 6.30 -12.88 9.14
CA GLU A 7 6.73 -13.99 8.35
C GLU A 7 6.84 -13.56 6.92
N TYR A 8 8.07 -13.57 6.42
CA TYR A 8 8.46 -13.07 5.11
C TYR A 8 7.85 -11.72 4.83
N VAL A 9 8.54 -10.73 5.32
CA VAL A 9 8.09 -9.39 5.34
C VAL A 9 9.16 -8.52 4.75
N LEU A 10 8.82 -7.30 4.55
CA LEU A 10 9.65 -6.35 3.91
C LEU A 10 10.22 -5.39 4.96
N SER A 11 11.30 -4.71 4.62
CA SER A 11 11.84 -3.68 5.41
C SER A 11 11.36 -2.32 4.84
N PRO A 12 10.31 -1.74 5.42
CA PRO A 12 9.77 -0.48 4.98
C PRO A 12 10.21 0.69 5.83
N LEU A 13 10.73 1.72 5.22
CA LEU A 13 11.18 2.88 5.95
C LEU A 13 10.12 3.97 5.97
N PHE A 14 8.89 3.52 6.09
CA PHE A 14 7.73 4.34 6.27
C PHE A 14 6.88 3.75 7.38
N ASP A 15 5.75 4.35 7.66
CA ASP A 15 4.88 3.84 8.72
C ASP A 15 3.70 3.10 8.15
N LEU A 16 3.29 2.09 8.88
CA LEU A 16 2.14 1.30 8.57
C LEU A 16 1.22 1.35 9.76
N PRO A 17 -0.09 1.09 9.56
CA PRO A 17 -1.08 1.03 10.65
C PRO A 17 -0.68 -0.02 11.67
N ALA A 18 -0.29 0.43 12.80
CA ALA A 18 0.23 -0.43 13.84
C ALA A 18 -0.88 -0.90 14.73
N SER A 19 -1.87 -0.06 14.88
CA SER A 19 -2.97 -0.30 15.75
C SER A 19 -4.19 0.27 15.07
N LYS A 20 -5.36 -0.12 15.51
CA LYS A 20 -6.57 0.39 14.91
C LYS A 20 -6.78 1.84 15.24
N GLU A 21 -6.35 2.26 16.42
CA GLU A 21 -6.43 3.67 16.77
C GLU A 21 -5.48 4.45 15.90
N ASP A 22 -4.25 3.94 15.83
CA ASP A 22 -3.17 4.49 14.99
C ASP A 22 -3.67 4.68 13.59
N LEU A 23 -4.27 3.63 13.06
CA LEU A 23 -4.87 3.63 11.75
C LEU A 23 -5.93 4.70 11.63
N MET A 24 -6.93 4.64 12.49
CA MET A 24 -8.08 5.54 12.42
C MET A 24 -7.68 7.00 12.51
N GLN A 25 -6.78 7.34 13.43
CA GLN A 25 -6.38 8.73 13.65
C GLN A 25 -5.78 9.36 12.41
N GLN A 26 -4.96 8.63 11.70
CA GLN A 26 -4.31 9.17 10.54
C GLN A 26 -5.18 8.99 9.33
N LEU A 27 -6.09 8.02 9.42
CA LEU A 27 -7.01 7.72 8.35
C LEU A 27 -8.12 8.76 8.30
N GLN A 28 -8.07 9.73 9.20
CA GLN A 28 -8.99 10.85 9.20
C GLN A 28 -8.39 11.95 8.33
N VAL A 29 -7.13 11.77 7.98
CA VAL A 29 -6.42 12.68 7.13
C VAL A 29 -6.20 12.03 5.77
N GLN A 30 -5.39 11.02 5.76
CA GLN A 30 -5.02 10.34 4.54
C GLN A 30 -5.80 9.07 4.35
N LYS A 31 -7.07 9.27 4.20
CA LYS A 31 -8.14 8.25 4.01
C LYS A 31 -7.70 6.95 3.32
N ALA A 32 -6.84 7.06 2.36
CA ALA A 32 -6.27 5.91 1.73
C ALA A 32 -4.87 5.76 2.25
N MET A 33 -4.56 4.62 2.82
CA MET A 33 -3.19 4.37 3.24
C MET A 33 -2.84 2.92 3.14
N LEU A 34 -1.58 2.65 2.91
CA LEU A 34 -1.09 1.31 2.84
C LEU A 34 -1.14 0.68 4.22
N GLU A 35 -1.51 -0.57 4.27
CA GLU A 35 -1.70 -1.22 5.55
C GLU A 35 -0.69 -2.33 5.78
N SER A 36 -0.45 -3.13 4.77
CA SER A 36 0.50 -4.22 4.88
C SER A 36 0.97 -4.65 3.51
N THR A 37 2.23 -4.99 3.43
CA THR A 37 2.80 -5.54 2.25
C THR A 37 3.08 -7.02 2.51
N GLU A 38 2.61 -7.85 1.65
CA GLU A 38 2.74 -9.27 1.82
C GLU A 38 3.27 -9.94 0.56
N TYR A 39 4.23 -10.79 0.76
CA TYR A 39 4.96 -11.45 -0.30
C TYR A 39 4.13 -12.51 -0.98
N VAL A 40 4.33 -12.67 -2.26
CA VAL A 40 3.66 -13.71 -3.01
C VAL A 40 4.62 -14.88 -3.17
N PRO A 41 4.26 -16.05 -2.64
CA PRO A 41 5.08 -17.25 -2.77
C PRO A 41 5.07 -17.82 -4.21
N GLY A 42 6.08 -17.48 -4.96
CA GLY A 42 6.19 -18.01 -6.31
C GLY A 42 6.29 -16.94 -7.35
N SER A 43 5.20 -16.25 -7.59
CA SER A 43 5.17 -15.17 -8.55
C SER A 43 6.06 -14.03 -8.06
N THR A 44 6.83 -13.46 -8.95
CA THR A 44 7.76 -12.42 -8.61
C THR A 44 6.99 -11.10 -8.46
N SER A 45 6.32 -10.94 -7.34
CA SER A 45 5.47 -9.82 -7.09
C SER A 45 5.13 -9.77 -5.62
N MET A 46 4.53 -8.68 -5.21
CA MET A 46 4.11 -8.51 -3.85
C MET A 46 2.69 -7.96 -3.84
N LYS A 47 1.94 -8.36 -2.88
CA LYS A 47 0.60 -7.96 -2.68
C LYS A 47 0.56 -6.91 -1.58
N GLY A 48 -0.05 -5.79 -1.84
CA GLY A 48 -0.18 -4.78 -0.82
C GLY A 48 -1.61 -4.45 -0.55
N ILE A 49 -1.96 -4.42 0.70
CA ILE A 49 -3.29 -4.08 1.15
C ILE A 49 -3.31 -2.64 1.58
N ILE A 50 -4.20 -1.89 1.00
CA ILE A 50 -4.40 -0.49 1.31
C ILE A 50 -5.78 -0.30 1.91
N ARG A 51 -5.85 0.45 2.97
CA ARG A 51 -7.09 0.78 3.58
C ARG A 51 -7.53 2.08 3.11
N VAL A 52 -8.75 2.14 2.79
CA VAL A 52 -9.33 3.38 2.40
C VAL A 52 -10.55 3.58 3.24
N LEU A 53 -10.95 4.80 3.41
CA LEU A 53 -12.10 5.09 4.19
C LEU A 53 -13.29 5.08 3.26
N ASN A 54 -14.28 4.28 3.58
CA ASN A 54 -15.50 4.17 2.79
C ASN A 54 -16.27 5.47 2.87
N ILE A 55 -16.17 6.27 1.84
CA ILE A 55 -16.84 7.54 1.78
C ILE A 55 -17.68 7.69 0.52
N SER A 56 -17.15 7.25 -0.58
CA SER A 56 -17.72 7.43 -1.86
C SER A 56 -18.06 6.12 -2.51
N PHE A 57 -19.10 6.13 -3.31
CA PHE A 57 -19.50 4.96 -4.07
C PHE A 57 -18.49 4.65 -5.15
N GLU A 58 -18.16 5.64 -5.94
CA GLU A 58 -17.12 5.51 -6.92
C GLU A 58 -15.82 5.89 -6.26
N LYS A 59 -15.11 4.89 -5.86
CA LYS A 59 -13.89 5.06 -5.18
C LYS A 59 -12.75 4.43 -5.99
N LEU A 60 -11.86 5.25 -6.45
CA LEU A 60 -10.75 4.80 -7.24
C LEU A 60 -9.50 4.73 -6.45
N VAL A 61 -8.99 3.56 -6.32
CA VAL A 61 -7.75 3.35 -5.64
C VAL A 61 -6.67 3.07 -6.67
N TYR A 62 -5.96 4.09 -7.02
CA TYR A 62 -4.90 3.95 -7.98
C TYR A 62 -3.56 3.91 -7.34
N VAL A 63 -2.79 2.93 -7.66
CA VAL A 63 -1.47 2.81 -7.14
C VAL A 63 -0.50 3.26 -8.21
N ARG A 64 0.16 4.33 -7.95
CA ARG A 64 1.13 4.84 -8.88
C ARG A 64 2.49 4.75 -8.23
N MET A 65 3.48 4.25 -8.95
CA MET A 65 4.82 4.15 -8.40
C MET A 65 5.75 5.00 -9.18
N SER A 66 6.92 5.19 -8.64
CA SER A 66 7.98 5.80 -9.33
C SER A 66 9.29 5.46 -8.60
N LEU A 67 10.28 5.06 -9.36
CA LEU A 67 11.63 4.86 -8.83
C LEU A 67 12.44 6.05 -9.33
N ASP A 68 11.70 7.07 -9.65
CA ASP A 68 12.17 8.26 -10.28
C ASP A 68 11.57 9.46 -9.51
N ASP A 69 11.46 10.59 -10.14
CA ASP A 69 11.03 11.86 -9.54
C ASP A 69 9.51 11.99 -9.64
N TRP A 70 8.88 10.92 -10.18
CA TRP A 70 7.43 10.80 -10.43
C TRP A 70 7.06 11.31 -11.80
N GLN A 71 8.02 11.19 -12.69
CA GLN A 71 7.86 11.55 -14.08
C GLN A 71 7.33 10.34 -14.84
N THR A 72 7.25 9.25 -14.13
CA THR A 72 6.87 7.97 -14.65
C THR A 72 6.05 7.26 -13.57
N HIS A 73 5.05 6.49 -14.00
CA HIS A 73 4.11 5.80 -13.12
C HIS A 73 3.48 4.64 -13.85
N TYR A 74 3.33 3.51 -13.19
CA TYR A 74 2.68 2.35 -13.83
C TYR A 74 1.16 2.40 -13.73
N ASP A 75 0.70 3.30 -12.88
CA ASP A 75 -0.73 3.52 -12.56
C ASP A 75 -1.61 2.28 -12.60
N ILE A 76 -1.55 1.55 -11.52
CA ILE A 76 -2.29 0.33 -11.36
C ILE A 76 -3.58 0.63 -10.65
N LEU A 77 -4.63 0.03 -11.08
CA LEU A 77 -5.88 0.20 -10.41
C LEU A 77 -5.98 -0.94 -9.41
N ALA A 78 -5.95 -0.61 -8.13
CA ALA A 78 -5.99 -1.60 -7.08
C ALA A 78 -7.36 -2.23 -7.02
N GLU A 79 -7.42 -3.50 -6.68
CA GLU A 79 -8.66 -4.22 -6.69
C GLU A 79 -9.22 -4.34 -5.29
N TYR A 80 -10.51 -4.16 -5.18
CA TYR A 80 -11.22 -4.27 -3.93
C TYR A 80 -11.23 -5.69 -3.44
N VAL A 81 -10.88 -5.89 -2.20
CA VAL A 81 -10.90 -7.19 -1.59
C VAL A 81 -12.33 -7.50 -1.17
N PRO A 82 -12.91 -8.57 -1.74
CA PRO A 82 -14.29 -8.96 -1.53
C PRO A 82 -14.70 -9.00 -0.06
N ASN A 83 -15.72 -8.19 0.27
CA ASN A 83 -16.32 -8.12 1.61
C ASN A 83 -15.35 -7.66 2.68
N SER A 84 -14.27 -7.03 2.30
CA SER A 84 -13.34 -6.56 3.27
C SER A 84 -13.67 -5.14 3.77
N CYS A 85 -14.74 -4.59 3.25
CA CYS A 85 -15.28 -3.35 3.72
C CYS A 85 -16.52 -3.62 4.50
N ASP A 86 -16.72 -2.91 5.58
CA ASP A 86 -17.95 -3.03 6.30
C ASP A 86 -18.33 -1.71 6.89
N GLY A 87 -18.71 -0.81 6.03
CA GLY A 87 -19.24 0.46 6.44
C GLY A 87 -18.21 1.52 6.60
N GLU A 88 -17.19 1.24 7.34
CA GLU A 88 -16.21 2.24 7.66
C GLU A 88 -15.06 2.28 6.70
N THR A 89 -14.33 1.22 6.58
CA THR A 89 -13.16 1.25 5.74
C THR A 89 -13.22 0.16 4.71
N ASP A 90 -12.28 0.16 3.78
CA ASP A 90 -12.27 -0.82 2.71
C ASP A 90 -10.88 -1.32 2.62
N GLN A 91 -10.71 -2.47 2.02
CA GLN A 91 -9.41 -3.02 1.80
C GLN A 91 -9.24 -3.29 0.34
N PHE A 92 -8.22 -2.72 -0.22
CA PHE A 92 -7.87 -2.95 -1.60
C PHE A 92 -6.50 -3.54 -1.65
N SER A 93 -6.23 -4.28 -2.69
CA SER A 93 -4.95 -4.90 -2.83
C SER A 93 -4.47 -4.75 -4.25
N PHE A 94 -3.18 -4.66 -4.42
CA PHE A 94 -2.59 -4.57 -5.73
C PHE A 94 -1.39 -5.48 -5.78
N LYS A 95 -0.98 -5.82 -6.96
CA LYS A 95 0.21 -6.58 -7.17
C LYS A 95 1.29 -5.64 -7.64
N ILE A 96 2.45 -5.79 -7.10
CA ILE A 96 3.58 -4.96 -7.45
C ILE A 96 4.56 -5.81 -8.30
N SER A 97 5.65 -5.22 -8.71
CA SER A 97 6.65 -5.88 -9.54
C SER A 97 7.57 -6.83 -8.68
N LEU A 98 8.76 -7.16 -9.20
CA LEU A 98 9.67 -8.14 -8.59
C LEU A 98 10.12 -7.74 -7.18
N VAL A 99 10.41 -8.75 -6.36
CA VAL A 99 10.79 -8.58 -4.95
C VAL A 99 11.88 -9.59 -4.52
N PRO A 100 12.47 -9.36 -3.30
CA PRO A 100 13.50 -10.16 -2.61
C PRO A 100 13.56 -11.68 -2.75
N PRO A 101 12.44 -12.46 -2.92
CA PRO A 101 12.56 -13.89 -3.13
C PRO A 101 13.46 -14.25 -4.36
N TYR A 102 13.82 -13.23 -5.14
CA TYR A 102 14.74 -13.33 -6.23
C TYR A 102 15.86 -12.32 -6.00
N GLN A 103 16.53 -12.49 -4.87
CA GLN A 103 17.60 -11.61 -4.36
C GLN A 103 17.05 -10.39 -3.61
N LYS A 104 17.51 -10.25 -2.40
CA LYS A 104 17.10 -9.23 -1.47
C LYS A 104 17.91 -7.94 -1.68
N ASP A 105 17.92 -7.49 -2.91
CA ASP A 105 18.66 -6.28 -3.29
C ASP A 105 17.85 -5.05 -2.88
N GLY A 106 16.80 -4.80 -3.62
CA GLY A 106 15.94 -3.70 -3.32
C GLY A 106 15.23 -3.23 -4.55
N SER A 107 14.30 -2.34 -4.38
CA SER A 107 13.57 -1.77 -5.49
C SER A 107 13.80 -0.28 -5.47
N LYS A 108 13.59 0.29 -4.27
CA LYS A 108 13.77 1.72 -3.99
C LYS A 108 12.69 2.51 -4.68
N VAL A 109 11.55 1.89 -4.74
CA VAL A 109 10.39 2.43 -5.37
C VAL A 109 9.56 3.24 -4.36
N GLU A 110 8.99 4.30 -4.84
CA GLU A 110 8.06 5.11 -4.12
C GLU A 110 6.71 4.85 -4.73
N PHE A 111 5.76 4.41 -3.98
CA PHE A 111 4.44 4.30 -4.53
C PHE A 111 3.47 5.06 -3.68
N CYS A 112 2.45 5.56 -4.30
CA CYS A 112 1.44 6.29 -3.63
C CYS A 112 0.10 5.91 -4.20
N ILE A 113 -0.88 6.05 -3.40
CA ILE A 113 -2.21 5.72 -3.78
C ILE A 113 -3.00 6.96 -4.06
N ARG A 114 -3.52 7.01 -5.23
CA ARG A 114 -4.34 8.10 -5.67
C ARG A 114 -5.79 7.67 -5.53
N TYR A 115 -6.37 8.06 -4.42
CA TYR A 115 -7.73 7.68 -4.09
C TYR A 115 -8.71 8.72 -4.60
N GLU A 116 -9.12 8.54 -5.83
CA GLU A 116 -10.04 9.46 -6.49
C GLU A 116 -11.45 9.07 -6.18
N THR A 117 -12.08 9.83 -5.35
CA THR A 117 -13.44 9.53 -5.01
C THR A 117 -14.37 10.57 -5.59
N SER A 118 -15.62 10.47 -5.25
CA SER A 118 -16.60 11.41 -5.68
C SER A 118 -16.42 12.72 -4.90
N VAL A 119 -15.77 12.63 -3.75
CA VAL A 119 -15.59 13.77 -2.88
C VAL A 119 -14.10 14.12 -2.68
N GLY A 120 -13.32 14.00 -3.73
CA GLY A 120 -11.95 14.41 -3.65
C GLY A 120 -10.96 13.31 -3.91
N THR A 121 -9.83 13.68 -4.40
CA THR A 121 -8.75 12.77 -4.62
C THR A 121 -7.80 12.81 -3.42
N PHE A 122 -7.76 11.75 -2.68
CA PHE A 122 -6.92 11.66 -1.53
C PHE A 122 -5.66 10.90 -1.88
N TRP A 123 -4.55 11.57 -1.85
CA TRP A 123 -3.30 10.93 -2.10
C TRP A 123 -2.76 10.30 -0.83
N SER A 124 -2.45 9.06 -0.93
CA SER A 124 -1.87 8.33 0.14
C SER A 124 -0.38 8.59 0.15
N ASN A 125 0.00 9.51 0.97
CA ASN A 125 1.36 9.90 1.13
C ASN A 125 1.45 10.37 2.56
N ASN A 126 2.44 9.87 3.28
CA ASN A 126 2.55 10.16 4.72
C ASN A 126 2.79 11.63 4.99
N ASN A 127 3.99 12.10 4.70
CA ASN A 127 4.37 13.52 4.91
C ASN A 127 5.83 13.68 4.55
N GLY A 128 6.08 14.06 3.33
CA GLY A 128 7.44 14.22 2.85
C GLY A 128 7.93 12.92 2.29
N THR A 129 7.85 11.91 3.10
CA THR A 129 8.20 10.59 2.71
C THR A 129 6.88 9.85 2.41
N ASN A 130 6.88 9.04 1.37
CA ASN A 130 5.66 8.36 0.95
C ASN A 130 5.64 6.87 1.36
N TYR A 131 5.93 6.01 0.44
CA TYR A 131 6.04 4.61 0.66
C TYR A 131 7.23 4.14 -0.13
N THR A 132 8.39 4.36 0.43
CA THR A 132 9.63 3.95 -0.17
C THR A 132 10.13 2.74 0.62
N LEU A 133 10.52 1.70 -0.06
CA LEU A 133 10.87 0.46 0.59
C LEU A 133 12.17 -0.13 0.10
N VAL A 134 12.90 -0.73 1.03
CA VAL A 134 14.06 -1.47 0.68
C VAL A 134 13.67 -2.92 0.63
N CYS A 135 13.37 -3.37 -0.56
CA CYS A 135 12.88 -4.69 -0.80
C CYS A 135 13.85 -5.78 -0.42
N GLN A 136 13.71 -6.22 0.79
CA GLN A 136 14.46 -7.28 1.34
C GLN A 136 13.57 -8.07 2.27
N LYS A 137 13.69 -9.36 2.16
CA LYS A 137 12.88 -10.31 2.88
C LYS A 137 13.41 -10.41 4.30
N LYS A 138 12.58 -10.91 5.19
CA LYS A 138 12.96 -11.09 6.59
C LYS A 138 14.09 -12.10 6.62
N GLU A 139 13.79 -13.26 6.13
CA GLU A 139 14.74 -14.30 5.92
C GLU A 139 14.82 -14.58 4.43
N GLY A 1 -6.43 -4.51 10.69
CA GLY A 1 -5.08 -4.24 10.24
C GLY A 1 -4.34 -5.54 10.11
N HIS A 2 -3.61 -5.72 9.03
CA HIS A 2 -2.87 -6.96 8.83
C HIS A 2 -1.70 -7.06 9.76
N MET A 3 -1.10 -5.90 10.12
CA MET A 3 0.05 -5.83 11.07
C MET A 3 1.31 -6.51 10.47
N GLN A 4 1.21 -6.87 9.19
CA GLN A 4 2.21 -7.70 8.50
C GLN A 4 2.31 -9.07 9.18
N THR A 5 3.20 -9.88 8.76
CA THR A 5 3.34 -11.18 9.34
C THR A 5 4.71 -11.32 9.99
N GLU A 6 4.97 -12.50 10.52
CA GLU A 6 6.26 -12.85 11.10
C GLU A 6 6.97 -13.73 10.10
N GLU A 7 6.65 -13.44 8.90
CA GLU A 7 7.01 -14.18 7.76
C GLU A 7 7.57 -13.17 6.76
N TYR A 8 8.01 -13.65 5.62
CA TYR A 8 8.61 -12.83 4.58
C TYR A 8 7.80 -11.55 4.22
N VAL A 9 8.33 -10.43 4.64
CA VAL A 9 7.71 -9.14 4.45
C VAL A 9 8.77 -8.17 4.00
N LEU A 10 8.32 -7.07 3.43
CA LEU A 10 9.20 -6.07 2.94
C LEU A 10 9.40 -5.01 4.02
N SER A 11 10.63 -4.54 4.14
CA SER A 11 11.02 -3.56 5.11
C SER A 11 10.62 -2.13 4.66
N PRO A 12 9.71 -1.48 5.40
CA PRO A 12 9.21 -0.15 5.08
C PRO A 12 9.97 0.99 5.79
N LEU A 13 10.08 2.13 5.11
CA LEU A 13 10.73 3.33 5.68
C LEU A 13 9.68 4.37 5.89
N PHE A 14 8.56 3.90 6.29
CA PHE A 14 7.40 4.71 6.56
C PHE A 14 6.62 4.10 7.69
N ASP A 15 5.49 4.67 7.99
CA ASP A 15 4.65 4.19 9.08
C ASP A 15 3.54 3.32 8.57
N LEU A 16 3.15 2.41 9.40
CA LEU A 16 2.06 1.52 9.12
C LEU A 16 1.17 1.47 10.35
N PRO A 17 -0.16 1.30 10.16
CA PRO A 17 -1.15 1.25 11.24
C PRO A 17 -0.72 0.38 12.42
N ALA A 18 -0.44 1.03 13.53
CA ALA A 18 0.01 0.34 14.74
C ALA A 18 -1.18 -0.17 15.54
N SER A 19 -2.30 0.47 15.33
CA SER A 19 -3.51 0.14 16.01
C SER A 19 -4.63 0.75 15.22
N LYS A 20 -5.87 0.35 15.50
CA LYS A 20 -7.05 0.92 14.87
C LYS A 20 -7.12 2.41 15.16
N GLU A 21 -6.66 2.77 16.35
CA GLU A 21 -6.62 4.14 16.82
C GLU A 21 -5.68 4.96 15.95
N ASP A 22 -4.47 4.44 15.81
CA ASP A 22 -3.42 5.04 14.97
C ASP A 22 -3.88 5.11 13.53
N LEU A 23 -4.54 4.06 13.10
CA LEU A 23 -5.08 3.94 11.77
C LEU A 23 -6.11 5.01 11.50
N MET A 24 -7.21 4.99 12.23
CA MET A 24 -8.31 5.89 11.95
C MET A 24 -7.97 7.35 12.08
N GLN A 25 -7.06 7.71 13.00
CA GLN A 25 -6.67 9.10 13.19
C GLN A 25 -6.00 9.67 11.96
N GLN A 26 -5.12 8.89 11.33
CA GLN A 26 -4.43 9.36 10.15
C GLN A 26 -5.33 9.13 8.94
N LEU A 27 -6.25 8.21 9.11
CA LEU A 27 -7.19 7.86 8.07
C LEU A 27 -8.29 8.91 7.92
N GLN A 28 -8.22 9.96 8.74
CA GLN A 28 -9.15 11.08 8.62
C GLN A 28 -8.56 12.11 7.67
N VAL A 29 -7.33 11.84 7.26
CA VAL A 29 -6.60 12.69 6.35
C VAL A 29 -6.29 11.95 5.05
N GLN A 30 -5.43 10.98 5.17
CA GLN A 30 -4.89 10.24 4.04
C GLN A 30 -5.61 8.91 3.85
N LYS A 31 -6.92 9.05 3.82
CA LYS A 31 -7.97 7.97 3.76
C LYS A 31 -7.54 6.65 3.11
N ALA A 32 -6.79 6.73 2.05
CA ALA A 32 -6.29 5.57 1.40
C ALA A 32 -4.86 5.39 1.78
N MET A 33 -4.59 4.49 2.65
CA MET A 33 -3.23 4.30 3.10
C MET A 33 -2.84 2.86 3.07
N LEU A 34 -1.57 2.64 2.95
CA LEU A 34 -1.03 1.33 2.94
C LEU A 34 -1.15 0.73 4.33
N GLU A 35 -1.46 -0.52 4.39
CA GLU A 35 -1.70 -1.17 5.65
C GLU A 35 -0.57 -2.16 5.94
N SER A 36 -0.24 -2.99 4.96
CA SER A 36 0.81 -3.99 5.10
C SER A 36 1.27 -4.46 3.73
N THR A 37 2.53 -4.86 3.64
CA THR A 37 3.11 -5.41 2.44
C THR A 37 3.50 -6.87 2.69
N GLU A 38 3.20 -7.74 1.74
CA GLU A 38 3.53 -9.15 1.86
C GLU A 38 3.94 -9.69 0.49
N TYR A 39 4.78 -10.68 0.44
CA TYR A 39 5.20 -11.24 -0.83
C TYR A 39 4.26 -12.34 -1.24
N VAL A 40 4.03 -12.47 -2.52
CA VAL A 40 3.16 -13.50 -3.02
C VAL A 40 4.00 -14.73 -3.34
N PRO A 41 3.59 -15.91 -2.86
CA PRO A 41 4.28 -17.14 -3.18
C PRO A 41 3.94 -17.61 -4.60
N GLY A 42 4.86 -17.44 -5.50
CA GLY A 42 4.67 -17.88 -6.85
C GLY A 42 4.72 -16.73 -7.80
N SER A 43 3.92 -15.74 -7.55
CA SER A 43 3.91 -14.56 -8.34
C SER A 43 5.11 -13.71 -7.96
N THR A 44 5.86 -13.26 -8.93
CA THR A 44 7.04 -12.51 -8.69
C THR A 44 6.67 -11.04 -8.44
N SER A 45 5.93 -10.81 -7.37
CA SER A 45 5.41 -9.52 -7.04
C SER A 45 5.14 -9.47 -5.53
N MET A 46 5.21 -8.30 -4.98
CA MET A 46 4.80 -8.09 -3.61
C MET A 46 3.40 -7.53 -3.67
N LYS A 47 2.56 -7.99 -2.82
CA LYS A 47 1.20 -7.56 -2.80
C LYS A 47 0.98 -6.71 -1.57
N GLY A 48 0.53 -5.53 -1.77
CA GLY A 48 0.26 -4.71 -0.65
C GLY A 48 -1.20 -4.50 -0.48
N ILE A 49 -1.60 -4.40 0.75
CA ILE A 49 -2.97 -4.16 1.11
C ILE A 49 -3.10 -2.73 1.59
N ILE A 50 -4.01 -2.03 0.99
CA ILE A 50 -4.29 -0.67 1.32
C ILE A 50 -5.64 -0.59 2.02
N ARG A 51 -5.67 0.13 3.09
CA ARG A 51 -6.83 0.35 3.86
C ARG A 51 -7.36 1.71 3.46
N VAL A 52 -8.53 1.73 2.90
CA VAL A 52 -9.12 2.99 2.51
C VAL A 52 -10.33 3.20 3.38
N LEU A 53 -10.78 4.41 3.54
CA LEU A 53 -11.93 4.63 4.37
C LEU A 53 -13.14 4.83 3.48
N ASN A 54 -14.19 4.10 3.77
CA ASN A 54 -15.41 4.09 2.99
C ASN A 54 -16.17 5.39 3.20
N ILE A 55 -16.00 6.26 2.29
CA ILE A 55 -16.62 7.57 2.33
C ILE A 55 -17.47 7.80 1.08
N SER A 56 -17.37 6.89 0.19
CA SER A 56 -17.96 6.98 -1.08
C SER A 56 -18.16 5.58 -1.62
N PHE A 57 -19.16 5.39 -2.45
CA PHE A 57 -19.34 4.11 -3.10
C PHE A 57 -18.40 4.09 -4.29
N GLU A 58 -18.38 5.20 -5.00
CA GLU A 58 -17.52 5.40 -6.12
C GLU A 58 -16.14 5.71 -5.59
N LYS A 59 -15.35 4.70 -5.48
CA LYS A 59 -14.05 4.81 -4.96
C LYS A 59 -13.04 4.16 -5.95
N LEU A 60 -12.09 4.93 -6.40
CA LEU A 60 -11.10 4.47 -7.33
C LEU A 60 -9.74 4.53 -6.67
N VAL A 61 -9.06 3.41 -6.65
CA VAL A 61 -7.74 3.30 -6.03
C VAL A 61 -6.68 2.96 -7.08
N TYR A 62 -5.75 3.88 -7.27
CA TYR A 62 -4.65 3.68 -8.19
C TYR A 62 -3.31 3.79 -7.48
N VAL A 63 -2.50 2.80 -7.64
CA VAL A 63 -1.18 2.75 -7.05
C VAL A 63 -0.15 3.19 -8.08
N ARG A 64 0.55 4.24 -7.78
CA ARG A 64 1.58 4.73 -8.64
C ARG A 64 2.91 4.58 -7.99
N MET A 65 3.80 3.84 -8.60
CA MET A 65 5.13 3.70 -8.01
C MET A 65 6.09 4.38 -8.90
N SER A 66 7.16 4.80 -8.30
CA SER A 66 8.25 5.29 -9.00
C SER A 66 9.46 5.11 -8.12
N LEU A 67 10.37 4.29 -8.56
CA LEU A 67 11.65 4.09 -7.90
C LEU A 67 12.67 5.04 -8.50
N ASP A 68 12.15 6.13 -8.97
CA ASP A 68 12.86 7.16 -9.65
C ASP A 68 12.45 8.49 -8.97
N ASP A 69 12.63 9.60 -9.66
CA ASP A 69 12.30 10.91 -9.16
C ASP A 69 10.83 11.20 -9.43
N TRP A 70 10.15 10.20 -10.01
CA TRP A 70 8.72 10.19 -10.36
C TRP A 70 8.46 10.64 -11.78
N GLN A 71 9.39 10.32 -12.69
CA GLN A 71 9.17 10.63 -14.10
C GLN A 71 8.22 9.62 -14.74
N THR A 72 8.14 8.46 -14.12
CA THR A 72 7.39 7.35 -14.62
C THR A 72 6.48 6.80 -13.52
N HIS A 73 5.40 6.17 -13.93
CA HIS A 73 4.44 5.55 -13.05
C HIS A 73 3.77 4.38 -13.76
N TYR A 74 3.85 3.22 -13.17
CA TYR A 74 3.23 2.00 -13.73
C TYR A 74 1.75 1.92 -13.33
N ASP A 75 1.16 3.09 -13.06
CA ASP A 75 -0.09 3.22 -12.27
C ASP A 75 -1.11 2.12 -12.40
N ILE A 76 -1.23 1.41 -11.31
CA ILE A 76 -1.98 0.20 -11.20
C ILE A 76 -3.32 0.46 -10.52
N LEU A 77 -4.38 -0.01 -11.11
CA LEU A 77 -5.67 0.09 -10.49
C LEU A 77 -5.71 -1.04 -9.47
N ALA A 78 -5.91 -0.71 -8.22
CA ALA A 78 -5.89 -1.69 -7.17
C ALA A 78 -7.13 -2.55 -7.17
N GLU A 79 -6.99 -3.75 -6.70
CA GLU A 79 -8.06 -4.69 -6.70
C GLU A 79 -8.81 -4.62 -5.39
N TYR A 80 -10.07 -4.27 -5.47
CA TYR A 80 -10.92 -4.23 -4.30
C TYR A 80 -11.16 -5.63 -3.82
N VAL A 81 -10.96 -5.83 -2.56
CA VAL A 81 -11.22 -7.10 -1.95
C VAL A 81 -12.73 -7.17 -1.68
N PRO A 82 -13.44 -8.11 -2.34
CA PRO A 82 -14.91 -8.22 -2.29
C PRO A 82 -15.49 -8.22 -0.88
N ASN A 83 -16.40 -7.28 -0.64
CA ASN A 83 -17.13 -7.13 0.63
C ASN A 83 -16.22 -7.07 1.83
N SER A 84 -15.03 -6.56 1.64
CA SER A 84 -14.08 -6.47 2.72
C SER A 84 -14.15 -5.14 3.38
N CYS A 85 -15.14 -4.41 2.97
CA CYS A 85 -15.51 -3.20 3.58
C CYS A 85 -16.25 -3.53 4.86
N ASP A 86 -15.84 -2.96 5.96
CA ASP A 86 -16.52 -3.22 7.23
C ASP A 86 -17.45 -2.05 7.51
N GLY A 87 -18.05 -1.54 6.44
CA GLY A 87 -18.95 -0.40 6.53
C GLY A 87 -18.20 0.93 6.70
N GLU A 88 -17.11 0.89 7.42
CA GLU A 88 -16.33 2.04 7.73
C GLU A 88 -15.15 2.16 6.78
N THR A 89 -14.44 1.08 6.58
CA THR A 89 -13.26 1.09 5.75
C THR A 89 -13.25 -0.07 4.76
N ASP A 90 -12.38 -0.03 3.77
CA ASP A 90 -12.27 -1.06 2.73
C ASP A 90 -10.85 -1.54 2.62
N GLN A 91 -10.66 -2.60 1.85
CA GLN A 91 -9.37 -3.18 1.61
C GLN A 91 -9.15 -3.35 0.11
N PHE A 92 -8.01 -2.92 -0.34
CA PHE A 92 -7.60 -3.09 -1.72
C PHE A 92 -6.21 -3.65 -1.74
N SER A 93 -5.91 -4.44 -2.72
CA SER A 93 -4.60 -5.00 -2.83
C SER A 93 -4.03 -4.68 -4.20
N PHE A 94 -2.74 -4.59 -4.30
CA PHE A 94 -2.10 -4.33 -5.57
C PHE A 94 -0.86 -5.18 -5.67
N LYS A 95 -0.42 -5.43 -6.86
CA LYS A 95 0.83 -6.11 -7.08
C LYS A 95 1.89 -5.07 -7.39
N ILE A 96 3.11 -5.40 -7.14
CA ILE A 96 4.20 -4.51 -7.41
C ILE A 96 5.22 -5.31 -8.21
N SER A 97 6.34 -4.74 -8.49
CA SER A 97 7.41 -5.42 -9.20
C SER A 97 7.99 -6.60 -8.37
N LEU A 98 8.89 -7.37 -8.98
CA LEU A 98 9.55 -8.49 -8.31
C LEU A 98 10.29 -8.03 -7.04
N VAL A 99 10.44 -8.94 -6.10
CA VAL A 99 10.99 -8.65 -4.79
C VAL A 99 11.99 -9.71 -4.31
N PRO A 100 12.73 -9.39 -3.20
CA PRO A 100 13.76 -10.21 -2.53
C PRO A 100 13.71 -11.72 -2.64
N PRO A 101 12.54 -12.42 -2.39
CA PRO A 101 12.53 -13.86 -2.44
C PRO A 101 12.91 -14.42 -3.82
N TYR A 102 12.83 -13.58 -4.84
CA TYR A 102 13.16 -13.98 -6.19
C TYR A 102 14.43 -13.27 -6.69
N GLN A 103 14.59 -12.02 -6.30
CA GLN A 103 15.76 -11.25 -6.67
C GLN A 103 15.98 -10.27 -5.55
N LYS A 104 17.20 -10.02 -5.18
CA LYS A 104 17.45 -9.29 -3.94
C LYS A 104 18.43 -8.13 -4.11
N ASP A 105 17.86 -6.97 -4.37
CA ASP A 105 18.64 -5.75 -4.57
C ASP A 105 18.27 -4.64 -3.57
N GLY A 106 17.24 -3.88 -3.88
CA GLY A 106 16.82 -2.77 -3.07
C GLY A 106 16.33 -1.66 -3.95
N SER A 107 15.11 -1.83 -4.44
CA SER A 107 14.48 -0.95 -5.43
C SER A 107 14.46 0.51 -5.03
N LYS A 108 14.11 0.77 -3.76
CA LYS A 108 13.99 2.12 -3.22
C LYS A 108 12.80 2.79 -3.88
N VAL A 109 11.80 1.98 -4.07
CA VAL A 109 10.59 2.35 -4.73
C VAL A 109 9.68 3.14 -3.80
N GLU A 110 9.10 4.19 -4.34
CA GLU A 110 8.10 4.94 -3.65
C GLU A 110 6.81 4.73 -4.40
N PHE A 111 5.73 4.50 -3.70
CA PHE A 111 4.45 4.43 -4.34
C PHE A 111 3.43 5.27 -3.59
N CYS A 112 2.49 5.80 -4.31
CA CYS A 112 1.43 6.59 -3.73
C CYS A 112 0.11 6.05 -4.22
N ILE A 113 -0.91 6.27 -3.45
CA ILE A 113 -2.21 5.80 -3.80
C ILE A 113 -3.11 6.96 -4.17
N ARG A 114 -3.71 6.85 -5.32
CA ARG A 114 -4.69 7.79 -5.83
C ARG A 114 -6.07 7.27 -5.51
N TYR A 115 -6.72 7.90 -4.57
CA TYR A 115 -8.04 7.50 -4.15
C TYR A 115 -9.06 8.53 -4.59
N GLU A 116 -9.64 8.31 -5.71
CA GLU A 116 -10.59 9.23 -6.26
C GLU A 116 -11.99 8.83 -5.83
N THR A 117 -12.63 9.68 -5.08
CA THR A 117 -13.97 9.38 -4.63
C THR A 117 -14.93 10.48 -5.02
N SER A 118 -16.18 10.30 -4.68
CA SER A 118 -17.21 11.27 -4.96
C SER A 118 -17.05 12.51 -4.09
N VAL A 119 -16.30 12.37 -3.01
CA VAL A 119 -16.10 13.46 -2.09
C VAL A 119 -14.62 13.87 -2.03
N GLY A 120 -13.96 13.85 -3.16
CA GLY A 120 -12.60 14.28 -3.21
C GLY A 120 -11.64 13.20 -3.65
N THR A 121 -10.55 13.63 -4.15
CA THR A 121 -9.46 12.76 -4.51
C THR A 121 -8.42 12.81 -3.41
N PHE A 122 -8.12 11.68 -2.84
CA PHE A 122 -7.20 11.59 -1.77
C PHE A 122 -5.97 10.85 -2.21
N TRP A 123 -4.89 11.57 -2.32
CA TRP A 123 -3.63 10.96 -2.61
C TRP A 123 -2.97 10.61 -1.31
N SER A 124 -2.42 9.45 -1.24
CA SER A 124 -1.70 9.03 -0.09
C SER A 124 -0.32 9.63 -0.17
N ASN A 125 -0.13 10.69 0.56
CA ASN A 125 1.09 11.42 0.60
C ASN A 125 1.54 11.49 2.03
N ASN A 126 2.79 11.22 2.27
CA ASN A 126 3.32 11.21 3.60
C ASN A 126 4.24 12.45 3.74
N ASN A 127 5.06 12.51 4.75
CA ASN A 127 5.87 13.69 5.00
C ASN A 127 7.35 13.30 5.01
N GLY A 128 7.97 13.46 3.88
CA GLY A 128 9.42 13.24 3.76
C GLY A 128 9.70 11.92 3.11
N THR A 129 8.66 11.22 2.90
CA THR A 129 8.66 9.94 2.32
C THR A 129 7.23 9.75 1.86
N ASN A 130 6.97 8.73 1.12
CA ASN A 130 5.62 8.39 0.80
C ASN A 130 5.41 7.00 1.30
N TYR A 131 5.84 6.07 0.51
CA TYR A 131 5.94 4.70 0.87
C TYR A 131 7.19 4.20 0.21
N THR A 132 8.31 4.46 0.83
CA THR A 132 9.60 4.03 0.34
C THR A 132 9.95 2.68 0.97
N LEU A 133 10.33 1.72 0.16
CA LEU A 133 10.68 0.42 0.67
C LEU A 133 12.06 -0.02 0.25
N VAL A 134 12.74 -0.68 1.18
CA VAL A 134 14.02 -1.28 0.90
C VAL A 134 13.78 -2.76 0.70
N CYS A 135 13.82 -3.15 -0.55
CA CYS A 135 13.52 -4.50 -0.94
C CYS A 135 14.49 -5.51 -0.37
N GLN A 136 14.09 -6.07 0.74
CA GLN A 136 14.82 -7.09 1.44
C GLN A 136 13.82 -7.88 2.24
N LYS A 137 14.14 -9.11 2.50
CA LYS A 137 13.29 -10.01 3.25
C LYS A 137 13.50 -9.71 4.72
N LYS A 138 12.52 -10.03 5.52
CA LYS A 138 12.57 -9.78 6.96
C LYS A 138 13.76 -10.49 7.59
N GLU A 139 13.86 -11.74 7.27
CA GLU A 139 14.90 -12.62 7.66
C GLU A 139 14.94 -13.62 6.56
N GLY A 1 7.54 -3.52 13.01
CA GLY A 1 6.49 -4.49 13.29
C GLY A 1 5.89 -4.99 12.01
N HIS A 2 4.69 -5.58 12.11
CA HIS A 2 3.94 -6.15 10.98
C HIS A 2 4.55 -7.47 10.51
N MET A 3 5.34 -8.08 11.38
CA MET A 3 6.01 -9.33 11.11
C MET A 3 5.11 -10.52 11.49
N GLN A 4 3.86 -10.45 11.05
CA GLN A 4 2.85 -11.47 11.33
C GLN A 4 3.29 -12.82 10.79
N THR A 5 3.74 -12.82 9.57
CA THR A 5 4.31 -13.98 8.98
C THR A 5 5.82 -13.81 9.03
N GLU A 6 6.47 -14.42 10.00
CA GLU A 6 7.88 -14.24 10.12
C GLU A 6 8.63 -15.15 9.15
N GLU A 7 9.08 -14.54 8.10
CA GLU A 7 9.77 -15.15 7.01
C GLU A 7 10.16 -13.95 6.22
N TYR A 8 10.32 -14.10 4.95
CA TYR A 8 10.60 -12.97 4.06
C TYR A 8 9.62 -11.77 4.27
N VAL A 9 10.11 -10.76 4.96
CA VAL A 9 9.33 -9.56 5.26
C VAL A 9 10.09 -8.38 4.75
N LEU A 10 9.42 -7.27 4.63
CA LEU A 10 10.03 -6.08 4.11
C LEU A 10 10.27 -5.05 5.18
N SER A 11 11.19 -4.18 4.88
CA SER A 11 11.55 -3.11 5.71
C SER A 11 10.89 -1.82 5.19
N PRO A 12 9.78 -1.39 5.79
CA PRO A 12 9.09 -0.20 5.38
C PRO A 12 9.50 1.02 6.20
N LEU A 13 10.05 2.00 5.55
CA LEU A 13 10.48 3.18 6.22
C LEU A 13 9.46 4.31 6.11
N PHE A 14 8.26 3.97 6.49
CA PHE A 14 7.14 4.87 6.55
C PHE A 14 6.21 4.39 7.65
N ASP A 15 5.06 4.98 7.74
CA ASP A 15 4.12 4.62 8.79
C ASP A 15 3.05 3.69 8.31
N LEU A 16 2.83 2.64 9.06
CA LEU A 16 1.78 1.68 8.80
C LEU A 16 0.91 1.56 10.03
N PRO A 17 -0.37 1.18 9.85
CA PRO A 17 -1.31 1.04 10.96
C PRO A 17 -0.86 -0.05 11.96
N ALA A 18 -0.53 0.37 13.15
CA ALA A 18 -0.10 -0.54 14.19
C ALA A 18 -1.29 -1.07 14.97
N SER A 19 -2.39 -0.37 14.89
CA SER A 19 -3.63 -0.71 15.54
C SER A 19 -4.73 0.01 14.83
N LYS A 20 -5.96 -0.35 15.12
CA LYS A 20 -7.11 0.26 14.49
C LYS A 20 -7.20 1.74 14.85
N GLU A 21 -6.81 2.08 16.06
CA GLU A 21 -6.80 3.47 16.51
C GLU A 21 -5.81 4.23 15.67
N ASP A 22 -4.60 3.70 15.63
CA ASP A 22 -3.48 4.24 14.87
C ASP A 22 -3.84 4.38 13.39
N LEU A 23 -4.58 3.43 12.91
CA LEU A 23 -5.07 3.44 11.56
C LEU A 23 -6.07 4.58 11.40
N MET A 24 -7.10 4.58 12.21
CA MET A 24 -8.18 5.52 12.08
C MET A 24 -7.74 6.96 12.31
N GLN A 25 -6.81 7.17 13.25
CA GLN A 25 -6.35 8.50 13.60
C GLN A 25 -5.72 9.21 12.39
N GLN A 26 -4.99 8.47 11.59
CA GLN A 26 -4.35 9.04 10.42
C GLN A 26 -5.33 8.98 9.25
N LEU A 27 -6.23 8.01 9.32
CA LEU A 27 -7.18 7.74 8.25
C LEU A 27 -8.25 8.82 8.14
N GLN A 28 -8.23 9.76 9.05
CA GLN A 28 -9.17 10.87 9.01
C GLN A 28 -8.57 12.02 8.19
N VAL A 29 -7.31 11.88 7.88
CA VAL A 29 -6.61 12.86 7.08
C VAL A 29 -6.38 12.32 5.67
N GLN A 30 -5.60 11.29 5.61
CA GLN A 30 -5.15 10.70 4.35
C GLN A 30 -5.85 9.39 4.06
N LYS A 31 -7.17 9.49 4.08
CA LYS A 31 -8.22 8.40 3.96
C LYS A 31 -7.80 7.05 3.32
N ALA A 32 -6.94 7.05 2.36
CA ALA A 32 -6.46 5.84 1.75
C ALA A 32 -5.02 5.57 2.19
N MET A 33 -4.80 4.52 2.98
CA MET A 33 -3.45 4.17 3.36
C MET A 33 -3.18 2.70 3.35
N LEU A 34 -1.94 2.37 3.15
CA LEU A 34 -1.49 0.99 3.08
C LEU A 34 -1.67 0.31 4.44
N GLU A 35 -2.01 -0.95 4.41
CA GLU A 35 -2.26 -1.68 5.63
C GLU A 35 -1.05 -2.53 5.97
N SER A 36 -0.66 -3.39 5.05
CA SER A 36 0.49 -4.26 5.20
C SER A 36 0.97 -4.73 3.83
N THR A 37 2.26 -4.94 3.71
CA THR A 37 2.89 -5.43 2.50
C THR A 37 3.04 -6.94 2.60
N GLU A 38 2.71 -7.65 1.55
CA GLU A 38 2.76 -9.09 1.58
C GLU A 38 3.56 -9.60 0.40
N TYR A 39 4.55 -10.42 0.67
CA TYR A 39 5.32 -11.06 -0.40
C TYR A 39 4.42 -12.12 -1.03
N VAL A 40 4.45 -12.22 -2.34
CA VAL A 40 3.58 -13.17 -3.02
C VAL A 40 4.27 -14.52 -3.20
N PRO A 41 3.72 -15.57 -2.59
CA PRO A 41 4.30 -16.91 -2.67
C PRO A 41 4.22 -17.50 -4.08
N GLY A 42 5.34 -17.54 -4.75
CA GLY A 42 5.40 -18.16 -6.06
C GLY A 42 5.29 -17.18 -7.21
N SER A 43 5.25 -15.91 -6.90
CA SER A 43 5.16 -14.90 -7.93
C SER A 43 6.21 -13.84 -7.68
N THR A 44 6.82 -13.37 -8.75
CA THR A 44 7.83 -12.37 -8.66
C THR A 44 7.17 -10.98 -8.53
N SER A 45 6.49 -10.78 -7.42
CA SER A 45 5.76 -9.57 -7.20
C SER A 45 5.47 -9.44 -5.71
N MET A 46 5.04 -8.27 -5.30
CA MET A 46 4.60 -8.07 -3.93
C MET A 46 3.15 -7.64 -3.97
N LYS A 47 2.40 -7.97 -2.97
CA LYS A 47 1.01 -7.63 -2.89
C LYS A 47 0.86 -6.62 -1.75
N GLY A 48 -0.09 -5.73 -1.87
CA GLY A 48 -0.33 -4.80 -0.79
C GLY A 48 -1.78 -4.50 -0.65
N ILE A 49 -2.23 -4.42 0.57
CA ILE A 49 -3.61 -4.09 0.91
C ILE A 49 -3.66 -2.66 1.41
N ILE A 50 -4.58 -1.89 0.88
CA ILE A 50 -4.79 -0.52 1.29
C ILE A 50 -6.17 -0.38 1.92
N ARG A 51 -6.22 0.29 3.02
CA ARG A 51 -7.44 0.58 3.72
C ARG A 51 -7.84 1.98 3.38
N VAL A 52 -8.97 2.10 2.80
CA VAL A 52 -9.51 3.38 2.45
C VAL A 52 -10.72 3.60 3.31
N LEU A 53 -11.12 4.83 3.48
CA LEU A 53 -12.28 5.12 4.26
C LEU A 53 -13.49 5.02 3.33
N ASN A 54 -14.49 4.29 3.74
CA ASN A 54 -15.72 4.13 2.99
C ASN A 54 -16.50 5.45 2.99
N ILE A 55 -16.36 6.21 1.92
CA ILE A 55 -16.98 7.54 1.84
C ILE A 55 -17.68 7.83 0.51
N SER A 56 -17.43 7.04 -0.49
CA SER A 56 -17.92 7.35 -1.81
C SER A 56 -18.41 6.08 -2.48
N PHE A 57 -19.47 6.18 -3.28
CA PHE A 57 -19.96 5.04 -4.04
C PHE A 57 -18.93 4.67 -5.09
N GLU A 58 -18.53 5.66 -5.85
CA GLU A 58 -17.45 5.46 -6.76
C GLU A 58 -16.18 5.91 -6.08
N LYS A 59 -15.47 4.97 -5.62
CA LYS A 59 -14.23 5.18 -4.98
C LYS A 59 -13.19 4.51 -5.87
N LEU A 60 -12.17 5.22 -6.20
CA LEU A 60 -11.19 4.71 -7.11
C LEU A 60 -9.82 4.73 -6.46
N VAL A 61 -9.23 3.57 -6.32
CA VAL A 61 -7.91 3.47 -5.71
C VAL A 61 -6.84 3.21 -6.77
N TYR A 62 -6.11 4.23 -7.11
CA TYR A 62 -5.05 4.10 -8.06
C TYR A 62 -3.69 4.15 -7.42
N VAL A 63 -2.91 3.16 -7.68
CA VAL A 63 -1.60 3.07 -7.14
C VAL A 63 -0.59 3.42 -8.23
N ARG A 64 0.33 4.30 -7.91
CA ARG A 64 1.39 4.64 -8.83
C ARG A 64 2.69 4.45 -8.12
N MET A 65 3.69 3.92 -8.79
CA MET A 65 4.99 3.73 -8.17
C MET A 65 6.03 4.33 -9.03
N SER A 66 7.13 4.65 -8.43
CA SER A 66 8.28 5.09 -9.11
C SER A 66 9.53 4.65 -8.36
N LEU A 67 10.38 3.93 -9.06
CA LEU A 67 11.75 3.62 -8.61
C LEU A 67 12.63 4.71 -9.24
N ASP A 68 12.00 5.82 -9.41
CA ASP A 68 12.45 6.91 -10.19
C ASP A 68 11.97 8.22 -9.53
N ASP A 69 12.30 9.36 -10.11
CA ASP A 69 11.99 10.69 -9.60
C ASP A 69 10.49 11.02 -9.76
N TRP A 70 9.73 10.06 -10.32
CA TRP A 70 8.28 10.15 -10.60
C TRP A 70 8.05 10.72 -11.98
N GLN A 71 8.88 10.28 -12.89
CA GLN A 71 8.81 10.62 -14.29
C GLN A 71 8.09 9.48 -14.97
N THR A 72 8.33 8.30 -14.45
CA THR A 72 7.73 7.10 -14.92
C THR A 72 7.01 6.40 -13.75
N HIS A 73 5.80 5.97 -14.01
CA HIS A 73 4.93 5.35 -13.01
C HIS A 73 3.92 4.52 -13.71
N TYR A 74 3.50 3.48 -13.10
CA TYR A 74 2.37 2.77 -13.62
C TYR A 74 1.13 3.38 -13.01
N ASP A 75 0.00 2.89 -13.36
CA ASP A 75 -1.23 3.31 -12.74
C ASP A 75 -2.05 2.10 -12.51
N ILE A 76 -1.99 1.57 -11.33
CA ILE A 76 -2.70 0.36 -11.02
C ILE A 76 -3.96 0.64 -10.29
N LEU A 77 -5.06 0.21 -10.84
CA LEU A 77 -6.29 0.25 -10.14
C LEU A 77 -6.29 -0.90 -9.15
N ALA A 78 -6.32 -0.57 -7.90
CA ALA A 78 -6.31 -1.57 -6.86
C ALA A 78 -7.65 -2.25 -6.81
N GLU A 79 -7.63 -3.54 -6.72
CA GLU A 79 -8.82 -4.33 -6.73
C GLU A 79 -9.45 -4.37 -5.35
N TYR A 80 -10.72 -4.03 -5.28
CA TYR A 80 -11.49 -4.09 -4.07
C TYR A 80 -11.61 -5.53 -3.61
N VAL A 81 -11.35 -5.75 -2.34
CA VAL A 81 -11.51 -7.04 -1.76
C VAL A 81 -12.98 -7.21 -1.38
N PRO A 82 -13.66 -8.17 -1.99
CA PRO A 82 -15.10 -8.40 -1.78
C PRO A 82 -15.46 -8.57 -0.32
N ASN A 83 -16.48 -7.85 0.12
CA ASN A 83 -17.05 -7.95 1.48
C ASN A 83 -16.04 -7.56 2.56
N SER A 84 -15.01 -6.83 2.20
CA SER A 84 -13.99 -6.48 3.14
C SER A 84 -14.18 -5.08 3.68
N CYS A 85 -15.20 -4.46 3.21
CA CYS A 85 -15.59 -3.18 3.70
C CYS A 85 -16.40 -3.39 4.96
N ASP A 86 -16.14 -2.59 5.94
CA ASP A 86 -16.78 -2.76 7.24
C ASP A 86 -17.57 -1.55 7.63
N GLY A 87 -18.24 -0.94 6.68
CA GLY A 87 -19.03 0.24 6.95
C GLY A 87 -18.18 1.48 7.04
N GLU A 88 -17.15 1.40 7.81
CA GLU A 88 -16.24 2.50 7.99
C GLU A 88 -15.17 2.51 6.93
N THR A 89 -14.55 1.39 6.69
CA THR A 89 -13.42 1.38 5.79
C THR A 89 -13.53 0.24 4.76
N ASP A 90 -12.56 0.17 3.85
CA ASP A 90 -12.54 -0.85 2.79
C ASP A 90 -11.14 -1.37 2.68
N GLN A 91 -10.98 -2.47 1.97
CA GLN A 91 -9.67 -3.04 1.72
C GLN A 91 -9.53 -3.28 0.23
N PHE A 92 -8.47 -2.75 -0.33
CA PHE A 92 -8.14 -2.93 -1.74
C PHE A 92 -6.74 -3.49 -1.82
N SER A 93 -6.40 -4.12 -2.91
CA SER A 93 -5.09 -4.69 -3.04
C SER A 93 -4.52 -4.48 -4.44
N PHE A 94 -3.22 -4.34 -4.51
CA PHE A 94 -2.52 -4.11 -5.77
C PHE A 94 -1.23 -4.96 -5.75
N LYS A 95 -0.41 -4.83 -6.77
CA LYS A 95 0.84 -5.56 -6.82
C LYS A 95 2.00 -4.64 -7.18
N ILE A 96 3.18 -5.11 -6.91
CA ILE A 96 4.43 -4.46 -7.22
C ILE A 96 5.35 -5.49 -7.87
N SER A 97 6.35 -5.03 -8.57
CA SER A 97 7.36 -5.81 -9.24
C SER A 97 8.15 -6.80 -8.28
N LEU A 98 9.23 -7.39 -8.82
CA LEU A 98 10.07 -8.36 -8.11
C LEU A 98 10.60 -7.84 -6.77
N VAL A 99 10.76 -8.77 -5.84
CA VAL A 99 11.18 -8.50 -4.47
C VAL A 99 12.35 -9.43 -4.06
N PRO A 100 12.90 -9.30 -2.82
CA PRO A 100 14.19 -9.91 -2.43
C PRO A 100 14.40 -11.40 -2.66
N PRO A 101 13.43 -12.33 -2.40
CA PRO A 101 13.71 -13.75 -2.56
C PRO A 101 14.09 -14.11 -4.01
N TYR A 102 13.84 -13.17 -4.91
CA TYR A 102 14.15 -13.33 -6.29
C TYR A 102 15.42 -12.50 -6.60
N GLN A 103 15.45 -11.27 -6.11
CA GLN A 103 16.58 -10.39 -6.32
C GLN A 103 16.89 -9.71 -4.99
N LYS A 104 18.01 -10.03 -4.41
CA LYS A 104 18.38 -9.62 -3.05
C LYS A 104 19.16 -8.32 -3.01
N ASP A 105 19.01 -7.52 -4.03
CA ASP A 105 19.72 -6.25 -4.11
C ASP A 105 18.93 -5.13 -3.49
N GLY A 106 17.98 -4.66 -4.24
CA GLY A 106 17.13 -3.58 -3.82
C GLY A 106 16.28 -3.21 -4.98
N SER A 107 15.19 -2.62 -4.72
CA SER A 107 14.32 -2.20 -5.79
C SER A 107 14.16 -0.70 -5.66
N LYS A 108 13.74 -0.28 -4.47
CA LYS A 108 13.52 1.12 -4.11
C LYS A 108 12.31 1.63 -4.80
N VAL A 109 11.19 1.25 -4.30
CA VAL A 109 9.95 1.57 -4.90
C VAL A 109 9.17 2.53 -4.02
N GLU A 110 8.91 3.69 -4.53
CA GLU A 110 8.08 4.64 -3.87
C GLU A 110 6.72 4.60 -4.55
N PHE A 111 5.70 4.27 -3.82
CA PHE A 111 4.37 4.28 -4.39
C PHE A 111 3.46 5.18 -3.58
N CYS A 112 2.39 5.62 -4.19
CA CYS A 112 1.39 6.46 -3.53
C CYS A 112 0.03 6.08 -4.04
N ILE A 113 -0.98 6.33 -3.25
CA ILE A 113 -2.33 6.00 -3.62
C ILE A 113 -3.12 7.24 -4.02
N ARG A 114 -3.68 7.18 -5.19
CA ARG A 114 -4.57 8.15 -5.74
C ARG A 114 -5.99 7.66 -5.50
N TYR A 115 -6.59 8.15 -4.47
CA TYR A 115 -7.93 7.73 -4.12
C TYR A 115 -8.93 8.76 -4.63
N GLU A 116 -9.35 8.58 -5.85
CA GLU A 116 -10.29 9.48 -6.46
C GLU A 116 -11.69 9.09 -6.05
N THR A 117 -12.36 9.99 -5.40
CA THR A 117 -13.72 9.74 -5.01
C THR A 117 -14.56 10.89 -5.49
N SER A 118 -15.84 10.87 -5.20
CA SER A 118 -16.69 11.97 -5.57
C SER A 118 -16.54 13.11 -4.56
N VAL A 119 -15.76 12.87 -3.52
CA VAL A 119 -15.51 13.86 -2.50
C VAL A 119 -14.03 14.21 -2.44
N GLY A 120 -13.39 14.26 -3.61
CA GLY A 120 -12.03 14.64 -3.71
C GLY A 120 -11.12 13.48 -4.01
N THR A 121 -9.98 13.82 -4.48
CA THR A 121 -8.93 12.88 -4.76
C THR A 121 -7.93 12.89 -3.61
N PHE A 122 -7.90 11.82 -2.87
CA PHE A 122 -7.03 11.73 -1.75
C PHE A 122 -5.72 11.09 -2.16
N TRP A 123 -4.72 11.91 -2.30
CA TRP A 123 -3.40 11.45 -2.57
C TRP A 123 -2.72 11.13 -1.29
N SER A 124 -2.45 9.89 -1.10
CA SER A 124 -1.82 9.44 0.09
C SER A 124 -0.33 9.70 0.01
N ASN A 125 0.19 10.28 1.06
CA ASN A 125 1.58 10.63 1.17
C ASN A 125 1.86 10.67 2.67
N ASN A 126 3.05 10.35 3.07
CA ASN A 126 3.41 10.39 4.46
C ASN A 126 3.84 11.82 4.79
N ASN A 127 4.88 12.25 4.08
CA ASN A 127 5.44 13.61 4.16
C ASN A 127 6.70 13.68 3.32
N GLY A 128 7.68 12.90 3.72
CA GLY A 128 8.92 12.82 3.00
C GLY A 128 9.02 11.50 2.33
N THR A 129 8.78 10.48 3.11
CA THR A 129 8.66 9.16 2.62
C THR A 129 7.24 9.06 2.08
N ASN A 130 6.98 8.14 1.22
CA ASN A 130 5.65 7.97 0.71
C ASN A 130 5.17 6.63 1.20
N TYR A 131 5.62 5.64 0.49
CA TYR A 131 5.52 4.27 0.82
C TYR A 131 6.76 3.70 0.23
N THR A 132 7.84 4.07 0.82
CA THR A 132 9.14 3.72 0.33
C THR A 132 9.68 2.51 1.10
N LEU A 133 10.15 1.52 0.38
CA LEU A 133 10.68 0.33 1.01
C LEU A 133 11.99 -0.09 0.41
N VAL A 134 12.89 -0.51 1.26
CA VAL A 134 14.10 -1.15 0.81
C VAL A 134 13.80 -2.61 0.67
N CYS A 135 13.81 -3.07 -0.56
CA CYS A 135 13.52 -4.43 -0.83
C CYS A 135 14.62 -5.35 -0.39
N GLN A 136 14.49 -5.79 0.83
CA GLN A 136 15.41 -6.69 1.46
C GLN A 136 14.67 -7.70 2.28
N LYS A 137 15.21 -8.87 2.28
CA LYS A 137 14.65 -10.02 2.92
C LYS A 137 14.95 -9.96 4.41
N LYS A 138 14.31 -10.81 5.19
CA LYS A 138 14.60 -10.89 6.61
C LYS A 138 15.92 -11.62 6.78
N GLU A 139 15.91 -12.89 6.47
CA GLU A 139 17.08 -13.72 6.60
C GLU A 139 17.13 -14.71 5.44
N GLY A 1 7.16 -27.16 16.42
CA GLY A 1 7.43 -26.08 15.49
C GLY A 1 7.57 -24.79 16.23
N HIS A 2 7.37 -23.68 15.56
CA HIS A 2 7.52 -22.39 16.21
C HIS A 2 6.51 -21.39 15.72
N MET A 3 5.89 -20.72 16.64
CA MET A 3 4.94 -19.69 16.30
C MET A 3 5.67 -18.40 16.05
N GLN A 4 5.88 -18.10 14.80
CA GLN A 4 6.60 -16.92 14.39
C GLN A 4 6.18 -16.58 13.00
N THR A 5 6.17 -17.59 12.14
CA THR A 5 5.78 -17.48 10.78
C THR A 5 6.85 -16.77 9.96
N GLU A 6 7.55 -17.52 9.14
CA GLU A 6 8.52 -16.94 8.25
C GLU A 6 7.84 -16.37 7.02
N GLU A 7 6.92 -15.48 7.28
CA GLU A 7 6.21 -14.79 6.27
C GLU A 7 7.04 -13.64 5.87
N TYR A 8 7.52 -13.73 4.69
CA TYR A 8 8.42 -12.78 4.18
C TYR A 8 7.66 -11.51 3.88
N VAL A 9 8.08 -10.48 4.54
CA VAL A 9 7.46 -9.19 4.47
C VAL A 9 8.48 -8.18 4.07
N LEU A 10 8.04 -7.07 3.55
CA LEU A 10 8.94 -6.04 3.12
C LEU A 10 9.29 -5.12 4.26
N SER A 11 10.28 -4.33 4.04
CA SER A 11 10.70 -3.39 4.96
C SER A 11 10.36 -1.97 4.49
N PRO A 12 9.24 -1.45 4.96
CA PRO A 12 8.80 -0.12 4.65
C PRO A 12 9.25 0.86 5.74
N LEU A 13 9.88 1.92 5.35
CA LEU A 13 10.38 2.86 6.33
C LEU A 13 9.49 4.09 6.42
N PHE A 14 8.21 3.83 6.33
CA PHE A 14 7.20 4.84 6.41
C PHE A 14 6.18 4.43 7.44
N ASP A 15 5.20 5.26 7.65
CA ASP A 15 4.20 5.02 8.70
C ASP A 15 3.17 4.01 8.27
N LEU A 16 3.09 2.94 9.03
CA LEU A 16 2.11 1.91 8.84
C LEU A 16 1.26 1.75 10.07
N PRO A 17 -0.04 1.40 9.91
CA PRO A 17 -0.99 1.27 11.03
C PRO A 17 -0.55 0.23 12.05
N ALA A 18 -0.09 0.71 13.18
CA ALA A 18 0.45 -0.14 14.23
C ALA A 18 -0.67 -0.82 15.01
N SER A 19 -1.85 -0.26 14.92
CA SER A 19 -3.02 -0.74 15.61
C SER A 19 -4.22 -0.19 14.86
N LYS A 20 -5.43 -0.67 15.12
CA LYS A 20 -6.61 -0.13 14.45
C LYS A 20 -6.90 1.28 14.92
N GLU A 21 -6.55 1.55 16.16
CA GLU A 21 -6.66 2.89 16.73
C GLU A 21 -5.73 3.83 15.97
N ASP A 22 -4.50 3.38 15.82
CA ASP A 22 -3.44 4.11 15.09
C ASP A 22 -3.82 4.27 13.63
N LEU A 23 -4.46 3.28 13.10
CA LEU A 23 -4.96 3.30 11.76
C LEU A 23 -6.05 4.34 11.61
N MET A 24 -7.12 4.21 12.39
CA MET A 24 -8.26 5.10 12.27
C MET A 24 -7.91 6.55 12.53
N GLN A 25 -7.04 6.81 13.51
CA GLN A 25 -6.66 8.18 13.88
C GLN A 25 -6.05 8.96 12.70
N GLN A 26 -5.23 8.29 11.89
CA GLN A 26 -4.60 8.96 10.75
C GLN A 26 -5.46 8.78 9.52
N LEU A 27 -6.33 7.79 9.56
CA LEU A 27 -7.22 7.49 8.45
C LEU A 27 -8.33 8.53 8.37
N GLN A 28 -8.30 9.51 9.25
CA GLN A 28 -9.24 10.62 9.24
C GLN A 28 -8.65 11.71 8.34
N VAL A 29 -7.39 11.54 8.00
CA VAL A 29 -6.68 12.47 7.17
C VAL A 29 -6.43 11.85 5.80
N GLN A 30 -5.59 10.87 5.78
CA GLN A 30 -5.13 10.25 4.54
C GLN A 30 -5.85 8.95 4.27
N LYS A 31 -7.15 9.07 4.23
CA LYS A 31 -8.19 8.01 4.05
C LYS A 31 -7.75 6.69 3.39
N ALA A 32 -6.91 6.76 2.40
CA ALA A 32 -6.40 5.60 1.74
C ALA A 32 -4.95 5.43 2.11
N MET A 33 -4.62 4.39 2.83
CA MET A 33 -3.23 4.19 3.20
C MET A 33 -2.84 2.73 3.13
N LEU A 34 -1.58 2.48 2.95
CA LEU A 34 -1.06 1.13 2.91
C LEU A 34 -1.20 0.54 4.33
N GLU A 35 -1.58 -0.71 4.42
CA GLU A 35 -1.79 -1.33 5.71
C GLU A 35 -0.62 -2.25 6.05
N SER A 36 -0.32 -3.17 5.14
CA SER A 36 0.77 -4.11 5.34
C SER A 36 1.37 -4.54 4.01
N THR A 37 2.66 -4.80 4.00
CA THR A 37 3.35 -5.27 2.83
C THR A 37 3.84 -6.69 3.06
N GLU A 38 3.26 -7.58 2.34
CA GLU A 38 3.46 -9.00 2.53
C GLU A 38 3.76 -9.59 1.17
N TYR A 39 4.68 -10.53 1.08
CA TYR A 39 5.03 -11.07 -0.24
C TYR A 39 3.96 -12.02 -0.71
N VAL A 40 3.85 -12.21 -2.00
CA VAL A 40 2.90 -13.16 -2.54
C VAL A 40 3.57 -14.52 -2.51
N PRO A 41 3.03 -15.47 -1.74
CA PRO A 41 3.62 -16.80 -1.58
C PRO A 41 3.68 -17.56 -2.92
N GLY A 42 4.86 -17.67 -3.45
CA GLY A 42 5.07 -18.43 -4.67
C GLY A 42 5.18 -17.57 -5.89
N SER A 43 4.83 -16.31 -5.77
CA SER A 43 4.90 -15.40 -6.89
C SER A 43 6.05 -14.41 -6.70
N THR A 44 6.43 -13.77 -7.75
CA THR A 44 7.53 -12.86 -7.77
C THR A 44 7.00 -11.42 -7.54
N SER A 45 6.25 -11.23 -6.45
CA SER A 45 5.60 -9.94 -6.17
C SER A 45 5.28 -9.81 -4.68
N MET A 46 4.75 -8.65 -4.33
CA MET A 46 4.34 -8.35 -2.97
C MET A 46 2.88 -7.90 -3.04
N LYS A 47 2.11 -8.33 -2.06
CA LYS A 47 0.69 -8.08 -2.00
C LYS A 47 0.44 -6.97 -0.99
N GLY A 48 0.19 -5.81 -1.49
CA GLY A 48 -0.04 -4.70 -0.60
C GLY A 48 -1.49 -4.45 -0.41
N ILE A 49 -1.87 -4.34 0.82
CA ILE A 49 -3.23 -4.06 1.20
C ILE A 49 -3.32 -2.61 1.60
N ILE A 50 -4.25 -1.93 1.04
CA ILE A 50 -4.50 -0.55 1.32
C ILE A 50 -5.83 -0.43 1.99
N ARG A 51 -5.84 0.18 3.12
CA ARG A 51 -7.04 0.40 3.85
C ARG A 51 -7.55 1.76 3.45
N VAL A 52 -8.70 1.79 2.86
CA VAL A 52 -9.30 3.04 2.49
C VAL A 52 -10.54 3.24 3.31
N LEU A 53 -10.88 4.44 3.57
CA LEU A 53 -12.05 4.69 4.32
C LEU A 53 -13.18 4.93 3.34
N ASN A 54 -14.27 4.21 3.56
CA ASN A 54 -15.43 4.24 2.70
C ASN A 54 -16.11 5.59 2.81
N ILE A 55 -15.94 6.39 1.81
CA ILE A 55 -16.45 7.75 1.83
C ILE A 55 -17.22 8.08 0.56
N SER A 56 -17.22 7.17 -0.34
CA SER A 56 -17.73 7.38 -1.67
C SER A 56 -18.01 6.03 -2.29
N PHE A 57 -19.00 5.96 -3.16
CA PHE A 57 -19.28 4.72 -3.86
C PHE A 57 -18.26 4.54 -4.96
N GLU A 58 -18.00 5.61 -5.68
CA GLU A 58 -17.02 5.64 -6.71
C GLU A 58 -15.70 5.96 -6.06
N LYS A 59 -14.96 4.95 -5.78
CA LYS A 59 -13.73 5.09 -5.10
C LYS A 59 -12.59 4.48 -5.95
N LEU A 60 -11.73 5.31 -6.46
CA LEU A 60 -10.64 4.87 -7.30
C LEU A 60 -9.36 4.81 -6.54
N VAL A 61 -8.82 3.66 -6.44
CA VAL A 61 -7.55 3.45 -5.80
C VAL A 61 -6.50 3.16 -6.87
N TYR A 62 -5.78 4.17 -7.26
CA TYR A 62 -4.72 4.00 -8.20
C TYR A 62 -3.38 4.01 -7.52
N VAL A 63 -2.63 2.97 -7.70
CA VAL A 63 -1.33 2.88 -7.14
C VAL A 63 -0.34 3.32 -8.20
N ARG A 64 0.34 4.38 -7.93
CA ARG A 64 1.29 4.94 -8.85
C ARG A 64 2.64 4.97 -8.19
N MET A 65 3.63 4.34 -8.81
CA MET A 65 4.96 4.30 -8.23
C MET A 65 5.95 4.88 -9.17
N SER A 66 7.08 5.21 -8.64
CA SER A 66 8.18 5.61 -9.40
C SER A 66 9.45 5.18 -8.67
N LEU A 67 10.39 4.65 -9.41
CA LEU A 67 11.72 4.30 -8.92
C LEU A 67 12.62 5.38 -9.48
N ASP A 68 12.02 6.50 -9.67
CA ASP A 68 12.54 7.57 -10.44
C ASP A 68 12.06 8.91 -9.83
N ASP A 69 12.31 9.99 -10.53
CA ASP A 69 11.94 11.35 -10.16
C ASP A 69 10.41 11.58 -10.32
N TRP A 70 9.72 10.51 -10.73
CA TRP A 70 8.27 10.47 -11.00
C TRP A 70 7.95 10.88 -12.41
N GLN A 71 8.89 10.59 -13.29
CA GLN A 71 8.73 10.82 -14.73
C GLN A 71 7.95 9.64 -15.29
N THR A 72 7.97 8.58 -14.55
CA THR A 72 7.35 7.35 -14.89
C THR A 72 6.45 6.91 -13.72
N HIS A 73 5.35 6.24 -14.04
CA HIS A 73 4.37 5.74 -13.08
C HIS A 73 3.54 4.63 -13.73
N TYR A 74 3.51 3.46 -13.10
CA TYR A 74 2.89 2.24 -13.70
C TYR A 74 1.37 2.17 -13.68
N ASP A 75 0.78 3.10 -12.96
CA ASP A 75 -0.69 3.19 -12.68
C ASP A 75 -1.38 1.86 -12.55
N ILE A 76 -1.33 1.32 -11.39
CA ILE A 76 -2.00 0.09 -11.11
C ILE A 76 -3.30 0.38 -10.45
N LEU A 77 -4.34 -0.09 -11.04
CA LEU A 77 -5.63 0.06 -10.47
C LEU A 77 -5.79 -1.04 -9.47
N ALA A 78 -5.88 -0.67 -8.23
CA ALA A 78 -5.95 -1.64 -7.16
C ALA A 78 -7.27 -2.37 -7.16
N GLU A 79 -7.20 -3.62 -6.80
CA GLU A 79 -8.35 -4.46 -6.77
C GLU A 79 -9.02 -4.38 -5.44
N TYR A 80 -10.29 -4.11 -5.48
CA TYR A 80 -11.10 -4.08 -4.30
C TYR A 80 -11.22 -5.49 -3.80
N VAL A 81 -10.94 -5.69 -2.53
CA VAL A 81 -11.08 -6.98 -1.94
C VAL A 81 -12.55 -7.19 -1.62
N PRO A 82 -13.18 -8.13 -2.33
CA PRO A 82 -14.63 -8.37 -2.24
C PRO A 82 -15.10 -8.61 -0.83
N ASN A 83 -16.03 -7.77 -0.39
CA ASN A 83 -16.69 -7.90 0.90
C ASN A 83 -15.78 -7.58 2.07
N SER A 84 -14.66 -6.93 1.79
CA SER A 84 -13.73 -6.60 2.85
C SER A 84 -13.97 -5.20 3.37
N CYS A 85 -15.08 -4.68 2.93
CA CYS A 85 -15.56 -3.43 3.38
C CYS A 85 -16.48 -3.69 4.53
N ASP A 86 -16.43 -2.87 5.53
CA ASP A 86 -17.24 -3.08 6.69
C ASP A 86 -18.02 -1.81 7.00
N GLY A 87 -18.52 -1.19 5.93
CA GLY A 87 -19.33 0.03 6.04
C GLY A 87 -18.51 1.27 6.26
N GLU A 88 -17.52 1.16 7.09
CA GLU A 88 -16.68 2.24 7.46
C GLU A 88 -15.46 2.28 6.58
N THR A 89 -14.79 1.16 6.42
CA THR A 89 -13.56 1.14 5.66
C THR A 89 -13.52 -0.06 4.72
N ASP A 90 -12.72 0.05 3.68
CA ASP A 90 -12.55 -1.00 2.67
C ASP A 90 -11.11 -1.41 2.65
N GLN A 91 -10.83 -2.47 1.97
CA GLN A 91 -9.48 -2.91 1.76
C GLN A 91 -9.28 -3.16 0.29
N PHE A 92 -8.22 -2.65 -0.24
CA PHE A 92 -7.85 -2.86 -1.61
C PHE A 92 -6.49 -3.47 -1.64
N SER A 93 -6.16 -4.15 -2.69
CA SER A 93 -4.89 -4.79 -2.76
C SER A 93 -4.31 -4.65 -4.15
N PHE A 94 -3.02 -4.55 -4.25
CA PHE A 94 -2.36 -4.45 -5.51
C PHE A 94 -1.16 -5.37 -5.53
N LYS A 95 -0.77 -5.76 -6.71
CA LYS A 95 0.38 -6.57 -6.90
C LYS A 95 1.52 -5.68 -7.36
N ILE A 96 2.65 -5.86 -6.75
CA ILE A 96 3.80 -5.04 -7.06
C ILE A 96 4.83 -5.88 -7.82
N SER A 97 5.94 -5.28 -8.17
CA SER A 97 7.03 -5.96 -8.85
C SER A 97 7.75 -6.98 -7.92
N LEU A 98 8.78 -7.61 -8.46
CA LEU A 98 9.57 -8.60 -7.74
C LEU A 98 10.26 -8.04 -6.48
N VAL A 99 10.51 -8.92 -5.53
CA VAL A 99 11.03 -8.59 -4.22
C VAL A 99 12.19 -9.52 -3.82
N PRO A 100 12.80 -9.36 -2.59
CA PRO A 100 14.10 -9.98 -2.21
C PRO A 100 14.32 -11.45 -2.49
N PRO A 101 13.33 -12.38 -2.30
CA PRO A 101 13.58 -13.78 -2.49
C PRO A 101 14.05 -14.08 -3.94
N TYR A 102 13.77 -13.14 -4.84
CA TYR A 102 14.17 -13.24 -6.19
C TYR A 102 15.15 -12.11 -6.57
N GLN A 103 14.85 -10.90 -6.15
CA GLN A 103 15.68 -9.75 -6.53
C GLN A 103 16.30 -9.10 -5.30
N LYS A 104 17.57 -8.82 -5.37
CA LYS A 104 18.30 -8.28 -4.23
C LYS A 104 19.04 -6.99 -4.59
N ASP A 105 18.70 -6.41 -5.72
CA ASP A 105 19.34 -5.16 -6.17
C ASP A 105 18.90 -3.97 -5.34
N GLY A 106 17.66 -3.59 -5.47
CA GLY A 106 17.16 -2.47 -4.74
C GLY A 106 15.98 -1.90 -5.42
N SER A 107 14.82 -2.22 -4.91
CA SER A 107 13.58 -1.73 -5.45
C SER A 107 13.55 -0.21 -5.33
N LYS A 108 13.60 0.27 -4.07
CA LYS A 108 13.63 1.70 -3.73
C LYS A 108 12.39 2.36 -4.28
N VAL A 109 11.31 1.66 -4.14
CA VAL A 109 10.06 2.05 -4.71
C VAL A 109 9.38 3.12 -3.87
N GLU A 110 8.95 4.15 -4.56
CA GLU A 110 8.15 5.19 -4.01
C GLU A 110 6.79 5.10 -4.67
N PHE A 111 5.80 4.69 -3.93
CA PHE A 111 4.47 4.61 -4.50
C PHE A 111 3.50 5.41 -3.68
N CYS A 112 2.42 5.78 -4.28
CA CYS A 112 1.37 6.46 -3.59
C CYS A 112 0.06 6.00 -4.11
N ILE A 113 -0.92 6.10 -3.28
CA ILE A 113 -2.24 5.77 -3.66
C ILE A 113 -3.00 7.02 -4.02
N ARG A 114 -3.47 7.04 -5.21
CA ARG A 114 -4.29 8.10 -5.72
C ARG A 114 -5.72 7.67 -5.54
N TYR A 115 -6.28 8.07 -4.45
CA TYR A 115 -7.64 7.69 -4.11
C TYR A 115 -8.62 8.74 -4.58
N GLU A 116 -9.07 8.59 -5.80
CA GLU A 116 -9.98 9.53 -6.41
C GLU A 116 -11.39 9.16 -6.03
N THR A 117 -12.04 10.00 -5.30
CA THR A 117 -13.40 9.72 -4.91
C THR A 117 -14.28 10.87 -5.32
N SER A 118 -15.54 10.79 -4.96
CA SER A 118 -16.48 11.85 -5.22
C SER A 118 -16.16 13.06 -4.35
N VAL A 119 -15.49 12.80 -3.23
CA VAL A 119 -15.20 13.83 -2.28
C VAL A 119 -13.69 14.14 -2.22
N GLY A 120 -13.06 14.12 -3.37
CA GLY A 120 -11.70 14.50 -3.43
C GLY A 120 -10.76 13.37 -3.77
N THR A 121 -9.65 13.72 -4.29
CA THR A 121 -8.61 12.79 -4.59
C THR A 121 -7.59 12.80 -3.46
N PHE A 122 -7.54 11.72 -2.74
CA PHE A 122 -6.64 11.58 -1.64
C PHE A 122 -5.38 10.88 -2.07
N TRP A 123 -4.34 11.64 -2.27
CA TRP A 123 -3.04 11.13 -2.54
C TRP A 123 -2.36 10.82 -1.24
N SER A 124 -2.16 9.57 -1.00
CA SER A 124 -1.53 9.15 0.18
C SER A 124 -0.02 9.20 0.00
N ASN A 125 0.55 10.24 0.49
CA ASN A 125 1.97 10.43 0.50
C ASN A 125 2.36 10.97 1.84
N ASN A 126 3.43 10.46 2.38
CA ASN A 126 3.83 10.83 3.73
C ASN A 126 4.75 12.06 3.67
N ASN A 127 5.26 12.45 4.80
CA ASN A 127 6.05 13.61 4.98
C ASN A 127 7.51 13.30 4.71
N GLY A 128 7.84 13.33 3.48
CA GLY A 128 9.20 13.12 3.04
C GLY A 128 9.27 11.90 2.17
N THR A 129 8.94 10.81 2.76
CA THR A 129 8.84 9.57 2.05
C THR A 129 7.45 9.55 1.42
N ASN A 130 7.32 9.07 0.23
CA ASN A 130 5.99 8.94 -0.31
C ASN A 130 5.43 7.66 0.23
N TYR A 131 6.22 6.63 0.06
CA TYR A 131 6.07 5.28 0.55
C TYR A 131 7.30 4.54 0.06
N THR A 132 8.41 4.81 0.70
CA THR A 132 9.67 4.23 0.26
C THR A 132 9.87 2.85 0.89
N LEU A 133 10.22 1.88 0.07
CA LEU A 133 10.52 0.57 0.58
C LEU A 133 11.83 0.09 0.09
N VAL A 134 12.47 -0.66 0.92
CA VAL A 134 13.68 -1.31 0.59
C VAL A 134 13.41 -2.79 0.54
N CYS A 135 13.78 -3.38 -0.55
CA CYS A 135 13.59 -4.78 -0.75
C CYS A 135 14.51 -5.61 0.15
N GLN A 136 14.02 -5.92 1.32
CA GLN A 136 14.68 -6.82 2.21
C GLN A 136 13.66 -7.70 2.92
N LYS A 137 14.02 -8.95 3.03
CA LYS A 137 13.22 -10.01 3.58
C LYS A 137 13.41 -10.07 5.08
N LYS A 138 12.34 -10.41 5.75
CA LYS A 138 12.28 -10.42 7.23
C LYS A 138 13.35 -11.29 7.87
N GLU A 139 13.48 -12.45 7.33
CA GLU A 139 14.47 -13.41 7.70
C GLU A 139 14.88 -14.05 6.43
N GLY A 1 1.42 -3.46 9.18
CA GLY A 1 0.10 -3.56 9.79
C GLY A 1 0.15 -4.46 10.98
N HIS A 2 -0.89 -4.44 11.78
CA HIS A 2 -0.93 -5.27 12.97
C HIS A 2 -1.48 -6.64 12.61
N MET A 3 -2.30 -6.67 11.59
CA MET A 3 -2.91 -7.89 11.14
C MET A 3 -2.47 -8.22 9.73
N GLN A 4 -1.49 -9.09 9.63
CA GLN A 4 -0.93 -9.52 8.37
C GLN A 4 -0.28 -10.87 8.55
N THR A 5 0.20 -11.46 7.49
CA THR A 5 0.82 -12.76 7.56
C THR A 5 2.25 -12.64 8.11
N GLU A 6 2.57 -13.45 9.11
CA GLU A 6 3.90 -13.50 9.68
C GLU A 6 4.78 -14.45 8.87
N GLU A 7 4.81 -14.22 7.61
CA GLU A 7 5.55 -14.99 6.67
C GLU A 7 5.90 -14.07 5.54
N TYR A 8 7.18 -14.02 5.23
CA TYR A 8 7.77 -13.14 4.24
C TYR A 8 7.27 -11.69 4.38
N VAL A 9 7.94 -10.92 5.17
CA VAL A 9 7.56 -9.54 5.37
C VAL A 9 8.64 -8.64 4.82
N LEU A 10 8.26 -7.46 4.46
CA LEU A 10 9.15 -6.48 3.92
C LEU A 10 9.41 -5.43 4.97
N SER A 11 10.59 -4.86 4.97
CA SER A 11 10.94 -3.83 5.90
C SER A 11 10.57 -2.47 5.31
N PRO A 12 9.62 -1.78 5.91
CA PRO A 12 9.25 -0.47 5.49
C PRO A 12 9.98 0.61 6.31
N LEU A 13 10.36 1.66 5.66
CA LEU A 13 11.01 2.78 6.33
C LEU A 13 10.08 3.96 6.36
N PHE A 14 8.84 3.62 6.54
CA PHE A 14 7.75 4.53 6.72
C PHE A 14 6.88 3.99 7.83
N ASP A 15 5.76 4.59 8.08
CA ASP A 15 4.89 4.14 9.16
C ASP A 15 3.69 3.40 8.64
N LEU A 16 3.21 2.49 9.45
CA LEU A 16 2.07 1.66 9.12
C LEU A 16 1.11 1.62 10.31
N PRO A 17 -0.18 1.32 10.08
CA PRO A 17 -1.19 1.24 11.14
C PRO A 17 -0.88 0.15 12.17
N ALA A 18 -0.54 0.56 13.36
CA ALA A 18 -0.19 -0.33 14.44
C ALA A 18 -1.40 -0.60 15.33
N SER A 19 -2.27 0.37 15.40
CA SER A 19 -3.41 0.32 16.26
C SER A 19 -4.55 0.98 15.54
N LYS A 20 -5.77 0.74 15.96
CA LYS A 20 -6.92 1.34 15.30
C LYS A 20 -7.00 2.83 15.52
N GLU A 21 -6.48 3.29 16.64
CA GLU A 21 -6.39 4.70 16.90
C GLU A 21 -5.35 5.29 15.96
N ASP A 22 -4.21 4.59 15.88
CA ASP A 22 -3.08 4.96 15.03
C ASP A 22 -3.48 4.95 13.55
N LEU A 23 -4.32 4.03 13.21
CA LEU A 23 -4.88 3.92 11.89
C LEU A 23 -5.83 5.09 11.63
N MET A 24 -6.83 5.22 12.48
CA MET A 24 -7.83 6.24 12.30
C MET A 24 -7.29 7.65 12.34
N GLN A 25 -6.28 7.90 13.20
CA GLN A 25 -5.68 9.24 13.36
C GLN A 25 -5.19 9.81 12.03
N GLN A 26 -4.68 8.97 11.18
CA GLN A 26 -4.21 9.42 9.89
C GLN A 26 -5.30 9.24 8.85
N LEU A 27 -6.14 8.23 9.07
CA LEU A 27 -7.18 7.85 8.13
C LEU A 27 -8.29 8.90 8.08
N GLN A 28 -8.26 9.86 8.98
CA GLN A 28 -9.24 10.95 8.98
C GLN A 28 -8.82 12.01 7.98
N VAL A 29 -7.57 11.96 7.59
CA VAL A 29 -7.01 12.96 6.70
C VAL A 29 -6.76 12.37 5.31
N GLN A 30 -6.00 11.32 5.29
CA GLN A 30 -5.54 10.72 4.06
C GLN A 30 -6.15 9.35 3.84
N LYS A 31 -7.47 9.32 3.96
CA LYS A 31 -8.43 8.14 3.95
C LYS A 31 -7.94 6.80 3.32
N ALA A 32 -7.10 6.85 2.35
CA ALA A 32 -6.56 5.70 1.72
C ALA A 32 -5.10 5.54 2.11
N MET A 33 -4.77 4.52 2.86
CA MET A 33 -3.37 4.31 3.21
C MET A 33 -2.95 2.86 3.15
N LEU A 34 -1.68 2.63 3.11
CA LEU A 34 -1.16 1.29 3.02
C LEU A 34 -1.24 0.63 4.39
N GLU A 35 -1.58 -0.62 4.41
CA GLU A 35 -1.73 -1.30 5.66
C GLU A 35 -0.72 -2.43 5.81
N SER A 36 -0.44 -3.12 4.73
CA SER A 36 0.44 -4.24 4.81
C SER A 36 1.24 -4.40 3.52
N THR A 37 2.20 -5.28 3.61
CA THR A 37 3.09 -5.67 2.56
C THR A 37 3.44 -7.11 2.81
N GLU A 38 3.13 -7.95 1.88
CA GLU A 38 3.32 -9.38 2.02
C GLU A 38 3.84 -9.93 0.73
N TYR A 39 4.65 -10.93 0.81
CA TYR A 39 5.20 -11.53 -0.39
C TYR A 39 4.30 -12.66 -0.83
N VAL A 40 4.32 -12.96 -2.10
CA VAL A 40 3.53 -14.06 -2.60
C VAL A 40 4.47 -15.24 -2.85
N PRO A 41 4.25 -16.38 -2.17
CA PRO A 41 5.07 -17.57 -2.38
C PRO A 41 4.86 -18.19 -3.78
N GLY A 42 5.78 -17.93 -4.68
CA GLY A 42 5.68 -18.50 -6.00
C GLY A 42 5.53 -17.45 -7.07
N SER A 43 4.76 -16.45 -6.79
CA SER A 43 4.62 -15.35 -7.70
C SER A 43 5.75 -14.37 -7.44
N THR A 44 6.33 -13.87 -8.48
CA THR A 44 7.41 -12.97 -8.39
C THR A 44 6.86 -11.54 -8.22
N SER A 45 6.20 -11.31 -7.08
CA SER A 45 5.52 -10.08 -6.81
C SER A 45 5.26 -9.91 -5.32
N MET A 46 4.96 -8.70 -4.93
CA MET A 46 4.64 -8.36 -3.56
C MET A 46 3.20 -7.88 -3.57
N LYS A 47 2.44 -8.26 -2.58
CA LYS A 47 1.04 -7.92 -2.54
C LYS A 47 0.77 -7.06 -1.31
N GLY A 48 0.40 -5.82 -1.54
CA GLY A 48 0.14 -4.94 -0.44
C GLY A 48 -1.31 -4.54 -0.38
N ILE A 49 -1.80 -4.36 0.80
CA ILE A 49 -3.17 -3.98 1.04
C ILE A 49 -3.25 -2.50 1.40
N ILE A 50 -4.10 -1.79 0.74
CA ILE A 50 -4.39 -0.43 1.04
C ILE A 50 -5.77 -0.40 1.65
N ARG A 51 -5.86 0.21 2.76
CA ARG A 51 -7.04 0.25 3.51
C ARG A 51 -7.60 1.64 3.42
N VAL A 52 -8.74 1.74 2.82
CA VAL A 52 -9.36 3.02 2.57
C VAL A 52 -10.58 3.15 3.44
N LEU A 53 -11.00 4.34 3.66
CA LEU A 53 -12.16 4.55 4.45
C LEU A 53 -13.35 4.78 3.53
N ASN A 54 -14.39 4.00 3.75
CA ASN A 54 -15.60 4.01 2.98
C ASN A 54 -16.37 5.29 3.19
N ILE A 55 -16.19 6.19 2.28
CA ILE A 55 -16.87 7.47 2.32
C ILE A 55 -17.61 7.74 1.01
N SER A 56 -17.31 6.96 0.03
CA SER A 56 -17.79 7.21 -1.30
C SER A 56 -18.05 5.90 -2.02
N PHE A 57 -19.16 5.87 -2.77
CA PHE A 57 -19.48 4.72 -3.59
C PHE A 57 -18.53 4.64 -4.76
N GLU A 58 -18.28 5.77 -5.37
CA GLU A 58 -17.25 5.88 -6.36
C GLU A 58 -15.94 6.14 -5.65
N LYS A 59 -15.21 5.09 -5.45
CA LYS A 59 -13.95 5.18 -4.83
C LYS A 59 -12.89 4.44 -5.68
N LEU A 60 -12.03 5.18 -6.29
CA LEU A 60 -10.99 4.63 -7.11
C LEU A 60 -9.66 4.67 -6.43
N VAL A 61 -9.12 3.52 -6.21
CA VAL A 61 -7.83 3.39 -5.57
C VAL A 61 -6.78 3.09 -6.63
N TYR A 62 -6.02 4.08 -6.98
CA TYR A 62 -4.91 3.90 -7.89
C TYR A 62 -3.61 3.88 -7.15
N VAL A 63 -2.66 3.17 -7.66
CA VAL A 63 -1.35 3.05 -7.06
C VAL A 63 -0.32 3.46 -8.08
N ARG A 64 0.44 4.45 -7.78
CA ARG A 64 1.47 4.89 -8.67
C ARG A 64 2.79 4.74 -7.98
N MET A 65 3.68 3.98 -8.58
CA MET A 65 5.00 3.85 -8.01
C MET A 65 5.98 4.52 -8.92
N SER A 66 7.05 4.97 -8.35
CA SER A 66 8.13 5.49 -9.07
C SER A 66 9.35 5.34 -8.20
N LEU A 67 10.42 4.94 -8.78
CA LEU A 67 11.69 4.83 -8.11
C LEU A 67 12.59 5.84 -8.75
N ASP A 68 11.92 6.78 -9.38
CA ASP A 68 12.51 7.82 -10.13
C ASP A 68 12.00 9.11 -9.54
N ASP A 69 12.09 10.14 -10.33
CA ASP A 69 11.68 11.50 -9.98
C ASP A 69 10.16 11.65 -10.03
N TRP A 70 9.46 10.56 -10.33
CA TRP A 70 7.99 10.52 -10.53
C TRP A 70 7.63 10.98 -11.91
N GLN A 71 8.61 10.86 -12.77
CA GLN A 71 8.48 11.17 -14.17
C GLN A 71 7.77 10.02 -14.91
N THR A 72 7.65 8.92 -14.22
CA THR A 72 7.00 7.75 -14.74
C THR A 72 6.22 7.07 -13.61
N HIS A 73 5.15 6.39 -13.96
CA HIS A 73 4.27 5.71 -13.02
C HIS A 73 3.62 4.53 -13.70
N TYR A 74 3.47 3.42 -12.99
CA TYR A 74 2.79 2.26 -13.59
C TYR A 74 1.27 2.38 -13.50
N ASP A 75 0.87 3.26 -12.60
CA ASP A 75 -0.53 3.62 -12.29
C ASP A 75 -1.47 2.43 -12.32
N ILE A 76 -1.43 1.68 -11.27
CA ILE A 76 -2.19 0.48 -11.12
C ILE A 76 -3.51 0.78 -10.48
N LEU A 77 -4.55 0.24 -11.02
CA LEU A 77 -5.82 0.34 -10.38
C LEU A 77 -5.86 -0.80 -9.37
N ALA A 78 -5.86 -0.46 -8.11
CA ALA A 78 -5.81 -1.46 -7.05
C ALA A 78 -7.07 -2.30 -7.04
N GLU A 79 -6.90 -3.57 -6.86
CA GLU A 79 -7.98 -4.50 -6.89
C GLU A 79 -8.74 -4.50 -5.58
N TYR A 80 -10.02 -4.36 -5.65
CA TYR A 80 -10.85 -4.39 -4.50
C TYR A 80 -10.98 -5.82 -4.01
N VAL A 81 -10.74 -6.02 -2.75
CA VAL A 81 -10.92 -7.30 -2.15
C VAL A 81 -12.42 -7.45 -1.86
N PRO A 82 -13.08 -8.42 -2.48
CA PRO A 82 -14.52 -8.58 -2.35
C PRO A 82 -14.96 -8.84 -0.92
N ASN A 83 -15.87 -8.00 -0.45
CA ASN A 83 -16.45 -8.06 0.89
C ASN A 83 -15.41 -7.81 1.95
N SER A 84 -14.52 -6.88 1.69
CA SER A 84 -13.56 -6.48 2.68
C SER A 84 -14.09 -5.25 3.39
N CYS A 85 -15.05 -4.62 2.75
CA CYS A 85 -15.68 -3.45 3.28
C CYS A 85 -16.56 -3.82 4.45
N ASP A 86 -16.32 -3.19 5.54
CA ASP A 86 -17.02 -3.49 6.76
C ASP A 86 -17.82 -2.25 7.19
N GLY A 87 -18.40 -1.58 6.22
CA GLY A 87 -19.22 -0.40 6.48
C GLY A 87 -18.40 0.85 6.58
N GLU A 88 -17.39 0.80 7.39
CA GLU A 88 -16.54 1.94 7.60
C GLU A 88 -15.37 1.96 6.66
N THR A 89 -14.74 0.84 6.45
CA THR A 89 -13.52 0.82 5.64
C THR A 89 -13.51 -0.35 4.65
N ASP A 90 -12.78 -0.18 3.55
CA ASP A 90 -12.64 -1.18 2.48
C ASP A 90 -11.18 -1.58 2.40
N GLN A 91 -10.88 -2.69 1.76
CA GLN A 91 -9.50 -3.09 1.57
C GLN A 91 -9.24 -3.40 0.10
N PHE A 92 -8.20 -2.83 -0.40
CA PHE A 92 -7.78 -3.04 -1.77
C PHE A 92 -6.38 -3.55 -1.74
N SER A 93 -5.94 -4.15 -2.80
CA SER A 93 -4.59 -4.62 -2.84
C SER A 93 -3.98 -4.33 -4.20
N PHE A 94 -2.69 -4.32 -4.27
CA PHE A 94 -2.00 -4.06 -5.51
C PHE A 94 -0.81 -4.98 -5.59
N LYS A 95 -0.17 -5.00 -6.72
CA LYS A 95 0.92 -5.89 -6.95
C LYS A 95 2.16 -5.13 -7.37
N ILE A 96 3.23 -5.43 -6.73
CA ILE A 96 4.51 -4.88 -7.06
C ILE A 96 5.30 -5.96 -7.70
N SER A 97 6.19 -5.60 -8.60
CA SER A 97 7.01 -6.51 -9.31
C SER A 97 7.99 -7.31 -8.40
N LEU A 98 8.87 -8.05 -9.06
CA LEU A 98 9.85 -8.94 -8.44
C LEU A 98 10.56 -8.32 -7.21
N VAL A 99 10.59 -9.09 -6.16
CA VAL A 99 11.14 -8.71 -4.87
C VAL A 99 12.30 -9.62 -4.47
N PRO A 100 13.07 -9.20 -3.43
CA PRO A 100 14.26 -9.85 -2.88
C PRO A 100 14.41 -11.36 -3.01
N PRO A 101 13.43 -12.23 -2.59
CA PRO A 101 13.63 -13.67 -2.63
C PRO A 101 13.94 -14.17 -4.04
N TYR A 102 13.54 -13.38 -5.02
CA TYR A 102 13.75 -13.68 -6.40
C TYR A 102 14.89 -12.80 -6.92
N GLN A 103 14.80 -11.51 -6.63
CA GLN A 103 15.77 -10.54 -7.10
C GLN A 103 16.16 -9.60 -5.96
N LYS A 104 17.28 -9.86 -5.34
CA LYS A 104 17.75 -9.02 -4.25
C LYS A 104 18.74 -8.00 -4.72
N ASP A 105 18.22 -6.89 -5.15
CA ASP A 105 19.02 -5.77 -5.63
C ASP A 105 18.73 -4.55 -4.79
N GLY A 106 17.51 -4.07 -4.90
CA GLY A 106 17.10 -2.92 -4.16
C GLY A 106 16.18 -2.07 -4.97
N SER A 107 14.90 -2.30 -4.80
CA SER A 107 13.90 -1.58 -5.54
C SER A 107 13.84 -0.12 -5.05
N LYS A 108 13.61 0.08 -3.71
CA LYS A 108 13.57 1.43 -3.09
C LYS A 108 12.54 2.32 -3.77
N VAL A 109 11.47 1.70 -4.14
CA VAL A 109 10.45 2.36 -4.88
C VAL A 109 9.49 3.09 -3.94
N GLU A 110 9.05 4.23 -4.39
CA GLU A 110 8.08 5.06 -3.71
C GLU A 110 6.76 4.92 -4.42
N PHE A 111 5.71 4.69 -3.70
CA PHE A 111 4.41 4.61 -4.31
C PHE A 111 3.38 5.41 -3.54
N CYS A 112 2.46 6.00 -4.26
CA CYS A 112 1.39 6.77 -3.67
C CYS A 112 0.08 6.17 -4.10
N ILE A 113 -0.91 6.38 -3.30
CA ILE A 113 -2.24 5.95 -3.63
C ILE A 113 -3.09 7.14 -4.00
N ARG A 114 -3.64 7.07 -5.16
CA ARG A 114 -4.53 8.07 -5.67
C ARG A 114 -5.94 7.57 -5.47
N TYR A 115 -6.56 8.07 -4.45
CA TYR A 115 -7.89 7.66 -4.09
C TYR A 115 -8.89 8.68 -4.60
N GLU A 116 -9.37 8.45 -5.79
CA GLU A 116 -10.31 9.34 -6.43
C GLU A 116 -11.69 8.99 -5.95
N THR A 117 -12.31 9.85 -5.21
CA THR A 117 -13.64 9.58 -4.77
C THR A 117 -14.55 10.60 -5.38
N SER A 118 -15.82 10.53 -5.05
CA SER A 118 -16.75 11.51 -5.53
C SER A 118 -16.67 12.77 -4.66
N VAL A 119 -15.86 12.69 -3.59
CA VAL A 119 -15.70 13.80 -2.69
C VAL A 119 -14.23 14.20 -2.59
N GLY A 120 -13.52 14.15 -3.71
CA GLY A 120 -12.15 14.56 -3.72
C GLY A 120 -11.18 13.42 -4.00
N THR A 121 -10.06 13.77 -4.51
CA THR A 121 -8.99 12.85 -4.77
C THR A 121 -8.01 12.88 -3.58
N PHE A 122 -7.92 11.79 -2.87
CA PHE A 122 -7.05 11.70 -1.73
C PHE A 122 -5.76 11.03 -2.12
N TRP A 123 -4.70 11.78 -2.08
CA TRP A 123 -3.39 11.27 -2.36
C TRP A 123 -2.73 10.81 -1.09
N SER A 124 -2.43 9.56 -1.04
CA SER A 124 -1.81 8.99 0.10
C SER A 124 -0.32 9.30 0.07
N ASN A 125 0.13 9.95 1.12
CA ASN A 125 1.50 10.33 1.31
C ASN A 125 1.64 10.47 2.80
N ASN A 126 2.75 10.04 3.34
CA ASN A 126 2.93 10.10 4.78
C ASN A 126 3.42 11.46 5.21
N ASN A 127 4.31 12.03 4.41
CA ASN A 127 4.93 13.34 4.66
C ASN A 127 5.83 13.71 3.49
N GLY A 128 6.99 13.13 3.43
CA GLY A 128 7.91 13.30 2.35
C GLY A 128 8.21 11.96 1.75
N THR A 129 8.32 10.97 2.63
CA THR A 129 8.42 9.62 2.23
C THR A 129 7.00 9.15 1.99
N ASN A 130 6.79 8.54 0.87
CA ASN A 130 5.48 8.08 0.52
C ASN A 130 5.28 6.72 1.11
N TYR A 131 5.97 5.75 0.54
CA TYR A 131 5.94 4.37 0.97
C TYR A 131 7.16 3.68 0.39
N THR A 132 8.29 3.93 0.99
CA THR A 132 9.54 3.40 0.51
C THR A 132 9.75 2.02 1.12
N LEU A 133 10.07 1.06 0.31
CA LEU A 133 10.31 -0.26 0.79
C LEU A 133 11.73 -0.67 0.58
N VAL A 134 12.33 -1.18 1.61
CA VAL A 134 13.66 -1.68 1.51
C VAL A 134 13.63 -3.17 1.45
N CYS A 135 13.68 -3.60 0.24
CA CYS A 135 13.72 -4.94 -0.20
C CYS A 135 14.56 -5.87 0.68
N GLN A 136 13.88 -6.60 1.53
CA GLN A 136 14.45 -7.61 2.37
C GLN A 136 13.31 -8.43 2.93
N LYS A 137 13.54 -9.69 3.11
CA LYS A 137 12.53 -10.61 3.56
C LYS A 137 12.89 -10.97 5.01
N LYS A 138 11.94 -11.51 5.77
CA LYS A 138 12.24 -11.81 7.18
C LYS A 138 13.16 -13.02 7.34
N GLU A 139 12.84 -14.07 6.65
CA GLU A 139 13.63 -15.28 6.68
C GLU A 139 14.82 -15.12 5.74
N GLY A 1 1.23 -13.63 12.01
CA GLY A 1 -0.04 -14.21 11.56
C GLY A 1 -0.75 -13.29 10.59
N HIS A 2 -0.23 -13.25 9.36
CA HIS A 2 -0.68 -12.42 8.24
C HIS A 2 -0.76 -10.93 8.58
N MET A 3 0.20 -10.47 9.40
CA MET A 3 0.25 -9.07 9.83
C MET A 3 1.54 -8.71 10.59
N GLN A 4 1.70 -9.24 11.80
CA GLN A 4 2.79 -8.83 12.69
C GLN A 4 4.10 -9.58 12.43
N THR A 5 5.00 -8.94 11.68
CA THR A 5 6.39 -9.37 11.40
C THR A 5 6.59 -10.90 11.41
N GLU A 6 6.51 -11.47 10.25
CA GLU A 6 6.57 -12.89 10.07
C GLU A 6 7.33 -13.23 8.83
N GLU A 7 7.17 -14.45 8.39
CA GLU A 7 7.80 -14.98 7.18
C GLU A 7 7.72 -13.99 6.01
N TYR A 8 8.90 -13.50 5.63
CA TYR A 8 9.15 -12.54 4.59
C TYR A 8 8.34 -11.25 4.78
N VAL A 9 8.96 -10.26 5.38
CA VAL A 9 8.32 -8.98 5.58
C VAL A 9 9.26 -7.86 5.20
N LEU A 10 8.74 -6.95 4.44
CA LEU A 10 9.48 -5.83 3.95
C LEU A 10 9.53 -4.70 4.95
N SER A 11 10.61 -3.96 4.91
CA SER A 11 10.81 -2.85 5.73
C SER A 11 10.32 -1.57 5.04
N PRO A 12 9.24 -1.00 5.57
CA PRO A 12 8.65 0.20 5.02
C PRO A 12 9.23 1.46 5.63
N LEU A 13 9.52 2.43 4.82
CA LEU A 13 10.07 3.69 5.29
C LEU A 13 8.95 4.69 5.37
N PHE A 14 7.86 4.18 5.74
CA PHE A 14 6.64 4.90 5.92
C PHE A 14 5.92 4.31 7.10
N ASP A 15 4.77 4.80 7.38
CA ASP A 15 4.03 4.35 8.53
C ASP A 15 3.03 3.32 8.13
N LEU A 16 2.79 2.41 9.03
CA LEU A 16 1.80 1.39 8.83
C LEU A 16 0.94 1.30 10.08
N PRO A 17 -0.29 0.80 9.95
CA PRO A 17 -1.18 0.63 11.07
C PRO A 17 -0.65 -0.39 12.08
N ALA A 18 0.00 0.10 13.11
CA ALA A 18 0.50 -0.73 14.20
C ALA A 18 -0.61 -0.95 15.20
N SER A 19 -1.70 -0.24 14.98
CA SER A 19 -2.85 -0.29 15.81
C SER A 19 -3.98 0.27 15.02
N LYS A 20 -5.20 -0.04 15.41
CA LYS A 20 -6.36 0.54 14.77
C LYS A 20 -6.41 2.03 15.07
N GLU A 21 -5.86 2.40 16.22
CA GLU A 21 -5.82 3.79 16.62
C GLU A 21 -4.82 4.53 15.74
N ASP A 22 -3.66 3.92 15.56
CA ASP A 22 -2.60 4.47 14.70
C ASP A 22 -3.01 4.50 13.25
N LEU A 23 -3.94 3.64 12.92
CA LEU A 23 -4.54 3.62 11.64
C LEU A 23 -5.45 4.83 11.51
N MET A 24 -6.44 4.91 12.40
CA MET A 24 -7.44 5.97 12.39
C MET A 24 -6.82 7.36 12.45
N GLN A 25 -5.83 7.55 13.33
CA GLN A 25 -5.20 8.88 13.55
C GLN A 25 -4.64 9.49 12.25
N GLN A 26 -4.25 8.65 11.32
CA GLN A 26 -3.75 9.15 10.05
C GLN A 26 -4.82 8.98 8.98
N LEU A 27 -5.66 7.98 9.15
CA LEU A 27 -6.69 7.63 8.17
C LEU A 27 -7.83 8.65 8.15
N GLN A 28 -7.79 9.61 9.06
CA GLN A 28 -8.78 10.68 9.09
C GLN A 28 -8.32 11.82 8.18
N VAL A 29 -7.11 11.69 7.69
CA VAL A 29 -6.52 12.67 6.81
C VAL A 29 -6.33 12.08 5.43
N GLN A 30 -5.49 11.11 5.38
CA GLN A 30 -5.04 10.50 4.13
C GLN A 30 -5.68 9.15 3.91
N LYS A 31 -6.98 9.19 4.03
CA LYS A 31 -7.99 8.08 3.98
C LYS A 31 -7.57 6.73 3.34
N ALA A 32 -6.77 6.75 2.34
CA ALA A 32 -6.29 5.56 1.70
C ALA A 32 -4.91 5.22 2.26
N MET A 33 -4.78 4.13 2.98
CA MET A 33 -3.50 3.77 3.56
C MET A 33 -3.23 2.29 3.39
N LEU A 34 -1.98 1.96 3.28
CA LEU A 34 -1.54 0.61 3.10
C LEU A 34 -1.75 -0.13 4.44
N GLU A 35 -2.22 -1.37 4.38
CA GLU A 35 -2.47 -2.14 5.58
C GLU A 35 -1.39 -3.19 5.77
N SER A 36 -1.13 -3.99 4.75
CA SER A 36 -0.12 -5.03 4.82
C SER A 36 0.52 -5.28 3.46
N THR A 37 1.78 -5.67 3.46
CA THR A 37 2.54 -6.01 2.27
C THR A 37 3.08 -7.44 2.44
N GLU A 38 2.93 -8.27 1.43
CA GLU A 38 3.43 -9.65 1.47
C GLU A 38 3.99 -10.03 0.11
N TYR A 39 5.05 -10.79 0.10
CA TYR A 39 5.76 -11.11 -1.14
C TYR A 39 5.01 -12.18 -1.89
N VAL A 40 5.22 -12.27 -3.18
CA VAL A 40 4.57 -13.31 -3.95
C VAL A 40 5.59 -14.40 -4.32
N PRO A 41 5.38 -15.60 -3.80
CA PRO A 41 6.25 -16.73 -4.09
C PRO A 41 6.09 -17.21 -5.54
N GLY A 42 7.09 -16.99 -6.33
CA GLY A 42 7.07 -17.50 -7.69
C GLY A 42 6.63 -16.47 -8.71
N SER A 43 6.61 -15.22 -8.31
CA SER A 43 6.27 -14.14 -9.18
C SER A 43 7.04 -12.90 -8.73
N THR A 44 7.54 -12.14 -9.66
CA THR A 44 8.32 -10.98 -9.35
C THR A 44 7.48 -9.78 -8.97
N SER A 45 6.75 -9.90 -7.89
CA SER A 45 5.90 -8.84 -7.40
C SER A 45 5.58 -9.07 -5.92
N MET A 46 4.94 -8.09 -5.32
CA MET A 46 4.46 -8.15 -3.96
C MET A 46 2.96 -7.86 -3.96
N LYS A 47 2.25 -8.46 -3.06
CA LYS A 47 0.83 -8.29 -2.91
C LYS A 47 0.59 -7.38 -1.69
N GLY A 48 -0.38 -6.49 -1.78
CA GLY A 48 -0.69 -5.65 -0.65
C GLY A 48 -2.14 -5.31 -0.59
N ILE A 49 -2.56 -4.82 0.55
CA ILE A 49 -3.93 -4.43 0.82
C ILE A 49 -3.94 -2.99 1.31
N ILE A 50 -4.84 -2.20 0.77
CA ILE A 50 -5.01 -0.82 1.17
C ILE A 50 -6.36 -0.66 1.85
N ARG A 51 -6.34 -0.03 3.00
CA ARG A 51 -7.53 0.31 3.73
C ARG A 51 -7.87 1.72 3.41
N VAL A 52 -8.97 1.89 2.80
CA VAL A 52 -9.44 3.20 2.52
C VAL A 52 -10.60 3.47 3.44
N LEU A 53 -10.79 4.70 3.77
CA LEU A 53 -11.89 5.07 4.60
C LEU A 53 -13.08 5.29 3.67
N ASN A 54 -14.17 4.60 3.95
CA ASN A 54 -15.38 4.73 3.19
C ASN A 54 -15.96 6.12 3.42
N ILE A 55 -15.88 6.93 2.43
CA ILE A 55 -16.35 8.30 2.51
C ILE A 55 -17.20 8.68 1.32
N SER A 56 -17.32 7.77 0.41
CA SER A 56 -17.92 8.02 -0.86
C SER A 56 -18.36 6.72 -1.46
N PHE A 57 -19.46 6.75 -2.20
CA PHE A 57 -19.93 5.57 -2.88
C PHE A 57 -19.01 5.23 -4.04
N GLU A 58 -18.76 6.21 -4.87
CA GLU A 58 -17.82 6.10 -5.92
C GLU A 58 -16.46 6.43 -5.39
N LYS A 59 -15.69 5.42 -5.30
CA LYS A 59 -14.36 5.49 -4.81
C LYS A 59 -13.41 4.75 -5.78
N LEU A 60 -12.29 5.35 -6.06
CA LEU A 60 -11.29 4.77 -6.93
C LEU A 60 -9.98 4.69 -6.24
N VAL A 61 -9.38 3.54 -6.28
CA VAL A 61 -8.10 3.32 -5.68
C VAL A 61 -7.10 3.00 -6.80
N TYR A 62 -6.30 3.95 -7.13
CA TYR A 62 -5.26 3.74 -8.11
C TYR A 62 -3.91 3.62 -7.47
N VAL A 63 -3.17 2.64 -7.86
CA VAL A 63 -1.84 2.43 -7.35
C VAL A 63 -0.84 2.76 -8.42
N ARG A 64 0.02 3.68 -8.13
CA ARG A 64 1.03 4.11 -9.06
C ARG A 64 2.40 3.99 -8.39
N MET A 65 3.29 3.18 -8.97
CA MET A 65 4.61 2.97 -8.39
C MET A 65 5.65 3.56 -9.29
N SER A 66 6.83 3.65 -8.75
CA SER A 66 7.99 4.02 -9.50
C SER A 66 9.22 3.47 -8.79
N LEU A 67 10.16 2.95 -9.55
CA LEU A 67 11.43 2.47 -9.00
C LEU A 67 12.51 3.45 -9.40
N ASP A 68 12.10 4.64 -9.69
CA ASP A 68 13.00 5.68 -10.17
C ASP A 68 12.50 7.00 -9.56
N ASP A 69 12.85 8.11 -10.16
CA ASP A 69 12.52 9.48 -9.71
C ASP A 69 11.04 9.81 -9.93
N TRP A 70 10.29 8.81 -10.44
CA TRP A 70 8.87 8.88 -10.78
C TRP A 70 8.64 9.22 -12.23
N GLN A 71 9.68 9.02 -13.03
CA GLN A 71 9.58 9.22 -14.47
C GLN A 71 8.66 8.14 -15.09
N THR A 72 8.59 7.01 -14.42
CA THR A 72 7.81 5.90 -14.85
C THR A 72 6.77 5.55 -13.78
N HIS A 73 5.67 4.97 -14.21
CA HIS A 73 4.55 4.58 -13.36
C HIS A 73 3.75 3.51 -14.08
N TYR A 74 2.88 2.80 -13.39
CA TYR A 74 2.16 1.69 -14.06
C TYR A 74 0.65 1.76 -13.98
N ASP A 75 0.17 2.76 -13.28
CA ASP A 75 -1.28 3.02 -12.98
C ASP A 75 -2.14 1.78 -12.89
N ILE A 76 -2.13 1.18 -11.75
CA ILE A 76 -2.91 0.01 -11.52
C ILE A 76 -4.19 0.40 -10.83
N LEU A 77 -5.28 -0.04 -11.36
CA LEU A 77 -6.54 0.21 -10.74
C LEU A 77 -6.72 -0.93 -9.75
N ALA A 78 -6.81 -0.61 -8.49
CA ALA A 78 -6.89 -1.63 -7.46
C ALA A 78 -8.24 -2.34 -7.46
N GLU A 79 -8.19 -3.61 -7.14
CA GLU A 79 -9.36 -4.43 -7.10
C GLU A 79 -9.98 -4.39 -5.72
N TYR A 80 -11.27 -4.24 -5.68
CA TYR A 80 -12.01 -4.24 -4.46
C TYR A 80 -12.15 -5.65 -3.93
N VAL A 81 -11.85 -5.82 -2.67
CA VAL A 81 -12.03 -7.08 -2.01
C VAL A 81 -13.49 -7.17 -1.56
N PRO A 82 -14.23 -8.19 -2.03
CA PRO A 82 -15.67 -8.31 -1.75
C PRO A 82 -16.01 -8.34 -0.26
N ASN A 83 -16.86 -7.41 0.14
CA ASN A 83 -17.38 -7.27 1.52
C ASN A 83 -16.28 -7.04 2.52
N SER A 84 -15.22 -6.40 2.08
CA SER A 84 -14.12 -6.08 2.97
C SER A 84 -14.48 -4.82 3.71
N CYS A 85 -15.38 -4.09 3.10
CA CYS A 85 -15.88 -2.90 3.63
C CYS A 85 -16.88 -3.23 4.68
N ASP A 86 -16.95 -2.42 5.68
CA ASP A 86 -17.90 -2.65 6.73
C ASP A 86 -18.35 -1.33 7.27
N GLY A 87 -18.92 -0.55 6.37
CA GLY A 87 -19.45 0.77 6.68
C GLY A 87 -18.39 1.84 6.87
N GLU A 88 -17.35 1.51 7.56
CA GLU A 88 -16.31 2.43 7.93
C GLU A 88 -15.20 2.49 6.91
N THR A 89 -14.56 1.38 6.65
CA THR A 89 -13.44 1.37 5.74
C THR A 89 -13.68 0.33 4.65
N ASP A 90 -12.71 0.16 3.75
CA ASP A 90 -12.79 -0.81 2.64
C ASP A 90 -11.40 -1.37 2.47
N GLN A 91 -11.27 -2.50 1.78
CA GLN A 91 -9.97 -3.06 1.49
C GLN A 91 -9.84 -3.31 0.01
N PHE A 92 -8.79 -2.81 -0.55
CA PHE A 92 -8.47 -2.99 -1.94
C PHE A 92 -7.09 -3.58 -2.04
N SER A 93 -6.80 -4.29 -3.07
CA SER A 93 -5.52 -4.92 -3.17
C SER A 93 -4.83 -4.65 -4.51
N PHE A 94 -3.53 -4.83 -4.55
CA PHE A 94 -2.75 -4.56 -5.75
C PHE A 94 -1.53 -5.47 -5.81
N LYS A 95 -0.82 -5.38 -6.93
CA LYS A 95 0.46 -6.03 -7.10
C LYS A 95 1.45 -4.92 -7.42
N ILE A 96 2.71 -5.19 -7.30
CA ILE A 96 3.71 -4.17 -7.46
C ILE A 96 4.87 -4.77 -8.28
N SER A 97 5.99 -4.10 -8.31
CA SER A 97 7.18 -4.60 -8.97
C SER A 97 7.86 -5.71 -8.12
N LEU A 98 9.09 -6.04 -8.50
CA LEU A 98 9.91 -7.06 -7.87
C LEU A 98 10.20 -6.72 -6.40
N VAL A 99 10.63 -7.73 -5.66
CA VAL A 99 10.92 -7.63 -4.24
C VAL A 99 12.12 -8.52 -3.84
N PRO A 100 12.59 -8.34 -2.56
CA PRO A 100 13.69 -9.06 -1.91
C PRO A 100 14.02 -10.50 -2.32
N PRO A 101 13.04 -11.44 -2.46
CA PRO A 101 13.39 -12.81 -2.81
C PRO A 101 14.19 -12.88 -4.13
N TYR A 102 14.02 -11.85 -4.95
CA TYR A 102 14.72 -11.75 -6.20
C TYR A 102 15.85 -10.73 -6.08
N GLN A 103 15.59 -9.62 -5.40
CA GLN A 103 16.63 -8.61 -5.21
C GLN A 103 16.46 -7.97 -3.84
N LYS A 104 17.47 -8.13 -3.02
CA LYS A 104 17.43 -7.76 -1.62
C LYS A 104 18.63 -6.88 -1.27
N ASP A 105 19.04 -6.08 -2.22
CA ASP A 105 20.22 -5.24 -2.10
C ASP A 105 19.84 -3.87 -1.54
N GLY A 106 18.57 -3.69 -1.25
CA GLY A 106 18.09 -2.40 -0.83
C GLY A 106 17.78 -1.58 -2.06
N SER A 107 16.98 -2.19 -2.91
CA SER A 107 16.60 -1.64 -4.19
C SER A 107 15.87 -0.29 -4.12
N LYS A 108 14.73 -0.25 -3.37
CA LYS A 108 13.81 0.93 -3.23
C LYS A 108 12.79 1.01 -4.34
N VAL A 109 11.55 0.93 -3.95
CA VAL A 109 10.43 1.13 -4.82
C VAL A 109 9.44 1.99 -4.06
N GLU A 110 8.80 2.90 -4.72
CA GLU A 110 7.79 3.71 -4.10
C GLU A 110 6.51 3.54 -4.83
N PHE A 111 5.41 3.76 -4.15
CA PHE A 111 4.12 3.76 -4.75
C PHE A 111 3.25 4.70 -4.00
N CYS A 112 2.14 5.07 -4.59
CA CYS A 112 1.16 5.91 -3.94
C CYS A 112 -0.21 5.49 -4.38
N ILE A 113 -1.19 5.79 -3.56
CA ILE A 113 -2.55 5.51 -3.87
C ILE A 113 -3.27 6.79 -4.21
N ARG A 114 -3.87 6.79 -5.36
CA ARG A 114 -4.69 7.87 -5.83
C ARG A 114 -6.13 7.48 -5.58
N TYR A 115 -6.65 7.94 -4.46
CA TYR A 115 -7.99 7.60 -4.04
C TYR A 115 -8.98 8.67 -4.47
N GLU A 116 -9.52 8.52 -5.65
CA GLU A 116 -10.48 9.48 -6.18
C GLU A 116 -11.85 9.14 -5.71
N THR A 117 -12.42 10.00 -4.94
CA THR A 117 -13.74 9.77 -4.45
C THR A 117 -14.65 10.87 -4.88
N SER A 118 -15.89 10.76 -4.49
CA SER A 118 -16.88 11.76 -4.80
C SER A 118 -16.61 13.06 -4.02
N VAL A 119 -15.81 12.96 -2.97
CA VAL A 119 -15.50 14.12 -2.16
C VAL A 119 -13.99 14.46 -2.21
N GLY A 120 -13.39 14.30 -3.37
CA GLY A 120 -12.02 14.66 -3.53
C GLY A 120 -11.13 13.49 -3.80
N THR A 121 -10.01 13.78 -4.34
CA THR A 121 -8.98 12.81 -4.59
C THR A 121 -7.99 12.82 -3.43
N PHE A 122 -7.82 11.69 -2.79
CA PHE A 122 -6.91 11.54 -1.70
C PHE A 122 -5.68 10.78 -2.13
N TRP A 123 -4.64 11.50 -2.38
CA TRP A 123 -3.37 10.93 -2.69
C TRP A 123 -2.66 10.57 -1.41
N SER A 124 -2.32 9.34 -1.26
CA SER A 124 -1.65 8.92 -0.08
C SER A 124 -0.15 9.03 -0.28
N ASN A 125 0.42 10.05 0.31
CA ASN A 125 1.83 10.32 0.25
C ASN A 125 2.28 10.65 1.65
N ASN A 126 3.32 10.00 2.11
CA ASN A 126 3.84 10.28 3.45
C ASN A 126 4.66 11.62 3.39
N ASN A 127 5.19 12.04 4.50
CA ASN A 127 5.87 13.32 4.59
C ASN A 127 7.29 13.24 4.05
N GLY A 128 7.38 13.36 2.76
CA GLY A 128 8.66 13.42 2.05
C GLY A 128 8.88 12.17 1.25
N THR A 129 8.75 11.08 1.91
CA THR A 129 8.78 9.78 1.28
C THR A 129 7.35 9.45 0.89
N ASN A 130 7.15 8.71 -0.15
CA ASN A 130 5.80 8.37 -0.53
C ASN A 130 5.40 7.10 0.18
N TYR A 131 5.97 6.03 -0.27
CA TYR A 131 5.88 4.73 0.31
C TYR A 131 7.14 4.02 -0.15
N THR A 132 8.27 4.40 0.40
CA THR A 132 9.50 3.79 -0.01
C THR A 132 9.72 2.51 0.80
N LEU A 133 10.07 1.44 0.13
CA LEU A 133 10.41 0.21 0.80
C LEU A 133 11.80 -0.16 0.45
N VAL A 134 12.56 -0.59 1.41
CA VAL A 134 13.87 -1.09 1.16
C VAL A 134 13.76 -2.56 0.89
N CYS A 135 13.88 -2.92 -0.37
CA CYS A 135 13.82 -4.29 -0.80
C CYS A 135 14.84 -5.18 -0.08
N GLN A 136 14.37 -5.79 1.01
CA GLN A 136 15.11 -6.72 1.83
C GLN A 136 14.14 -7.67 2.50
N LYS A 137 14.63 -8.68 3.12
CA LYS A 137 13.79 -9.72 3.65
C LYS A 137 14.05 -9.87 5.12
N LYS A 138 13.07 -10.39 5.82
CA LYS A 138 13.15 -10.56 7.26
C LYS A 138 14.20 -11.62 7.57
N GLU A 139 13.92 -12.80 7.12
CA GLU A 139 14.86 -13.90 7.10
C GLU A 139 14.97 -14.32 5.67
N GLY A 1 9.69 -6.79 12.21
CA GLY A 1 10.47 -7.07 13.41
C GLY A 1 11.30 -8.30 13.21
N HIS A 2 12.49 -8.34 13.79
CA HIS A 2 13.38 -9.48 13.57
C HIS A 2 13.05 -10.57 14.59
N MET A 3 12.35 -10.20 15.65
CA MET A 3 11.93 -11.13 16.69
C MET A 3 10.87 -12.09 16.13
N GLN A 4 10.18 -11.61 15.12
CA GLN A 4 9.14 -12.35 14.43
C GLN A 4 9.76 -13.54 13.69
N THR A 5 9.04 -14.66 13.66
CA THR A 5 9.48 -15.83 12.94
C THR A 5 9.40 -15.53 11.43
N GLU A 6 9.91 -16.44 10.60
CA GLU A 6 9.95 -16.24 9.17
C GLU A 6 8.64 -15.89 8.49
N GLU A 7 8.54 -14.63 8.28
CA GLU A 7 7.56 -13.99 7.51
C GLU A 7 8.32 -13.06 6.63
N TYR A 8 7.92 -12.96 5.41
CA TYR A 8 8.59 -12.13 4.49
C TYR A 8 8.13 -10.72 4.74
N VAL A 9 8.97 -9.90 5.29
CA VAL A 9 8.56 -8.57 5.60
C VAL A 9 9.49 -7.58 4.96
N LEU A 10 8.91 -6.74 4.17
CA LEU A 10 9.63 -5.71 3.49
C LEU A 10 9.82 -4.56 4.42
N SER A 11 11.02 -4.08 4.46
CA SER A 11 11.41 -3.05 5.32
C SER A 11 10.97 -1.69 4.80
N PRO A 12 10.02 -1.06 5.48
CA PRO A 12 9.43 0.18 5.06
C PRO A 12 10.12 1.42 5.63
N LEU A 13 10.12 2.47 4.84
CA LEU A 13 10.62 3.75 5.25
C LEU A 13 9.43 4.66 5.39
N PHE A 14 8.40 4.08 5.89
CA PHE A 14 7.15 4.73 6.13
C PHE A 14 6.49 4.08 7.31
N ASP A 15 5.34 4.58 7.65
CA ASP A 15 4.62 4.14 8.82
C ASP A 15 3.36 3.43 8.42
N LEU A 16 3.20 2.27 8.97
CA LEU A 16 2.03 1.46 8.75
C LEU A 16 1.20 1.41 10.00
N PRO A 17 -0.09 1.08 9.89
CA PRO A 17 -0.98 0.99 11.04
C PRO A 17 -0.45 -0.01 12.06
N ALA A 18 -0.11 0.50 13.21
CA ALA A 18 0.42 -0.33 14.26
C ALA A 18 -0.71 -0.89 15.09
N SER A 19 -1.78 -0.14 15.14
CA SER A 19 -2.94 -0.48 15.91
C SER A 19 -4.12 0.11 15.19
N LYS A 20 -5.30 -0.38 15.46
CA LYS A 20 -6.51 0.13 14.81
C LYS A 20 -6.80 1.56 15.20
N GLU A 21 -6.44 1.93 16.42
CA GLU A 21 -6.61 3.31 16.85
C GLU A 21 -5.67 4.19 16.02
N ASP A 22 -4.40 3.82 15.97
CA ASP A 22 -3.38 4.48 15.12
C ASP A 22 -3.85 4.57 13.67
N LEU A 23 -4.37 3.46 13.18
CA LEU A 23 -4.90 3.36 11.83
C LEU A 23 -6.02 4.36 11.60
N MET A 24 -7.08 4.25 12.38
CA MET A 24 -8.26 5.06 12.19
C MET A 24 -8.00 6.55 12.36
N GLN A 25 -7.13 6.92 13.29
CA GLN A 25 -6.79 8.34 13.53
C GLN A 25 -6.20 8.99 12.30
N GLN A 26 -5.26 8.32 11.67
CA GLN A 26 -4.58 8.91 10.54
C GLN A 26 -5.44 8.72 9.30
N LEU A 27 -6.34 7.75 9.38
CA LEU A 27 -7.24 7.42 8.30
C LEU A 27 -8.33 8.48 8.19
N GLN A 28 -8.36 9.42 9.11
CA GLN A 28 -9.32 10.52 9.09
C GLN A 28 -8.74 11.63 8.22
N VAL A 29 -7.50 11.44 7.82
CA VAL A 29 -6.80 12.39 7.00
C VAL A 29 -6.52 11.77 5.63
N GLN A 30 -5.69 10.77 5.62
CA GLN A 30 -5.22 10.14 4.40
C GLN A 30 -5.90 8.83 4.18
N LYS A 31 -7.20 8.95 4.15
CA LYS A 31 -8.25 7.88 4.04
C LYS A 31 -7.82 6.57 3.35
N ALA A 32 -7.00 6.65 2.36
CA ALA A 32 -6.48 5.50 1.68
C ALA A 32 -5.05 5.31 2.08
N MET A 33 -4.74 4.26 2.78
CA MET A 33 -3.36 4.02 3.16
C MET A 33 -3.05 2.55 3.11
N LEU A 34 -1.79 2.24 3.01
CA LEU A 34 -1.35 0.87 2.96
C LEU A 34 -1.58 0.27 4.36
N GLU A 35 -2.13 -0.92 4.39
CA GLU A 35 -2.47 -1.57 5.63
C GLU A 35 -1.42 -2.63 5.97
N SER A 36 -1.13 -3.49 5.01
CA SER A 36 -0.15 -4.54 5.18
C SER A 36 0.46 -4.95 3.84
N THR A 37 1.72 -5.31 3.87
CA THR A 37 2.43 -5.83 2.72
C THR A 37 2.82 -7.27 3.00
N GLU A 38 2.61 -8.15 2.05
CA GLU A 38 3.03 -9.52 2.17
C GLU A 38 3.52 -9.97 0.82
N TYR A 39 4.59 -10.73 0.77
CA TYR A 39 5.15 -11.12 -0.52
C TYR A 39 4.31 -12.24 -1.07
N VAL A 40 4.43 -12.48 -2.33
CA VAL A 40 3.75 -13.62 -2.88
C VAL A 40 4.75 -14.77 -2.82
N PRO A 41 4.40 -15.86 -2.06
CA PRO A 41 5.25 -17.04 -1.77
C PRO A 41 6.38 -17.32 -2.77
N GLY A 42 6.02 -17.46 -4.01
CA GLY A 42 7.02 -17.71 -5.01
C GLY A 42 6.66 -17.03 -6.28
N SER A 43 6.44 -15.74 -6.23
CA SER A 43 6.08 -14.99 -7.41
C SER A 43 6.76 -13.62 -7.39
N THR A 44 6.87 -13.02 -8.54
CA THR A 44 7.54 -11.77 -8.75
C THR A 44 6.69 -10.56 -8.37
N SER A 45 6.20 -10.58 -7.17
CA SER A 45 5.33 -9.54 -6.69
C SER A 45 5.14 -9.63 -5.16
N MET A 46 4.42 -8.67 -4.65
CA MET A 46 4.07 -8.54 -3.26
C MET A 46 2.64 -8.06 -3.26
N LYS A 47 1.83 -8.63 -2.42
CA LYS A 47 0.42 -8.34 -2.38
C LYS A 47 0.17 -7.40 -1.21
N GLY A 48 -0.22 -6.20 -1.49
CA GLY A 48 -0.48 -5.27 -0.43
C GLY A 48 -1.93 -4.96 -0.34
N ILE A 49 -2.37 -4.65 0.84
CA ILE A 49 -3.73 -4.27 1.10
C ILE A 49 -3.75 -2.82 1.49
N ILE A 50 -4.61 -2.07 0.88
CA ILE A 50 -4.80 -0.68 1.18
C ILE A 50 -6.16 -0.52 1.82
N ARG A 51 -6.18 0.06 2.97
CA ARG A 51 -7.39 0.30 3.65
C ARG A 51 -7.85 1.68 3.27
N VAL A 52 -9.00 1.75 2.70
CA VAL A 52 -9.55 3.02 2.33
C VAL A 52 -10.78 3.23 3.16
N LEU A 53 -11.05 4.42 3.52
CA LEU A 53 -12.16 4.66 4.36
C LEU A 53 -13.38 4.91 3.51
N ASN A 54 -14.48 4.30 3.92
CA ASN A 54 -15.75 4.42 3.23
C ASN A 54 -16.27 5.82 3.39
N ILE A 55 -15.95 6.62 2.45
CA ILE A 55 -16.36 8.01 2.43
C ILE A 55 -17.11 8.32 1.15
N SER A 56 -17.03 7.42 0.22
CA SER A 56 -17.58 7.60 -1.08
C SER A 56 -17.88 6.22 -1.67
N PHE A 57 -18.89 6.13 -2.50
CA PHE A 57 -19.22 4.90 -3.18
C PHE A 57 -18.27 4.73 -4.35
N GLU A 58 -18.18 5.77 -5.15
CA GLU A 58 -17.29 5.82 -6.26
C GLU A 58 -15.95 6.26 -5.74
N LYS A 59 -15.11 5.32 -5.58
CA LYS A 59 -13.79 5.59 -5.14
C LYS A 59 -12.79 4.90 -6.08
N LEU A 60 -11.80 5.64 -6.49
CA LEU A 60 -10.75 5.15 -7.35
C LEU A 60 -9.48 5.03 -6.59
N VAL A 61 -8.97 3.84 -6.53
CA VAL A 61 -7.73 3.57 -5.84
C VAL A 61 -6.68 3.15 -6.88
N TYR A 62 -5.82 4.06 -7.23
CA TYR A 62 -4.76 3.77 -8.16
C TYR A 62 -3.40 3.75 -7.48
N VAL A 63 -2.63 2.74 -7.75
CA VAL A 63 -1.30 2.60 -7.21
C VAL A 63 -0.28 2.94 -8.27
N ARG A 64 0.57 3.88 -7.98
CA ARG A 64 1.63 4.23 -8.89
C ARG A 64 2.94 3.99 -8.22
N MET A 65 3.87 3.33 -8.90
CA MET A 65 5.19 3.11 -8.31
C MET A 65 6.21 3.85 -9.13
N SER A 66 7.37 3.97 -8.57
CA SER A 66 8.53 4.45 -9.23
C SER A 66 9.74 4.12 -8.36
N LEU A 67 10.84 3.86 -9.00
CA LEU A 67 12.11 3.64 -8.35
C LEU A 67 13.06 4.69 -8.86
N ASP A 68 12.47 5.71 -9.45
CA ASP A 68 13.19 6.75 -10.14
C ASP A 68 12.61 8.12 -9.77
N ASP A 69 12.66 9.06 -10.71
CA ASP A 69 12.20 10.43 -10.50
C ASP A 69 10.69 10.53 -10.65
N TRP A 70 10.05 9.39 -10.91
CA TRP A 70 8.61 9.25 -11.13
C TRP A 70 8.25 9.65 -12.54
N GLN A 71 9.17 9.33 -13.44
CA GLN A 71 8.97 9.62 -14.86
C GLN A 71 8.10 8.53 -15.46
N THR A 72 8.10 7.40 -14.82
CA THR A 72 7.29 6.30 -15.20
C THR A 72 6.40 5.92 -14.02
N HIS A 73 5.21 5.47 -14.33
CA HIS A 73 4.24 5.05 -13.34
C HIS A 73 3.26 4.08 -13.96
N TYR A 74 3.28 2.85 -13.46
CA TYR A 74 2.49 1.73 -14.01
C TYR A 74 0.98 1.83 -13.85
N ASP A 75 0.55 2.77 -13.05
CA ASP A 75 -0.86 2.98 -12.64
C ASP A 75 -1.66 1.73 -12.50
N ILE A 76 -1.53 1.11 -11.38
CA ILE A 76 -2.26 -0.10 -11.13
C ILE A 76 -3.53 0.22 -10.44
N LEU A 77 -4.61 -0.15 -11.04
CA LEU A 77 -5.87 0.01 -10.43
C LEU A 77 -6.01 -1.09 -9.41
N ALA A 78 -6.19 -0.70 -8.18
CA ALA A 78 -6.27 -1.63 -7.09
C ALA A 78 -7.46 -2.56 -7.21
N GLU A 79 -7.30 -3.72 -6.67
CA GLU A 79 -8.27 -4.76 -6.72
C GLU A 79 -9.11 -4.69 -5.46
N TYR A 80 -10.33 -4.25 -5.62
CA TYR A 80 -11.25 -4.16 -4.52
C TYR A 80 -11.63 -5.54 -4.06
N VAL A 81 -11.45 -5.78 -2.79
CA VAL A 81 -11.88 -7.01 -2.21
C VAL A 81 -13.40 -6.91 -2.08
N PRO A 82 -14.15 -7.81 -2.72
CA PRO A 82 -15.60 -7.73 -2.78
C PRO A 82 -16.25 -7.76 -1.39
N ASN A 83 -17.05 -6.72 -1.11
CA ASN A 83 -17.79 -6.57 0.16
C ASN A 83 -16.87 -6.62 1.38
N SER A 84 -15.69 -6.05 1.23
CA SER A 84 -14.73 -5.99 2.31
C SER A 84 -15.08 -4.84 3.21
N CYS A 85 -15.91 -3.98 2.66
CA CYS A 85 -16.44 -2.85 3.33
C CYS A 85 -17.25 -3.29 4.52
N ASP A 86 -16.88 -2.83 5.67
CA ASP A 86 -17.65 -3.15 6.85
C ASP A 86 -18.23 -1.87 7.44
N GLY A 87 -18.89 -1.14 6.57
CA GLY A 87 -19.55 0.11 6.93
C GLY A 87 -18.62 1.29 7.12
N GLU A 88 -17.50 1.06 7.74
CA GLU A 88 -16.58 2.11 8.04
C GLU A 88 -15.50 2.19 6.97
N THR A 89 -14.92 1.06 6.60
CA THR A 89 -13.81 1.06 5.65
C THR A 89 -13.95 -0.05 4.60
N ASP A 90 -13.36 0.19 3.43
CA ASP A 90 -13.27 -0.77 2.30
C ASP A 90 -11.84 -1.23 2.23
N GLN A 91 -11.58 -2.37 1.63
CA GLN A 91 -10.22 -2.84 1.54
C GLN A 91 -9.90 -3.20 0.10
N PHE A 92 -8.77 -2.73 -0.36
CA PHE A 92 -8.30 -3.01 -1.71
C PHE A 92 -6.94 -3.65 -1.63
N SER A 93 -6.55 -4.32 -2.67
CA SER A 93 -5.26 -4.93 -2.71
C SER A 93 -4.61 -4.63 -4.04
N PHE A 94 -3.32 -4.83 -4.15
CA PHE A 94 -2.64 -4.61 -5.40
C PHE A 94 -1.45 -5.53 -5.46
N LYS A 95 -0.93 -5.72 -6.63
CA LYS A 95 0.30 -6.43 -6.80
C LYS A 95 1.37 -5.43 -7.13
N ILE A 96 2.59 -5.82 -7.00
CA ILE A 96 3.66 -4.90 -7.20
C ILE A 96 4.69 -5.58 -8.11
N SER A 97 5.80 -4.99 -8.31
CA SER A 97 6.82 -5.56 -9.14
C SER A 97 7.72 -6.55 -8.35
N LEU A 98 8.76 -7.07 -9.01
CA LEU A 98 9.69 -8.02 -8.40
C LEU A 98 10.32 -7.41 -7.15
N VAL A 99 10.33 -8.18 -6.08
CA VAL A 99 10.88 -7.77 -4.82
C VAL A 99 12.03 -8.76 -4.39
N PRO A 100 12.58 -8.74 -3.11
CA PRO A 100 13.85 -9.42 -2.76
C PRO A 100 14.10 -10.86 -3.18
N PRO A 101 13.11 -11.81 -3.12
CA PRO A 101 13.43 -13.20 -3.39
C PRO A 101 13.93 -13.41 -4.85
N TYR A 102 13.69 -12.43 -5.69
CA TYR A 102 14.16 -12.43 -7.05
C TYR A 102 15.24 -11.40 -7.25
N GLN A 103 14.97 -10.19 -6.81
CA GLN A 103 15.89 -9.10 -7.06
C GLN A 103 15.99 -8.22 -5.83
N LYS A 104 17.19 -7.95 -5.41
CA LYS A 104 17.42 -7.23 -4.20
C LYS A 104 18.62 -6.27 -4.33
N ASP A 105 18.34 -5.11 -4.87
CA ASP A 105 19.37 -4.08 -5.08
C ASP A 105 19.28 -3.03 -4.01
N GLY A 106 18.31 -3.17 -3.14
CA GLY A 106 17.95 -2.04 -2.34
C GLY A 106 17.28 -1.08 -3.30
N SER A 107 16.46 -1.68 -4.14
CA SER A 107 15.77 -1.10 -5.26
C SER A 107 15.05 0.21 -4.94
N LYS A 108 14.37 0.21 -3.79
CA LYS A 108 13.57 1.33 -3.28
C LYS A 108 12.33 1.49 -4.13
N VAL A 109 11.34 0.74 -3.82
CA VAL A 109 10.12 0.86 -4.54
C VAL A 109 9.25 1.89 -3.83
N GLU A 110 8.96 2.94 -4.51
CA GLU A 110 8.11 3.98 -4.01
C GLU A 110 6.77 3.83 -4.65
N PHE A 111 5.73 3.87 -3.89
CA PHE A 111 4.42 3.87 -4.47
C PHE A 111 3.50 4.78 -3.69
N CYS A 112 2.65 5.46 -4.39
CA CYS A 112 1.65 6.30 -3.76
C CYS A 112 0.30 5.84 -4.21
N ILE A 113 -0.68 6.01 -3.38
CA ILE A 113 -2.03 5.65 -3.75
C ILE A 113 -2.81 6.88 -4.13
N ARG A 114 -3.30 6.88 -5.32
CA ARG A 114 -4.14 7.93 -5.82
C ARG A 114 -5.57 7.54 -5.54
N TYR A 115 -6.11 8.11 -4.51
CA TYR A 115 -7.45 7.81 -4.09
C TYR A 115 -8.37 8.94 -4.50
N GLU A 116 -9.01 8.78 -5.62
CA GLU A 116 -9.90 9.80 -6.11
C GLU A 116 -11.31 9.45 -5.75
N THR A 117 -11.94 10.29 -4.99
CA THR A 117 -13.30 10.05 -4.59
C THR A 117 -14.17 11.22 -4.95
N SER A 118 -15.46 11.07 -4.71
CA SER A 118 -16.43 12.11 -4.95
C SER A 118 -16.17 13.31 -4.02
N VAL A 119 -15.44 13.05 -2.93
CA VAL A 119 -15.16 14.07 -1.95
C VAL A 119 -13.66 14.41 -1.91
N GLY A 120 -13.02 14.41 -3.06
CA GLY A 120 -11.66 14.81 -3.12
C GLY A 120 -10.72 13.68 -3.44
N THR A 121 -9.57 14.06 -3.87
CA THR A 121 -8.50 13.14 -4.14
C THR A 121 -7.55 13.09 -2.94
N PHE A 122 -7.17 11.90 -2.56
CA PHE A 122 -6.24 11.66 -1.50
C PHE A 122 -5.05 10.89 -2.03
N TRP A 123 -3.92 11.54 -2.06
CA TRP A 123 -2.69 10.88 -2.45
C TRP A 123 -2.00 10.38 -1.22
N SER A 124 -2.00 9.10 -1.09
CA SER A 124 -1.44 8.43 0.05
C SER A 124 0.09 8.51 0.06
N ASN A 125 0.58 9.30 0.98
CA ASN A 125 1.99 9.45 1.29
C ASN A 125 2.11 9.39 2.80
N ASN A 126 3.27 9.04 3.31
CA ASN A 126 3.46 8.87 4.75
C ASN A 126 3.52 10.21 5.48
N ASN A 127 4.56 10.99 5.25
CA ASN A 127 4.70 12.29 5.93
C ASN A 127 5.45 13.30 5.04
N GLY A 128 5.63 12.93 3.81
CA GLY A 128 6.44 13.68 2.90
C GLY A 128 7.00 12.73 1.93
N THR A 129 7.51 11.65 2.49
CA THR A 129 7.91 10.53 1.71
C THR A 129 6.64 9.75 1.43
N ASN A 130 6.68 8.90 0.48
CA ASN A 130 5.51 8.18 0.08
C ASN A 130 5.40 6.83 0.78
N TYR A 131 5.79 5.81 0.10
CA TYR A 131 5.87 4.49 0.59
C TYR A 131 7.08 3.87 -0.07
N THR A 132 8.24 4.14 0.48
CA THR A 132 9.45 3.59 -0.05
C THR A 132 9.85 2.38 0.76
N LEU A 133 10.07 1.27 0.12
CA LEU A 133 10.49 0.07 0.79
C LEU A 133 11.86 -0.31 0.30
N VAL A 134 12.71 -0.70 1.20
CA VAL A 134 13.98 -1.21 0.81
C VAL A 134 13.80 -2.68 0.51
N CYS A 135 13.85 -3.00 -0.77
CA CYS A 135 13.64 -4.35 -1.26
C CYS A 135 14.66 -5.36 -0.70
N GLN A 136 14.35 -5.88 0.47
CA GLN A 136 15.11 -6.92 1.16
C GLN A 136 14.11 -7.77 1.91
N LYS A 137 14.51 -8.93 2.33
CA LYS A 137 13.61 -9.86 3.03
C LYS A 137 13.90 -9.72 4.53
N LYS A 138 13.09 -10.35 5.39
CA LYS A 138 13.30 -10.23 6.85
C LYS A 138 14.68 -10.72 7.20
N GLU A 139 15.00 -11.84 6.65
CA GLU A 139 16.28 -12.40 6.80
C GLU A 139 16.98 -12.18 5.48
N GLY A 1 17.41 -8.41 9.77
CA GLY A 1 17.77 -7.54 10.88
C GLY A 1 16.81 -7.71 12.02
N HIS A 2 16.21 -6.63 12.47
CA HIS A 2 15.22 -6.68 13.55
C HIS A 2 13.92 -7.19 12.96
N MET A 3 13.38 -8.24 13.53
CA MET A 3 12.16 -8.83 13.03
C MET A 3 10.94 -7.97 13.34
N GLN A 4 10.65 -7.08 12.43
CA GLN A 4 9.49 -6.22 12.54
C GLN A 4 8.30 -6.98 12.00
N THR A 5 7.53 -7.58 12.90
CA THR A 5 6.40 -8.43 12.58
C THR A 5 6.90 -9.79 11.96
N GLU A 6 6.20 -10.87 12.24
CA GLU A 6 6.65 -12.15 11.77
C GLU A 6 6.12 -12.50 10.41
N GLU A 7 6.90 -13.32 9.73
CA GLU A 7 6.63 -13.87 8.41
C GLU A 7 6.44 -12.90 7.26
N TYR A 8 7.44 -12.92 6.38
CA TYR A 8 7.54 -12.14 5.16
C TYR A 8 7.09 -10.67 5.25
N VAL A 9 8.01 -9.81 5.57
CA VAL A 9 7.73 -8.41 5.67
C VAL A 9 8.80 -7.65 4.92
N LEU A 10 8.40 -6.60 4.27
CA LEU A 10 9.27 -5.77 3.54
C LEU A 10 9.66 -4.60 4.46
N SER A 11 10.84 -4.06 4.29
CA SER A 11 11.31 -2.98 5.14
C SER A 11 10.86 -1.62 4.62
N PRO A 12 9.95 -0.96 5.34
CA PRO A 12 9.41 0.32 4.95
C PRO A 12 10.20 1.50 5.51
N LEU A 13 10.28 2.55 4.72
CA LEU A 13 10.89 3.80 5.12
C LEU A 13 9.77 4.78 5.40
N PHE A 14 8.76 4.22 5.97
CA PHE A 14 7.55 4.87 6.39
C PHE A 14 6.94 4.02 7.48
N ASP A 15 5.76 4.33 7.88
CA ASP A 15 5.08 3.58 8.93
C ASP A 15 3.77 3.06 8.44
N LEU A 16 3.32 2.01 9.05
CA LEU A 16 2.11 1.36 8.70
C LEU A 16 1.11 1.46 9.85
N PRO A 17 -0.19 1.29 9.56
CA PRO A 17 -1.22 1.22 10.57
C PRO A 17 -1.05 -0.03 11.42
N ALA A 18 -0.29 0.13 12.45
CA ALA A 18 0.07 -0.98 13.34
C ALA A 18 -1.08 -1.35 14.23
N SER A 19 -1.89 -0.38 14.52
CA SER A 19 -2.98 -0.57 15.40
C SER A 19 -4.15 0.10 14.74
N LYS A 20 -5.36 -0.30 15.09
CA LYS A 20 -6.52 0.35 14.54
C LYS A 20 -6.62 1.78 15.01
N GLU A 21 -6.11 2.04 16.20
CA GLU A 21 -6.01 3.39 16.69
C GLU A 21 -5.10 4.20 15.79
N ASP A 22 -3.85 3.73 15.57
CA ASP A 22 -2.88 4.40 14.66
C ASP A 22 -3.53 4.64 13.33
N LEU A 23 -4.16 3.59 12.84
CA LEU A 23 -4.87 3.58 11.59
C LEU A 23 -5.92 4.68 11.52
N MET A 24 -6.84 4.65 12.45
CA MET A 24 -7.96 5.57 12.43
C MET A 24 -7.54 7.01 12.66
N GLN A 25 -6.45 7.21 13.39
CA GLN A 25 -5.90 8.56 13.63
C GLN A 25 -5.41 9.21 12.33
N GLN A 26 -4.85 8.42 11.45
CA GLN A 26 -4.34 8.95 10.20
C GLN A 26 -5.38 8.86 9.10
N LEU A 27 -6.28 7.91 9.26
CA LEU A 27 -7.27 7.62 8.24
C LEU A 27 -8.39 8.66 8.18
N GLN A 28 -8.37 9.61 9.09
CA GLN A 28 -9.38 10.67 9.09
C GLN A 28 -8.91 11.81 8.21
N VAL A 29 -7.65 11.77 7.89
CA VAL A 29 -7.04 12.80 7.09
C VAL A 29 -6.84 12.34 5.66
N GLN A 30 -6.03 11.32 5.53
CA GLN A 30 -5.54 10.84 4.24
C GLN A 30 -6.10 9.48 3.90
N LYS A 31 -7.40 9.40 4.04
CA LYS A 31 -8.34 8.20 3.98
C LYS A 31 -7.86 6.84 3.35
N ALA A 32 -6.96 6.88 2.46
CA ALA A 32 -6.38 5.71 1.86
C ALA A 32 -4.99 5.49 2.43
N MET A 33 -4.80 4.44 3.18
CA MET A 33 -3.52 4.21 3.79
C MET A 33 -3.12 2.76 3.60
N LEU A 34 -1.91 2.55 3.13
CA LEU A 34 -1.35 1.21 2.98
C LEU A 34 -1.34 0.56 4.34
N GLU A 35 -1.76 -0.65 4.42
CA GLU A 35 -1.95 -1.27 5.71
C GLU A 35 -0.80 -2.20 6.02
N SER A 36 -0.38 -2.96 5.02
CA SER A 36 0.71 -3.87 5.18
C SER A 36 1.20 -4.31 3.81
N THR A 37 2.30 -4.98 3.81
CA THR A 37 2.94 -5.47 2.63
C THR A 37 3.07 -6.97 2.77
N GLU A 38 2.56 -7.69 1.83
CA GLU A 38 2.53 -9.12 1.90
C GLU A 38 3.11 -9.72 0.64
N TYR A 39 4.17 -10.44 0.79
CA TYR A 39 4.80 -11.15 -0.30
C TYR A 39 3.88 -12.25 -0.79
N VAL A 40 3.82 -12.42 -2.09
CA VAL A 40 2.98 -13.44 -2.65
C VAL A 40 3.79 -14.72 -2.77
N PRO A 41 3.35 -15.80 -2.11
CA PRO A 41 4.07 -17.08 -2.13
C PRO A 41 4.09 -17.69 -3.54
N GLY A 42 5.26 -17.71 -4.12
CA GLY A 42 5.45 -18.34 -5.40
C GLY A 42 5.52 -17.36 -6.54
N SER A 43 4.58 -16.47 -6.58
CA SER A 43 4.48 -15.47 -7.61
C SER A 43 5.54 -14.38 -7.43
N THR A 44 6.02 -13.83 -8.51
CA THR A 44 7.10 -12.88 -8.51
C THR A 44 6.54 -11.46 -8.31
N SER A 45 5.80 -11.29 -7.25
CA SER A 45 5.19 -10.05 -6.95
C SER A 45 4.99 -9.87 -5.45
N MET A 46 4.84 -8.64 -5.04
CA MET A 46 4.58 -8.34 -3.65
C MET A 46 3.24 -7.61 -3.61
N LYS A 47 2.40 -7.96 -2.72
CA LYS A 47 1.07 -7.41 -2.66
C LYS A 47 0.92 -6.43 -1.50
N GLY A 48 0.29 -5.32 -1.75
CA GLY A 48 0.03 -4.39 -0.70
C GLY A 48 -1.44 -4.23 -0.47
N ILE A 49 -1.85 -4.29 0.77
CA ILE A 49 -3.23 -4.07 1.17
C ILE A 49 -3.37 -2.63 1.64
N ILE A 50 -4.33 -1.94 1.13
CA ILE A 50 -4.59 -0.58 1.51
C ILE A 50 -5.95 -0.49 2.18
N ARG A 51 -5.98 0.16 3.31
CA ARG A 51 -7.17 0.40 4.04
C ARG A 51 -7.67 1.76 3.60
N VAL A 52 -8.81 1.79 2.98
CA VAL A 52 -9.37 3.04 2.53
C VAL A 52 -10.66 3.27 3.26
N LEU A 53 -10.95 4.49 3.55
CA LEU A 53 -12.17 4.82 4.21
C LEU A 53 -13.26 5.09 3.19
N ASN A 54 -14.32 4.31 3.32
CA ASN A 54 -15.48 4.37 2.46
C ASN A 54 -16.20 5.67 2.65
N ILE A 55 -15.97 6.53 1.74
CA ILE A 55 -16.55 7.85 1.72
C ILE A 55 -17.24 8.09 0.39
N SER A 56 -17.11 7.13 -0.47
CA SER A 56 -17.54 7.23 -1.82
C SER A 56 -17.67 5.83 -2.40
N PHE A 57 -18.69 5.61 -3.21
CA PHE A 57 -18.86 4.33 -3.87
C PHE A 57 -17.80 4.19 -4.93
N GLU A 58 -17.69 5.20 -5.76
CA GLU A 58 -16.70 5.24 -6.79
C GLU A 58 -15.40 5.67 -6.17
N LYS A 59 -14.67 4.70 -5.70
CA LYS A 59 -13.47 4.95 -5.06
C LYS A 59 -12.33 4.28 -5.82
N LEU A 60 -11.51 5.08 -6.43
CA LEU A 60 -10.39 4.56 -7.16
C LEU A 60 -9.17 4.59 -6.32
N VAL A 61 -8.73 3.44 -5.97
CA VAL A 61 -7.50 3.32 -5.28
C VAL A 61 -6.44 3.10 -6.32
N TYR A 62 -5.88 4.17 -6.78
CA TYR A 62 -4.88 4.11 -7.79
C TYR A 62 -3.52 4.10 -7.16
N VAL A 63 -2.73 3.22 -7.59
CA VAL A 63 -1.41 3.10 -7.07
C VAL A 63 -0.42 3.55 -8.11
N ARG A 64 0.35 4.52 -7.76
CA ARG A 64 1.37 5.02 -8.64
C ARG A 64 2.71 4.89 -7.97
N MET A 65 3.66 4.28 -8.65
CA MET A 65 4.99 4.16 -8.09
C MET A 65 5.99 4.80 -8.98
N SER A 66 7.13 5.06 -8.44
CA SER A 66 8.23 5.55 -9.20
C SER A 66 9.51 5.14 -8.48
N LEU A 67 10.56 4.89 -9.24
CA LEU A 67 11.91 4.62 -8.67
C LEU A 67 12.75 5.83 -9.00
N ASP A 68 12.10 6.84 -9.48
CA ASP A 68 12.72 8.02 -10.04
C ASP A 68 12.24 9.26 -9.25
N ASP A 69 12.23 10.42 -9.90
CA ASP A 69 11.82 11.69 -9.32
C ASP A 69 10.31 11.82 -9.38
N TRP A 70 9.68 10.74 -9.88
CA TRP A 70 8.23 10.60 -10.06
C TRP A 70 7.75 11.07 -11.41
N GLN A 71 8.66 11.03 -12.39
CA GLN A 71 8.28 11.37 -13.75
C GLN A 71 7.58 10.20 -14.42
N THR A 72 7.75 9.04 -13.84
CA THR A 72 7.16 7.83 -14.33
C THR A 72 6.28 7.21 -13.23
N HIS A 73 5.16 6.62 -13.64
CA HIS A 73 4.18 6.00 -12.73
C HIS A 73 3.38 4.92 -13.48
N TYR A 74 3.37 3.68 -12.93
CA TYR A 74 2.75 2.52 -13.61
C TYR A 74 1.22 2.50 -13.64
N ASP A 75 0.67 3.24 -12.74
CA ASP A 75 -0.79 3.34 -12.47
C ASP A 75 -1.51 2.02 -12.36
N ILE A 76 -1.78 1.63 -11.17
CA ILE A 76 -2.48 0.40 -10.89
C ILE A 76 -3.74 0.68 -10.11
N LEU A 77 -4.85 0.24 -10.62
CA LEU A 77 -6.08 0.32 -9.88
C LEU A 77 -6.12 -0.88 -8.95
N ALA A 78 -6.01 -0.62 -7.67
CA ALA A 78 -6.00 -1.67 -6.67
C ALA A 78 -7.30 -2.43 -6.68
N GLU A 79 -7.22 -3.71 -6.50
CA GLU A 79 -8.37 -4.56 -6.57
C GLU A 79 -9.01 -4.69 -5.20
N TYR A 80 -10.30 -4.45 -5.17
CA TYR A 80 -11.10 -4.55 -3.96
C TYR A 80 -11.17 -5.98 -3.49
N VAL A 81 -10.91 -6.18 -2.22
CA VAL A 81 -11.00 -7.47 -1.60
C VAL A 81 -12.47 -7.78 -1.33
N PRO A 82 -12.99 -8.87 -1.94
CA PRO A 82 -14.41 -9.24 -1.88
C PRO A 82 -14.99 -9.32 -0.46
N ASN A 83 -15.88 -8.37 -0.17
CA ASN A 83 -16.64 -8.28 1.10
C ASN A 83 -15.79 -7.87 2.28
N SER A 84 -14.62 -7.34 2.04
CA SER A 84 -13.78 -6.92 3.11
C SER A 84 -14.05 -5.49 3.61
N CYS A 85 -15.09 -4.88 3.07
CA CYS A 85 -15.54 -3.60 3.58
C CYS A 85 -16.71 -3.84 4.50
N ASP A 86 -16.76 -3.10 5.58
CA ASP A 86 -17.86 -3.25 6.52
C ASP A 86 -18.59 -1.91 6.63
N GLY A 87 -18.73 -1.27 5.49
CA GLY A 87 -19.46 -0.02 5.44
C GLY A 87 -18.60 1.19 5.72
N GLU A 88 -17.60 1.02 6.55
CA GLU A 88 -16.74 2.09 6.91
C GLU A 88 -15.47 2.04 6.15
N THR A 89 -14.70 1.01 6.27
CA THR A 89 -13.45 0.98 5.58
C THR A 89 -13.35 -0.24 4.68
N ASP A 90 -12.76 -0.03 3.52
CA ASP A 90 -12.61 -1.08 2.53
C ASP A 90 -11.18 -1.60 2.55
N GLN A 91 -11.00 -2.72 1.89
CA GLN A 91 -9.72 -3.34 1.74
C GLN A 91 -9.42 -3.54 0.27
N PHE A 92 -8.34 -2.96 -0.17
CA PHE A 92 -7.91 -3.10 -1.55
C PHE A 92 -6.51 -3.62 -1.57
N SER A 93 -6.13 -4.26 -2.63
CA SER A 93 -4.82 -4.82 -2.74
C SER A 93 -4.29 -4.62 -4.16
N PHE A 94 -3.00 -4.44 -4.28
CA PHE A 94 -2.38 -4.24 -5.58
C PHE A 94 -1.09 -5.05 -5.62
N LYS A 95 -0.48 -5.14 -6.78
CA LYS A 95 0.75 -5.87 -6.91
C LYS A 95 1.91 -4.93 -7.20
N ILE A 96 3.05 -5.35 -6.75
CA ILE A 96 4.31 -4.73 -7.03
C ILE A 96 5.13 -5.79 -7.75
N SER A 97 6.11 -5.36 -8.50
CA SER A 97 7.02 -6.19 -9.24
C SER A 97 7.81 -7.20 -8.34
N LEU A 98 8.77 -7.87 -8.96
CA LEU A 98 9.62 -8.87 -8.31
C LEU A 98 10.33 -8.29 -7.07
N VAL A 99 10.58 -9.15 -6.11
CA VAL A 99 11.16 -8.79 -4.82
C VAL A 99 12.23 -9.79 -4.38
N PRO A 100 12.97 -9.48 -3.27
CA PRO A 100 14.02 -10.29 -2.65
C PRO A 100 13.99 -11.80 -2.83
N PRO A 101 12.84 -12.51 -2.58
CA PRO A 101 12.80 -13.95 -2.72
C PRO A 101 13.20 -14.41 -4.15
N TYR A 102 13.21 -13.47 -5.09
CA TYR A 102 13.53 -13.73 -6.46
C TYR A 102 14.79 -12.93 -6.87
N GLN A 103 14.88 -11.67 -6.43
CA GLN A 103 16.05 -10.83 -6.76
C GLN A 103 16.49 -10.04 -5.54
N LYS A 104 17.79 -9.94 -5.31
CA LYS A 104 18.34 -9.39 -4.05
C LYS A 104 18.95 -8.00 -4.23
N ASP A 105 18.52 -7.29 -5.24
CA ASP A 105 19.14 -5.99 -5.55
C ASP A 105 18.56 -4.81 -4.76
N GLY A 106 17.34 -4.44 -5.09
CA GLY A 106 16.72 -3.31 -4.49
C GLY A 106 15.81 -2.66 -5.49
N SER A 107 14.83 -1.94 -5.02
CA SER A 107 13.95 -1.27 -5.94
C SER A 107 13.96 0.22 -5.68
N LYS A 108 13.65 0.59 -4.42
CA LYS A 108 13.44 1.99 -4.03
C LYS A 108 12.18 2.45 -4.68
N VAL A 109 11.21 1.61 -4.49
CA VAL A 109 9.90 1.79 -4.97
C VAL A 109 9.16 2.71 -4.03
N GLU A 110 8.80 3.85 -4.52
CA GLU A 110 7.97 4.72 -3.78
C GLU A 110 6.66 4.70 -4.45
N PHE A 111 5.66 4.30 -3.75
CA PHE A 111 4.35 4.33 -4.30
C PHE A 111 3.46 5.16 -3.45
N CYS A 112 2.42 5.66 -4.02
CA CYS A 112 1.43 6.39 -3.29
C CYS A 112 0.10 6.05 -3.85
N ILE A 113 -0.88 6.16 -3.02
CA ILE A 113 -2.20 5.89 -3.44
C ILE A 113 -2.89 7.17 -3.85
N ARG A 114 -3.34 7.18 -5.06
CA ARG A 114 -4.12 8.24 -5.63
C ARG A 114 -5.56 7.80 -5.52
N TYR A 115 -6.15 8.18 -4.43
CA TYR A 115 -7.49 7.75 -4.11
C TYR A 115 -8.50 8.75 -4.65
N GLU A 116 -8.88 8.53 -5.88
CA GLU A 116 -9.83 9.39 -6.57
C GLU A 116 -11.23 8.99 -6.17
N THR A 117 -11.89 9.83 -5.42
CA THR A 117 -13.23 9.54 -5.00
C THR A 117 -14.18 10.61 -5.50
N SER A 118 -15.43 10.54 -5.10
CA SER A 118 -16.41 11.50 -5.50
C SER A 118 -16.22 12.78 -4.64
N VAL A 119 -15.48 12.64 -3.55
CA VAL A 119 -15.27 13.74 -2.64
C VAL A 119 -13.78 14.10 -2.51
N GLY A 120 -13.06 14.04 -3.61
CA GLY A 120 -11.68 14.43 -3.58
C GLY A 120 -10.73 13.33 -3.95
N THR A 121 -9.62 13.73 -4.46
CA THR A 121 -8.54 12.82 -4.75
C THR A 121 -7.57 12.83 -3.58
N PHE A 122 -7.58 11.79 -2.82
CA PHE A 122 -6.74 11.66 -1.67
C PHE A 122 -5.45 10.96 -2.01
N TRP A 123 -4.40 11.72 -2.04
CA TRP A 123 -3.09 11.17 -2.21
C TRP A 123 -2.55 10.82 -0.86
N SER A 124 -2.08 9.63 -0.73
CA SER A 124 -1.50 9.21 0.50
C SER A 124 0.00 9.46 0.44
N ASN A 125 0.41 10.55 1.06
CA ASN A 125 1.82 10.94 1.16
C ASN A 125 2.11 11.22 2.61
N ASN A 126 3.31 10.90 3.04
CA ASN A 126 3.72 11.14 4.40
C ASN A 126 4.48 12.47 4.40
N ASN A 127 5.04 12.88 5.51
CA ASN A 127 5.66 14.20 5.66
C ASN A 127 6.86 14.42 4.74
N GLY A 128 7.71 13.44 4.62
CA GLY A 128 8.93 13.60 3.83
C GLY A 128 9.41 12.27 3.34
N THR A 129 8.47 11.46 3.01
CA THR A 129 8.67 10.13 2.54
C THR A 129 7.30 9.70 2.14
N ASN A 130 7.16 8.70 1.34
CA ASN A 130 5.84 8.29 0.97
C ASN A 130 5.62 6.86 1.39
N TYR A 131 5.75 5.96 0.47
CA TYR A 131 5.79 4.55 0.76
C TYR A 131 7.00 4.03 0.04
N THR A 132 8.15 4.39 0.56
CA THR A 132 9.42 3.99 0.02
C THR A 132 9.88 2.72 0.72
N LEU A 133 10.27 1.70 -0.01
CA LEU A 133 10.74 0.49 0.62
C LEU A 133 12.05 0.02 0.04
N VAL A 134 12.85 -0.58 0.89
CA VAL A 134 14.05 -1.23 0.49
C VAL A 134 13.77 -2.70 0.41
N CYS A 135 13.87 -3.22 -0.78
CA CYS A 135 13.56 -4.60 -1.04
C CYS A 135 14.43 -5.58 -0.28
N GLN A 136 13.92 -6.04 0.83
CA GLN A 136 14.51 -7.05 1.64
C GLN A 136 13.41 -7.75 2.41
N LYS A 137 13.48 -9.04 2.46
CA LYS A 137 12.51 -9.87 3.14
C LYS A 137 12.97 -10.08 4.56
N LYS A 138 12.05 -10.46 5.42
CA LYS A 138 12.32 -10.66 6.85
C LYS A 138 13.42 -11.71 7.00
N GLU A 139 13.10 -12.85 6.51
CA GLU A 139 14.03 -13.93 6.31
C GLU A 139 13.79 -14.40 4.91
N GLY A 1 -0.98 -1.36 19.42
CA GLY A 1 -1.01 -2.70 18.87
C GLY A 1 0.30 -2.99 18.21
N HIS A 2 0.48 -4.20 17.78
CA HIS A 2 1.69 -4.60 17.12
C HIS A 2 1.32 -5.44 15.93
N MET A 3 1.16 -4.80 14.81
CA MET A 3 0.76 -5.49 13.59
C MET A 3 1.97 -6.09 12.94
N GLN A 4 2.17 -7.35 13.20
CA GLN A 4 3.28 -8.08 12.67
C GLN A 4 2.77 -9.11 11.68
N THR A 5 3.20 -8.98 10.46
CA THR A 5 2.81 -9.88 9.40
C THR A 5 3.74 -11.10 9.38
N GLU A 6 3.22 -12.23 8.98
CA GLU A 6 3.97 -13.48 8.94
C GLU A 6 4.70 -13.67 7.62
N GLU A 7 5.76 -14.48 7.66
CA GLU A 7 6.56 -14.86 6.50
C GLU A 7 7.34 -13.66 5.95
N TYR A 8 7.98 -13.84 4.82
CA TYR A 8 8.77 -12.84 4.15
C TYR A 8 8.00 -11.54 3.96
N VAL A 9 8.50 -10.50 4.57
CA VAL A 9 7.90 -9.17 4.45
C VAL A 9 9.00 -8.15 4.19
N LEU A 10 8.63 -7.02 3.68
CA LEU A 10 9.58 -5.99 3.29
C LEU A 10 9.82 -5.02 4.44
N SER A 11 10.88 -4.23 4.34
CA SER A 11 11.20 -3.30 5.38
C SER A 11 10.71 -1.90 4.96
N PRO A 12 9.62 -1.42 5.59
CA PRO A 12 9.06 -0.14 5.29
C PRO A 12 9.53 0.96 6.25
N LEU A 13 10.05 2.02 5.70
CA LEU A 13 10.52 3.15 6.48
C LEU A 13 9.52 4.28 6.40
N PHE A 14 8.28 3.87 6.40
CA PHE A 14 7.17 4.76 6.41
C PHE A 14 6.21 4.34 7.50
N ASP A 15 5.12 5.06 7.61
CA ASP A 15 4.14 4.81 8.65
C ASP A 15 3.09 3.83 8.24
N LEU A 16 2.85 2.90 9.13
CA LEU A 16 1.79 1.93 9.03
C LEU A 16 1.01 1.96 10.35
N PRO A 17 -0.28 1.55 10.34
CA PRO A 17 -1.16 1.53 11.54
C PRO A 17 -0.50 0.94 12.79
N ALA A 18 -0.44 1.73 13.84
CA ALA A 18 0.13 1.29 15.12
C ALA A 18 -0.97 0.76 16.04
N SER A 19 -2.18 1.00 15.62
CA SER A 19 -3.36 0.62 16.34
C SER A 19 -4.53 0.86 15.42
N LYS A 20 -5.65 0.22 15.68
CA LYS A 20 -6.88 0.49 14.95
C LYS A 20 -7.30 1.95 15.23
N GLU A 21 -6.94 2.43 16.41
CA GLU A 21 -7.24 3.78 16.82
C GLU A 21 -6.39 4.74 16.01
N ASP A 22 -5.08 4.48 16.00
CA ASP A 22 -4.10 5.22 15.19
C ASP A 22 -4.49 5.22 13.73
N LEU A 23 -4.92 4.05 13.28
CA LEU A 23 -5.41 3.85 11.93
C LEU A 23 -6.51 4.82 11.65
N MET A 24 -7.59 4.74 12.42
CA MET A 24 -8.76 5.59 12.23
C MET A 24 -8.39 7.07 12.28
N GLN A 25 -7.57 7.44 13.27
CA GLN A 25 -7.12 8.82 13.44
C GLN A 25 -6.45 9.38 12.19
N GLN A 26 -5.50 8.68 11.63
CA GLN A 26 -4.80 9.21 10.48
C GLN A 26 -5.65 9.00 9.25
N LEU A 27 -6.55 8.04 9.34
CA LEU A 27 -7.43 7.68 8.26
C LEU A 27 -8.53 8.72 8.11
N GLN A 28 -8.51 9.73 8.96
CA GLN A 28 -9.43 10.85 8.89
C GLN A 28 -8.81 11.91 7.99
N VAL A 29 -7.53 11.74 7.71
CA VAL A 29 -6.78 12.65 6.90
C VAL A 29 -6.51 12.01 5.54
N GLN A 30 -5.75 10.95 5.57
CA GLN A 30 -5.29 10.25 4.38
C GLN A 30 -6.01 8.93 4.23
N LYS A 31 -7.30 9.04 4.13
CA LYS A 31 -8.33 7.95 4.06
C LYS A 31 -7.88 6.62 3.42
N ALA A 32 -7.00 6.68 2.47
CA ALA A 32 -6.49 5.52 1.82
C ALA A 32 -5.03 5.34 2.18
N MET A 33 -4.71 4.30 2.90
CA MET A 33 -3.31 4.04 3.22
C MET A 33 -2.95 2.58 3.19
N LEU A 34 -1.68 2.30 3.16
CA LEU A 34 -1.20 0.93 3.10
C LEU A 34 -1.48 0.24 4.44
N GLU A 35 -1.96 -0.98 4.38
CA GLU A 35 -2.28 -1.73 5.58
C GLU A 35 -1.19 -2.78 5.83
N SER A 36 -1.00 -3.65 4.87
CA SER A 36 -0.01 -4.70 5.00
C SER A 36 0.70 -4.97 3.67
N THR A 37 1.97 -5.29 3.76
CA THR A 37 2.75 -5.68 2.61
C THR A 37 3.05 -7.17 2.72
N GLU A 38 2.71 -7.92 1.72
CA GLU A 38 2.86 -9.36 1.76
C GLU A 38 3.46 -9.84 0.47
N TYR A 39 4.51 -10.61 0.54
CA TYR A 39 5.14 -11.13 -0.67
C TYR A 39 4.30 -12.22 -1.25
N VAL A 40 4.32 -12.36 -2.54
CA VAL A 40 3.57 -13.41 -3.18
C VAL A 40 4.50 -14.59 -3.38
N PRO A 41 4.18 -15.75 -2.78
CA PRO A 41 5.00 -16.94 -2.90
C PRO A 41 5.04 -17.52 -4.32
N GLY A 42 6.20 -17.45 -4.92
CA GLY A 42 6.41 -18.07 -6.22
C GLY A 42 6.33 -17.04 -7.32
N SER A 43 5.35 -16.19 -7.23
CA SER A 43 5.21 -15.11 -8.14
C SER A 43 6.21 -14.05 -7.77
N THR A 44 6.89 -13.53 -8.73
CA THR A 44 7.91 -12.59 -8.47
C THR A 44 7.27 -11.18 -8.33
N SER A 45 6.51 -11.02 -7.25
CA SER A 45 5.79 -9.80 -6.99
C SER A 45 5.45 -9.69 -5.50
N MET A 46 5.06 -8.50 -5.07
CA MET A 46 4.55 -8.30 -3.73
C MET A 46 3.13 -7.80 -3.81
N LYS A 47 2.31 -8.15 -2.87
CA LYS A 47 0.96 -7.70 -2.81
C LYS A 47 0.85 -6.71 -1.65
N GLY A 48 0.07 -5.70 -1.84
CA GLY A 48 -0.18 -4.78 -0.76
C GLY A 48 -1.63 -4.52 -0.62
N ILE A 49 -2.08 -4.39 0.58
CA ILE A 49 -3.45 -4.09 0.88
C ILE A 49 -3.52 -2.65 1.34
N ILE A 50 -4.44 -1.92 0.79
CA ILE A 50 -4.69 -0.57 1.16
C ILE A 50 -6.05 -0.49 1.79
N ARG A 51 -6.08 -0.02 3.00
CA ARG A 51 -7.29 0.16 3.72
C ARG A 51 -7.77 1.57 3.45
N VAL A 52 -8.87 1.68 2.80
CA VAL A 52 -9.44 2.96 2.48
C VAL A 52 -10.65 3.16 3.34
N LEU A 53 -10.97 4.37 3.66
CA LEU A 53 -12.11 4.61 4.46
C LEU A 53 -13.30 4.85 3.54
N ASN A 54 -14.30 4.04 3.73
CA ASN A 54 -15.50 4.01 2.93
C ASN A 54 -16.35 5.20 3.23
N ILE A 55 -16.32 6.14 2.35
CA ILE A 55 -17.09 7.36 2.50
C ILE A 55 -17.96 7.62 1.28
N SER A 56 -17.36 7.44 0.14
CA SER A 56 -17.92 7.73 -1.12
C SER A 56 -18.20 6.42 -1.84
N PHE A 57 -19.12 6.42 -2.78
CA PHE A 57 -19.35 5.23 -3.57
C PHE A 57 -18.36 5.23 -4.72
N GLU A 58 -18.34 6.32 -5.48
CA GLU A 58 -17.37 6.48 -6.53
C GLU A 58 -16.03 6.74 -5.91
N LYS A 59 -15.30 5.69 -5.74
CA LYS A 59 -14.02 5.72 -5.15
C LYS A 59 -13.01 5.06 -6.09
N LEU A 60 -11.97 5.75 -6.41
CA LEU A 60 -10.91 5.23 -7.22
C LEU A 60 -9.64 5.17 -6.47
N VAL A 61 -9.12 3.99 -6.33
CA VAL A 61 -7.88 3.79 -5.64
C VAL A 61 -6.82 3.46 -6.68
N TYR A 62 -6.04 4.43 -7.03
CA TYR A 62 -4.98 4.21 -7.97
C TYR A 62 -3.64 4.14 -7.30
N VAL A 63 -2.84 3.22 -7.69
CA VAL A 63 -1.51 3.05 -7.16
C VAL A 63 -0.51 3.36 -8.25
N ARG A 64 0.40 4.23 -7.98
CA ARG A 64 1.49 4.51 -8.90
C ARG A 64 2.78 4.32 -8.17
N MET A 65 3.71 3.61 -8.77
CA MET A 65 5.01 3.44 -8.13
C MET A 65 6.08 3.91 -9.06
N SER A 66 7.22 4.16 -8.51
CA SER A 66 8.36 4.47 -9.27
C SER A 66 9.58 4.13 -8.43
N LEU A 67 10.57 3.56 -9.07
CA LEU A 67 11.84 3.25 -8.44
C LEU A 67 12.85 4.25 -8.99
N ASP A 68 12.32 5.28 -9.58
CA ASP A 68 13.07 6.27 -10.29
C ASP A 68 12.57 7.66 -9.86
N ASP A 69 12.75 8.67 -10.69
CA ASP A 69 12.38 10.07 -10.44
C ASP A 69 10.89 10.30 -10.64
N TRP A 70 10.18 9.20 -10.93
CA TRP A 70 8.74 9.17 -11.22
C TRP A 70 8.43 9.45 -12.67
N GLN A 71 9.42 9.17 -13.53
CA GLN A 71 9.21 9.30 -14.97
C GLN A 71 8.39 8.11 -15.47
N THR A 72 8.27 7.15 -14.61
CA THR A 72 7.56 5.96 -14.87
C THR A 72 6.53 5.75 -13.76
N HIS A 73 5.40 5.21 -14.14
CA HIS A 73 4.33 4.87 -13.25
C HIS A 73 3.48 3.79 -13.90
N TYR A 74 3.34 2.67 -13.22
CA TYR A 74 2.60 1.50 -13.75
C TYR A 74 1.07 1.60 -13.67
N ASP A 75 0.62 2.73 -13.15
CA ASP A 75 -0.81 3.09 -12.91
C ASP A 75 -1.69 1.90 -12.65
N ILE A 76 -1.72 1.45 -11.44
CA ILE A 76 -2.51 0.33 -11.12
C ILE A 76 -3.79 0.76 -10.47
N LEU A 77 -4.88 0.31 -10.98
CA LEU A 77 -6.12 0.51 -10.32
C LEU A 77 -6.22 -0.59 -9.29
N ALA A 78 -6.24 -0.22 -8.04
CA ALA A 78 -6.25 -1.19 -6.97
C ALA A 78 -7.51 -2.03 -6.99
N GLU A 79 -7.33 -3.30 -6.74
CA GLU A 79 -8.38 -4.26 -6.83
C GLU A 79 -9.13 -4.33 -5.51
N TYR A 80 -10.38 -3.90 -5.51
CA TYR A 80 -11.25 -3.96 -4.33
C TYR A 80 -11.49 -5.40 -3.96
N VAL A 81 -11.20 -5.73 -2.73
CA VAL A 81 -11.43 -7.06 -2.25
C VAL A 81 -12.91 -7.18 -1.88
N PRO A 82 -13.66 -8.01 -2.61
CA PRO A 82 -15.11 -8.10 -2.50
C PRO A 82 -15.61 -8.45 -1.09
N ASN A 83 -16.34 -7.51 -0.51
CA ASN A 83 -16.92 -7.62 0.84
C ASN A 83 -15.86 -7.71 1.93
N SER A 84 -14.70 -7.12 1.71
CA SER A 84 -13.69 -7.07 2.75
C SER A 84 -13.78 -5.79 3.54
N CYS A 85 -14.80 -5.08 3.27
CA CYS A 85 -15.10 -3.86 3.90
C CYS A 85 -15.83 -4.13 5.21
N ASP A 86 -15.49 -3.35 6.22
CA ASP A 86 -16.14 -3.47 7.52
C ASP A 86 -17.19 -2.38 7.63
N GLY A 87 -17.87 -2.09 6.53
CA GLY A 87 -18.90 -1.07 6.52
C GLY A 87 -18.32 0.33 6.46
N GLU A 88 -17.35 0.58 7.30
CA GLU A 88 -16.73 1.88 7.38
C GLU A 88 -15.44 1.97 6.60
N THR A 89 -14.74 0.87 6.43
CA THR A 89 -13.49 0.90 5.70
C THR A 89 -13.44 -0.28 4.73
N ASP A 90 -12.82 -0.09 3.57
CA ASP A 90 -12.72 -1.11 2.53
C ASP A 90 -11.28 -1.52 2.37
N GLN A 91 -11.04 -2.65 1.74
CA GLN A 91 -9.69 -3.11 1.50
C GLN A 91 -9.48 -3.33 0.01
N PHE A 92 -8.42 -2.77 -0.50
CA PHE A 92 -8.03 -2.92 -1.89
C PHE A 92 -6.63 -3.50 -1.92
N SER A 93 -6.30 -4.23 -2.94
CA SER A 93 -5.00 -4.84 -3.03
C SER A 93 -4.37 -4.53 -4.41
N PHE A 94 -3.06 -4.58 -4.49
CA PHE A 94 -2.35 -4.34 -5.73
C PHE A 94 -1.08 -5.18 -5.73
N LYS A 95 -0.29 -5.08 -6.78
CA LYS A 95 0.94 -5.83 -6.86
C LYS A 95 2.10 -4.90 -7.20
N ILE A 96 3.26 -5.32 -6.82
CA ILE A 96 4.50 -4.67 -7.14
C ILE A 96 5.40 -5.69 -7.82
N SER A 97 6.40 -5.22 -8.55
CA SER A 97 7.34 -6.06 -9.26
C SER A 97 8.20 -6.96 -8.31
N LEU A 98 9.29 -7.50 -8.85
CA LEU A 98 10.15 -8.47 -8.17
C LEU A 98 10.72 -7.86 -6.88
N VAL A 99 10.67 -8.64 -5.81
CA VAL A 99 11.13 -8.24 -4.49
C VAL A 99 12.29 -9.11 -3.99
N PRO A 100 12.98 -8.64 -2.91
CA PRO A 100 14.18 -9.22 -2.26
C PRO A 100 14.49 -10.71 -2.42
N PRO A 101 13.57 -11.67 -2.05
CA PRO A 101 13.91 -13.08 -2.09
C PRO A 101 14.27 -13.51 -3.52
N TYR A 102 13.71 -12.79 -4.45
CA TYR A 102 13.89 -13.01 -5.83
C TYR A 102 14.97 -12.08 -6.35
N GLN A 103 14.84 -10.81 -6.02
CA GLN A 103 15.74 -9.79 -6.49
C GLN A 103 16.13 -8.86 -5.35
N LYS A 104 17.30 -9.05 -4.83
CA LYS A 104 17.80 -8.28 -3.70
C LYS A 104 18.80 -7.25 -4.19
N ASP A 105 18.56 -6.78 -5.40
CA ASP A 105 19.43 -5.85 -6.12
C ASP A 105 19.56 -4.49 -5.44
N GLY A 106 18.45 -3.88 -5.12
CA GLY A 106 18.47 -2.56 -4.50
C GLY A 106 17.48 -1.69 -5.22
N SER A 107 16.23 -1.86 -4.88
CA SER A 107 15.16 -1.23 -5.60
C SER A 107 14.80 0.14 -5.05
N LYS A 108 14.33 0.17 -3.79
CA LYS A 108 13.80 1.39 -3.16
C LYS A 108 12.64 1.93 -3.96
N VAL A 109 11.52 1.28 -3.80
CA VAL A 109 10.35 1.63 -4.53
C VAL A 109 9.56 2.67 -3.74
N GLU A 110 9.03 3.62 -4.44
CA GLU A 110 8.17 4.65 -3.92
C GLU A 110 6.82 4.52 -4.60
N PHE A 111 5.78 4.29 -3.85
CA PHE A 111 4.46 4.23 -4.45
C PHE A 111 3.52 5.16 -3.72
N CYS A 112 2.45 5.53 -4.37
CA CYS A 112 1.45 6.39 -3.77
C CYS A 112 0.08 5.96 -4.19
N ILE A 113 -0.88 6.27 -3.36
CA ILE A 113 -2.26 5.96 -3.64
C ILE A 113 -3.04 7.23 -3.94
N ARG A 114 -3.69 7.22 -5.07
CA ARG A 114 -4.56 8.26 -5.52
C ARG A 114 -5.98 7.81 -5.28
N TYR A 115 -6.55 8.28 -4.20
CA TYR A 115 -7.90 7.88 -3.82
C TYR A 115 -8.90 8.97 -4.21
N GLU A 116 -9.40 8.87 -5.41
CA GLU A 116 -10.35 9.83 -5.93
C GLU A 116 -11.73 9.47 -5.45
N THR A 117 -12.27 10.26 -4.59
CA THR A 117 -13.61 10.01 -4.14
C THR A 117 -14.51 11.08 -4.68
N SER A 118 -15.75 11.03 -4.32
CA SER A 118 -16.69 12.02 -4.71
C SER A 118 -16.47 13.30 -3.91
N VAL A 119 -15.69 13.18 -2.83
CA VAL A 119 -15.43 14.28 -1.94
C VAL A 119 -13.91 14.59 -1.82
N GLY A 120 -13.20 14.49 -2.93
CA GLY A 120 -11.80 14.84 -2.92
C GLY A 120 -10.89 13.68 -3.24
N THR A 121 -9.78 14.00 -3.83
CA THR A 121 -8.77 13.03 -4.13
C THR A 121 -7.79 12.94 -2.96
N PHE A 122 -7.80 11.83 -2.28
CA PHE A 122 -6.93 11.65 -1.17
C PHE A 122 -5.67 10.96 -1.62
N TRP A 123 -4.65 11.75 -1.83
CA TRP A 123 -3.37 11.25 -2.18
C TRP A 123 -2.64 10.82 -0.95
N SER A 124 -2.27 9.60 -0.94
CA SER A 124 -1.52 9.07 0.11
C SER A 124 -0.11 8.90 -0.38
N ASN A 125 0.69 9.88 -0.06
CA ASN A 125 2.09 9.89 -0.41
C ASN A 125 2.87 10.23 0.83
N ASN A 126 2.23 9.98 1.98
CA ASN A 126 2.76 10.28 3.32
C ASN A 126 3.36 11.67 3.43
N ASN A 127 4.70 11.75 3.43
CA ASN A 127 5.45 13.01 3.57
C ASN A 127 6.91 12.66 3.74
N GLY A 128 7.73 13.09 2.81
CA GLY A 128 9.14 12.81 2.86
C GLY A 128 9.39 11.53 2.14
N THR A 129 8.78 10.53 2.66
CA THR A 129 8.72 9.24 2.07
C THR A 129 7.36 9.17 1.42
N ASN A 130 7.25 8.50 0.32
CA ASN A 130 5.94 8.29 -0.26
C ASN A 130 5.43 7.03 0.33
N TYR A 131 6.18 6.00 0.05
CA TYR A 131 6.04 4.65 0.56
C TYR A 131 7.28 3.93 0.12
N THR A 132 8.37 4.20 0.80
CA THR A 132 9.65 3.64 0.44
C THR A 132 9.85 2.28 1.11
N LEU A 133 10.24 1.29 0.33
CA LEU A 133 10.54 -0.01 0.89
C LEU A 133 11.92 -0.44 0.51
N VAL A 134 12.61 -0.98 1.47
CA VAL A 134 13.95 -1.47 1.28
C VAL A 134 13.83 -2.92 0.99
N CYS A 135 14.18 -3.28 -0.20
CA CYS A 135 14.26 -4.64 -0.63
C CYS A 135 15.10 -5.55 0.30
N GLN A 136 14.42 -6.10 1.29
CA GLN A 136 14.96 -7.09 2.21
C GLN A 136 13.77 -7.73 2.88
N LYS A 137 13.86 -9.01 3.14
CA LYS A 137 12.75 -9.74 3.69
C LYS A 137 12.85 -9.86 5.22
N LYS A 138 11.97 -10.65 5.80
CA LYS A 138 11.92 -10.77 7.24
C LYS A 138 12.89 -11.84 7.71
N GLU A 139 12.57 -13.08 7.42
CA GLU A 139 13.42 -14.17 7.81
C GLU A 139 14.32 -14.49 6.65
N GLY A 1 1.78 -2.17 11.90
CA GLY A 1 1.11 -2.89 10.82
C GLY A 1 -0.15 -3.57 11.31
N HIS A 2 -0.72 -4.41 10.48
CA HIS A 2 -1.92 -5.19 10.82
C HIS A 2 -1.61 -6.66 10.60
N MET A 3 -0.93 -6.94 9.50
CA MET A 3 -0.57 -8.29 9.16
C MET A 3 0.85 -8.35 8.64
N GLN A 4 1.78 -8.16 9.53
CA GLN A 4 3.17 -8.32 9.21
C GLN A 4 3.58 -9.68 9.75
N THR A 5 3.52 -10.66 8.89
CA THR A 5 3.75 -12.03 9.27
C THR A 5 5.26 -12.31 9.53
N GLU A 6 5.54 -13.45 10.14
CA GLU A 6 6.90 -13.85 10.53
C GLU A 6 7.60 -14.56 9.38
N GLU A 7 7.31 -14.10 8.24
CA GLU A 7 7.71 -14.71 7.00
C GLU A 7 8.42 -13.65 6.17
N TYR A 8 8.62 -13.95 4.90
CA TYR A 8 9.16 -13.02 3.92
C TYR A 8 8.39 -11.69 4.00
N VAL A 9 9.04 -10.66 4.49
CA VAL A 9 8.45 -9.33 4.58
C VAL A 9 9.45 -8.32 4.10
N LEU A 10 8.95 -7.19 3.65
CA LEU A 10 9.76 -6.13 3.11
C LEU A 10 10.05 -5.09 4.16
N SER A 11 11.11 -4.35 3.95
CA SER A 11 11.54 -3.34 4.82
C SER A 11 10.97 -1.98 4.39
N PRO A 12 10.04 -1.43 5.18
CA PRO A 12 9.45 -0.14 4.91
C PRO A 12 10.17 1.02 5.62
N LEU A 13 10.45 2.07 4.87
CA LEU A 13 11.14 3.26 5.42
C LEU A 13 10.11 4.33 5.60
N PHE A 14 8.99 3.89 5.99
CA PHE A 14 7.85 4.69 6.26
C PHE A 14 7.16 4.07 7.43
N ASP A 15 6.08 4.63 7.81
CA ASP A 15 5.37 4.16 8.94
C ASP A 15 4.02 3.65 8.56
N LEU A 16 3.58 2.67 9.29
CA LEU A 16 2.33 2.00 9.05
C LEU A 16 1.48 2.06 10.29
N PRO A 17 0.14 1.81 10.15
CA PRO A 17 -0.81 1.80 11.27
C PRO A 17 -0.28 0.99 12.45
N ALA A 18 -0.07 1.65 13.56
CA ALA A 18 0.47 1.03 14.76
C ALA A 18 -0.56 0.12 15.39
N SER A 19 -1.79 0.50 15.21
CA SER A 19 -2.91 -0.21 15.71
C SER A 19 -4.11 0.30 14.97
N LYS A 20 -5.26 -0.34 15.13
CA LYS A 20 -6.50 0.12 14.53
C LYS A 20 -6.85 1.52 15.05
N GLU A 21 -6.46 1.80 16.30
CA GLU A 21 -6.65 3.12 16.91
C GLU A 21 -5.88 4.15 16.08
N ASP A 22 -4.56 3.97 16.04
CA ASP A 22 -3.64 4.80 15.27
C ASP A 22 -4.10 4.96 13.83
N LEU A 23 -4.51 3.85 13.25
CA LEU A 23 -5.00 3.78 11.90
C LEU A 23 -6.18 4.70 11.72
N MET A 24 -7.22 4.48 12.51
CA MET A 24 -8.46 5.22 12.36
C MET A 24 -8.26 6.71 12.55
N GLN A 25 -7.42 7.08 13.50
CA GLN A 25 -7.13 8.49 13.80
C GLN A 25 -6.59 9.24 12.59
N GLN A 26 -5.66 8.63 11.89
CA GLN A 26 -5.05 9.29 10.75
C GLN A 26 -5.88 9.01 9.51
N LEU A 27 -6.74 8.00 9.60
CA LEU A 27 -7.58 7.59 8.48
C LEU A 27 -8.67 8.62 8.26
N GLN A 28 -8.78 9.56 9.18
CA GLN A 28 -9.76 10.62 9.08
C GLN A 28 -9.18 11.74 8.24
N VAL A 29 -7.91 11.61 7.94
CA VAL A 29 -7.18 12.57 7.14
C VAL A 29 -6.84 11.93 5.78
N GLN A 30 -5.95 10.99 5.82
CA GLN A 30 -5.39 10.37 4.62
C GLN A 30 -6.04 9.05 4.32
N LYS A 31 -7.36 9.13 4.26
CA LYS A 31 -8.36 8.03 4.09
C LYS A 31 -7.86 6.68 3.49
N ALA A 32 -7.03 6.75 2.50
CA ALA A 32 -6.48 5.58 1.86
C ALA A 32 -5.08 5.34 2.37
N MET A 33 -4.86 4.29 3.11
CA MET A 33 -3.51 4.02 3.62
C MET A 33 -3.11 2.59 3.35
N LEU A 34 -1.85 2.39 3.12
CA LEU A 34 -1.32 1.07 3.04
C LEU A 34 -1.39 0.48 4.43
N GLU A 35 -1.70 -0.77 4.55
CA GLU A 35 -1.87 -1.33 5.85
C GLU A 35 -0.75 -2.29 6.20
N SER A 36 -0.43 -3.19 5.29
CA SER A 36 0.63 -4.16 5.49
C SER A 36 1.14 -4.66 4.14
N THR A 37 2.34 -5.20 4.14
CA THR A 37 2.98 -5.69 2.95
C THR A 37 3.22 -7.19 3.07
N GLU A 38 2.83 -7.93 2.07
CA GLU A 38 2.99 -9.37 2.07
C GLU A 38 3.72 -9.79 0.80
N TYR A 39 4.44 -10.85 0.88
CA TYR A 39 5.06 -11.39 -0.32
C TYR A 39 4.16 -12.44 -0.89
N VAL A 40 4.17 -12.60 -2.17
CA VAL A 40 3.45 -13.68 -2.75
C VAL A 40 4.40 -14.87 -2.68
N PRO A 41 3.95 -16.03 -2.12
CA PRO A 41 4.78 -17.24 -1.89
C PRO A 41 5.75 -17.57 -3.03
N GLY A 42 6.97 -17.07 -2.89
CA GLY A 42 8.04 -17.28 -3.84
C GLY A 42 7.69 -16.84 -5.24
N SER A 43 6.81 -15.89 -5.37
CA SER A 43 6.36 -15.48 -6.66
C SER A 43 6.90 -14.10 -7.02
N THR A 44 6.83 -13.79 -8.29
CA THR A 44 7.39 -12.60 -8.87
C THR A 44 6.48 -11.36 -8.63
N SER A 45 6.12 -11.13 -7.39
CA SER A 45 5.28 -10.00 -7.04
C SER A 45 5.16 -9.84 -5.53
N MET A 46 5.00 -8.60 -5.09
CA MET A 46 4.67 -8.33 -3.70
C MET A 46 3.18 -8.03 -3.67
N LYS A 47 2.55 -8.22 -2.55
CA LYS A 47 1.15 -7.96 -2.39
C LYS A 47 0.97 -6.94 -1.28
N GLY A 48 0.06 -6.03 -1.43
CA GLY A 48 -0.20 -5.08 -0.39
C GLY A 48 -1.66 -4.81 -0.25
N ILE A 49 -2.10 -4.65 0.98
CA ILE A 49 -3.46 -4.33 1.30
C ILE A 49 -3.54 -2.89 1.76
N ILE A 50 -4.43 -2.16 1.17
CA ILE A 50 -4.68 -0.78 1.48
C ILE A 50 -6.05 -0.64 2.09
N ARG A 51 -6.11 0.04 3.20
CA ARG A 51 -7.33 0.27 3.90
C ARG A 51 -7.80 1.65 3.52
N VAL A 52 -8.93 1.74 2.89
CA VAL A 52 -9.46 3.03 2.53
C VAL A 52 -10.73 3.28 3.31
N LEU A 53 -10.96 4.49 3.65
CA LEU A 53 -12.14 4.84 4.36
C LEU A 53 -13.24 5.17 3.38
N ASN A 54 -14.29 4.39 3.46
CA ASN A 54 -15.47 4.50 2.62
C ASN A 54 -16.15 5.81 2.91
N ILE A 55 -15.88 6.76 2.09
CA ILE A 55 -16.45 8.07 2.24
C ILE A 55 -17.31 8.42 1.05
N SER A 56 -17.11 7.70 0.01
CA SER A 56 -17.70 7.94 -1.27
C SER A 56 -17.98 6.63 -1.93
N PHE A 57 -19.07 6.54 -2.64
CA PHE A 57 -19.38 5.34 -3.39
C PHE A 57 -18.49 5.31 -4.62
N GLU A 58 -18.32 6.46 -5.21
CA GLU A 58 -17.47 6.64 -6.35
C GLU A 58 -16.05 6.74 -5.83
N LYS A 59 -15.39 5.63 -5.80
CA LYS A 59 -14.08 5.55 -5.25
C LYS A 59 -13.13 4.81 -6.22
N LEU A 60 -12.04 5.43 -6.51
CA LEU A 60 -11.02 4.85 -7.34
C LEU A 60 -9.73 4.77 -6.60
N VAL A 61 -9.21 3.59 -6.46
CA VAL A 61 -7.97 3.38 -5.79
C VAL A 61 -6.90 3.03 -6.80
N TYR A 62 -6.08 3.99 -7.12
CA TYR A 62 -4.98 3.79 -8.01
C TYR A 62 -3.66 3.77 -7.29
N VAL A 63 -2.86 2.82 -7.59
CA VAL A 63 -1.54 2.75 -7.03
C VAL A 63 -0.55 3.15 -8.10
N ARG A 64 0.16 4.20 -7.85
CA ARG A 64 1.18 4.61 -8.79
C ARG A 64 2.50 4.58 -8.07
N MET A 65 3.53 4.03 -8.69
CA MET A 65 4.83 4.01 -8.06
C MET A 65 5.85 4.55 -8.98
N SER A 66 6.94 4.97 -8.42
CA SER A 66 8.07 5.40 -9.16
C SER A 66 9.30 5.04 -8.35
N LEU A 67 10.33 4.63 -9.05
CA LEU A 67 11.60 4.33 -8.43
C LEU A 67 12.47 5.57 -8.57
N ASP A 68 11.91 6.54 -9.26
CA ASP A 68 12.61 7.71 -9.71
C ASP A 68 12.00 8.94 -9.02
N ASP A 69 12.06 10.05 -9.69
CA ASP A 69 11.60 11.35 -9.25
C ASP A 69 10.09 11.53 -9.52
N TRP A 70 9.49 10.46 -10.05
CA TRP A 70 8.06 10.37 -10.42
C TRP A 70 7.78 10.81 -11.85
N GLN A 71 8.68 10.41 -12.74
CA GLN A 71 8.47 10.58 -14.17
C GLN A 71 7.92 9.29 -14.78
N THR A 72 8.04 8.23 -14.03
CA THR A 72 7.59 6.91 -14.45
C THR A 72 6.63 6.37 -13.40
N HIS A 73 5.63 5.65 -13.83
CA HIS A 73 4.59 5.11 -12.97
C HIS A 73 3.97 3.90 -13.62
N TYR A 74 3.80 2.82 -12.87
CA TYR A 74 3.21 1.59 -13.46
C TYR A 74 1.69 1.66 -13.55
N ASP A 75 1.16 2.60 -12.80
CA ASP A 75 -0.28 2.84 -12.61
C ASP A 75 -1.14 1.58 -12.53
N ILE A 76 -1.36 1.13 -11.36
CA ILE A 76 -2.15 -0.05 -11.12
C ILE A 76 -3.46 0.32 -10.50
N LEU A 77 -4.52 -0.17 -11.04
CA LEU A 77 -5.80 0.03 -10.44
C LEU A 77 -5.92 -1.07 -9.40
N ALA A 78 -6.13 -0.69 -8.17
CA ALA A 78 -6.16 -1.66 -7.08
C ALA A 78 -7.39 -2.56 -7.15
N GLU A 79 -7.20 -3.78 -6.69
CA GLU A 79 -8.24 -4.80 -6.72
C GLU A 79 -9.09 -4.67 -5.48
N TYR A 80 -10.37 -4.48 -5.66
CA TYR A 80 -11.27 -4.39 -4.56
C TYR A 80 -11.60 -5.76 -4.03
N VAL A 81 -11.31 -5.98 -2.77
CA VAL A 81 -11.63 -7.20 -2.10
C VAL A 81 -13.15 -7.21 -1.85
N PRO A 82 -13.86 -8.19 -2.40
CA PRO A 82 -15.32 -8.26 -2.32
C PRO A 82 -15.86 -8.30 -0.89
N ASN A 83 -16.74 -7.34 -0.60
CA ASN A 83 -17.45 -7.21 0.69
C ASN A 83 -16.51 -6.91 1.84
N SER A 84 -15.33 -6.39 1.54
CA SER A 84 -14.38 -6.04 2.57
C SER A 84 -14.84 -4.78 3.29
N CYS A 85 -15.64 -4.00 2.61
CA CYS A 85 -16.17 -2.81 3.16
C CYS A 85 -17.37 -3.13 3.99
N ASP A 86 -17.34 -2.71 5.23
CA ASP A 86 -18.47 -2.88 6.07
C ASP A 86 -18.85 -1.54 6.62
N GLY A 87 -19.40 -0.72 5.73
CA GLY A 87 -19.89 0.60 6.08
C GLY A 87 -18.80 1.65 6.23
N GLU A 88 -17.79 1.32 6.97
CA GLU A 88 -16.75 2.22 7.29
C GLU A 88 -15.59 2.15 6.33
N THR A 89 -14.92 1.05 6.24
CA THR A 89 -13.68 1.00 5.48
C THR A 89 -13.63 -0.15 4.46
N ASP A 90 -13.00 0.08 3.33
CA ASP A 90 -12.85 -0.92 2.26
C ASP A 90 -11.42 -1.44 2.28
N GLN A 91 -11.20 -2.59 1.69
CA GLN A 91 -9.86 -3.10 1.53
C GLN A 91 -9.56 -3.34 0.07
N PHE A 92 -8.45 -2.86 -0.35
CA PHE A 92 -8.00 -3.05 -1.70
C PHE A 92 -6.63 -3.66 -1.67
N SER A 93 -6.31 -4.44 -2.65
CA SER A 93 -5.03 -5.02 -2.71
C SER A 93 -4.40 -4.75 -4.07
N PHE A 94 -3.11 -4.78 -4.13
CA PHE A 94 -2.42 -4.56 -5.37
C PHE A 94 -1.20 -5.43 -5.39
N LYS A 95 -0.46 -5.37 -6.47
CA LYS A 95 0.72 -6.14 -6.61
C LYS A 95 1.85 -5.21 -7.02
N ILE A 96 3.03 -5.61 -6.71
CA ILE A 96 4.23 -4.94 -7.14
C ILE A 96 5.03 -5.99 -7.90
N SER A 97 5.97 -5.55 -8.70
CA SER A 97 6.89 -6.39 -9.42
C SER A 97 7.70 -7.31 -8.46
N LEU A 98 8.56 -8.11 -9.06
CA LEU A 98 9.46 -8.99 -8.34
C LEU A 98 10.24 -8.34 -7.20
N VAL A 99 10.57 -9.18 -6.25
CA VAL A 99 11.20 -8.82 -4.99
C VAL A 99 12.38 -9.74 -4.72
N PRO A 100 13.15 -9.46 -3.63
CA PRO A 100 14.30 -10.22 -3.15
C PRO A 100 14.45 -11.72 -3.45
N PRO A 101 13.38 -12.59 -3.31
CA PRO A 101 13.55 -14.01 -3.58
C PRO A 101 14.08 -14.28 -5.03
N TYR A 102 13.90 -13.30 -5.89
CA TYR A 102 14.45 -13.35 -7.24
C TYR A 102 15.68 -12.49 -7.30
N GLN A 103 15.52 -11.25 -6.91
CA GLN A 103 16.57 -10.27 -7.04
C GLN A 103 16.58 -9.40 -5.82
N LYS A 104 17.62 -9.50 -5.07
CA LYS A 104 17.75 -8.78 -3.85
C LYS A 104 18.82 -7.71 -3.95
N ASP A 105 18.46 -6.64 -4.61
CA ASP A 105 19.35 -5.51 -4.77
C ASP A 105 18.74 -4.25 -4.19
N GLY A 106 17.69 -3.78 -4.82
CA GLY A 106 17.02 -2.61 -4.35
C GLY A 106 16.33 -1.91 -5.47
N SER A 107 15.04 -1.98 -5.48
CA SER A 107 14.27 -1.34 -6.51
C SER A 107 13.93 0.09 -6.05
N LYS A 108 13.65 0.23 -4.74
CA LYS A 108 13.32 1.54 -4.12
C LYS A 108 12.05 2.07 -4.67
N VAL A 109 11.01 1.35 -4.40
CA VAL A 109 9.73 1.67 -4.89
C VAL A 109 9.05 2.69 -3.99
N GLU A 110 8.73 3.81 -4.56
CA GLU A 110 7.96 4.83 -3.93
C GLU A 110 6.59 4.79 -4.52
N PHE A 111 5.62 4.32 -3.77
CA PHE A 111 4.29 4.25 -4.29
C PHE A 111 3.35 5.05 -3.44
N CYS A 112 2.26 5.46 -4.02
CA CYS A 112 1.22 6.16 -3.33
C CYS A 112 -0.11 5.71 -3.86
N ILE A 113 -1.09 5.87 -3.05
CA ILE A 113 -2.42 5.54 -3.41
C ILE A 113 -3.18 6.79 -3.73
N ARG A 114 -3.69 6.80 -4.93
CA ARG A 114 -4.49 7.85 -5.44
C ARG A 114 -5.94 7.44 -5.27
N TYR A 115 -6.54 7.93 -4.22
CA TYR A 115 -7.91 7.59 -3.89
C TYR A 115 -8.84 8.67 -4.44
N GLU A 116 -9.28 8.47 -5.64
CA GLU A 116 -10.15 9.41 -6.31
C GLU A 116 -11.57 9.17 -5.89
N THR A 117 -12.10 10.07 -5.13
CA THR A 117 -13.47 9.95 -4.70
C THR A 117 -14.29 11.14 -5.17
N SER A 118 -15.58 11.10 -4.86
CA SER A 118 -16.49 12.17 -5.18
C SER A 118 -16.08 13.45 -4.43
N VAL A 119 -15.40 13.26 -3.32
CA VAL A 119 -15.00 14.36 -2.49
C VAL A 119 -13.48 14.56 -2.51
N GLY A 120 -12.90 14.39 -3.68
CA GLY A 120 -11.53 14.68 -3.83
C GLY A 120 -10.68 13.49 -4.04
N THR A 121 -9.54 13.72 -4.57
CA THR A 121 -8.55 12.72 -4.75
C THR A 121 -7.60 12.73 -3.55
N PHE A 122 -7.68 11.71 -2.76
CA PHE A 122 -6.86 11.59 -1.59
C PHE A 122 -5.61 10.84 -1.92
N TRP A 123 -4.52 11.54 -1.97
CA TRP A 123 -3.25 10.92 -2.17
C TRP A 123 -2.64 10.59 -0.83
N SER A 124 -2.26 9.38 -0.67
CA SER A 124 -1.61 8.99 0.52
C SER A 124 -0.11 9.09 0.30
N ASN A 125 0.44 10.20 0.73
CA ASN A 125 1.84 10.43 0.63
C ASN A 125 2.35 10.67 2.03
N ASN A 126 3.49 10.15 2.35
CA ASN A 126 4.01 10.19 3.70
C ASN A 126 5.15 11.25 3.77
N ASN A 127 5.12 12.19 2.83
CA ASN A 127 5.97 13.40 2.82
C ASN A 127 7.40 13.13 2.39
N GLY A 128 8.13 12.44 3.21
CA GLY A 128 9.55 12.21 2.95
C GLY A 128 9.76 10.88 2.36
N THR A 129 8.77 10.12 2.46
CA THR A 129 8.72 8.83 1.96
C THR A 129 7.35 8.72 1.36
N ASN A 130 7.21 8.00 0.33
CA ASN A 130 5.91 7.82 -0.20
C ASN A 130 5.37 6.56 0.40
N TYR A 131 6.12 5.50 0.17
CA TYR A 131 5.95 4.17 0.73
C TYR A 131 7.17 3.40 0.29
N THR A 132 8.32 3.85 0.73
CA THR A 132 9.60 3.31 0.29
C THR A 132 9.84 1.92 0.84
N LEU A 133 10.10 0.99 -0.04
CA LEU A 133 10.45 -0.33 0.36
C LEU A 133 11.80 -0.66 -0.19
N VAL A 134 12.67 -1.08 0.66
CA VAL A 134 13.96 -1.52 0.23
C VAL A 134 13.92 -3.02 0.09
N CYS A 135 14.06 -3.43 -1.14
CA CYS A 135 13.96 -4.80 -1.55
C CYS A 135 14.97 -5.73 -0.87
N GLN A 136 14.56 -6.22 0.28
CA GLN A 136 15.31 -7.22 1.00
C GLN A 136 14.33 -8.07 1.78
N LYS A 137 14.63 -9.34 1.85
CA LYS A 137 13.80 -10.29 2.55
C LYS A 137 14.16 -10.25 4.00
N LYS A 138 13.20 -10.58 4.83
CA LYS A 138 13.38 -10.58 6.28
C LYS A 138 14.47 -11.57 6.63
N GLU A 139 14.24 -12.78 6.23
CA GLU A 139 15.19 -13.85 6.31
C GLU A 139 16.43 -13.47 5.51
N GLY A 1 -2.66 -2.61 10.08
CA GLY A 1 -1.32 -3.19 10.02
C GLY A 1 -0.72 -3.29 11.41
N HIS A 2 -1.25 -4.20 12.23
CA HIS A 2 -0.79 -4.35 13.62
C HIS A 2 0.62 -4.88 13.68
N MET A 3 0.96 -5.69 12.72
CA MET A 3 2.26 -6.31 12.61
C MET A 3 2.33 -6.77 11.16
N GLN A 4 3.34 -7.47 10.80
CA GLN A 4 3.42 -8.09 9.50
C GLN A 4 3.26 -9.57 9.72
N THR A 5 3.15 -10.33 8.69
CA THR A 5 2.97 -11.72 8.85
C THR A 5 4.31 -12.44 9.10
N GLU A 6 4.23 -13.69 9.47
CA GLU A 6 5.40 -14.49 9.82
C GLU A 6 5.95 -15.21 8.59
N GLU A 7 5.95 -14.49 7.53
CA GLU A 7 6.36 -14.97 6.24
C GLU A 7 7.28 -13.92 5.64
N TYR A 8 7.70 -14.15 4.42
CA TYR A 8 8.51 -13.21 3.67
C TYR A 8 7.83 -11.85 3.63
N VAL A 9 8.36 -10.90 4.35
CA VAL A 9 7.80 -9.57 4.37
C VAL A 9 8.93 -8.59 4.23
N LEU A 10 8.61 -7.36 4.00
CA LEU A 10 9.59 -6.36 3.69
C LEU A 10 9.73 -5.37 4.82
N SER A 11 10.90 -4.76 4.91
CA SER A 11 11.14 -3.76 5.90
C SER A 11 10.80 -2.40 5.30
N PRO A 12 9.80 -1.75 5.84
CA PRO A 12 9.36 -0.46 5.36
C PRO A 12 10.06 0.68 6.05
N LEU A 13 10.19 1.78 5.35
CA LEU A 13 10.66 3.00 5.95
C LEU A 13 9.58 4.03 5.83
N PHE A 14 8.39 3.52 5.99
CA PHE A 14 7.16 4.25 6.13
C PHE A 14 6.46 3.67 7.34
N ASP A 15 5.32 4.19 7.70
CA ASP A 15 4.65 3.72 8.91
C ASP A 15 3.39 2.96 8.56
N LEU A 16 2.94 2.10 9.46
CA LEU A 16 1.76 1.28 9.24
C LEU A 16 0.81 1.35 10.43
N PRO A 17 -0.51 1.31 10.16
CA PRO A 17 -1.56 1.47 11.20
C PRO A 17 -1.57 0.33 12.23
N ALA A 18 -0.89 0.55 13.33
CA ALA A 18 -0.70 -0.46 14.35
C ALA A 18 -1.92 -0.63 15.24
N SER A 19 -2.68 0.41 15.34
CA SER A 19 -3.84 0.45 16.18
C SER A 19 -4.94 1.13 15.43
N LYS A 20 -6.19 0.97 15.86
CA LYS A 20 -7.28 1.71 15.24
C LYS A 20 -7.12 3.17 15.52
N GLU A 21 -6.54 3.50 16.65
CA GLU A 21 -6.32 4.87 17.01
C GLU A 21 -5.21 5.45 16.13
N ASP A 22 -4.15 4.66 15.97
CA ASP A 22 -3.00 5.00 15.13
C ASP A 22 -3.41 5.05 13.65
N LEU A 23 -4.43 4.30 13.34
CA LEU A 23 -5.02 4.28 12.04
C LEU A 23 -5.92 5.50 11.84
N MET A 24 -6.85 5.70 12.74
CA MET A 24 -7.84 6.76 12.61
C MET A 24 -7.28 8.14 12.88
N GLN A 25 -6.04 8.22 13.31
CA GLN A 25 -5.42 9.52 13.48
C GLN A 25 -4.98 10.05 12.10
N GLN A 26 -4.70 9.13 11.20
CA GLN A 26 -4.26 9.49 9.87
C GLN A 26 -5.36 9.25 8.85
N LEU A 27 -6.22 8.27 9.11
CA LEU A 27 -7.24 7.87 8.14
C LEU A 27 -8.34 8.90 8.03
N GLN A 28 -8.29 9.91 8.87
CA GLN A 28 -9.24 11.00 8.80
C GLN A 28 -8.69 12.07 7.86
N VAL A 29 -7.44 11.92 7.49
CA VAL A 29 -6.75 12.86 6.63
C VAL A 29 -6.49 12.24 5.25
N GLN A 30 -5.74 11.17 5.25
CA GLN A 30 -5.26 10.52 4.02
C GLN A 30 -5.91 9.17 3.81
N LYS A 31 -7.22 9.19 3.91
CA LYS A 31 -8.23 8.06 3.92
C LYS A 31 -7.80 6.68 3.33
N ALA A 32 -6.98 6.65 2.35
CA ALA A 32 -6.53 5.42 1.76
C ALA A 32 -5.09 5.16 2.10
N MET A 33 -4.82 4.15 2.91
CA MET A 33 -3.44 3.84 3.23
C MET A 33 -3.11 2.36 3.27
N LEU A 34 -1.84 2.05 3.21
CA LEU A 34 -1.35 0.69 3.15
C LEU A 34 -1.48 -0.02 4.50
N GLU A 35 -1.75 -1.32 4.43
CA GLU A 35 -1.92 -2.15 5.62
C GLU A 35 -0.68 -2.99 5.90
N SER A 36 -0.31 -3.83 4.94
CA SER A 36 0.81 -4.74 5.10
C SER A 36 1.35 -5.18 3.74
N THR A 37 2.57 -5.68 3.71
CA THR A 37 3.20 -6.17 2.51
C THR A 37 3.71 -7.58 2.72
N GLU A 38 3.34 -8.48 1.85
CA GLU A 38 3.73 -9.88 1.92
C GLU A 38 4.23 -10.31 0.57
N TYR A 39 5.29 -11.07 0.50
CA TYR A 39 5.81 -11.46 -0.82
C TYR A 39 4.98 -12.58 -1.39
N VAL A 40 4.95 -12.67 -2.71
CA VAL A 40 4.22 -13.75 -3.35
C VAL A 40 5.15 -14.94 -3.49
N PRO A 41 4.82 -16.08 -2.88
CA PRO A 41 5.67 -17.27 -2.90
C PRO A 41 5.81 -17.88 -4.31
N GLY A 42 6.96 -17.72 -4.88
CA GLY A 42 7.27 -18.36 -6.14
C GLY A 42 7.04 -17.48 -7.32
N SER A 43 6.65 -16.25 -7.07
CA SER A 43 6.39 -15.32 -8.12
C SER A 43 7.10 -14.02 -7.81
N THR A 44 7.59 -13.35 -8.81
CA THR A 44 8.31 -12.13 -8.62
C THR A 44 7.38 -10.93 -8.42
N SER A 45 6.79 -10.88 -7.25
CA SER A 45 5.82 -9.86 -6.90
C SER A 45 5.64 -9.85 -5.39
N MET A 46 5.00 -8.82 -4.92
CA MET A 46 4.64 -8.70 -3.52
C MET A 46 3.17 -8.29 -3.48
N LYS A 47 2.48 -8.77 -2.49
CA LYS A 47 1.09 -8.53 -2.29
C LYS A 47 0.93 -7.43 -1.26
N GLY A 48 0.00 -6.53 -1.47
CA GLY A 48 -0.26 -5.50 -0.51
C GLY A 48 -1.73 -5.21 -0.40
N ILE A 49 -2.18 -5.00 0.81
CA ILE A 49 -3.56 -4.64 1.11
C ILE A 49 -3.59 -3.18 1.56
N ILE A 50 -4.52 -2.44 1.03
CA ILE A 50 -4.71 -1.05 1.36
C ILE A 50 -6.09 -0.87 1.98
N ARG A 51 -6.14 -0.14 3.05
CA ARG A 51 -7.36 0.13 3.74
C ARG A 51 -7.79 1.54 3.39
N VAL A 52 -8.96 1.68 2.86
CA VAL A 52 -9.47 2.98 2.53
C VAL A 52 -10.69 3.25 3.35
N LEU A 53 -10.96 4.47 3.62
CA LEU A 53 -12.12 4.79 4.37
C LEU A 53 -13.24 5.16 3.41
N ASN A 54 -14.32 4.46 3.56
CA ASN A 54 -15.49 4.57 2.72
C ASN A 54 -16.17 5.91 2.94
N ILE A 55 -16.01 6.80 1.98
CA ILE A 55 -16.56 8.15 2.09
C ILE A 55 -17.30 8.55 0.82
N SER A 56 -17.25 7.72 -0.14
CA SER A 56 -17.77 8.04 -1.45
C SER A 56 -18.14 6.78 -2.19
N PHE A 57 -19.20 6.84 -2.96
CA PHE A 57 -19.62 5.73 -3.80
C PHE A 57 -18.66 5.62 -4.98
N GLU A 58 -18.39 6.76 -5.58
CA GLU A 58 -17.48 6.83 -6.70
C GLU A 58 -16.05 7.00 -6.17
N LYS A 59 -15.43 5.90 -5.90
CA LYS A 59 -14.12 5.86 -5.33
C LYS A 59 -13.16 5.15 -6.28
N LEU A 60 -12.00 5.67 -6.41
CA LEU A 60 -10.96 5.08 -7.22
C LEU A 60 -9.73 4.87 -6.40
N VAL A 61 -9.22 3.68 -6.41
CA VAL A 61 -8.01 3.37 -5.69
C VAL A 61 -6.91 2.99 -6.68
N TYR A 62 -6.10 3.94 -7.00
CA TYR A 62 -5.00 3.72 -7.91
C TYR A 62 -3.69 3.63 -7.18
N VAL A 63 -2.94 2.63 -7.49
CA VAL A 63 -1.62 2.46 -6.95
C VAL A 63 -0.64 2.88 -8.01
N ARG A 64 0.06 3.94 -7.77
CA ARG A 64 1.00 4.43 -8.72
C ARG A 64 2.39 4.42 -8.10
N MET A 65 3.40 3.90 -8.83
CA MET A 65 4.76 3.87 -8.29
C MET A 65 5.72 4.59 -9.16
N SER A 66 6.88 4.86 -8.61
CA SER A 66 7.96 5.47 -9.31
C SER A 66 9.28 5.20 -8.56
N LEU A 67 10.34 5.05 -9.33
CA LEU A 67 11.71 4.92 -8.82
C LEU A 67 12.46 6.11 -9.42
N ASP A 68 11.69 7.11 -9.69
CA ASP A 68 12.04 8.28 -10.45
C ASP A 68 11.33 9.49 -9.79
N ASP A 69 11.42 10.66 -10.43
CA ASP A 69 10.79 11.92 -9.97
C ASP A 69 9.26 11.86 -10.10
N TRP A 70 8.77 10.71 -10.59
CA TRP A 70 7.33 10.40 -10.78
C TRP A 70 6.86 10.77 -12.15
N GLN A 71 7.78 10.74 -13.07
CA GLN A 71 7.49 11.00 -14.48
C GLN A 71 6.91 9.73 -15.07
N THR A 72 7.24 8.65 -14.41
CA THR A 72 6.83 7.33 -14.73
C THR A 72 5.81 6.86 -13.68
N HIS A 73 4.97 5.91 -14.07
CA HIS A 73 3.95 5.32 -13.23
C HIS A 73 3.36 4.11 -13.91
N TYR A 74 3.20 3.03 -13.18
CA TYR A 74 2.58 1.82 -13.76
C TYR A 74 1.07 1.86 -13.64
N ASP A 75 0.61 2.80 -12.85
CA ASP A 75 -0.79 3.04 -12.46
C ASP A 75 -1.69 1.82 -12.45
N ILE A 76 -1.65 1.14 -11.35
CA ILE A 76 -2.40 -0.06 -11.14
C ILE A 76 -3.69 0.27 -10.45
N LEU A 77 -4.76 -0.22 -10.98
CA LEU A 77 -6.02 -0.06 -10.35
C LEU A 77 -6.16 -1.20 -9.36
N ALA A 78 -6.32 -0.85 -8.12
CA ALA A 78 -6.33 -1.82 -7.05
C ALA A 78 -7.55 -2.73 -7.11
N GLU A 79 -7.34 -3.95 -6.72
CA GLU A 79 -8.34 -4.97 -6.70
C GLU A 79 -9.10 -4.87 -5.41
N TYR A 80 -10.33 -4.47 -5.50
CA TYR A 80 -11.21 -4.41 -4.37
C TYR A 80 -11.52 -5.81 -3.89
N VAL A 81 -11.21 -6.07 -2.65
CA VAL A 81 -11.46 -7.36 -2.07
C VAL A 81 -12.97 -7.47 -1.83
N PRO A 82 -13.62 -8.50 -2.39
CA PRO A 82 -15.07 -8.66 -2.29
C PRO A 82 -15.58 -8.73 -0.84
N ASN A 83 -16.48 -7.80 -0.50
CA ASN A 83 -17.14 -7.69 0.81
C ASN A 83 -16.15 -7.44 1.93
N SER A 84 -15.09 -6.75 1.62
CA SER A 84 -14.09 -6.46 2.62
C SER A 84 -14.51 -5.22 3.37
N CYS A 85 -15.38 -4.48 2.74
CA CYS A 85 -15.89 -3.27 3.27
C CYS A 85 -16.85 -3.56 4.40
N ASP A 86 -16.65 -2.89 5.49
CA ASP A 86 -17.50 -3.07 6.63
C ASP A 86 -18.20 -1.75 6.94
N GLY A 87 -18.60 -1.08 5.87
CA GLY A 87 -19.37 0.13 5.96
C GLY A 87 -18.54 1.37 6.14
N GLU A 88 -17.59 1.30 6.98
CA GLU A 88 -16.78 2.42 7.31
C GLU A 88 -15.53 2.41 6.47
N THR A 89 -14.91 1.27 6.33
CA THR A 89 -13.70 1.18 5.57
C THR A 89 -13.77 0.02 4.57
N ASP A 90 -13.04 0.15 3.49
CA ASP A 90 -13.01 -0.87 2.43
C ASP A 90 -11.58 -1.36 2.35
N GLN A 91 -11.37 -2.53 1.78
CA GLN A 91 -10.04 -3.05 1.69
C GLN A 91 -9.72 -3.43 0.24
N PHE A 92 -8.65 -2.91 -0.26
CA PHE A 92 -8.22 -3.17 -1.62
C PHE A 92 -6.85 -3.79 -1.59
N SER A 93 -6.44 -4.36 -2.69
CA SER A 93 -5.15 -4.99 -2.77
C SER A 93 -4.56 -4.80 -4.15
N PHE A 94 -3.29 -5.02 -4.30
CA PHE A 94 -2.65 -4.91 -5.59
C PHE A 94 -1.48 -5.85 -5.63
N LYS A 95 -0.92 -6.05 -6.80
CA LYS A 95 0.26 -6.82 -6.97
C LYS A 95 1.38 -5.90 -7.43
N ILE A 96 2.52 -6.04 -6.84
CA ILE A 96 3.63 -5.18 -7.16
C ILE A 96 4.74 -6.00 -7.83
N SER A 97 5.83 -5.35 -8.13
CA SER A 97 6.98 -5.95 -8.73
C SER A 97 7.77 -6.88 -7.74
N LEU A 98 8.86 -7.45 -8.23
CA LEU A 98 9.72 -8.37 -7.48
C LEU A 98 10.34 -7.76 -6.19
N VAL A 99 10.85 -8.66 -5.36
CA VAL A 99 11.40 -8.37 -4.05
C VAL A 99 12.65 -9.22 -3.78
N PRO A 100 13.40 -8.88 -2.68
CA PRO A 100 14.67 -9.51 -2.25
C PRO A 100 14.95 -10.97 -2.60
N PRO A 101 14.07 -11.97 -2.30
CA PRO A 101 14.41 -13.36 -2.56
C PRO A 101 14.58 -13.67 -4.06
N TYR A 102 14.18 -12.72 -4.89
CA TYR A 102 14.29 -12.85 -6.32
C TYR A 102 15.38 -11.92 -6.85
N GLN A 103 15.61 -10.81 -6.15
CA GLN A 103 16.63 -9.84 -6.52
C GLN A 103 17.06 -9.16 -5.21
N LYS A 104 18.30 -9.38 -4.81
CA LYS A 104 18.77 -8.99 -3.48
C LYS A 104 19.48 -7.64 -3.45
N ASP A 105 19.37 -6.84 -4.48
CA ASP A 105 20.08 -5.57 -4.49
C ASP A 105 19.28 -4.47 -3.81
N GLY A 106 18.26 -3.99 -4.46
CA GLY A 106 17.50 -2.93 -3.91
C GLY A 106 16.44 -2.45 -4.82
N SER A 107 15.21 -2.80 -4.49
CA SER A 107 14.06 -2.36 -5.22
C SER A 107 13.95 -0.83 -5.19
N LYS A 108 13.81 -0.26 -3.96
CA LYS A 108 13.65 1.20 -3.76
C LYS A 108 12.62 1.79 -4.68
N VAL A 109 11.40 1.63 -4.32
CA VAL A 109 10.33 2.10 -5.11
C VAL A 109 9.35 2.84 -4.22
N GLU A 110 8.96 3.99 -4.67
CA GLU A 110 7.99 4.78 -3.98
C GLU A 110 6.67 4.58 -4.65
N PHE A 111 5.74 4.04 -3.93
CA PHE A 111 4.41 3.95 -4.45
C PHE A 111 3.48 4.59 -3.49
N CYS A 112 2.40 5.09 -3.97
CA CYS A 112 1.36 5.61 -3.14
C CYS A 112 0.03 5.45 -3.80
N ILE A 113 -0.99 5.52 -3.01
CA ILE A 113 -2.31 5.28 -3.45
C ILE A 113 -3.03 6.58 -3.70
N ARG A 114 -3.63 6.65 -4.83
CA ARG A 114 -4.43 7.75 -5.23
C ARG A 114 -5.89 7.36 -5.11
N TYR A 115 -6.49 7.83 -4.05
CA TYR A 115 -7.88 7.55 -3.76
C TYR A 115 -8.72 8.70 -4.23
N GLU A 116 -9.24 8.59 -5.41
CA GLU A 116 -10.05 9.64 -5.96
C GLU A 116 -11.47 9.42 -5.59
N THR A 117 -12.04 10.38 -4.94
CA THR A 117 -13.42 10.28 -4.58
C THR A 117 -14.16 11.49 -5.07
N SER A 118 -15.43 11.57 -4.74
CA SER A 118 -16.25 12.68 -5.10
C SER A 118 -15.96 13.84 -4.15
N VAL A 119 -15.26 13.56 -3.08
CA VAL A 119 -14.96 14.55 -2.08
C VAL A 119 -13.44 14.73 -1.93
N GLY A 120 -12.74 14.69 -3.05
CA GLY A 120 -11.32 14.93 -3.04
C GLY A 120 -10.50 13.73 -3.38
N THR A 121 -9.35 13.97 -3.89
CA THR A 121 -8.38 12.95 -4.14
C THR A 121 -7.49 12.81 -2.91
N PHE A 122 -7.40 11.62 -2.37
CA PHE A 122 -6.60 11.38 -1.21
C PHE A 122 -5.42 10.53 -1.56
N TRP A 123 -4.26 11.09 -1.42
CA TRP A 123 -3.03 10.38 -1.66
C TRP A 123 -2.45 9.88 -0.34
N SER A 124 -1.97 8.68 -0.35
CA SER A 124 -1.26 8.11 0.78
C SER A 124 0.24 8.33 0.58
N ASN A 125 0.55 9.46 -0.01
CA ASN A 125 1.91 9.83 -0.39
C ASN A 125 2.73 10.26 0.81
N ASN A 126 2.10 10.19 2.00
CA ASN A 126 2.69 10.56 3.29
C ASN A 126 3.21 11.99 3.24
N ASN A 127 4.50 12.16 2.90
CA ASN A 127 5.15 13.46 2.75
C ASN A 127 6.64 13.24 2.67
N GLY A 128 7.20 13.40 1.50
CA GLY A 128 8.63 13.21 1.30
C GLY A 128 8.90 11.76 1.01
N THR A 129 8.48 10.95 1.92
CA THR A 129 8.55 9.55 1.80
C THR A 129 7.13 9.11 1.47
N ASN A 130 6.97 8.14 0.62
CA ASN A 130 5.64 7.67 0.26
C ASN A 130 5.45 6.32 0.94
N TYR A 131 5.62 5.29 0.17
CA TYR A 131 5.77 3.98 0.69
C TYR A 131 7.06 3.48 0.12
N THR A 132 8.13 3.85 0.77
CA THR A 132 9.45 3.46 0.38
C THR A 132 9.84 2.20 1.16
N LEU A 133 10.36 1.23 0.47
CA LEU A 133 10.73 -0.04 1.04
C LEU A 133 12.13 -0.43 0.69
N VAL A 134 12.81 -1.02 1.63
CA VAL A 134 14.16 -1.43 1.44
C VAL A 134 14.26 -2.94 1.36
N CYS A 135 14.52 -3.41 0.13
CA CYS A 135 14.77 -4.79 -0.24
C CYS A 135 15.53 -5.58 0.84
N GLN A 136 14.76 -6.30 1.64
CA GLN A 136 15.29 -7.21 2.62
C GLN A 136 14.16 -8.09 3.12
N LYS A 137 14.42 -9.35 3.15
CA LYS A 137 13.50 -10.38 3.56
C LYS A 137 13.50 -10.50 5.05
N LYS A 138 12.34 -10.82 5.55
CA LYS A 138 12.11 -10.91 7.00
C LYS A 138 13.02 -11.93 7.61
N GLU A 139 12.90 -13.10 7.09
CA GLU A 139 13.69 -14.24 7.49
C GLU A 139 15.10 -14.06 6.96
#